data_2GLH
#
_entry.id   2GLH
#
_cell.length_a   1.000
_cell.length_b   1.000
_cell.length_c   1.000
_cell.angle_alpha   90.00
_cell.angle_beta   90.00
_cell.angle_gamma   90.00
#
_symmetry.space_group_name_H-M   'P 1'
#
_entity_poly.entity_id   1
_entity_poly.type   'polypeptide(L)'
_entity_poly.pdbx_seq_one_letter_code
;CSNLSTCVLGKLSQELHKLQTYPRTNTGSGTP(NH2)
;
_entity_poly.pdbx_strand_id   A
#
loop_
_chem_comp.id
_chem_comp.type
_chem_comp.name
_chem_comp.formula
NH2 non-polymer 'AMINO GROUP' 'H2 N'
#
# COMPACT_ATOMS: atom_id res chain seq x y z
N CYS A 1 -8.28 -3.98 -14.33
CA CYS A 1 -7.03 -3.47 -13.75
C CYS A 1 -5.92 -3.67 -14.81
N SER A 2 -4.82 -4.36 -14.50
CA SER A 2 -3.69 -4.58 -15.43
C SER A 2 -3.54 -6.09 -15.70
N ASN A 3 -2.98 -6.87 -14.76
CA ASN A 3 -2.78 -8.31 -14.80
C ASN A 3 -3.19 -8.93 -13.46
N LEU A 4 -3.96 -10.02 -13.47
CA LEU A 4 -4.49 -10.75 -12.32
C LEU A 4 -3.62 -10.78 -11.06
N SER A 5 -2.55 -11.58 -10.99
CA SER A 5 -1.68 -11.67 -9.81
C SER A 5 -0.99 -10.36 -9.46
N THR A 6 -0.57 -9.60 -10.48
CA THR A 6 0.06 -8.27 -10.31
C THR A 6 -0.86 -7.26 -9.62
N CYS A 7 -2.17 -7.27 -9.90
CA CYS A 7 -3.16 -6.38 -9.25
C CYS A 7 -3.26 -6.68 -7.74
N VAL A 8 -3.38 -7.96 -7.35
CA VAL A 8 -3.43 -8.38 -5.93
C VAL A 8 -2.10 -8.06 -5.23
N LEU A 9 -0.99 -8.47 -5.84
CA LEU A 9 0.37 -8.21 -5.36
C LEU A 9 0.62 -6.70 -5.16
N GLY A 10 0.14 -5.87 -6.10
CA GLY A 10 0.22 -4.40 -6.06
C GLY A 10 -0.58 -3.86 -4.89
N LYS A 11 -1.87 -4.23 -4.78
CA LYS A 11 -2.75 -3.81 -3.66
C LYS A 11 -2.14 -4.24 -2.31
N LEU A 12 -1.54 -5.43 -2.21
CA LEU A 12 -0.89 -5.92 -0.99
C LEU A 12 0.36 -5.07 -0.67
N SER A 13 1.14 -4.69 -1.69
CA SER A 13 2.33 -3.82 -1.53
C SER A 13 1.88 -2.42 -1.05
N GLN A 14 0.74 -1.93 -1.58
CA GLN A 14 0.10 -0.65 -1.23
C GLN A 14 -0.29 -0.70 0.27
N GLU A 15 -0.85 -1.82 0.72
CA GLU A 15 -1.29 -2.06 2.11
C GLU A 15 -0.04 -2.02 3.02
N LEU A 16 1.05 -2.70 2.61
CA LEU A 16 2.33 -2.72 3.34
C LEU A 16 2.92 -1.30 3.46
N HIS A 17 2.97 -0.52 2.39
CA HIS A 17 3.47 0.87 2.46
C HIS A 17 2.68 1.73 3.47
N LYS A 18 1.33 1.72 3.51
CA LYS A 18 0.59 2.50 4.54
C LYS A 18 0.86 1.92 5.95
N LEU A 19 1.10 0.60 6.04
CA LEU A 19 1.34 -0.09 7.32
C LEU A 19 2.73 0.38 7.84
N GLN A 20 3.66 0.74 6.94
CA GLN A 20 5.01 1.26 7.27
C GLN A 20 4.93 2.73 7.74
N THR A 21 3.95 3.52 7.28
CA THR A 21 3.80 4.93 7.70
C THR A 21 3.05 5.04 9.03
N TYR A 22 2.52 3.95 9.58
CA TYR A 22 1.80 3.84 10.89
C TYR A 22 2.44 4.64 12.05
N PRO A 23 3.78 4.65 12.26
CA PRO A 23 4.43 5.45 13.33
C PRO A 23 4.30 6.99 13.18
N ARG A 24 3.73 7.48 12.06
CA ARG A 24 3.49 8.90 11.74
C ARG A 24 2.00 9.13 11.39
N THR A 25 1.39 8.24 10.59
CA THR A 25 0.00 8.21 10.10
C THR A 25 -0.20 7.20 8.95
N ASN A 26 -0.98 6.15 9.22
CA ASN A 26 -1.35 5.09 8.26
C ASN A 26 -2.54 5.49 7.37
N THR A 27 -3.19 6.62 7.63
CA THR A 27 -4.34 7.14 6.89
C THR A 27 -4.04 8.44 6.14
N GLY A 28 -3.74 9.54 6.85
CA GLY A 28 -3.50 10.87 6.30
C GLY A 28 -2.36 11.01 5.30
N SER A 29 -1.34 10.14 5.28
CA SER A 29 -0.19 10.26 4.36
C SER A 29 0.50 8.91 4.07
N GLY A 30 -0.29 7.87 3.74
CA GLY A 30 0.21 6.52 3.46
C GLY A 30 0.64 6.25 2.00
N THR A 31 1.16 7.26 1.26
CA THR A 31 1.58 7.12 -0.16
C THR A 31 2.68 8.15 -0.51
N PRO A 32 3.66 7.84 -1.38
CA PRO A 32 4.70 8.81 -1.77
C PRO A 32 4.09 10.06 -2.42
N NH2 A 33 4.75 11.20 -2.34
HN1 NH2 A 33 4.40 12.05 -2.78
HN2 NH2 A 33 5.62 11.22 -1.81
N CYS A 1 -8.39 -3.56 -13.63
CA CYS A 1 -7.19 -4.26 -13.10
C CYS A 1 -6.35 -4.73 -14.27
N SER A 2 -5.03 -4.50 -14.22
CA SER A 2 -4.09 -4.87 -15.29
C SER A 2 -4.02 -6.39 -15.51
N ASN A 3 -3.60 -7.14 -14.48
CA ASN A 3 -3.54 -8.61 -14.45
C ASN A 3 -3.85 -9.12 -13.03
N LEU A 4 -4.61 -10.22 -12.92
CA LEU A 4 -5.04 -10.87 -11.68
C LEU A 4 -4.01 -10.91 -10.55
N SER A 5 -3.00 -11.77 -10.67
CA SER A 5 -1.92 -11.91 -9.66
C SER A 5 -1.16 -10.61 -9.39
N THR A 6 -0.87 -9.85 -10.45
CA THR A 6 -0.19 -8.53 -10.37
C THR A 6 -0.99 -7.53 -9.54
N CYS A 7 -2.32 -7.49 -9.66
CA CYS A 7 -3.18 -6.60 -8.88
C CYS A 7 -3.10 -6.95 -7.37
N VAL A 8 -3.07 -8.24 -7.01
CA VAL A 8 -2.92 -8.66 -5.60
C VAL A 8 -1.60 -8.17 -5.05
N LEU A 9 -0.49 -8.42 -5.77
CA LEU A 9 0.84 -7.95 -5.40
C LEU A 9 0.87 -6.42 -5.23
N GLY A 10 0.21 -5.69 -6.14
CA GLY A 10 0.08 -4.24 -6.12
C GLY A 10 -0.62 -3.76 -4.84
N LYS A 11 -1.86 -4.19 -4.61
CA LYS A 11 -2.62 -3.77 -3.42
C LYS A 11 -1.87 -4.17 -2.14
N LEU A 12 -1.31 -5.39 -2.07
CA LEU A 12 -0.54 -5.84 -0.90
C LEU A 12 0.69 -4.98 -0.65
N SER A 13 1.34 -4.47 -1.72
CA SER A 13 2.49 -3.56 -1.60
C SER A 13 2.04 -2.24 -0.98
N GLN A 14 0.89 -1.70 -1.42
CA GLN A 14 0.30 -0.49 -0.84
C GLN A 14 -0.08 -0.70 0.63
N GLU A 15 -0.61 -1.89 0.96
CA GLU A 15 -0.97 -2.32 2.32
C GLU A 15 0.26 -2.35 3.23
N LEU A 16 1.36 -2.96 2.78
CA LEU A 16 2.63 -3.02 3.51
C LEU A 16 3.24 -1.62 3.67
N HIS A 17 3.25 -0.80 2.61
CA HIS A 17 3.76 0.58 2.69
C HIS A 17 3.03 1.42 3.76
N LYS A 18 1.69 1.43 3.79
CA LYS A 18 0.96 2.19 4.85
C LYS A 18 1.17 1.54 6.23
N LEU A 19 1.55 0.26 6.30
CA LEU A 19 1.82 -0.45 7.55
C LEU A 19 3.21 -0.03 8.11
N GLN A 20 4.20 0.20 7.24
CA GLN A 20 5.54 0.67 7.64
C GLN A 20 5.52 2.02 8.37
N THR A 21 4.58 2.90 8.01
CA THR A 21 4.38 4.23 8.61
C THR A 21 3.22 4.28 9.59
N TYR A 22 2.50 3.18 9.80
CA TYR A 22 1.33 3.05 10.67
C TYR A 22 1.36 3.84 12.00
N PRO A 23 2.37 3.70 12.90
CA PRO A 23 2.44 4.48 14.15
C PRO A 23 2.62 6.00 13.99
N ARG A 24 2.80 6.52 12.76
CA ARG A 24 3.03 7.94 12.43
C ARG A 24 2.08 8.51 11.37
N THR A 25 1.27 7.68 10.70
CA THR A 25 0.21 7.94 9.70
C THR A 25 0.06 6.77 8.71
N ASN A 26 -1.20 6.37 8.51
CA ASN A 26 -1.70 5.34 7.59
C ASN A 26 -2.90 5.85 6.75
N THR A 27 -3.23 7.14 6.89
CA THR A 27 -4.37 7.83 6.23
C THR A 27 -4.06 9.11 5.46
N GLY A 28 -3.04 9.88 5.84
CA GLY A 28 -2.71 11.15 5.17
C GLY A 28 -1.51 11.09 4.22
N SER A 29 -0.34 11.59 4.69
CA SER A 29 0.94 11.72 3.97
C SER A 29 1.60 10.43 3.45
N GLY A 30 0.87 9.33 3.33
CA GLY A 30 1.33 8.00 2.87
C GLY A 30 1.08 7.65 1.40
N THR A 31 0.74 8.63 0.55
CA THR A 31 0.48 8.44 -0.88
C THR A 31 1.32 9.41 -1.74
N PRO A 32 2.36 8.95 -2.47
CA PRO A 32 3.23 9.80 -3.29
C PRO A 32 2.48 10.72 -4.27
N NH2 A 33 2.57 12.02 -4.10
HN1 NH2 A 33 3.10 12.41 -3.33
HN2 NH2 A 33 2.07 12.62 -4.74
N CYS A 1 -8.20 -3.61 -13.43
CA CYS A 1 -7.00 -4.40 -13.07
C CYS A 1 -6.26 -4.81 -14.35
N SER A 2 -4.92 -4.88 -14.32
CA SER A 2 -4.03 -5.31 -15.42
C SER A 2 -3.86 -6.84 -15.46
N ASN A 3 -3.17 -7.42 -14.46
CA ASN A 3 -2.91 -8.84 -14.28
C ASN A 3 -3.22 -9.21 -12.82
N LEU A 4 -4.13 -10.16 -12.57
CA LEU A 4 -4.56 -10.60 -11.24
C LEU A 4 -3.45 -10.74 -10.18
N SER A 5 -2.43 -11.59 -10.39
CA SER A 5 -1.33 -11.71 -9.41
C SER A 5 -0.60 -10.39 -9.12
N THR A 6 -0.36 -9.57 -10.15
CA THR A 6 0.26 -8.24 -10.01
C THR A 6 -0.68 -7.26 -9.29
N CYS A 7 -1.99 -7.32 -9.55
CA CYS A 7 -3.00 -6.49 -8.89
C CYS A 7 -3.01 -6.79 -7.38
N VAL A 8 -3.02 -8.08 -7.01
CA VAL A 8 -2.97 -8.51 -5.60
C VAL A 8 -1.67 -7.97 -4.98
N LEU A 9 -0.50 -8.27 -5.57
CA LEU A 9 0.80 -7.77 -5.09
C LEU A 9 0.84 -6.22 -4.97
N GLY A 10 0.14 -5.51 -5.86
CA GLY A 10 0.06 -4.03 -5.86
C GLY A 10 -0.70 -3.57 -4.62
N LYS A 11 -1.93 -4.09 -4.39
CA LYS A 11 -2.72 -3.75 -3.19
C LYS A 11 -1.96 -4.19 -1.92
N LEU A 12 -1.25 -5.32 -1.99
CA LEU A 12 -0.42 -5.85 -0.89
C LEU A 12 0.67 -4.84 -0.53
N SER A 13 1.38 -4.33 -1.54
CA SER A 13 2.44 -3.31 -1.40
C SER A 13 1.88 -2.04 -0.77
N GLN A 14 0.68 -1.59 -1.19
CA GLN A 14 0.01 -0.42 -0.63
C GLN A 14 -0.36 -0.66 0.84
N GLU A 15 -0.93 -1.83 1.17
CA GLU A 15 -1.29 -2.26 2.53
C GLU A 15 -0.03 -2.26 3.41
N LEU A 16 1.05 -2.88 2.94
CA LEU A 16 2.36 -2.94 3.61
C LEU A 16 2.92 -1.53 3.83
N HIS A 17 2.89 -0.65 2.83
CA HIS A 17 3.36 0.73 2.98
C HIS A 17 2.60 1.48 4.09
N LYS A 18 1.25 1.46 4.12
CA LYS A 18 0.52 2.13 5.23
C LYS A 18 0.78 1.42 6.58
N LEU A 19 1.18 0.15 6.58
CA LEU A 19 1.52 -0.64 7.78
C LEU A 19 2.94 -0.21 8.28
N GLN A 20 3.84 0.16 7.34
CA GLN A 20 5.22 0.59 7.63
C GLN A 20 5.16 2.02 8.21
N THR A 21 4.37 2.91 7.62
CA THR A 21 4.19 4.29 8.13
C THR A 21 3.25 4.38 9.35
N TYR A 22 2.53 3.31 9.69
CA TYR A 22 1.54 3.20 10.78
C TYR A 22 1.89 3.99 12.05
N PRO A 23 3.10 3.88 12.66
CA PRO A 23 3.48 4.65 13.88
C PRO A 23 3.55 6.18 13.70
N ARG A 24 3.33 6.70 12.50
CA ARG A 24 3.29 8.13 12.11
C ARG A 24 1.94 8.48 11.44
N THR A 25 1.47 7.64 10.51
CA THR A 25 0.21 7.82 9.74
C THR A 25 -0.17 6.54 8.99
N ASN A 26 -1.46 6.23 8.99
CA ASN A 26 -2.08 5.09 8.28
C ASN A 26 -3.24 5.52 7.35
N THR A 27 -3.93 6.62 7.69
CA THR A 27 -5.04 7.25 6.97
C THR A 27 -4.64 8.50 6.18
N GLY A 28 -3.44 9.03 6.40
CA GLY A 28 -2.91 10.24 5.77
C GLY A 28 -1.78 10.02 4.76
N SER A 29 -1.10 11.13 4.44
CA SER A 29 0.00 11.29 3.48
C SER A 29 1.06 10.16 3.47
N GLY A 30 1.23 9.53 2.30
CA GLY A 30 2.20 8.45 2.05
C GLY A 30 2.47 8.18 0.56
N THR A 31 2.19 9.16 -0.30
CA THR A 31 2.31 9.10 -1.77
C THR A 31 2.67 10.48 -2.35
N PRO A 32 3.35 10.58 -3.52
CA PRO A 32 3.73 11.87 -4.11
C PRO A 32 2.51 12.79 -4.35
N NH2 A 33 2.70 14.11 -4.30
HN1 NH2 A 33 1.91 14.73 -4.44
HN2 NH2 A 33 3.61 14.50 -4.08
N CYS A 1 -7.93 -3.36 -13.68
CA CYS A 1 -6.75 -4.14 -13.28
C CYS A 1 -6.02 -4.64 -14.54
N SER A 2 -4.68 -4.54 -14.62
CA SER A 2 -3.88 -4.95 -15.81
C SER A 2 -3.64 -6.46 -15.89
N ASN A 3 -3.29 -7.10 -14.77
CA ASN A 3 -3.06 -8.55 -14.58
C ASN A 3 -3.31 -8.88 -13.08
N LEU A 4 -4.19 -9.82 -12.76
CA LEU A 4 -4.51 -10.25 -11.38
C LEU A 4 -3.34 -10.43 -10.43
N SER A 5 -2.31 -11.23 -10.77
CA SER A 5 -1.14 -11.41 -9.88
C SER A 5 -0.44 -10.09 -9.54
N THR A 6 -0.23 -9.24 -10.55
CA THR A 6 0.39 -7.90 -10.37
C THR A 6 -0.51 -6.97 -9.54
N CYS A 7 -1.83 -7.03 -9.74
CA CYS A 7 -2.81 -6.24 -8.99
C CYS A 7 -2.82 -6.63 -7.50
N VAL A 8 -2.88 -7.93 -7.17
CA VAL A 8 -2.83 -8.40 -5.78
C VAL A 8 -1.49 -7.98 -5.15
N LEU A 9 -0.36 -8.19 -5.83
CA LEU A 9 0.97 -7.77 -5.37
C LEU A 9 0.97 -6.28 -5.03
N GLY A 10 0.32 -5.45 -5.86
CA GLY A 10 0.20 -4.00 -5.69
C GLY A 10 -0.62 -3.64 -4.45
N LYS A 11 -1.85 -4.17 -4.31
CA LYS A 11 -2.68 -3.92 -3.11
C LYS A 11 -2.03 -4.43 -1.81
N LEU A 12 -1.36 -5.58 -1.87
CA LEU A 12 -0.62 -6.13 -0.75
C LEU A 12 0.54 -5.19 -0.34
N SER A 13 1.31 -4.68 -1.33
CA SER A 13 2.40 -3.72 -1.11
C SER A 13 1.88 -2.45 -0.50
N GLN A 14 0.78 -1.92 -1.02
CA GLN A 14 0.13 -0.68 -0.51
C GLN A 14 -0.31 -0.87 0.95
N GLU A 15 -0.94 -1.99 1.28
CA GLU A 15 -1.39 -2.28 2.67
C GLU A 15 -0.16 -2.43 3.60
N LEU A 16 0.89 -3.16 3.17
CA LEU A 16 2.10 -3.34 3.95
C LEU A 16 2.84 -1.99 4.15
N HIS A 17 2.90 -1.14 3.12
CA HIS A 17 3.54 0.19 3.20
C HIS A 17 2.82 1.03 4.25
N LYS A 18 1.47 1.15 4.22
CA LYS A 18 0.75 1.94 5.24
C LYS A 18 0.93 1.32 6.66
N LEU A 19 1.30 0.04 6.76
CA LEU A 19 1.59 -0.67 8.03
C LEU A 19 3.02 -0.29 8.49
N GLN A 20 3.96 -0.11 7.55
CA GLN A 20 5.39 0.22 7.83
C GLN A 20 5.47 1.70 8.30
N THR A 21 4.66 2.59 7.70
CA THR A 21 4.56 4.02 8.07
C THR A 21 3.53 4.29 9.17
N TYR A 22 2.75 3.30 9.61
CA TYR A 22 1.67 3.37 10.61
C TYR A 22 1.85 4.36 11.78
N PRO A 23 2.95 4.36 12.57
CA PRO A 23 3.13 5.32 13.68
C PRO A 23 3.37 6.79 13.26
N ARG A 24 3.41 7.10 11.95
CA ARG A 24 3.58 8.44 11.38
C ARG A 24 2.46 8.82 10.45
N THR A 25 1.94 7.89 9.64
CA THR A 25 0.78 8.08 8.74
C THR A 25 0.19 6.77 8.25
N ASN A 26 -1.15 6.67 8.32
CA ASN A 26 -1.96 5.51 7.91
C ASN A 26 -3.35 5.87 7.34
N THR A 27 -3.96 6.97 7.81
CA THR A 27 -5.32 7.47 7.42
C THR A 27 -5.34 8.82 6.72
N GLY A 28 -4.33 9.70 6.89
CA GLY A 28 -4.31 11.01 6.28
C GLY A 28 -3.71 11.16 4.87
N SER A 29 -2.38 11.11 4.73
CA SER A 29 -1.69 11.21 3.43
C SER A 29 -0.41 10.39 3.37
N GLY A 30 -0.07 9.92 2.17
CA GLY A 30 1.15 9.16 1.89
C GLY A 30 1.10 8.57 0.48
N THR A 31 1.25 9.45 -0.51
CA THR A 31 1.26 9.11 -1.96
C THR A 31 2.08 10.18 -2.73
N PRO A 32 3.07 9.81 -3.57
CA PRO A 32 3.87 10.78 -4.33
C PRO A 32 3.03 11.75 -5.20
N NH2 A 33 3.49 13.00 -5.36
HN1 NH2 A 33 4.28 13.31 -4.81
HN2 NH2 A 33 2.88 13.66 -5.85
N CYS A 1 -7.45 -2.96 -13.57
CA CYS A 1 -6.58 -4.11 -13.21
C CYS A 1 -6.39 -4.95 -14.45
N SER A 2 -5.15 -5.36 -14.76
CA SER A 2 -4.81 -6.18 -15.93
C SER A 2 -4.60 -7.66 -15.58
N ASN A 3 -3.64 -7.99 -14.70
CA ASN A 3 -3.31 -9.35 -14.25
C ASN A 3 -3.58 -9.47 -12.75
N LEU A 4 -4.59 -10.27 -12.36
CA LEU A 4 -5.04 -10.49 -10.98
C LEU A 4 -3.91 -10.63 -9.94
N SER A 5 -2.98 -11.58 -10.12
CA SER A 5 -1.83 -11.76 -9.20
C SER A 5 -1.02 -10.46 -9.04
N THR A 6 -0.65 -9.81 -10.14
CA THR A 6 0.09 -8.53 -10.15
C THR A 6 -0.72 -7.41 -9.48
N CYS A 7 -2.04 -7.35 -9.71
CA CYS A 7 -2.93 -6.36 -9.10
C CYS A 7 -2.99 -6.53 -7.57
N VAL A 8 -3.19 -7.77 -7.10
CA VAL A 8 -3.22 -8.10 -5.65
C VAL A 8 -1.86 -7.68 -5.06
N LEU A 9 -0.74 -8.04 -5.70
CA LEU A 9 0.61 -7.70 -5.22
C LEU A 9 0.75 -6.16 -5.13
N GLY A 10 0.15 -5.40 -6.07
CA GLY A 10 0.16 -3.93 -6.09
C GLY A 10 -0.59 -3.37 -4.89
N LYS A 11 -1.84 -3.80 -4.67
CA LYS A 11 -2.65 -3.35 -3.51
C LYS A 11 -1.93 -3.76 -2.20
N LEU A 12 -1.37 -4.97 -2.14
CA LEU A 12 -0.62 -5.50 -0.98
C LEU A 12 0.68 -4.66 -0.76
N SER A 13 1.30 -4.13 -1.80
CA SER A 13 2.48 -3.26 -1.67
C SER A 13 2.06 -1.98 -0.95
N GLN A 14 0.91 -1.39 -1.33
CA GLN A 14 0.37 -0.18 -0.69
C GLN A 14 0.00 -0.52 0.77
N GLU A 15 -0.56 -1.72 1.00
CA GLU A 15 -0.93 -2.24 2.33
C GLU A 15 0.29 -2.46 3.25
N LEU A 16 1.41 -2.92 2.71
CA LEU A 16 2.68 -3.09 3.43
C LEU A 16 3.34 -1.72 3.70
N HIS A 17 3.37 -0.83 2.69
CA HIS A 17 3.93 0.52 2.84
C HIS A 17 3.17 1.31 3.93
N LYS A 18 1.83 1.32 3.92
CA LYS A 18 1.06 2.04 4.96
C LYS A 18 1.29 1.43 6.38
N LEU A 19 1.76 0.17 6.45
CA LEU A 19 2.10 -0.51 7.70
C LEU A 19 3.48 -0.05 8.20
N GLN A 20 4.45 0.19 7.29
CA GLN A 20 5.79 0.69 7.63
C GLN A 20 5.71 2.10 8.26
N THR A 21 4.81 2.93 7.75
CA THR A 21 4.57 4.31 8.21
C THR A 21 3.48 4.44 9.28
N TYR A 22 2.79 3.36 9.66
CA TYR A 22 1.67 3.30 10.62
C TYR A 22 1.72 4.33 11.79
N PRO A 23 2.72 4.36 12.71
CA PRO A 23 2.81 5.35 13.79
C PRO A 23 2.99 6.82 13.37
N ARG A 24 3.00 7.15 12.06
CA ARG A 24 3.16 8.50 11.46
C ARG A 24 1.99 8.82 10.51
N THR A 25 1.49 7.83 9.75
CA THR A 25 0.35 7.91 8.82
C THR A 25 0.07 6.55 8.18
N ASN A 26 -1.21 6.22 7.97
CA ASN A 26 -1.67 4.96 7.38
C ASN A 26 -2.96 5.06 6.55
N THR A 27 -3.99 5.76 7.06
CA THR A 27 -5.30 5.93 6.44
C THR A 27 -5.47 7.15 5.52
N GLY A 28 -4.92 8.30 5.91
CA GLY A 28 -4.98 9.57 5.16
C GLY A 28 -3.70 9.98 4.48
N SER A 29 -3.41 11.29 4.47
CA SER A 29 -2.26 11.94 3.83
C SER A 29 -0.93 11.28 4.18
N GLY A 30 -0.30 10.66 3.18
CA GLY A 30 0.97 9.94 3.32
C GLY A 30 1.37 9.23 2.02
N THR A 31 1.58 10.01 0.95
CA THR A 31 1.95 9.47 -0.39
C THR A 31 2.95 10.39 -1.12
N PRO A 32 4.10 9.90 -1.61
CA PRO A 32 5.05 10.73 -2.36
C PRO A 32 4.42 11.30 -3.63
N NH2 A 33 4.97 12.38 -4.17
HN1 NH2 A 33 5.75 12.83 -3.77
HN2 NH2 A 33 4.56 12.73 -5.03
N CYS A 1 -8.18 -3.19 -12.71
CA CYS A 1 -7.09 -4.19 -12.56
C CYS A 1 -6.88 -4.85 -13.93
N SER A 2 -5.62 -5.13 -14.31
CA SER A 2 -5.25 -5.84 -15.54
C SER A 2 -4.95 -7.31 -15.25
N ASN A 3 -3.75 -7.65 -14.76
CA ASN A 3 -3.39 -9.03 -14.39
C ASN A 3 -3.59 -9.25 -12.88
N LEU A 4 -4.63 -10.01 -12.48
CA LEU A 4 -5.01 -10.30 -11.08
C LEU A 4 -3.86 -10.58 -10.11
N SER A 5 -2.95 -11.52 -10.41
CA SER A 5 -1.82 -11.82 -9.52
C SER A 5 -0.93 -10.59 -9.28
N THR A 6 -0.58 -9.84 -10.34
CA THR A 6 0.20 -8.60 -10.22
C THR A 6 -0.60 -7.52 -9.49
N CYS A 7 -1.93 -7.45 -9.69
CA CYS A 7 -2.79 -6.50 -9.01
C CYS A 7 -2.74 -6.75 -7.50
N VAL A 8 -2.95 -8.01 -7.06
CA VAL A 8 -2.89 -8.39 -5.63
C VAL A 8 -1.49 -8.09 -5.08
N LEU A 9 -0.41 -8.40 -5.82
CA LEU A 9 0.97 -8.09 -5.43
C LEU A 9 1.16 -6.57 -5.23
N GLY A 10 0.51 -5.76 -6.08
CA GLY A 10 0.49 -4.29 -6.02
C GLY A 10 -0.24 -3.83 -4.78
N LYS A 11 -1.48 -4.31 -4.56
CA LYS A 11 -2.28 -3.97 -3.36
C LYS A 11 -1.51 -4.37 -2.11
N LEU A 12 -0.90 -5.56 -2.07
CA LEU A 12 -0.07 -6.08 -0.98
C LEU A 12 1.10 -5.11 -0.70
N SER A 13 1.81 -4.67 -1.74
CA SER A 13 2.91 -3.72 -1.63
C SER A 13 2.43 -2.37 -1.07
N GLN A 14 1.31 -1.84 -1.57
CA GLN A 14 0.69 -0.60 -1.09
C GLN A 14 0.23 -0.73 0.38
N GLU A 15 -0.41 -1.85 0.71
CA GLU A 15 -0.91 -2.22 2.06
C GLU A 15 0.28 -2.31 3.03
N LEU A 16 1.38 -2.97 2.63
CA LEU A 16 2.60 -3.13 3.43
C LEU A 16 3.27 -1.74 3.60
N HIS A 17 3.32 -0.90 2.55
CA HIS A 17 3.87 0.45 2.66
C HIS A 17 3.06 1.29 3.65
N LYS A 18 1.70 1.32 3.58
CA LYS A 18 0.90 2.08 4.57
C LYS A 18 1.09 1.47 5.97
N LEU A 19 1.46 0.17 6.09
CA LEU A 19 1.71 -0.54 7.37
C LEU A 19 3.07 -0.08 7.94
N GLN A 20 4.03 0.35 7.10
CA GLN A 20 5.35 0.83 7.52
C GLN A 20 5.21 2.29 8.06
N THR A 21 4.39 3.13 7.41
CA THR A 21 4.13 4.51 7.83
C THR A 21 3.12 4.61 8.98
N TYR A 22 2.33 3.55 9.23
CA TYR A 22 1.28 3.38 10.23
C TYR A 22 1.44 4.17 11.54
N PRO A 23 2.54 4.05 12.32
CA PRO A 23 2.73 4.84 13.56
C PRO A 23 2.89 6.37 13.40
N ARG A 24 2.97 6.89 12.17
CA ARG A 24 3.08 8.33 11.84
C ARG A 24 1.90 8.80 10.97
N THR A 25 1.49 8.04 9.95
CA THR A 25 0.36 8.33 9.08
C THR A 25 -0.08 7.10 8.27
N ASN A 26 -1.39 6.93 8.12
CA ASN A 26 -2.05 5.85 7.37
C ASN A 26 -3.40 6.27 6.75
N THR A 27 -4.27 6.92 7.54
CA THR A 27 -5.60 7.42 7.14
C THR A 27 -5.63 8.86 6.64
N GLY A 28 -4.66 9.69 7.01
CA GLY A 28 -4.54 11.11 6.67
C GLY A 28 -3.46 11.42 5.62
N SER A 29 -2.88 12.62 5.72
CA SER A 29 -1.82 13.11 4.82
C SER A 29 -0.58 12.22 4.84
N GLY A 30 -0.16 11.74 3.67
CA GLY A 30 1.01 10.87 3.51
C GLY A 30 1.03 10.23 2.12
N THR A 31 1.73 10.84 1.16
CA THR A 31 1.82 10.37 -0.23
C THR A 31 3.28 10.36 -0.74
N PRO A 32 3.71 9.32 -1.48
CA PRO A 32 5.06 9.24 -2.07
C PRO A 32 5.22 10.09 -3.34
N NH2 A 33 4.18 10.77 -3.82
HN1 NH2 A 33 3.30 10.78 -3.33
HN2 NH2 A 33 4.33 11.33 -4.65
N CYS A 1 -7.92 -2.91 -12.80
CA CYS A 1 -6.89 -3.95 -12.59
C CYS A 1 -6.58 -4.58 -13.95
N SER A 2 -5.30 -4.87 -14.24
CA SER A 2 -4.84 -5.51 -15.48
C SER A 2 -4.80 -7.04 -15.30
N ASN A 3 -3.78 -7.58 -14.63
CA ASN A 3 -3.60 -9.01 -14.35
C ASN A 3 -3.77 -9.27 -12.85
N LEU A 4 -4.83 -9.99 -12.45
CA LEU A 4 -5.20 -10.31 -11.05
C LEU A 4 -4.05 -10.63 -10.08
N SER A 5 -3.19 -11.63 -10.36
CA SER A 5 -2.05 -11.95 -9.48
C SER A 5 -1.14 -10.73 -9.27
N THR A 6 -0.77 -10.05 -10.34
CA THR A 6 0.06 -8.83 -10.31
C THR A 6 -0.68 -7.68 -9.60
N CYS A 7 -2.01 -7.61 -9.71
CA CYS A 7 -2.84 -6.60 -9.04
C CYS A 7 -2.80 -6.84 -7.52
N VAL A 8 -2.95 -8.11 -7.06
CA VAL A 8 -2.88 -8.47 -5.62
C VAL A 8 -1.48 -8.12 -5.10
N LEU A 9 -0.41 -8.40 -5.86
CA LEU A 9 0.97 -8.06 -5.48
C LEU A 9 1.09 -6.53 -5.28
N GLY A 10 0.44 -5.72 -6.13
CA GLY A 10 0.38 -4.27 -6.04
C GLY A 10 -0.41 -3.80 -4.83
N LYS A 11 -1.64 -4.30 -4.62
CA LYS A 11 -2.50 -3.98 -3.47
C LYS A 11 -1.78 -4.33 -2.16
N LEU A 12 -1.14 -5.49 -2.08
CA LEU A 12 -0.37 -5.93 -0.91
C LEU A 12 0.83 -5.00 -0.67
N SER A 13 1.47 -4.49 -1.74
CA SER A 13 2.59 -3.53 -1.62
C SER A 13 2.07 -2.19 -1.06
N GLN A 14 0.87 -1.76 -1.46
CA GLN A 14 0.23 -0.55 -0.95
C GLN A 14 -0.14 -0.75 0.53
N GLU A 15 -0.66 -1.93 0.89
CA GLU A 15 -1.02 -2.31 2.27
C GLU A 15 0.26 -2.35 3.14
N LEU A 16 1.37 -2.85 2.60
CA LEU A 16 2.69 -2.90 3.26
C LEU A 16 3.20 -1.47 3.53
N HIS A 17 3.14 -0.57 2.56
CA HIS A 17 3.55 0.81 2.75
C HIS A 17 2.73 1.50 3.87
N LYS A 18 1.39 1.43 3.88
CA LYS A 18 0.60 2.04 4.98
C LYS A 18 0.91 1.40 6.34
N LEU A 19 1.40 0.16 6.35
CA LEU A 19 1.81 -0.58 7.56
C LEU A 19 3.20 -0.11 8.04
N GLN A 20 4.10 0.26 7.13
CA GLN A 20 5.43 0.81 7.45
C GLN A 20 5.36 2.23 8.00
N THR A 21 4.46 3.05 7.43
CA THR A 21 4.22 4.43 7.87
C THR A 21 3.22 4.54 9.04
N TYR A 22 2.55 3.45 9.40
CA TYR A 22 1.50 3.30 10.46
C TYR A 22 1.56 4.32 11.62
N PRO A 23 2.56 4.31 12.56
CA PRO A 23 2.67 5.30 13.65
C PRO A 23 2.85 6.80 13.26
N ARG A 24 2.86 7.14 11.96
CA ARG A 24 3.01 8.51 11.41
C ARG A 24 1.83 8.89 10.51
N THR A 25 1.34 7.95 9.71
CA THR A 25 0.20 8.08 8.76
C THR A 25 -0.18 6.72 8.17
N ASN A 26 -1.48 6.40 8.10
CA ASN A 26 -1.98 5.09 7.62
C ASN A 26 -3.26 5.12 6.76
N THR A 27 -3.98 6.25 6.70
CA THR A 27 -5.26 6.37 5.96
C THR A 27 -5.37 7.54 4.98
N GLY A 28 -5.04 8.77 5.41
CA GLY A 28 -5.12 9.98 4.57
C GLY A 28 -3.81 10.42 3.91
N SER A 29 -3.26 11.53 4.40
CA SER A 29 -2.03 12.17 3.90
C SER A 29 -0.79 11.28 3.94
N GLY A 30 -0.38 10.69 2.80
CA GLY A 30 0.81 9.81 2.73
C GLY A 30 1.27 9.51 1.31
N THR A 31 1.96 10.47 0.66
CA THR A 31 2.55 10.36 -0.69
C THR A 31 3.85 11.18 -0.79
N PRO A 32 5.05 10.59 -0.56
CA PRO A 32 6.35 11.29 -0.59
C PRO A 32 6.88 11.64 -1.99
N NH2 A 33 6.13 12.41 -2.76
HN1 NH2 A 33 5.25 12.78 -2.42
HN2 NH2 A 33 6.48 12.66 -3.68
N CYS A 1 -8.09 -3.20 -12.77
CA CYS A 1 -7.10 -4.29 -12.63
C CYS A 1 -6.82 -4.89 -14.01
N SER A 2 -5.59 -5.31 -14.28
CA SER A 2 -5.16 -5.97 -15.53
C SER A 2 -5.00 -7.48 -15.33
N ASN A 3 -3.89 -7.96 -14.75
CA ASN A 3 -3.62 -9.37 -14.44
C ASN A 3 -3.81 -9.62 -12.94
N LEU A 4 -4.82 -10.41 -12.54
CA LEU A 4 -5.18 -10.72 -11.15
C LEU A 4 -4.02 -10.94 -10.17
N SER A 5 -3.11 -11.90 -10.44
CA SER A 5 -1.96 -12.16 -9.56
C SER A 5 -1.10 -10.90 -9.34
N THR A 6 -0.79 -10.16 -10.41
CA THR A 6 -0.02 -8.90 -10.34
C THR A 6 -0.83 -7.82 -9.61
N CYS A 7 -2.15 -7.76 -9.78
CA CYS A 7 -3.03 -6.82 -9.08
C CYS A 7 -2.97 -7.04 -7.57
N VAL A 8 -3.09 -8.30 -7.12
CA VAL A 8 -3.00 -8.66 -5.68
C VAL A 8 -1.62 -8.24 -5.16
N LEU A 9 -0.54 -8.59 -5.87
CA LEU A 9 0.85 -8.21 -5.52
C LEU A 9 0.98 -6.68 -5.37
N GLY A 10 0.39 -5.90 -6.29
CA GLY A 10 0.36 -4.44 -6.27
C GLY A 10 -0.39 -3.90 -5.05
N LYS A 11 -1.66 -4.33 -4.85
CA LYS A 11 -2.50 -3.90 -3.72
C LYS A 11 -1.81 -4.27 -2.39
N LEU A 12 -1.17 -5.45 -2.31
CA LEU A 12 -0.42 -5.91 -1.13
C LEU A 12 0.77 -4.97 -0.89
N SER A 13 1.53 -4.61 -1.94
CA SER A 13 2.65 -3.66 -1.85
C SER A 13 2.17 -2.30 -1.31
N GLN A 14 1.01 -1.81 -1.77
CA GLN A 14 0.43 -0.54 -1.29
C GLN A 14 0.04 -0.67 0.20
N GLU A 15 -0.62 -1.78 0.60
CA GLU A 15 -1.00 -2.05 1.98
C GLU A 15 0.24 -2.14 2.89
N LEU A 16 1.31 -2.79 2.41
CA LEU A 16 2.59 -2.94 3.10
C LEU A 16 3.24 -1.57 3.30
N HIS A 17 3.24 -0.69 2.29
CA HIS A 17 3.79 0.66 2.43
C HIS A 17 3.01 1.49 3.47
N LYS A 18 1.66 1.53 3.45
CA LYS A 18 0.91 2.28 4.49
C LYS A 18 1.17 1.68 5.89
N LEU A 19 1.50 0.38 5.97
CA LEU A 19 1.81 -0.30 7.24
C LEU A 19 3.23 0.11 7.73
N GLN A 20 4.19 0.40 6.84
CA GLN A 20 5.54 0.85 7.20
C GLN A 20 5.51 2.26 7.84
N THR A 21 4.64 3.14 7.34
CA THR A 21 4.46 4.51 7.86
C THR A 21 3.43 4.63 8.97
N TYR A 22 2.60 3.60 9.20
CA TYR A 22 1.49 3.50 10.17
C TYR A 22 1.57 4.44 11.40
N PRO A 23 2.49 4.26 12.38
CA PRO A 23 2.63 5.15 13.56
C PRO A 23 2.88 6.66 13.30
N ARG A 24 3.10 7.07 12.04
CA ARG A 24 3.31 8.44 11.59
C ARG A 24 2.18 8.93 10.66
N THR A 25 1.64 8.08 9.78
CA THR A 25 0.50 8.32 8.87
C THR A 25 0.10 7.02 8.17
N ASN A 26 -1.20 6.81 7.88
CA ASN A 26 -1.71 5.56 7.27
C ASN A 26 -2.91 5.64 6.30
N THR A 27 -3.97 6.40 6.60
CA THR A 27 -5.19 6.47 5.76
C THR A 27 -5.56 7.84 5.17
N GLY A 28 -5.22 8.94 5.85
CA GLY A 28 -5.56 10.29 5.39
C GLY A 28 -4.40 11.06 4.78
N SER A 29 -3.94 12.11 5.44
CA SER A 29 -2.84 12.98 5.01
C SER A 29 -1.47 12.29 5.10
N GLY A 30 -1.06 11.61 4.03
CA GLY A 30 0.20 10.85 3.95
C GLY A 30 0.66 10.55 2.53
N THR A 31 1.63 11.31 2.02
CA THR A 31 2.23 11.11 0.69
C THR A 31 3.77 11.17 0.81
N PRO A 32 4.50 10.04 0.72
CA PRO A 32 5.97 10.03 0.90
C PRO A 32 6.76 10.71 -0.25
N NH2 A 33 6.14 11.02 -1.38
HN1 NH2 A 33 6.66 11.54 -2.08
HN2 NH2 A 33 5.15 10.82 -1.49
N CYS A 1 -8.91 -3.24 -12.20
CA CYS A 1 -7.68 -4.04 -12.05
C CYS A 1 -7.13 -4.36 -13.44
N SER A 2 -5.80 -4.41 -13.62
CA SER A 2 -5.12 -4.76 -14.88
C SER A 2 -4.95 -6.29 -15.05
N ASN A 3 -4.10 -6.92 -14.23
CA ASN A 3 -3.84 -8.38 -14.22
C ASN A 3 -3.94 -8.93 -12.78
N LEU A 4 -4.79 -9.93 -12.55
CA LEU A 4 -5.08 -10.58 -11.25
C LEU A 4 -3.94 -10.64 -10.23
N SER A 5 -2.96 -11.55 -10.37
CA SER A 5 -1.88 -11.68 -9.38
C SER A 5 -1.06 -10.40 -9.21
N THR A 6 -0.82 -9.64 -10.29
CA THR A 6 -0.10 -8.36 -10.25
C THR A 6 -0.91 -7.33 -9.44
N CYS A 7 -2.24 -7.31 -9.56
CA CYS A 7 -3.12 -6.41 -8.81
C CYS A 7 -3.01 -6.74 -7.32
N VAL A 8 -3.03 -8.04 -6.94
CA VAL A 8 -2.89 -8.47 -5.55
C VAL A 8 -1.51 -8.04 -5.04
N LEU A 9 -0.43 -8.23 -5.80
CA LEU A 9 0.94 -7.81 -5.44
C LEU A 9 1.01 -6.27 -5.25
N GLY A 10 0.28 -5.50 -6.08
CA GLY A 10 0.21 -4.04 -5.99
C GLY A 10 -0.54 -3.62 -4.72
N LYS A 11 -1.74 -4.20 -4.45
CA LYS A 11 -2.55 -3.97 -3.26
C LYS A 11 -1.75 -4.33 -2.01
N LEU A 12 -1.03 -5.46 -2.03
CA LEU A 12 -0.17 -5.94 -0.96
C LEU A 12 0.97 -4.96 -0.69
N SER A 13 1.56 -4.38 -1.74
CA SER A 13 2.61 -3.35 -1.63
C SER A 13 2.05 -2.09 -0.96
N GLN A 14 0.87 -1.64 -1.39
CA GLN A 14 0.19 -0.47 -0.81
C GLN A 14 -0.16 -0.74 0.67
N GLU A 15 -0.65 -1.94 0.98
CA GLU A 15 -0.98 -2.39 2.34
C GLU A 15 0.28 -2.42 3.24
N LEU A 16 1.37 -3.00 2.74
CA LEU A 16 2.64 -3.07 3.45
C LEU A 16 3.13 -1.64 3.73
N HIS A 17 3.05 -0.72 2.76
CA HIS A 17 3.44 0.67 2.95
C HIS A 17 2.60 1.35 4.05
N LYS A 18 1.26 1.31 4.00
CA LYS A 18 0.43 1.91 5.08
C LYS A 18 0.72 1.29 6.46
N LEU A 19 1.19 0.03 6.50
CA LEU A 19 1.58 -0.67 7.73
C LEU A 19 2.96 -0.22 8.21
N GLN A 20 3.92 -0.01 7.29
CA GLN A 20 5.28 0.46 7.57
C GLN A 20 5.27 1.90 8.12
N THR A 21 4.44 2.77 7.56
CA THR A 21 4.30 4.18 7.98
C THR A 21 3.23 4.39 9.08
N TYR A 22 2.45 3.38 9.46
CA TYR A 22 1.34 3.40 10.44
C TYR A 22 1.35 4.51 11.53
N PRO A 23 2.31 4.56 12.48
CA PRO A 23 2.39 5.63 13.50
C PRO A 23 2.59 7.07 12.97
N ARG A 24 3.02 7.24 11.72
CA ARG A 24 3.23 8.52 10.99
C ARG A 24 2.03 8.82 10.08
N THR A 25 1.46 7.82 9.40
CA THR A 25 0.28 7.89 8.50
C THR A 25 -0.07 6.51 7.94
N ASN A 26 -1.34 6.26 7.62
CA ASN A 26 -1.85 4.98 7.07
C ASN A 26 -3.10 5.06 6.17
N THR A 27 -3.82 6.20 6.18
CA THR A 27 -5.04 6.39 5.39
C THR A 27 -5.11 7.72 4.64
N GLY A 28 -5.02 8.86 5.36
CA GLY A 28 -5.10 10.22 4.84
C GLY A 28 -3.90 10.69 4.00
N SER A 29 -3.18 11.70 4.49
CA SER A 29 -2.03 12.30 3.80
C SER A 29 -0.74 11.48 3.92
N GLY A 30 -0.03 11.29 2.80
CA GLY A 30 1.23 10.54 2.75
C GLY A 30 1.68 10.27 1.32
N THR A 31 2.62 11.06 0.79
CA THR A 31 3.19 10.88 -0.56
C THR A 31 4.63 11.43 -0.66
N PRO A 32 5.64 10.59 -0.98
CA PRO A 32 7.02 11.03 -1.16
C PRO A 32 7.32 11.62 -2.56
N NH2 A 33 6.31 11.87 -3.40
HN1 NH2 A 33 6.53 12.26 -4.30
HN2 NH2 A 33 5.36 11.69 -3.13
N CYS A 1 -9.31 -4.25 -12.60
CA CYS A 1 -8.08 -5.07 -12.49
C CYS A 1 -7.68 -5.61 -13.87
N SER A 2 -6.39 -5.63 -14.20
CA SER A 2 -5.82 -6.09 -15.48
C SER A 2 -5.25 -7.52 -15.45
N ASN A 3 -4.35 -7.85 -14.50
CA ASN A 3 -3.71 -9.17 -14.36
C ASN A 3 -3.74 -9.61 -12.90
N LEU A 4 -4.30 -10.80 -12.63
CA LEU A 4 -4.45 -11.45 -11.32
C LEU A 4 -3.28 -11.23 -10.34
N SER A 5 -2.09 -11.77 -10.65
CA SER A 5 -0.92 -11.67 -9.77
C SER A 5 -0.51 -10.21 -9.49
N THR A 6 -0.40 -9.38 -10.54
CA THR A 6 -0.04 -7.96 -10.41
C THR A 6 -1.09 -7.15 -9.63
N CYS A 7 -2.40 -7.46 -9.76
CA CYS A 7 -3.45 -6.78 -9.01
C CYS A 7 -3.29 -7.06 -7.52
N VAL A 8 -3.08 -8.33 -7.13
CA VAL A 8 -2.84 -8.73 -5.73
C VAL A 8 -1.57 -8.03 -5.24
N LEU A 9 -0.46 -8.13 -5.97
CA LEU A 9 0.83 -7.48 -5.66
C LEU A 9 0.64 -5.97 -5.40
N GLY A 10 -0.18 -5.30 -6.23
CA GLY A 10 -0.49 -3.87 -6.09
C GLY A 10 -1.16 -3.57 -4.75
N LYS A 11 -2.24 -4.28 -4.41
CA LYS A 11 -2.94 -4.12 -3.11
C LYS A 11 -2.01 -4.48 -1.94
N LEU A 12 -1.21 -5.53 -2.10
CA LEU A 12 -0.22 -5.99 -1.10
C LEU A 12 0.81 -4.88 -0.82
N SER A 13 1.30 -4.21 -1.87
CA SER A 13 2.25 -3.10 -1.78
C SER A 13 1.62 -1.91 -1.03
N GLN A 14 0.39 -1.53 -1.41
CA GLN A 14 -0.35 -0.45 -0.75
C GLN A 14 -0.56 -0.75 0.74
N GLU A 15 -0.98 -1.98 1.07
CA GLU A 15 -1.21 -2.43 2.44
C GLU A 15 0.09 -2.47 3.27
N LEU A 16 1.17 -3.02 2.72
CA LEU A 16 2.49 -3.06 3.38
C LEU A 16 2.97 -1.66 3.69
N HIS A 17 2.95 -0.73 2.72
CA HIS A 17 3.35 0.67 2.94
C HIS A 17 2.49 1.36 3.99
N LYS A 18 1.14 1.32 3.92
CA LYS A 18 0.31 1.98 4.96
C LYS A 18 0.56 1.37 6.36
N LEU A 19 0.95 0.09 6.45
CA LEU A 19 1.29 -0.60 7.70
C LEU A 19 2.68 -0.19 8.21
N GLN A 20 3.64 0.06 7.31
CA GLN A 20 5.01 0.50 7.64
C GLN A 20 4.99 1.94 8.19
N THR A 21 4.20 2.84 7.58
CA THR A 21 4.05 4.23 8.04
C THR A 21 3.11 4.42 9.22
N TYR A 22 2.26 3.43 9.54
CA TYR A 22 1.24 3.40 10.59
C TYR A 22 1.54 4.20 11.88
N PRO A 23 2.69 4.05 12.58
CA PRO A 23 3.00 4.83 13.79
C PRO A 23 3.23 6.34 13.58
N ARG A 24 3.25 6.80 12.32
CA ARG A 24 3.49 8.19 11.87
C ARG A 24 2.34 8.75 11.01
N THR A 25 1.78 7.96 10.09
CA THR A 25 0.67 8.34 9.18
C THR A 25 0.11 7.12 8.43
N ASN A 26 -1.18 7.15 8.06
CA ASN A 26 -1.84 6.02 7.35
C ASN A 26 -2.97 6.44 6.39
N THR A 27 -3.78 7.46 6.71
CA THR A 27 -4.96 7.89 5.92
C THR A 27 -4.92 9.31 5.33
N GLY A 28 -4.12 10.23 5.85
CA GLY A 28 -4.08 11.61 5.37
C GLY A 28 -2.89 12.03 4.52
N SER A 29 -1.84 12.54 5.18
CA SER A 29 -0.61 13.03 4.54
C SER A 29 0.56 12.07 4.70
N GLY A 30 0.99 11.48 3.58
CA GLY A 30 2.09 10.52 3.48
C GLY A 30 2.24 10.02 2.04
N THR A 31 2.87 10.85 1.18
CA THR A 31 3.06 10.54 -0.26
C THR A 31 4.44 11.05 -0.72
N PRO A 32 5.18 10.29 -1.57
CA PRO A 32 6.51 10.69 -2.03
C PRO A 32 6.52 11.85 -3.04
N NH2 A 33 5.41 12.15 -3.73
HN1 NH2 A 33 4.56 11.62 -3.58
HN2 NH2 A 33 5.47 12.91 -4.40
N CYS A 1 -7.51 -2.58 -12.71
CA CYS A 1 -6.80 -3.86 -12.57
C CYS A 1 -6.90 -4.62 -13.88
N SER A 2 -5.89 -5.43 -14.22
CA SER A 2 -5.82 -6.29 -15.42
C SER A 2 -5.45 -7.72 -14.95
N ASN A 3 -4.18 -8.11 -14.99
CA ASN A 3 -3.74 -9.45 -14.58
C ASN A 3 -3.81 -9.63 -13.05
N LEU A 4 -4.71 -10.49 -12.58
CA LEU A 4 -4.96 -10.77 -11.16
C LEU A 4 -3.75 -10.94 -10.25
N SER A 5 -2.79 -11.80 -10.62
CA SER A 5 -1.54 -11.98 -9.87
C SER A 5 -0.78 -10.66 -9.66
N THR A 6 -0.57 -9.89 -10.72
CA THR A 6 0.10 -8.58 -10.66
C THR A 6 -0.74 -7.57 -9.85
N CYS A 7 -2.07 -7.59 -9.98
CA CYS A 7 -2.96 -6.71 -9.21
C CYS A 7 -2.86 -7.01 -7.70
N VAL A 8 -2.94 -8.28 -7.29
CA VAL A 8 -2.82 -8.71 -5.89
C VAL A 8 -1.46 -8.26 -5.37
N LEU A 9 -0.36 -8.43 -6.13
CA LEU A 9 0.99 -8.03 -5.68
C LEU A 9 1.02 -6.51 -5.44
N GLY A 10 0.25 -5.75 -6.24
CA GLY A 10 0.10 -4.30 -6.08
C GLY A 10 -0.71 -3.96 -4.83
N LYS A 11 -1.89 -4.60 -4.61
CA LYS A 11 -2.75 -4.41 -3.40
C LYS A 11 -1.93 -4.74 -2.15
N LEU A 12 -1.12 -5.81 -2.21
CA LEU A 12 -0.25 -6.27 -1.12
C LEU A 12 0.79 -5.17 -0.85
N SER A 13 1.46 -4.65 -1.89
CA SER A 13 2.44 -3.55 -1.76
C SER A 13 1.80 -2.32 -1.09
N GLN A 14 0.55 -1.97 -1.45
CA GLN A 14 -0.18 -0.85 -0.85
C GLN A 14 -0.44 -1.13 0.65
N GLU A 15 -0.85 -2.37 1.01
CA GLU A 15 -1.08 -2.76 2.41
C GLU A 15 0.22 -2.73 3.23
N LEU A 16 1.33 -3.21 2.66
CA LEU A 16 2.66 -3.20 3.26
C LEU A 16 3.12 -1.77 3.51
N HIS A 17 2.98 -0.87 2.53
CA HIS A 17 3.36 0.54 2.71
C HIS A 17 2.49 1.25 3.76
N LYS A 18 1.16 1.07 3.79
CA LYS A 18 0.35 1.73 4.86
C LYS A 18 0.77 1.20 6.24
N LEU A 19 1.22 -0.05 6.36
CA LEU A 19 1.69 -0.62 7.62
C LEU A 19 3.00 0.05 8.06
N GLN A 20 3.90 0.36 7.11
CA GLN A 20 5.16 1.07 7.39
C GLN A 20 4.92 2.51 7.83
N THR A 21 3.97 3.24 7.23
CA THR A 21 3.65 4.63 7.62
C THR A 21 2.71 4.72 8.84
N TYR A 22 1.95 3.67 9.17
CA TYR A 22 0.96 3.58 10.27
C TYR A 22 1.38 4.21 11.61
N PRO A 23 2.62 3.99 12.15
CA PRO A 23 3.09 4.60 13.41
C PRO A 23 3.11 6.15 13.40
N ARG A 24 2.97 6.81 12.24
CA ARG A 24 2.93 8.28 12.05
C ARG A 24 1.67 8.72 11.30
N THR A 25 1.32 8.10 10.18
CA THR A 25 0.12 8.44 9.36
C THR A 25 -0.15 7.35 8.31
N ASN A 26 -1.24 6.58 8.46
CA ASN A 26 -1.63 5.49 7.55
C ASN A 26 -2.53 5.90 6.36
N THR A 27 -3.24 7.03 6.44
CA THR A 27 -4.15 7.48 5.36
C THR A 27 -4.37 8.99 5.15
N GLY A 28 -3.77 9.91 5.93
CA GLY A 28 -3.98 11.38 5.74
C GLY A 28 -2.96 12.11 4.83
N SER A 29 -1.96 12.74 5.45
CA SER A 29 -0.95 13.53 4.78
C SER A 29 0.48 13.05 5.09
N GLY A 30 1.15 12.45 4.09
CA GLY A 30 2.51 11.96 4.14
C GLY A 30 2.91 11.30 2.81
N THR A 31 2.94 12.09 1.71
CA THR A 31 3.29 11.64 0.36
C THR A 31 4.75 11.94 -0.06
N PRO A 32 5.48 11.04 -0.77
CA PRO A 32 6.85 11.25 -1.20
C PRO A 32 7.04 12.25 -2.36
N NH2 A 33 5.99 12.80 -2.98
HN1 NH2 A 33 5.06 12.54 -2.68
HN2 NH2 A 33 6.10 13.49 -3.75
N CYS A 1 -8.59 -4.38 -14.15
CA CYS A 1 -7.32 -4.99 -13.70
C CYS A 1 -6.54 -5.41 -14.95
N SER A 2 -5.21 -5.24 -14.97
CA SER A 2 -4.35 -5.63 -16.10
C SER A 2 -3.93 -7.11 -16.06
N ASN A 3 -3.45 -7.60 -14.91
CA ASN A 3 -2.95 -8.98 -14.72
C ASN A 3 -3.23 -9.39 -13.26
N LEU A 4 -3.96 -10.50 -13.06
CA LEU A 4 -4.36 -11.03 -11.74
C LEU A 4 -3.27 -11.02 -10.67
N SER A 5 -2.12 -11.65 -10.93
CA SER A 5 -1.02 -11.71 -9.95
C SER A 5 -0.52 -10.31 -9.57
N THR A 6 -0.21 -9.47 -10.56
CA THR A 6 0.22 -8.07 -10.35
C THR A 6 -0.83 -7.23 -9.62
N CYS A 7 -2.12 -7.38 -9.95
CA CYS A 7 -3.22 -6.66 -9.29
C CYS A 7 -3.30 -7.00 -7.78
N VAL A 8 -3.37 -8.30 -7.43
CA VAL A 8 -3.40 -8.72 -6.01
C VAL A 8 -2.11 -8.33 -5.28
N LEU A 9 -0.93 -8.58 -5.88
CA LEU A 9 0.37 -8.18 -5.30
C LEU A 9 0.42 -6.67 -5.08
N GLY A 10 -0.25 -5.90 -5.95
CA GLY A 10 -0.36 -4.44 -5.90
C GLY A 10 -1.16 -4.03 -4.67
N LYS A 11 -2.35 -4.62 -4.45
CA LYS A 11 -3.18 -4.32 -3.27
C LYS A 11 -2.41 -4.71 -2.00
N LEU A 12 -1.71 -5.85 -1.99
CA LEU A 12 -0.88 -6.28 -0.85
C LEU A 12 0.25 -5.26 -0.59
N SER A 13 0.92 -4.78 -1.64
CA SER A 13 1.97 -3.76 -1.57
C SER A 13 1.43 -2.45 -1.00
N GLN A 14 0.24 -2.03 -1.45
CA GLN A 14 -0.46 -0.83 -0.97
C GLN A 14 -0.72 -0.94 0.54
N GLU A 15 -1.11 -2.12 1.04
CA GLU A 15 -1.36 -2.38 2.47
C GLU A 15 -0.03 -2.42 3.25
N LEU A 16 1.02 -3.08 2.72
CA LEU A 16 2.36 -3.15 3.29
C LEU A 16 2.94 -1.75 3.50
N HIS A 17 2.84 -0.86 2.49
CA HIS A 17 3.30 0.52 2.57
C HIS A 17 2.59 1.30 3.70
N LYS A 18 1.23 1.27 3.78
CA LYS A 18 0.53 1.99 4.86
C LYS A 18 0.89 1.39 6.24
N LEU A 19 1.26 0.10 6.29
CA LEU A 19 1.67 -0.59 7.52
C LEU A 19 3.07 -0.08 7.94
N GLN A 20 3.97 0.18 6.97
CA GLN A 20 5.33 0.70 7.21
C GLN A 20 5.28 2.14 7.77
N THR A 21 4.39 2.99 7.23
CA THR A 21 4.21 4.36 7.71
C THR A 21 3.31 4.49 8.95
N TYR A 22 2.57 3.44 9.34
CA TYR A 22 1.65 3.41 10.48
C TYR A 22 2.18 4.10 11.76
N PRO A 23 3.45 3.91 12.20
CA PRO A 23 4.02 4.59 13.37
C PRO A 23 4.09 6.12 13.29
N ARG A 24 3.70 6.75 12.18
CA ARG A 24 3.73 8.20 11.91
C ARG A 24 2.47 8.73 11.22
N THR A 25 1.88 7.96 10.30
CA THR A 25 0.69 8.30 9.49
C THR A 25 0.30 7.13 8.57
N ASN A 26 -0.95 6.65 8.63
CA ASN A 26 -1.45 5.53 7.81
C ASN A 26 -2.53 5.91 6.79
N THR A 27 -3.11 7.11 6.87
CA THR A 27 -4.19 7.55 5.97
C THR A 27 -4.29 9.04 5.68
N GLY A 28 -4.11 9.92 6.68
CA GLY A 28 -4.21 11.39 6.56
C GLY A 28 -3.29 12.13 5.59
N SER A 29 -2.15 12.58 6.11
CA SER A 29 -1.08 13.27 5.33
C SER A 29 0.16 12.41 5.12
N GLY A 30 0.93 12.70 4.06
CA GLY A 30 2.16 12.00 3.72
C GLY A 30 2.04 11.22 2.42
N THR A 31 2.36 11.84 1.28
CA THR A 31 2.34 11.22 -0.05
C THR A 31 3.75 11.22 -0.68
N PRO A 32 4.21 10.10 -1.27
CA PRO A 32 5.54 10.00 -1.88
C PRO A 32 5.63 10.59 -3.30
N NH2 A 33 4.61 11.30 -3.79
HN1 NH2 A 33 4.69 11.69 -4.72
HN2 NH2 A 33 3.80 11.48 -3.22
N CYS A 1 -8.03 -2.74 -12.24
CA CYS A 1 -6.94 -3.77 -12.28
C CYS A 1 -6.68 -4.16 -13.73
N SER A 2 -5.40 -4.29 -14.15
CA SER A 2 -4.98 -4.65 -15.51
C SER A 2 -4.58 -6.13 -15.69
N ASN A 3 -3.99 -6.75 -14.66
CA ASN A 3 -3.55 -8.17 -14.61
C ASN A 3 -3.63 -8.65 -13.16
N LEU A 4 -4.60 -9.52 -12.85
CA LEU A 4 -4.89 -10.09 -11.55
C LEU A 4 -3.70 -10.38 -10.60
N SER A 5 -2.76 -11.25 -10.98
CA SER A 5 -1.61 -11.60 -10.13
C SER A 5 -0.76 -10.37 -9.77
N THR A 6 -0.47 -9.52 -10.75
CA THR A 6 0.28 -8.25 -10.57
C THR A 6 -0.48 -7.29 -9.66
N CYS A 7 -1.81 -7.20 -9.81
CA CYS A 7 -2.65 -6.35 -8.97
C CYS A 7 -2.63 -6.81 -7.50
N VAL A 8 -2.66 -8.11 -7.25
CA VAL A 8 -2.56 -8.68 -5.89
C VAL A 8 -1.22 -8.29 -5.26
N LEU A 9 -0.09 -8.47 -5.97
CA LEU A 9 1.24 -8.08 -5.49
C LEU A 9 1.25 -6.58 -5.10
N GLY A 10 0.72 -5.72 -5.99
CA GLY A 10 0.68 -4.27 -5.76
C GLY A 10 -0.17 -3.94 -4.52
N LYS A 11 -1.40 -4.45 -4.43
CA LYS A 11 -2.30 -4.25 -3.27
C LYS A 11 -1.70 -4.78 -1.97
N LEU A 12 -0.96 -5.90 -2.00
CA LEU A 12 -0.27 -6.46 -0.83
C LEU A 12 0.76 -5.45 -0.33
N SER A 13 1.65 -4.97 -1.23
CA SER A 13 2.67 -3.97 -0.89
C SER A 13 2.03 -2.66 -0.42
N GLN A 14 0.83 -2.30 -0.94
CA GLN A 14 0.13 -1.07 -0.50
C GLN A 14 -0.38 -1.22 0.93
N GLU A 15 -0.93 -2.41 1.31
CA GLU A 15 -1.37 -2.65 2.70
C GLU A 15 -0.15 -2.63 3.62
N LEU A 16 0.96 -3.25 3.19
CA LEU A 16 2.23 -3.28 3.92
C LEU A 16 2.77 -1.84 4.09
N HIS A 17 2.63 -0.98 3.06
CA HIS A 17 3.10 0.41 3.13
C HIS A 17 2.27 1.19 4.16
N LYS A 18 0.91 1.04 4.23
CA LYS A 18 0.15 1.74 5.27
C LYS A 18 0.51 1.22 6.66
N LEU A 19 1.04 -0.02 6.77
CA LEU A 19 1.52 -0.63 8.01
C LEU A 19 2.85 0.00 8.41
N GLN A 20 3.71 0.36 7.43
CA GLN A 20 5.02 1.01 7.63
C GLN A 20 4.83 2.49 8.06
N THR A 21 3.83 3.21 7.53
CA THR A 21 3.54 4.62 7.90
C THR A 21 2.68 4.72 9.17
N TYR A 22 2.14 3.61 9.67
CA TYR A 22 1.31 3.49 10.90
C TYR A 22 1.93 4.23 12.11
N PRO A 23 3.24 4.14 12.42
CA PRO A 23 3.89 4.88 13.51
C PRO A 23 3.87 6.42 13.41
N ARG A 24 3.32 7.03 12.34
CA ARG A 24 3.31 8.49 12.14
C ARG A 24 2.01 9.07 11.54
N THR A 25 1.41 8.34 10.59
CA THR A 25 0.13 8.63 9.87
C THR A 25 -0.07 7.60 8.75
N ASN A 26 -0.88 6.59 9.01
CA ASN A 26 -1.17 5.47 8.09
C ASN A 26 -1.87 5.83 6.76
N THR A 27 -2.40 7.05 6.62
CA THR A 27 -3.16 7.49 5.44
C THR A 27 -2.95 8.97 5.07
N GLY A 28 -3.29 9.89 5.98
CA GLY A 28 -3.23 11.35 5.83
C GLY A 28 -2.01 12.01 5.20
N SER A 29 -0.80 11.46 5.31
CA SER A 29 0.40 12.05 4.69
C SER A 29 1.38 11.02 4.08
N GLY A 30 0.92 10.28 3.05
CA GLY A 30 1.71 9.28 2.34
C GLY A 30 1.21 9.04 0.91
N THR A 31 1.73 9.80 -0.05
CA THR A 31 1.42 9.67 -1.49
C THR A 31 2.66 9.87 -2.39
N PRO A 32 3.11 8.86 -3.16
CA PRO A 32 4.29 8.92 -4.02
C PRO A 32 4.07 9.62 -5.39
N NH2 A 33 2.97 10.35 -5.61
HN1 NH2 A 33 2.85 10.86 -6.48
HN2 NH2 A 33 2.32 10.50 -4.84
N CYS A 1 -7.54 -2.73 -12.99
CA CYS A 1 -6.68 -3.93 -12.86
C CYS A 1 -6.48 -4.55 -14.22
N SER A 2 -5.25 -4.97 -14.57
CA SER A 2 -4.91 -5.64 -15.82
C SER A 2 -4.54 -7.10 -15.54
N ASN A 3 -3.27 -7.43 -15.31
CA ASN A 3 -2.84 -8.79 -14.97
C ASN A 3 -3.18 -9.10 -13.52
N LEU A 4 -4.14 -10.02 -13.29
CA LEU A 4 -4.65 -10.42 -11.96
C LEU A 4 -3.56 -10.72 -10.92
N SER A 5 -2.50 -11.47 -11.27
CA SER A 5 -1.40 -11.77 -10.33
C SER A 5 -0.71 -10.46 -9.88
N THR A 6 -0.39 -9.56 -10.82
CA THR A 6 0.24 -8.27 -10.51
C THR A 6 -0.76 -7.41 -9.70
N CYS A 7 -2.07 -7.49 -9.93
CA CYS A 7 -3.08 -6.75 -9.16
C CYS A 7 -3.10 -7.19 -7.68
N VAL A 8 -3.00 -8.51 -7.40
CA VAL A 8 -2.92 -9.03 -6.01
C VAL A 8 -1.66 -8.50 -5.35
N LEU A 9 -0.52 -8.52 -6.07
CA LEU A 9 0.76 -7.98 -5.57
C LEU A 9 0.62 -6.46 -5.31
N GLY A 10 -0.24 -5.77 -6.06
CA GLY A 10 -0.54 -4.33 -5.91
C GLY A 10 -1.28 -4.12 -4.58
N LYS A 11 -2.35 -4.90 -4.31
CA LYS A 11 -3.11 -4.82 -3.06
C LYS A 11 -2.18 -5.14 -1.86
N LEU A 12 -1.27 -6.12 -2.01
CA LEU A 12 -0.30 -6.49 -0.97
C LEU A 12 0.58 -5.26 -0.66
N SER A 13 1.13 -4.59 -1.69
CA SER A 13 1.94 -3.37 -1.51
C SER A 13 1.12 -2.24 -0.89
N GLN A 14 -0.16 -2.08 -1.22
CA GLN A 14 -1.03 -1.04 -0.64
C GLN A 14 -1.23 -1.30 0.87
N GLU A 15 -1.51 -2.55 1.26
CA GLU A 15 -1.67 -2.97 2.66
C GLU A 15 -0.35 -2.76 3.42
N LEU A 16 0.78 -3.17 2.84
CA LEU A 16 2.15 -3.02 3.36
C LEU A 16 2.51 -1.55 3.57
N HIS A 17 2.26 -0.67 2.61
CA HIS A 17 2.56 0.77 2.72
C HIS A 17 1.79 1.43 3.85
N LYS A 18 0.47 1.20 4.00
CA LYS A 18 -0.30 1.80 5.12
C LYS A 18 0.13 1.26 6.50
N LEU A 19 0.78 0.08 6.52
CA LEU A 19 1.34 -0.55 7.73
C LEU A 19 2.66 0.17 8.08
N GLN A 20 3.50 0.49 7.09
CA GLN A 20 4.76 1.23 7.22
C GLN A 20 4.57 2.68 7.70
N THR A 21 3.51 3.39 7.28
CA THR A 21 3.20 4.77 7.71
C THR A 21 2.47 4.85 9.08
N TYR A 22 1.97 3.73 9.61
CA TYR A 22 1.23 3.67 10.88
C TYR A 22 1.94 4.30 12.10
N PRO A 23 3.26 4.11 12.32
CA PRO A 23 3.97 4.73 13.46
C PRO A 23 3.93 6.26 13.54
N ARG A 24 3.46 6.97 12.50
CA ARG A 24 3.32 8.42 12.46
C ARG A 24 1.88 8.88 12.10
N THR A 25 1.37 8.44 10.94
CA THR A 25 0.03 8.81 10.41
C THR A 25 -0.24 7.92 9.17
N ASN A 26 -0.86 6.76 9.39
CA ASN A 26 -1.18 5.77 8.36
C ASN A 26 -1.79 6.35 7.08
N THR A 27 -2.89 7.12 7.19
CA THR A 27 -3.61 7.70 6.06
C THR A 27 -3.27 9.15 5.71
N GLY A 28 -2.51 9.86 6.57
CA GLY A 28 -2.18 11.28 6.36
C GLY A 28 -0.90 11.56 5.56
N SER A 29 0.15 10.75 5.70
CA SER A 29 1.42 10.95 5.02
C SER A 29 2.03 9.67 4.43
N GLY A 30 1.61 9.31 3.22
CA GLY A 30 2.10 8.12 2.49
C GLY A 30 2.10 8.34 0.97
N THR A 31 3.14 9.05 0.48
CA THR A 31 3.31 9.41 -0.94
C THR A 31 4.78 9.40 -1.40
N PRO A 32 5.11 9.00 -2.66
CA PRO A 32 6.49 8.98 -3.18
C PRO A 32 7.14 10.39 -3.29
N NH2 A 33 6.40 11.48 -3.11
HN1 NH2 A 33 5.41 11.39 -2.90
HN2 NH2 A 33 6.85 12.38 -3.19
N CYS A 1 -9.50 -5.35 -12.95
CA CYS A 1 -8.06 -5.64 -12.76
C CYS A 1 -7.43 -5.96 -14.12
N SER A 2 -6.17 -5.57 -14.37
CA SER A 2 -5.44 -5.84 -15.64
C SER A 2 -4.73 -7.20 -15.68
N ASN A 3 -4.10 -7.66 -14.59
CA ASN A 3 -3.42 -8.95 -14.45
C ASN A 3 -3.50 -9.31 -12.96
N LEU A 4 -4.18 -10.42 -12.63
CA LEU A 4 -4.33 -11.03 -11.29
C LEU A 4 -3.13 -10.88 -10.33
N SER A 5 -2.01 -11.52 -10.66
CA SER A 5 -0.79 -11.52 -9.83
C SER A 5 -0.29 -10.09 -9.58
N THR A 6 -0.19 -9.23 -10.62
CA THR A 6 0.26 -7.84 -10.48
C THR A 6 -0.73 -7.03 -9.64
N CYS A 7 -2.04 -7.25 -9.80
CA CYS A 7 -3.10 -6.56 -9.03
C CYS A 7 -2.98 -6.91 -7.53
N VAL A 8 -2.77 -8.19 -7.20
CA VAL A 8 -2.58 -8.65 -5.81
C VAL A 8 -1.30 -8.00 -5.26
N LEU A 9 -0.18 -8.00 -5.99
CA LEU A 9 1.05 -7.39 -5.53
C LEU A 9 0.81 -5.88 -5.24
N GLY A 10 -0.02 -5.20 -6.05
CA GLY A 10 -0.38 -3.79 -5.90
C GLY A 10 -1.15 -3.56 -4.64
N LYS A 11 -2.25 -4.32 -4.41
CA LYS A 11 -3.07 -4.24 -3.17
C LYS A 11 -2.24 -4.58 -1.93
N LEU A 12 -1.41 -5.62 -2.01
CA LEU A 12 -0.49 -6.06 -0.95
C LEU A 12 0.46 -4.88 -0.61
N SER A 13 1.02 -4.20 -1.63
CA SER A 13 1.89 -3.03 -1.44
C SER A 13 1.11 -1.88 -0.76
N GLN A 14 -0.14 -1.62 -1.16
CA GLN A 14 -0.97 -0.57 -0.52
C GLN A 14 -1.15 -0.87 0.97
N GLU A 15 -1.45 -2.13 1.35
CA GLU A 15 -1.58 -2.55 2.74
C GLU A 15 -0.25 -2.45 3.49
N LEU A 16 0.84 -2.95 2.90
CA LEU A 16 2.20 -2.89 3.47
C LEU A 16 2.62 -1.43 3.74
N HIS A 17 2.37 -0.49 2.80
CA HIS A 17 2.68 0.93 2.97
C HIS A 17 1.86 1.55 4.14
N LYS A 18 0.52 1.40 4.20
CA LYS A 18 -0.26 1.95 5.32
C LYS A 18 0.18 1.33 6.66
N LEU A 19 0.75 0.11 6.64
CA LEU A 19 1.21 -0.60 7.84
C LEU A 19 2.56 -0.01 8.27
N GLN A 20 3.48 0.32 7.33
CA GLN A 20 4.79 0.94 7.58
C GLN A 20 4.68 2.32 8.26
N THR A 21 3.80 3.20 7.76
CA THR A 21 3.63 4.55 8.34
C THR A 21 2.66 4.61 9.53
N TYR A 22 1.98 3.50 9.90
CA TYR A 22 1.06 3.45 11.05
C TYR A 22 1.61 4.04 12.37
N PRO A 23 2.86 3.74 12.81
CA PRO A 23 3.46 4.34 14.01
C PRO A 23 3.73 5.86 13.97
N ARG A 24 3.31 6.56 12.88
CA ARG A 24 3.46 8.02 12.70
C ARG A 24 2.22 8.71 12.11
N THR A 25 1.48 8.04 11.21
CA THR A 25 0.24 8.41 10.47
C THR A 25 0.15 7.61 9.14
N ASN A 26 -0.63 6.52 9.14
CA ASN A 26 -0.83 5.59 8.03
C ASN A 26 -1.44 6.08 6.71
N THR A 27 -2.10 7.25 6.71
CA THR A 27 -2.78 7.77 5.51
C THR A 27 -2.51 9.24 5.17
N GLY A 28 -2.12 10.06 6.15
CA GLY A 28 -1.78 11.46 5.90
C GLY A 28 -0.36 11.65 5.34
N SER A 29 0.52 10.63 5.50
CA SER A 29 1.91 10.64 5.08
C SER A 29 2.24 9.34 4.33
N GLY A 30 2.54 9.47 3.03
CA GLY A 30 2.87 8.37 2.11
C GLY A 30 2.28 8.63 0.72
N THR A 31 3.02 9.31 -0.13
CA THR A 31 2.63 9.66 -1.50
C THR A 31 3.80 9.43 -2.46
N PRO A 32 3.59 8.82 -3.64
CA PRO A 32 4.67 8.53 -4.59
C PRO A 32 5.29 9.74 -5.31
N NH2 A 33 4.72 10.93 -5.20
HN1 NH2 A 33 5.16 11.70 -5.66
HN2 NH2 A 33 3.91 11.06 -4.59
N CYS A 1 -8.43 -3.55 -13.53
CA CYS A 1 -7.20 -4.35 -13.32
C CYS A 1 -6.65 -4.82 -14.67
N SER A 2 -5.33 -4.74 -14.85
CA SER A 2 -4.59 -5.17 -16.04
C SER A 2 -4.21 -6.66 -16.04
N ASN A 3 -3.54 -7.14 -14.98
CA ASN A 3 -3.10 -8.54 -14.79
C ASN A 3 -3.32 -8.84 -13.30
N LEU A 4 -4.12 -9.85 -12.98
CA LEU A 4 -4.46 -10.34 -11.63
C LEU A 4 -3.30 -10.39 -10.60
N SER A 5 -2.22 -11.13 -10.87
CA SER A 5 -1.09 -11.23 -9.93
C SER A 5 -0.49 -9.85 -9.61
N THR A 6 -0.24 -9.03 -10.63
CA THR A 6 0.30 -7.67 -10.48
C THR A 6 -0.68 -6.79 -9.69
N CYS A 7 -1.99 -6.90 -9.92
CA CYS A 7 -3.02 -6.14 -9.17
C CYS A 7 -3.00 -6.52 -7.68
N VAL A 8 -2.97 -7.81 -7.36
CA VAL A 8 -2.91 -8.32 -5.97
C VAL A 8 -1.59 -7.85 -5.33
N LEU A 9 -0.46 -7.94 -6.04
CA LEU A 9 0.85 -7.48 -5.52
C LEU A 9 0.78 -5.96 -5.23
N GLY A 10 0.09 -5.17 -6.08
CA GLY A 10 -0.07 -3.73 -5.87
C GLY A 10 -0.85 -3.48 -4.57
N LYS A 11 -1.90 -4.27 -4.32
CA LYS A 11 -2.71 -4.20 -3.10
C LYS A 11 -1.87 -4.61 -1.90
N LEU A 12 -1.03 -5.64 -2.02
CA LEU A 12 -0.12 -6.11 -0.94
C LEU A 12 0.85 -4.97 -0.60
N SER A 13 1.37 -4.25 -1.61
CA SER A 13 2.28 -3.11 -1.43
C SER A 13 1.53 -2.03 -0.65
N GLN A 14 0.27 -1.71 -1.01
CA GLN A 14 -0.52 -0.69 -0.29
C GLN A 14 -0.69 -1.11 1.18
N GLU A 15 -1.03 -2.38 1.44
CA GLU A 15 -1.19 -3.01 2.75
C GLU A 15 0.09 -2.89 3.59
N LEU A 16 1.24 -3.26 3.02
CA LEU A 16 2.56 -3.16 3.63
C LEU A 16 2.89 -1.69 3.95
N HIS A 17 2.81 -0.78 2.97
CA HIS A 17 3.11 0.63 3.15
C HIS A 17 2.24 1.28 4.24
N LYS A 18 0.91 1.08 4.26
CA LYS A 18 0.07 1.66 5.33
C LYS A 18 0.44 1.09 6.71
N LEU A 19 0.93 -0.15 6.78
CA LEU A 19 1.37 -0.77 8.05
C LEU A 19 2.72 -0.15 8.47
N GLN A 20 3.61 0.18 7.51
CA GLN A 20 4.91 0.82 7.76
C GLN A 20 4.71 2.26 8.26
N THR A 21 3.78 3.03 7.68
CA THR A 21 3.49 4.42 8.07
C THR A 21 2.60 4.56 9.29
N TYR A 22 1.83 3.53 9.67
CA TYR A 22 0.92 3.51 10.83
C TYR A 22 1.52 4.09 12.14
N PRO A 23 2.76 3.73 12.60
CA PRO A 23 3.41 4.30 13.79
C PRO A 23 3.78 5.81 13.71
N ARG A 24 3.36 6.55 12.66
CA ARG A 24 3.60 7.99 12.47
C ARG A 24 2.39 8.71 11.86
N THR A 25 1.65 8.07 10.93
CA THR A 25 0.44 8.52 10.20
C THR A 25 0.16 7.67 8.95
N ASN A 26 -0.76 6.70 9.03
CA ASN A 26 -1.09 5.79 7.93
C ASN A 26 -1.92 6.39 6.78
N THR A 27 -2.43 7.60 6.93
CA THR A 27 -3.25 8.32 5.93
C THR A 27 -2.89 9.78 5.66
N GLY A 28 -1.90 10.35 6.35
CA GLY A 28 -1.51 11.76 6.19
C GLY A 28 -0.24 12.07 5.39
N SER A 29 0.68 11.11 5.26
CA SER A 29 1.98 11.27 4.56
C SER A 29 2.38 10.00 3.79
N GLY A 30 3.18 10.16 2.71
CA GLY A 30 3.63 9.08 1.85
C GLY A 30 2.60 8.72 0.77
N THR A 31 2.64 9.44 -0.36
CA THR A 31 1.72 9.22 -1.48
C THR A 31 2.44 8.77 -2.78
N PRO A 32 1.93 7.74 -3.49
CA PRO A 32 2.47 7.29 -4.77
C PRO A 32 2.00 8.14 -5.98
N NH2 A 33 1.19 9.20 -5.81
HN1 NH2 A 33 0.77 9.73 -6.59
HN2 NH2 A 33 0.86 9.39 -4.89
N CYS A 1 -7.65 -1.62 -13.12
CA CYS A 1 -6.73 -2.78 -12.96
C CYS A 1 -6.48 -3.40 -14.35
N SER A 2 -5.33 -4.04 -14.60
CA SER A 2 -4.97 -4.62 -15.90
C SER A 2 -4.50 -6.08 -15.83
N ASN A 3 -3.72 -6.46 -14.80
CA ASN A 3 -3.18 -7.83 -14.60
C ASN A 3 -3.32 -8.19 -13.12
N LEU A 4 -3.91 -9.36 -12.80
CA LEU A 4 -4.15 -9.80 -11.42
C LEU A 4 -2.90 -9.79 -10.52
N SER A 5 -1.75 -10.26 -11.01
CA SER A 5 -0.49 -10.28 -10.26
C SER A 5 -0.11 -8.86 -9.83
N THR A 6 0.06 -7.93 -10.77
CA THR A 6 0.42 -6.53 -10.50
C THR A 6 -0.62 -5.85 -9.60
N CYS A 7 -1.92 -6.08 -9.79
CA CYS A 7 -2.98 -5.51 -8.95
C CYS A 7 -2.97 -6.05 -7.50
N VAL A 8 -3.02 -7.38 -7.31
CA VAL A 8 -3.03 -8.03 -5.98
C VAL A 8 -1.71 -7.82 -5.25
N LEU A 9 -0.55 -8.11 -5.86
CA LEU A 9 0.75 -7.87 -5.20
C LEU A 9 0.91 -6.36 -4.94
N GLY A 10 0.36 -5.50 -5.81
CA GLY A 10 0.39 -4.06 -5.63
C GLY A 10 -0.38 -3.69 -4.37
N LYS A 11 -1.57 -4.28 -4.16
CA LYS A 11 -2.40 -4.08 -2.96
C LYS A 11 -1.72 -4.66 -1.72
N LEU A 12 -1.04 -5.82 -1.84
CA LEU A 12 -0.30 -6.45 -0.74
C LEU A 12 0.78 -5.45 -0.25
N SER A 13 1.57 -4.90 -1.19
CA SER A 13 2.60 -3.90 -0.89
C SER A 13 1.94 -2.65 -0.30
N GLN A 14 0.79 -2.22 -0.84
CA GLN A 14 0.02 -1.07 -0.33
C GLN A 14 -0.39 -1.28 1.14
N GLU A 15 -0.86 -2.47 1.52
CA GLU A 15 -1.23 -2.83 2.90
C GLU A 15 0.03 -2.78 3.78
N LEU A 16 1.12 -3.40 3.33
CA LEU A 16 2.40 -3.37 4.06
C LEU A 16 2.92 -1.92 4.22
N HIS A 17 2.75 -1.05 3.22
CA HIS A 17 3.13 0.36 3.29
C HIS A 17 2.31 1.09 4.37
N LYS A 18 0.96 0.94 4.39
CA LYS A 18 0.14 1.58 5.44
C LYS A 18 0.50 1.04 6.84
N LEU A 19 1.08 -0.18 6.93
CA LEU A 19 1.54 -0.79 8.19
C LEU A 19 2.91 -0.16 8.57
N GLN A 20 3.79 0.06 7.60
CA GLN A 20 5.10 0.71 7.77
C GLN A 20 4.94 2.17 8.22
N THR A 21 3.99 2.91 7.66
CA THR A 21 3.69 4.30 8.05
C THR A 21 2.79 4.41 9.29
N TYR A 22 2.25 3.31 9.83
CA TYR A 22 1.40 3.32 11.04
C TYR A 22 1.99 4.15 12.21
N PRO A 23 3.29 4.03 12.58
CA PRO A 23 3.92 4.84 13.64
C PRO A 23 4.03 6.36 13.35
N ARG A 24 3.57 6.84 12.19
CA ARG A 24 3.65 8.24 11.73
C ARG A 24 2.30 8.80 11.24
N THR A 25 1.55 8.04 10.43
CA THR A 25 0.22 8.29 9.83
C THR A 25 -0.05 7.30 8.68
N ASN A 26 -0.89 6.29 8.94
CA ASN A 26 -1.28 5.28 7.94
C ASN A 26 -2.26 5.80 6.86
N THR A 27 -3.08 6.81 7.18
CA THR A 27 -4.10 7.38 6.29
C THR A 27 -3.82 8.83 5.79
N GLY A 28 -2.74 9.47 6.22
CA GLY A 28 -2.44 10.85 5.86
C GLY A 28 -1.53 11.19 4.66
N SER A 29 -0.28 10.68 4.62
CA SER A 29 0.69 11.01 3.54
C SER A 29 1.46 9.82 2.97
N GLY A 30 2.11 10.01 1.81
CA GLY A 30 2.93 9.01 1.14
C GLY A 30 2.13 8.10 0.21
N THR A 31 1.80 8.58 -0.99
CA THR A 31 0.99 7.83 -1.98
C THR A 31 1.81 7.46 -3.23
N PRO A 32 2.12 6.16 -3.49
CA PRO A 32 2.94 5.73 -4.63
C PRO A 32 2.52 6.24 -6.02
N NH2 A 33 1.26 6.60 -6.22
HN1 NH2 A 33 1.04 6.83 -7.16
HN2 NH2 A 33 0.58 6.43 -5.48
N CYS A 1 -7.15 -2.24 -13.72
CA CYS A 1 -6.10 -3.19 -13.32
C CYS A 1 -5.29 -3.58 -14.56
N SER A 2 -3.97 -3.70 -14.46
CA SER A 2 -3.06 -4.11 -15.54
C SER A 2 -3.05 -5.64 -15.71
N ASN A 3 -2.50 -6.38 -14.73
CA ASN A 3 -2.43 -7.85 -14.67
C ASN A 3 -2.86 -8.35 -13.27
N LEU A 4 -3.77 -9.32 -13.23
CA LEU A 4 -4.35 -9.90 -12.02
C LEU A 4 -3.40 -10.14 -10.83
N SER A 5 -2.36 -10.98 -11.00
CA SER A 5 -1.42 -11.31 -9.91
C SER A 5 -0.69 -10.06 -9.40
N THR A 6 -0.15 -9.23 -10.30
CA THR A 6 0.53 -7.98 -9.93
C THR A 6 -0.44 -6.96 -9.29
N CYS A 7 -1.74 -7.00 -9.62
CA CYS A 7 -2.74 -6.09 -9.01
C CYS A 7 -2.95 -6.49 -7.54
N VAL A 8 -3.06 -7.80 -7.23
CA VAL A 8 -3.22 -8.29 -5.83
C VAL A 8 -1.91 -8.02 -5.08
N LEU A 9 -0.73 -8.27 -5.71
CA LEU A 9 0.60 -8.00 -5.11
C LEU A 9 0.69 -6.51 -4.77
N GLY A 10 0.19 -5.63 -5.66
CA GLY A 10 0.21 -4.18 -5.49
C GLY A 10 -0.69 -3.80 -4.29
N LYS A 11 -1.88 -4.42 -4.13
CA LYS A 11 -2.76 -4.18 -3.00
C LYS A 11 -2.06 -4.61 -1.71
N LEU A 12 -1.33 -5.74 -1.73
CA LEU A 12 -0.58 -6.20 -0.55
C LEU A 12 0.49 -5.16 -0.22
N SER A 13 1.15 -4.59 -1.23
CA SER A 13 2.15 -3.53 -1.08
C SER A 13 1.51 -2.29 -0.44
N GLN A 14 0.27 -1.95 -0.81
CA GLN A 14 -0.47 -0.85 -0.21
C GLN A 14 -0.75 -1.14 1.28
N GLU A 15 -1.18 -2.36 1.64
CA GLU A 15 -1.41 -2.76 3.04
C GLU A 15 -0.09 -2.69 3.85
N LEU A 16 1.03 -3.12 3.24
CA LEU A 16 2.37 -3.07 3.84
C LEU A 16 2.79 -1.60 4.07
N HIS A 17 2.61 -0.72 3.08
CA HIS A 17 2.93 0.71 3.19
C HIS A 17 2.15 1.39 4.33
N LYS A 18 0.81 1.19 4.45
CA LYS A 18 0.05 1.78 5.57
C LYS A 18 0.49 1.20 6.94
N LEU A 19 1.10 0.01 6.96
CA LEU A 19 1.63 -0.61 8.19
C LEU A 19 3.02 -0.01 8.52
N GLN A 20 3.81 0.35 7.49
CA GLN A 20 5.14 0.99 7.64
C GLN A 20 4.99 2.42 8.16
N THR A 21 4.03 3.20 7.65
CA THR A 21 3.76 4.58 8.09
C THR A 21 2.98 4.68 9.39
N TYR A 22 2.44 3.56 9.93
CA TYR A 22 1.64 3.52 11.17
C TYR A 22 2.25 4.30 12.35
N PRO A 23 3.53 4.13 12.75
CA PRO A 23 4.17 4.90 13.83
C PRO A 23 4.39 6.41 13.54
N ARG A 24 3.79 6.97 12.48
CA ARG A 24 3.90 8.40 12.09
C ARG A 24 2.57 9.01 11.59
N THR A 25 1.73 8.22 10.92
CA THR A 25 0.38 8.46 10.34
C THR A 25 0.11 7.47 9.20
N ASN A 26 -0.60 6.36 9.49
CA ASN A 26 -0.91 5.27 8.57
C ASN A 26 -1.66 5.63 7.27
N THR A 27 -2.39 6.73 7.21
CA THR A 27 -3.22 7.10 6.02
C THR A 27 -3.11 8.57 5.58
N GLY A 28 -2.14 9.34 6.12
CA GLY A 28 -1.95 10.77 5.81
C GLY A 28 -1.14 11.18 4.57
N SER A 29 0.20 11.13 4.67
CA SER A 29 1.15 11.55 3.61
C SER A 29 1.83 10.39 2.87
N GLY A 30 2.33 10.66 1.65
CA GLY A 30 2.99 9.67 0.79
C GLY A 30 1.98 8.88 -0.05
N THR A 31 1.58 9.42 -1.20
CA THR A 31 0.59 8.79 -2.07
C THR A 31 1.18 8.15 -3.34
N PRO A 32 0.70 6.96 -3.78
CA PRO A 32 1.16 6.26 -5.00
C PRO A 32 0.58 6.88 -6.30
N NH2 A 33 0.13 8.13 -6.30
HN1 NH2 A 33 0.21 8.70 -5.46
HN2 NH2 A 33 -0.23 8.54 -7.16
N CYS A 1 -7.17 -3.12 -14.57
CA CYS A 1 -6.01 -3.91 -14.11
C CYS A 1 -5.31 -4.52 -15.33
N SER A 2 -3.97 -4.56 -15.34
CA SER A 2 -3.15 -5.11 -16.45
C SER A 2 -3.01 -6.64 -16.40
N ASN A 3 -2.68 -7.20 -15.24
CA ASN A 3 -2.54 -8.63 -14.94
C ASN A 3 -2.95 -8.87 -13.47
N LEU A 4 -3.89 -9.79 -13.22
CA LEU A 4 -4.39 -10.05 -11.86
C LEU A 4 -3.28 -10.31 -10.83
N SER A 5 -2.24 -11.07 -11.18
CA SER A 5 -1.13 -11.40 -10.27
C SER A 5 -0.44 -10.15 -9.71
N THR A 6 0.08 -9.28 -10.59
CA THR A 6 0.71 -8.01 -10.18
C THR A 6 -0.28 -7.03 -9.55
N CYS A 7 -1.57 -7.08 -9.91
CA CYS A 7 -2.57 -6.21 -9.30
C CYS A 7 -2.78 -6.59 -7.82
N VAL A 8 -2.91 -7.90 -7.51
CA VAL A 8 -3.02 -8.41 -6.12
C VAL A 8 -1.75 -8.09 -5.36
N LEU A 9 -0.58 -8.36 -5.94
CA LEU A 9 0.73 -8.06 -5.34
C LEU A 9 0.85 -6.56 -5.00
N GLY A 10 0.43 -5.69 -5.92
CA GLY A 10 0.41 -4.23 -5.75
C GLY A 10 -0.54 -3.79 -4.63
N LYS A 11 -1.76 -4.37 -4.58
CA LYS A 11 -2.73 -4.07 -3.50
C LYS A 11 -2.20 -4.54 -2.14
N LEU A 12 -1.55 -5.71 -2.09
CA LEU A 12 -0.96 -6.24 -0.85
C LEU A 12 0.18 -5.28 -0.41
N SER A 13 1.03 -4.85 -1.35
CA SER A 13 2.12 -3.89 -1.10
C SER A 13 1.54 -2.57 -0.58
N GLN A 14 0.40 -2.12 -1.13
CA GLN A 14 -0.30 -0.91 -0.69
C GLN A 14 -0.77 -1.04 0.77
N GLU A 15 -1.12 -2.24 1.26
CA GLU A 15 -1.50 -2.46 2.66
C GLU A 15 -0.22 -2.42 3.54
N LEU A 16 0.86 -3.09 3.10
CA LEU A 16 2.17 -3.11 3.77
C LEU A 16 2.75 -1.68 3.92
N HIS A 17 2.63 -0.83 2.89
CA HIS A 17 3.12 0.55 2.96
C HIS A 17 2.45 1.35 4.10
N LYS A 18 1.12 1.29 4.27
CA LYS A 18 0.44 1.99 5.40
C LYS A 18 0.75 1.34 6.77
N LEU A 19 1.24 0.09 6.77
CA LEU A 19 1.66 -0.64 7.97
C LEU A 19 3.07 -0.16 8.37
N GLN A 20 3.91 0.19 7.39
CA GLN A 20 5.28 0.71 7.57
C GLN A 20 5.25 2.12 8.17
N THR A 21 4.37 3.00 7.68
CA THR A 21 4.26 4.38 8.16
C THR A 21 3.53 4.54 9.50
N TYR A 22 2.87 3.49 10.00
CA TYR A 22 2.11 3.47 11.26
C TYR A 22 2.83 4.16 12.45
N PRO A 23 4.14 3.95 12.74
CA PRO A 23 4.88 4.63 13.82
C PRO A 23 5.03 6.17 13.67
N ARG A 24 4.48 6.79 12.63
CA ARG A 24 4.52 8.25 12.37
C ARG A 24 3.15 8.82 11.95
N THR A 25 2.32 8.04 11.23
CA THR A 25 0.96 8.30 10.68
C THR A 25 0.64 7.34 9.54
N ASN A 26 -0.53 6.70 9.55
CA ASN A 26 -1.00 5.73 8.55
C ASN A 26 -2.01 6.25 7.51
N THR A 27 -2.44 7.50 7.61
CA THR A 27 -3.45 8.11 6.72
C THR A 27 -3.12 9.56 6.36
N GLY A 28 -3.72 10.08 5.28
CA GLY A 28 -3.55 11.45 4.81
C GLY A 28 -2.17 11.76 4.20
N SER A 29 -1.12 11.77 5.02
CA SER A 29 0.28 12.09 4.66
C SER A 29 0.99 10.94 3.93
N GLY A 30 0.47 10.54 2.77
CA GLY A 30 1.06 9.49 1.93
C GLY A 30 0.09 9.00 0.85
N THR A 31 0.47 9.11 -0.43
CA THR A 31 -0.34 8.65 -1.55
C THR A 31 0.49 8.11 -2.73
N PRO A 32 0.42 6.80 -3.05
CA PRO A 32 1.15 6.20 -4.18
C PRO A 32 0.51 6.51 -5.55
N NH2 A 33 -0.56 7.31 -5.64
HN1 NH2 A 33 -0.90 7.77 -4.80
HN2 NH2 A 33 -0.95 7.50 -6.53
N CYS A 1 -5.85 -1.79 -14.22
CA CYS A 1 -5.11 -3.00 -13.80
C CYS A 1 -4.74 -3.85 -15.02
N SER A 2 -3.50 -4.36 -15.10
CA SER A 2 -2.98 -5.15 -16.25
C SER A 2 -3.14 -6.66 -16.07
N ASN A 3 -2.76 -7.20 -14.91
CA ASN A 3 -2.87 -8.62 -14.51
C ASN A 3 -3.27 -8.70 -13.03
N LEU A 4 -4.39 -9.35 -12.72
CA LEU A 4 -4.94 -9.45 -11.36
C LEU A 4 -3.95 -9.88 -10.28
N SER A 5 -3.15 -10.95 -10.48
CA SER A 5 -2.14 -11.35 -9.44
C SER A 5 -1.15 -10.20 -9.15
N THR A 6 -0.58 -9.57 -10.19
CA THR A 6 0.36 -8.45 -10.04
C THR A 6 -0.34 -7.22 -9.41
N CYS A 7 -1.63 -7.03 -9.69
CA CYS A 7 -2.45 -5.95 -9.11
C CYS A 7 -2.64 -6.19 -7.61
N VAL A 8 -2.99 -7.41 -7.19
CA VAL A 8 -3.15 -7.76 -5.76
C VAL A 8 -1.78 -7.66 -5.07
N LEU A 9 -0.68 -8.04 -5.74
CA LEU A 9 0.70 -7.93 -5.22
C LEU A 9 0.97 -6.44 -4.92
N GLY A 10 0.52 -5.56 -5.84
CA GLY A 10 0.63 -4.10 -5.71
C GLY A 10 -0.21 -3.60 -4.52
N LYS A 11 -1.43 -4.13 -4.33
CA LYS A 11 -2.31 -3.78 -3.19
C LYS A 11 -1.65 -4.24 -1.88
N LEU A 12 -1.05 -5.44 -1.84
CA LEU A 12 -0.33 -5.96 -0.68
C LEU A 12 0.84 -5.01 -0.38
N SER A 13 1.55 -4.51 -1.39
CA SER A 13 2.65 -3.54 -1.21
C SER A 13 2.10 -2.23 -0.66
N GLN A 14 0.93 -1.77 -1.16
CA GLN A 14 0.20 -0.57 -0.70
C GLN A 14 -0.19 -0.71 0.77
N GLU A 15 -0.48 -1.93 1.23
CA GLU A 15 -0.82 -2.24 2.64
C GLU A 15 0.48 -2.29 3.47
N LEU A 16 1.54 -2.94 2.98
CA LEU A 16 2.87 -3.02 3.61
C LEU A 16 3.44 -1.61 3.88
N HIS A 17 3.44 -0.72 2.88
CA HIS A 17 3.92 0.67 3.02
C HIS A 17 3.25 1.38 4.22
N LYS A 18 1.90 1.41 4.26
CA LYS A 18 1.16 2.04 5.38
C LYS A 18 1.35 1.30 6.72
N LEU A 19 1.64 0.00 6.69
CA LEU A 19 1.89 -0.81 7.89
C LEU A 19 3.29 -0.54 8.47
N GLN A 20 4.27 -0.25 7.61
CA GLN A 20 5.65 0.13 7.99
C GLN A 20 5.64 1.52 8.62
N THR A 21 4.99 2.51 7.98
CA THR A 21 4.87 3.89 8.50
C THR A 21 3.86 4.07 9.64
N TYR A 22 3.15 3.01 10.07
CA TYR A 22 2.14 3.06 11.12
C TYR A 22 2.51 3.94 12.34
N PRO A 23 3.74 3.89 12.92
CA PRO A 23 4.17 4.77 14.04
C PRO A 23 4.17 6.27 13.77
N ARG A 24 3.71 6.74 12.57
CA ARG A 24 3.59 8.13 12.18
C ARG A 24 2.37 8.38 11.28
N THR A 25 2.07 7.52 10.29
CA THR A 25 0.93 7.66 9.37
C THR A 25 0.55 6.33 8.69
N ASN A 26 -0.75 6.16 8.43
CA ASN A 26 -1.35 5.01 7.73
C ASN A 26 -2.52 5.41 6.79
N THR A 27 -2.99 6.64 6.91
CA THR A 27 -4.12 7.24 6.18
C THR A 27 -3.80 8.68 5.79
N GLY A 28 -4.46 9.20 4.74
CA GLY A 28 -4.27 10.56 4.22
C GLY A 28 -2.86 10.76 3.61
N SER A 29 -1.89 11.06 4.46
CA SER A 29 -0.48 11.33 4.10
C SER A 29 0.26 10.05 3.72
N GLY A 30 0.47 9.87 2.42
CA GLY A 30 1.11 8.70 1.77
C GLY A 30 0.23 8.21 0.61
N THR A 31 0.38 8.82 -0.59
CA THR A 31 -0.41 8.51 -1.79
C THR A 31 0.41 7.83 -2.90
N PRO A 32 -0.17 6.84 -3.63
CA PRO A 32 0.51 6.18 -4.75
C PRO A 32 0.59 7.12 -6.02
N NH2 A 33 -0.05 8.29 -6.04
HN1 NH2 A 33 0.02 8.93 -6.85
HN2 NH2 A 33 -0.58 8.59 -5.22
N CYS A 1 -6.12 -2.62 -14.73
CA CYS A 1 -5.54 -3.90 -14.25
C CYS A 1 -5.43 -4.85 -15.45
N SER A 2 -4.36 -5.66 -15.52
CA SER A 2 -4.11 -6.64 -16.61
C SER A 2 -3.93 -8.09 -16.12
N ASN A 3 -3.07 -8.31 -15.13
CA ASN A 3 -2.78 -9.62 -14.54
C ASN A 3 -3.13 -9.64 -13.05
N LEU A 4 -4.10 -10.47 -12.67
CA LEU A 4 -4.64 -10.60 -11.29
C LEU A 4 -3.56 -10.61 -10.19
N SER A 5 -2.58 -11.52 -10.27
CA SER A 5 -1.52 -11.65 -9.25
C SER A 5 -0.69 -10.37 -9.13
N THR A 6 -0.33 -9.71 -10.24
CA THR A 6 0.42 -8.44 -10.20
C THR A 6 -0.45 -7.31 -9.64
N CYS A 7 -1.75 -7.25 -9.98
CA CYS A 7 -2.67 -6.26 -9.44
C CYS A 7 -2.80 -6.41 -7.91
N VAL A 8 -2.90 -7.67 -7.42
CA VAL A 8 -2.96 -7.98 -5.98
C VAL A 8 -1.67 -7.52 -5.33
N LEU A 9 -0.49 -7.89 -5.87
CA LEU A 9 0.83 -7.46 -5.37
C LEU A 9 0.94 -5.92 -5.30
N GLY A 10 0.35 -5.19 -6.24
CA GLY A 10 0.33 -3.72 -6.24
C GLY A 10 -0.45 -3.16 -5.05
N LYS A 11 -1.69 -3.61 -4.85
CA LYS A 11 -2.52 -3.21 -3.69
C LYS A 11 -1.93 -3.72 -2.36
N LEU A 12 -1.35 -4.92 -2.35
CA LEU A 12 -0.69 -5.55 -1.20
C LEU A 12 0.48 -4.65 -0.78
N SER A 13 1.32 -4.23 -1.73
CA SER A 13 2.46 -3.33 -1.49
C SER A 13 1.93 -2.00 -0.91
N GLN A 14 0.87 -1.43 -1.49
CA GLN A 14 0.23 -0.20 -0.99
C GLN A 14 -0.23 -0.34 0.46
N GLU A 15 -0.68 -1.55 0.88
CA GLU A 15 -1.10 -1.83 2.26
C GLU A 15 0.15 -2.05 3.14
N LEU A 16 1.17 -2.75 2.68
CA LEU A 16 2.44 -3.00 3.41
C LEU A 16 3.14 -1.66 3.68
N HIS A 17 3.15 -0.74 2.71
CA HIS A 17 3.73 0.60 2.84
C HIS A 17 3.10 1.33 4.03
N LYS A 18 1.75 1.46 4.08
CA LYS A 18 1.08 2.10 5.22
C LYS A 18 1.24 1.29 6.54
N LEU A 19 1.48 -0.03 6.47
CA LEU A 19 1.72 -0.89 7.63
C LEU A 19 3.13 -0.64 8.23
N GLN A 20 4.08 -0.11 7.42
CA GLN A 20 5.44 0.26 7.83
C GLN A 20 5.45 1.67 8.39
N THR A 21 4.77 2.63 7.74
CA THR A 21 4.69 4.04 8.22
C THR A 21 3.77 4.18 9.45
N TYR A 22 2.97 3.17 9.75
CA TYR A 22 1.98 3.02 10.85
C TYR A 22 2.41 3.68 12.20
N PRO A 23 3.67 3.57 12.71
CA PRO A 23 4.12 4.22 13.95
C PRO A 23 4.19 5.77 13.91
N ARG A 24 3.89 6.41 12.76
CA ARG A 24 3.85 7.87 12.57
C ARG A 24 2.64 8.33 11.74
N THR A 25 2.28 7.58 10.70
CA THR A 25 1.14 7.89 9.81
C THR A 25 0.70 6.70 8.95
N ASN A 26 -0.62 6.52 8.82
CA ASN A 26 -1.26 5.46 8.05
C ASN A 26 -2.44 6.00 7.19
N THR A 27 -2.83 7.27 7.41
CA THR A 27 -3.93 7.98 6.75
C THR A 27 -3.59 9.44 6.50
N GLY A 28 -4.03 9.95 5.34
CA GLY A 28 -3.82 11.34 4.90
C GLY A 28 -2.38 11.75 4.56
N SER A 29 -1.52 11.84 5.58
CA SER A 29 -0.09 12.23 5.45
C SER A 29 0.75 11.10 4.83
N GLY A 30 0.67 10.95 3.49
CA GLY A 30 1.36 9.94 2.69
C GLY A 30 0.40 9.34 1.67
N THR A 31 0.59 9.67 0.37
CA THR A 31 -0.30 9.20 -0.69
C THR A 31 0.35 8.18 -1.66
N PRO A 32 -0.38 7.13 -2.12
CA PRO A 32 0.14 6.09 -3.04
C PRO A 32 0.66 6.61 -4.43
N NH2 A 33 0.54 7.89 -4.77
HN1 NH2 A 33 0.09 8.53 -4.12
HN2 NH2 A 33 0.91 8.19 -5.67
N CYS A 1 -6.17 -1.57 -14.06
CA CYS A 1 -5.50 -2.86 -13.73
C CYS A 1 -5.46 -3.73 -14.98
N SER A 2 -4.27 -4.15 -15.43
CA SER A 2 -4.08 -4.95 -16.66
C SER A 2 -3.73 -6.42 -16.42
N ASN A 3 -3.01 -6.73 -15.33
CA ASN A 3 -2.62 -8.09 -14.92
C ASN A 3 -2.91 -8.26 -13.42
N LEU A 4 -3.94 -9.05 -13.10
CA LEU A 4 -4.39 -9.28 -11.73
C LEU A 4 -3.32 -9.67 -10.70
N SER A 5 -2.38 -10.59 -11.01
CA SER A 5 -1.33 -10.96 -10.05
C SER A 5 -0.48 -9.75 -9.63
N THR A 6 -0.06 -8.91 -10.60
CA THR A 6 0.69 -7.68 -10.30
C THR A 6 -0.18 -6.71 -9.49
N CYS A 7 -1.49 -6.61 -9.81
CA CYS A 7 -2.43 -5.76 -9.09
C CYS A 7 -2.61 -6.21 -7.62
N VAL A 8 -2.70 -7.52 -7.33
CA VAL A 8 -2.80 -8.04 -5.94
C VAL A 8 -1.50 -7.77 -5.21
N LEU A 9 -0.32 -7.99 -5.83
CA LEU A 9 0.97 -7.68 -5.20
C LEU A 9 1.04 -6.16 -4.91
N GLY A 10 0.42 -5.33 -5.77
CA GLY A 10 0.36 -3.88 -5.60
C GLY A 10 -0.48 -3.57 -4.36
N LYS A 11 -1.64 -4.24 -4.17
CA LYS A 11 -2.50 -4.07 -2.99
C LYS A 11 -1.72 -4.48 -1.73
N LEU A 12 -1.02 -5.63 -1.76
CA LEU A 12 -0.20 -6.06 -0.62
C LEU A 12 0.87 -5.02 -0.30
N SER A 13 1.52 -4.41 -1.31
CA SER A 13 2.50 -3.33 -1.11
C SER A 13 1.81 -2.10 -0.49
N GLN A 14 0.61 -1.73 -0.96
CA GLN A 14 -0.20 -0.63 -0.45
C GLN A 14 -0.57 -0.82 1.03
N GLU A 15 -0.78 -2.08 1.47
CA GLU A 15 -1.09 -2.45 2.85
C GLU A 15 0.19 -2.44 3.70
N LEU A 16 1.27 -3.05 3.21
CA LEU A 16 2.57 -3.12 3.87
C LEU A 16 3.22 -1.75 4.07
N HIS A 17 3.25 -0.86 3.06
CA HIS A 17 3.86 0.46 3.19
C HIS A 17 3.22 1.28 4.31
N LYS A 18 1.87 1.39 4.35
CA LYS A 18 1.21 2.11 5.46
C LYS A 18 1.40 1.43 6.81
N LEU A 19 1.78 0.14 6.84
CA LEU A 19 2.08 -0.61 8.07
C LEU A 19 3.51 -0.33 8.51
N GLN A 20 4.47 -0.12 7.58
CA GLN A 20 5.87 0.21 7.86
C GLN A 20 5.96 1.60 8.52
N THR A 21 5.11 2.54 8.11
CA THR A 21 5.04 3.91 8.66
C THR A 21 3.94 4.11 9.73
N TYR A 22 3.19 3.07 10.11
CA TYR A 22 2.07 3.09 11.07
C TYR A 22 2.17 4.05 12.26
N PRO A 23 3.26 4.08 13.07
CA PRO A 23 3.42 5.02 14.20
C PRO A 23 3.54 6.52 13.83
N ARG A 24 3.58 6.87 12.55
CA ARG A 24 3.74 8.22 12.02
C ARG A 24 2.68 8.58 10.97
N THR A 25 2.31 7.65 10.09
CA THR A 25 1.26 7.83 9.07
C THR A 25 0.74 6.50 8.53
N ASN A 26 -0.58 6.40 8.47
CA ASN A 26 -1.35 5.26 7.96
C ASN A 26 -2.53 5.72 7.06
N THR A 27 -2.87 7.01 7.13
CA THR A 27 -3.95 7.70 6.43
C THR A 27 -3.49 9.08 5.95
N GLY A 28 -4.08 9.55 4.85
CA GLY A 28 -3.73 10.82 4.21
C GLY A 28 -2.35 10.84 3.55
N SER A 29 -1.29 11.03 4.34
CA SER A 29 0.11 11.09 3.90
C SER A 29 0.69 9.74 3.48
N GLY A 30 0.80 9.52 2.18
CA GLY A 30 1.29 8.29 1.55
C GLY A 30 0.32 7.82 0.48
N THR A 31 0.51 8.27 -0.76
CA THR A 31 -0.35 7.91 -1.91
C THR A 31 0.39 7.03 -2.94
N PRO A 32 -0.22 5.94 -3.46
CA PRO A 32 0.39 5.07 -4.48
C PRO A 32 0.75 5.75 -5.81
N NH2 A 33 0.10 6.86 -6.18
HN1 NH2 A 33 0.37 7.33 -7.03
HN2 NH2 A 33 -0.54 7.30 -5.55
N CYS A 1 -6.39 -1.76 -14.29
CA CYS A 1 -5.51 -2.91 -13.93
C CYS A 1 -5.30 -3.78 -15.15
N SER A 2 -4.06 -4.21 -15.43
CA SER A 2 -3.69 -5.06 -16.58
C SER A 2 -3.51 -6.54 -16.17
N ASN A 3 -2.57 -6.83 -15.26
CA ASN A 3 -2.28 -8.17 -14.76
C ASN A 3 -2.67 -8.30 -13.29
N LEU A 4 -3.72 -9.09 -13.00
CA LEU A 4 -4.30 -9.29 -11.66
C LEU A 4 -3.27 -9.64 -10.59
N SER A 5 -2.29 -10.53 -10.86
CA SER A 5 -1.28 -10.95 -9.89
C SER A 5 -0.47 -9.74 -9.41
N THR A 6 0.11 -8.97 -10.34
CA THR A 6 0.85 -7.73 -10.04
C THR A 6 -0.07 -6.70 -9.36
N CYS A 7 -1.34 -6.56 -9.78
CA CYS A 7 -2.30 -5.63 -9.16
C CYS A 7 -2.59 -5.98 -7.68
N VAL A 8 -2.81 -7.27 -7.35
CA VAL A 8 -3.05 -7.76 -5.98
C VAL A 8 -1.77 -7.57 -5.16
N LEU A 9 -0.59 -7.95 -5.70
CA LEU A 9 0.69 -7.76 -5.01
C LEU A 9 0.86 -6.26 -4.69
N GLY A 10 0.40 -5.38 -5.58
CA GLY A 10 0.44 -3.94 -5.39
C GLY A 10 -0.38 -3.57 -4.16
N LYS A 11 -1.63 -4.06 -4.06
CA LYS A 11 -2.52 -3.80 -2.89
C LYS A 11 -1.88 -4.30 -1.61
N LEU A 12 -1.29 -5.51 -1.62
CA LEU A 12 -0.59 -6.08 -0.48
C LEU A 12 0.60 -5.16 -0.10
N SER A 13 1.34 -4.65 -1.10
CA SER A 13 2.50 -3.76 -0.85
C SER A 13 2.00 -2.46 -0.26
N GLN A 14 0.84 -1.92 -0.70
CA GLN A 14 0.24 -0.70 -0.17
C GLN A 14 -0.10 -0.90 1.33
N GLU A 15 -0.68 -2.05 1.68
CA GLU A 15 -1.01 -2.43 3.07
C GLU A 15 0.27 -2.56 3.91
N LEU A 16 1.29 -3.24 3.39
CA LEU A 16 2.60 -3.40 4.02
C LEU A 16 3.24 -2.03 4.30
N HIS A 17 3.25 -1.12 3.32
CA HIS A 17 3.77 0.24 3.48
C HIS A 17 3.05 1.01 4.60
N LYS A 18 1.70 1.10 4.63
CA LYS A 18 0.99 1.77 5.75
C LYS A 18 1.20 1.07 7.12
N LEU A 19 1.61 -0.21 7.14
CA LEU A 19 1.91 -0.98 8.35
C LEU A 19 3.36 -0.70 8.81
N GLN A 20 4.28 -0.45 7.87
CA GLN A 20 5.69 -0.12 8.10
C GLN A 20 5.81 1.33 8.56
N THR A 21 5.13 2.28 7.90
CA THR A 21 5.14 3.72 8.23
C THR A 21 4.17 4.10 9.36
N TYR A 22 3.42 3.14 9.91
CA TYR A 22 2.40 3.34 10.95
C TYR A 22 2.77 4.37 12.06
N PRO A 23 3.97 4.34 12.68
CA PRO A 23 4.40 5.34 13.68
C PRO A 23 4.52 6.81 13.20
N ARG A 24 4.37 7.07 11.89
CA ARG A 24 4.47 8.40 11.25
C ARG A 24 3.23 8.73 10.42
N THR A 25 2.65 7.75 9.74
CA THR A 25 1.41 7.87 8.94
C THR A 25 0.89 6.52 8.48
N ASN A 26 -0.44 6.35 8.59
CA ASN A 26 -1.19 5.12 8.24
C ASN A 26 -2.45 5.45 7.40
N THR A 27 -3.00 6.66 7.59
CA THR A 27 -4.18 7.22 6.95
C THR A 27 -3.98 8.71 6.65
N GLY A 28 -4.72 9.24 5.67
CA GLY A 28 -4.63 10.63 5.24
C GLY A 28 -3.41 10.90 4.36
N SER A 29 -2.26 11.09 4.98
CA SER A 29 -0.97 11.35 4.30
C SER A 29 -0.27 10.08 3.75
N GLY A 30 0.28 10.19 2.53
CA GLY A 30 0.99 9.11 1.84
C GLY A 30 0.06 8.38 0.86
N THR A 31 -0.19 8.96 -0.31
CA THR A 31 -1.03 8.34 -1.35
C THR A 31 -0.18 7.62 -2.42
N PRO A 32 -0.37 6.31 -2.65
CA PRO A 32 0.40 5.53 -3.63
C PRO A 32 0.43 6.09 -5.07
N NH2 A 33 -0.57 6.85 -5.51
HN1 NH2 A 33 -0.57 7.21 -6.44
HN2 NH2 A 33 -1.35 7.06 -4.90
N CYS A 1 -6.01 -1.66 -13.80
CA CYS A 1 -5.35 -2.96 -13.53
C CYS A 1 -5.02 -3.63 -14.87
N SER A 2 -3.82 -4.18 -15.03
CA SER A 2 -3.36 -4.88 -16.24
C SER A 2 -3.22 -6.38 -16.00
N ASN A 3 -2.23 -6.82 -15.22
CA ASN A 3 -2.02 -8.24 -14.85
C ASN A 3 -2.58 -8.54 -13.43
N LEU A 4 -3.62 -9.37 -13.36
CA LEU A 4 -4.30 -9.79 -12.12
C LEU A 4 -3.39 -10.08 -10.93
N SER A 5 -2.44 -11.01 -11.06
CA SER A 5 -1.53 -11.37 -9.94
C SER A 5 -0.77 -10.17 -9.41
N THR A 6 -0.18 -9.35 -10.30
CA THR A 6 0.54 -8.13 -9.90
C THR A 6 -0.42 -7.09 -9.30
N CYS A 7 -1.69 -7.03 -9.73
CA CYS A 7 -2.69 -6.12 -9.16
C CYS A 7 -2.97 -6.45 -7.69
N VAL A 8 -3.04 -7.76 -7.33
CA VAL A 8 -3.24 -8.19 -5.93
C VAL A 8 -1.97 -7.86 -5.15
N LEU A 9 -0.78 -8.14 -5.73
CA LEU A 9 0.54 -7.83 -5.13
C LEU A 9 0.61 -6.32 -4.85
N GLY A 10 0.03 -5.49 -5.71
CA GLY A 10 0.00 -4.02 -5.55
C GLY A 10 -0.84 -3.67 -4.30
N LYS A 11 -2.01 -4.31 -4.11
CA LYS A 11 -2.87 -4.09 -2.93
C LYS A 11 -2.10 -4.52 -1.64
N LEU A 12 -1.40 -5.66 -1.67
CA LEU A 12 -0.59 -6.14 -0.56
C LEU A 12 0.51 -5.11 -0.29
N SER A 13 1.12 -4.54 -1.33
CA SER A 13 2.17 -3.50 -1.23
C SER A 13 1.58 -2.27 -0.57
N GLN A 14 0.34 -1.84 -0.92
CA GLN A 14 -0.35 -0.68 -0.33
C GLN A 14 -0.53 -0.90 1.19
N GLU A 15 -0.88 -2.12 1.61
CA GLU A 15 -1.03 -2.49 3.03
C GLU A 15 0.34 -2.46 3.73
N LEU A 16 1.38 -3.06 3.12
CA LEU A 16 2.74 -3.06 3.65
C LEU A 16 3.27 -1.63 3.83
N HIS A 17 3.15 -0.77 2.81
CA HIS A 17 3.56 0.63 2.90
C HIS A 17 2.90 1.36 4.08
N LYS A 18 1.56 1.32 4.21
CA LYS A 18 0.86 1.98 5.32
C LYS A 18 1.18 1.35 6.68
N LEU A 19 1.65 0.10 6.73
CA LEU A 19 2.04 -0.60 7.96
C LEU A 19 3.49 -0.23 8.33
N GLN A 20 4.36 -0.02 7.34
CA GLN A 20 5.77 0.40 7.53
C GLN A 20 5.82 1.84 8.08
N THR A 21 4.98 2.74 7.55
CA THR A 21 4.92 4.16 7.98
C THR A 21 4.09 4.36 9.24
N TYR A 22 3.28 3.37 9.64
CA TYR A 22 2.35 3.37 10.78
C TYR A 22 2.75 4.19 12.02
N PRO A 23 3.96 4.07 12.63
CA PRO A 23 4.38 4.86 13.79
C PRO A 23 4.50 6.38 13.55
N ARG A 24 4.35 6.87 12.32
CA ARG A 24 4.44 8.29 11.92
C ARG A 24 3.31 8.74 10.99
N THR A 25 2.62 7.80 10.33
CA THR A 25 1.47 8.04 9.44
C THR A 25 0.86 6.71 8.92
N ASN A 26 -0.47 6.59 8.98
CA ASN A 26 -1.27 5.42 8.54
C ASN A 26 -2.43 5.84 7.60
N THR A 27 -2.90 7.08 7.73
CA THR A 27 -3.98 7.73 6.95
C THR A 27 -3.61 9.18 6.59
N GLY A 28 -4.07 9.66 5.44
CA GLY A 28 -3.81 11.03 4.98
C GLY A 28 -2.44 11.18 4.31
N SER A 29 -1.37 11.31 5.10
CA SER A 29 0.00 11.47 4.58
C SER A 29 0.57 10.16 4.08
N GLY A 30 0.29 9.78 2.82
CA GLY A 30 0.80 8.58 2.18
C GLY A 30 -0.09 8.04 1.07
N THR A 31 0.22 8.39 -0.18
CA THR A 31 -0.48 7.94 -1.39
C THR A 31 0.54 7.46 -2.45
N PRO A 32 0.35 6.27 -3.06
CA PRO A 32 1.27 5.76 -4.11
C PRO A 32 1.64 6.70 -5.27
N NH2 A 33 0.65 7.37 -5.88
HN1 NH2 A 33 0.91 8.10 -6.53
HN2 NH2 A 33 -0.28 7.36 -5.46
N CYS A 1 -5.45 -0.96 -13.39
CA CYS A 1 -4.94 -2.34 -13.21
C CYS A 1 -4.94 -3.03 -14.57
N SER A 2 -3.92 -3.83 -14.88
CA SER A 2 -3.80 -4.63 -16.12
C SER A 2 -3.67 -6.13 -15.81
N ASN A 3 -2.61 -6.50 -15.05
CA ASN A 3 -2.32 -7.90 -14.72
C ASN A 3 -2.77 -8.18 -13.28
N LEU A 4 -3.90 -8.88 -13.09
CA LEU A 4 -4.52 -9.17 -11.79
C LEU A 4 -3.55 -9.68 -10.71
N SER A 5 -2.69 -10.66 -10.98
CA SER A 5 -1.70 -11.16 -9.99
C SER A 5 -0.81 -10.01 -9.50
N THR A 6 -0.25 -9.20 -10.41
CA THR A 6 0.61 -8.06 -10.07
C THR A 6 -0.21 -7.02 -9.29
N CYS A 7 -1.48 -6.80 -9.65
CA CYS A 7 -2.36 -5.88 -8.94
C CYS A 7 -2.64 -6.33 -7.48
N VAL A 8 -2.87 -7.63 -7.24
CA VAL A 8 -3.10 -8.19 -5.88
C VAL A 8 -1.78 -8.07 -5.09
N LEU A 9 -0.63 -8.46 -5.69
CA LEU A 9 0.68 -8.34 -5.04
C LEU A 9 0.96 -6.84 -4.76
N GLY A 10 0.42 -5.95 -5.60
CA GLY A 10 0.51 -4.50 -5.49
C GLY A 10 -0.28 -4.05 -4.25
N LYS A 11 -1.48 -4.60 -4.01
CA LYS A 11 -2.31 -4.30 -2.83
C LYS A 11 -1.55 -4.77 -1.58
N LEU A 12 -1.02 -6.00 -1.60
CA LEU A 12 -0.23 -6.56 -0.48
C LEU A 12 1.00 -5.66 -0.21
N SER A 13 1.65 -5.16 -1.26
CA SER A 13 2.80 -4.24 -1.17
C SER A 13 2.32 -2.93 -0.54
N GLN A 14 1.18 -2.39 -0.99
CA GLN A 14 0.58 -1.18 -0.46
C GLN A 14 0.25 -1.36 1.03
N GLU A 15 -0.27 -2.52 1.44
CA GLU A 15 -0.60 -2.84 2.84
C GLU A 15 0.70 -2.84 3.65
N LEU A 16 1.76 -3.50 3.18
CA LEU A 16 3.05 -3.49 3.87
C LEU A 16 3.63 -2.07 3.93
N HIS A 17 3.49 -1.27 2.87
CA HIS A 17 3.96 0.13 2.85
C HIS A 17 3.19 0.96 3.90
N LYS A 18 1.84 0.89 3.95
CA LYS A 18 1.08 1.62 4.98
C LYS A 18 1.47 1.10 6.39
N LEU A 19 1.86 -0.17 6.50
CA LEU A 19 2.23 -0.79 7.80
C LEU A 19 3.62 -0.21 8.20
N GLN A 20 4.50 0.06 7.22
CA GLN A 20 5.83 0.65 7.42
C GLN A 20 5.69 2.13 7.81
N THR A 21 4.75 2.89 7.20
CA THR A 21 4.49 4.29 7.54
C THR A 21 3.62 4.46 8.79
N TYR A 22 2.83 3.46 9.21
CA TYR A 22 1.89 3.49 10.33
C TYR A 22 2.41 4.22 11.59
N PRO A 23 3.64 3.97 12.12
CA PRO A 23 4.19 4.69 13.28
C PRO A 23 4.47 6.20 13.07
N ARG A 24 4.12 6.76 11.91
CA ARG A 24 4.28 8.17 11.51
C ARG A 24 3.05 8.75 10.80
N THR A 25 2.33 7.94 10.03
CA THR A 25 1.09 8.26 9.31
C THR A 25 0.38 7.00 8.80
N ASN A 26 -0.90 6.85 9.14
CA ASN A 26 -1.77 5.72 8.75
C ASN A 26 -2.88 6.13 7.75
N THR A 27 -3.38 7.37 7.84
CA THR A 27 -4.46 7.92 7.01
C THR A 27 -4.26 9.41 6.74
N GLY A 28 -4.75 9.89 5.59
CA GLY A 28 -4.66 11.28 5.16
C GLY A 28 -3.35 11.55 4.41
N SER A 29 -2.42 12.26 5.03
CA SER A 29 -1.14 12.63 4.44
C SER A 29 -0.18 11.44 4.25
N GLY A 30 -0.22 10.85 3.05
CA GLY A 30 0.59 9.71 2.63
C GLY A 30 -0.18 8.89 1.59
N THR A 31 -0.06 9.23 0.31
CA THR A 31 -0.73 8.51 -0.78
C THR A 31 0.20 7.62 -1.62
N PRO A 32 -0.23 6.42 -2.07
CA PRO A 32 0.57 5.51 -2.91
C PRO A 32 1.10 6.06 -4.27
N NH2 A 33 0.68 7.25 -4.70
HN1 NH2 A 33 1.09 7.58 -5.56
HN2 NH2 A 33 0.06 7.80 -4.14
N CYS A 1 -4.05 -0.15 -13.63
CA CYS A 1 -3.89 -1.61 -13.37
C CYS A 1 -4.01 -2.35 -14.70
N SER A 2 -3.25 -3.43 -14.87
CA SER A 2 -3.19 -4.25 -16.10
C SER A 2 -3.38 -5.75 -15.82
N ASN A 3 -2.45 -6.40 -15.11
CA ASN A 3 -2.50 -7.84 -14.80
C ASN A 3 -3.02 -8.11 -13.38
N LEU A 4 -4.07 -8.93 -13.27
CA LEU A 4 -4.76 -9.28 -12.02
C LEU A 4 -3.83 -9.71 -10.87
N SER A 5 -3.06 -10.79 -11.02
CA SER A 5 -2.13 -11.27 -9.98
C SER A 5 -1.16 -10.18 -9.53
N THR A 6 -0.58 -9.44 -10.47
CA THR A 6 0.34 -8.31 -10.19
C THR A 6 -0.38 -7.22 -9.41
N CYS A 7 -1.63 -6.88 -9.77
CA CYS A 7 -2.42 -5.90 -9.06
C CYS A 7 -2.80 -6.35 -7.61
N VAL A 8 -2.89 -7.66 -7.34
CA VAL A 8 -3.15 -8.18 -5.98
C VAL A 8 -1.86 -8.06 -5.20
N LEU A 9 -0.71 -8.39 -5.82
CA LEU A 9 0.61 -8.27 -5.18
C LEU A 9 0.81 -6.77 -4.84
N GLY A 10 0.29 -5.88 -5.69
CA GLY A 10 0.31 -4.45 -5.46
C GLY A 10 -0.43 -4.10 -4.18
N LYS A 11 -1.61 -4.72 -3.91
CA LYS A 11 -2.39 -4.52 -2.67
C LYS A 11 -1.57 -4.97 -1.46
N LEU A 12 -0.92 -6.13 -1.56
CA LEU A 12 -0.05 -6.66 -0.50
C LEU A 12 1.09 -5.67 -0.22
N SER A 13 1.78 -5.17 -1.26
CA SER A 13 2.83 -4.15 -1.12
C SER A 13 2.24 -2.86 -0.53
N GLN A 14 1.03 -2.44 -0.93
CA GLN A 14 0.36 -1.25 -0.40
C GLN A 14 0.13 -1.42 1.11
N GLU A 15 -0.35 -2.59 1.57
CA GLU A 15 -0.55 -2.90 2.99
C GLU A 15 0.79 -2.84 3.73
N LEU A 16 1.86 -3.45 3.20
CA LEU A 16 3.20 -3.41 3.79
C LEU A 16 3.71 -1.96 3.91
N HIS A 17 3.63 -1.18 2.84
CA HIS A 17 4.05 0.24 2.83
C HIS A 17 3.23 1.10 3.81
N LYS A 18 1.90 0.96 3.89
CA LYS A 18 1.12 1.74 4.86
C LYS A 18 1.47 1.27 6.29
N LEU A 19 1.78 -0.01 6.50
CA LEU A 19 2.20 -0.57 7.80
C LEU A 19 3.58 0.01 8.20
N GLN A 20 4.52 0.14 7.26
CA GLN A 20 5.86 0.72 7.48
C GLN A 20 5.77 2.21 7.86
N THR A 21 4.70 2.90 7.43
CA THR A 21 4.44 4.33 7.66
C THR A 21 3.60 4.60 8.93
N TYR A 22 2.80 3.61 9.34
CA TYR A 22 1.86 3.63 10.48
C TYR A 22 2.41 4.28 11.76
N PRO A 23 3.64 3.99 12.26
CA PRO A 23 4.19 4.59 13.48
C PRO A 23 4.51 6.10 13.40
N ARG A 24 4.28 6.78 12.26
CA ARG A 24 4.55 8.23 12.07
C ARG A 24 3.43 9.02 11.41
N THR A 25 2.58 8.39 10.58
CA THR A 25 1.43 8.98 9.90
C THR A 25 0.58 7.90 9.25
N ASN A 26 -0.58 7.57 9.82
CA ASN A 26 -1.47 6.48 9.36
C ASN A 26 -2.70 6.94 8.52
N THR A 27 -3.16 8.19 8.66
CA THR A 27 -4.36 8.70 7.95
C THR A 27 -4.15 10.04 7.25
N GLY A 28 -4.94 10.31 6.21
CA GLY A 28 -4.94 11.55 5.44
C GLY A 28 -3.80 11.61 4.41
N SER A 29 -2.64 12.12 4.81
CA SER A 29 -1.45 12.30 3.96
C SER A 29 -0.66 11.02 3.66
N GLY A 30 -0.73 10.55 2.42
CA GLY A 30 -0.02 9.37 1.90
C GLY A 30 -0.83 8.57 0.88
N THR A 31 -0.35 8.47 -0.36
CA THR A 31 -1.03 7.72 -1.44
C THR A 31 -0.02 6.94 -2.30
N PRO A 32 -0.37 5.71 -2.76
CA PRO A 32 0.52 4.90 -3.61
C PRO A 32 0.63 5.38 -5.07
N NH2 A 33 -0.10 6.40 -5.50
HN1 NH2 A 33 0.01 6.72 -6.46
HN2 NH2 A 33 -0.70 6.90 -4.87
N CYS A 1 -6.47 -1.79 -13.93
CA CYS A 1 -5.71 -3.02 -13.62
C CYS A 1 -5.55 -3.84 -14.89
N SER A 2 -4.36 -4.40 -15.13
CA SER A 2 -4.05 -5.26 -16.29
C SER A 2 -4.02 -6.76 -15.99
N ASN A 3 -3.15 -7.20 -15.06
CA ASN A 3 -2.96 -8.59 -14.65
C ASN A 3 -3.32 -8.78 -13.16
N LEU A 4 -4.37 -9.57 -12.87
CA LEU A 4 -4.90 -9.84 -11.53
C LEU A 4 -3.84 -10.17 -10.48
N SER A 5 -2.96 -11.15 -10.70
CA SER A 5 -1.90 -11.52 -9.75
C SER A 5 -0.99 -10.33 -9.43
N THR A 6 -0.53 -9.60 -10.46
CA THR A 6 0.30 -8.39 -10.27
C THR A 6 -0.49 -7.32 -9.51
N CYS A 7 -1.78 -7.14 -9.79
CA CYS A 7 -2.64 -6.19 -9.08
C CYS A 7 -2.80 -6.55 -7.58
N VAL A 8 -2.90 -7.84 -7.23
CA VAL A 8 -2.99 -8.30 -5.81
C VAL A 8 -1.63 -8.02 -5.14
N LEU A 9 -0.50 -8.39 -5.76
CA LEU A 9 0.83 -8.10 -5.17
C LEU A 9 0.99 -6.55 -5.05
N GLY A 10 0.38 -5.79 -5.96
CA GLY A 10 0.38 -4.32 -5.94
C GLY A 10 -0.33 -3.86 -4.65
N LYS A 11 -1.48 -4.47 -4.30
CA LYS A 11 -2.23 -4.16 -3.05
C LYS A 11 -1.32 -4.44 -1.86
N LEU A 12 -0.65 -5.61 -1.85
CA LEU A 12 0.29 -5.98 -0.78
C LEU A 12 1.40 -4.91 -0.65
N SER A 13 1.99 -4.41 -1.74
CA SER A 13 2.99 -3.32 -1.68
C SER A 13 2.36 -2.02 -1.12
N GLN A 14 1.12 -1.65 -1.53
CA GLN A 14 0.42 -0.46 -1.03
C GLN A 14 0.17 -0.61 0.49
N GLU A 15 -0.24 -1.81 0.93
CA GLU A 15 -0.47 -2.19 2.32
C GLU A 15 0.85 -2.15 3.10
N LEU A 16 1.97 -2.67 2.56
CA LEU A 16 3.31 -2.64 3.19
C LEU A 16 3.80 -1.19 3.38
N HIS A 17 3.69 -0.34 2.36
CA HIS A 17 4.08 1.07 2.46
C HIS A 17 3.23 1.82 3.52
N LYS A 18 1.89 1.58 3.59
CA LYS A 18 1.07 2.23 4.62
C LYS A 18 1.38 1.63 6.01
N LEU A 19 1.81 0.36 6.09
CA LEU A 19 2.22 -0.35 7.32
C LEU A 19 3.53 0.26 7.85
N GLN A 20 4.48 0.58 6.96
CA GLN A 20 5.78 1.19 7.30
C GLN A 20 5.59 2.61 7.91
N THR A 21 4.58 3.37 7.48
CA THR A 21 4.26 4.73 7.97
C THR A 21 3.26 4.75 9.15
N TYR A 22 2.51 3.67 9.37
CA TYR A 22 1.55 3.49 10.49
C TYR A 22 2.06 3.95 11.89
N PRO A 23 3.31 3.63 12.33
CA PRO A 23 3.88 4.09 13.61
C PRO A 23 4.11 5.64 13.74
N ARG A 24 3.80 6.43 12.71
CA ARG A 24 3.86 7.91 12.67
C ARG A 24 2.58 8.57 12.16
N THR A 25 1.89 7.96 11.19
CA THR A 25 0.65 8.46 10.59
C THR A 25 -0.13 7.33 9.90
N ASN A 26 -1.40 7.15 10.26
CA ASN A 26 -2.26 6.11 9.68
C ASN A 26 -3.26 6.60 8.62
N THR A 27 -3.65 7.88 8.66
CA THR A 27 -4.63 8.52 7.76
C THR A 27 -4.27 9.99 7.52
N GLY A 28 -4.59 10.50 6.33
CA GLY A 28 -4.25 11.86 5.90
C GLY A 28 -3.30 11.86 4.71
N SER A 29 -2.36 12.80 4.67
CA SER A 29 -1.37 12.99 3.60
C SER A 29 -0.45 11.80 3.36
N GLY A 30 -0.83 10.87 2.47
CA GLY A 30 -0.06 9.69 2.11
C GLY A 30 -0.69 8.82 1.02
N THR A 31 -0.07 8.84 -0.17
CA THR A 31 -0.51 8.07 -1.35
C THR A 31 0.67 7.17 -1.83
N PRO A 32 0.53 5.82 -1.90
CA PRO A 32 1.59 4.88 -2.28
C PRO A 32 2.19 5.01 -3.69
N NH2 A 33 1.99 6.09 -4.43
HN1 NH2 A 33 2.47 6.15 -5.32
HN2 NH2 A 33 1.62 6.92 -3.98
N CYS A 1 -5.92 -1.28 -13.18
CA CYS A 1 -5.26 -2.61 -13.05
C CYS A 1 -5.41 -3.35 -14.37
N SER A 2 -4.38 -4.09 -14.79
CA SER A 2 -4.37 -4.86 -16.07
C SER A 2 -4.25 -6.39 -15.98
N ASN A 3 -3.49 -6.91 -15.01
CA ASN A 3 -3.34 -8.32 -14.70
C ASN A 3 -3.53 -8.59 -13.20
N LEU A 4 -4.71 -9.11 -12.83
CA LEU A 4 -5.13 -9.39 -11.45
C LEU A 4 -4.06 -9.99 -10.50
N SER A 5 -3.33 -11.05 -10.89
CA SER A 5 -2.30 -11.65 -10.01
C SER A 5 -1.21 -10.62 -9.69
N THR A 6 -0.65 -9.93 -10.68
CA THR A 6 0.36 -8.89 -10.42
C THR A 6 -0.27 -7.70 -9.65
N CYS A 7 -1.56 -7.40 -9.86
CA CYS A 7 -2.27 -6.33 -9.12
C CYS A 7 -2.37 -6.71 -7.64
N VAL A 8 -2.52 -8.00 -7.31
CA VAL A 8 -2.62 -8.46 -5.89
C VAL A 8 -1.19 -8.29 -5.29
N LEU A 9 -0.13 -8.58 -6.04
CA LEU A 9 1.25 -8.40 -5.50
C LEU A 9 1.42 -6.88 -5.26
N GLY A 10 0.82 -6.04 -6.14
CA GLY A 10 0.79 -4.57 -6.01
C GLY A 10 0.05 -4.15 -4.75
N LYS A 11 -1.03 -4.86 -4.39
CA LYS A 11 -1.84 -4.58 -3.17
C LYS A 11 -0.92 -4.85 -1.95
N LEU A 12 -0.13 -5.94 -1.96
CA LEU A 12 0.79 -6.24 -0.84
C LEU A 12 1.78 -5.05 -0.73
N SER A 13 2.32 -4.53 -1.84
CA SER A 13 3.22 -3.36 -1.80
C SER A 13 2.45 -2.14 -1.21
N GLN A 14 1.22 -1.89 -1.66
CA GLN A 14 0.34 -0.80 -1.18
C GLN A 14 -0.01 -0.91 0.32
N GLU A 15 -0.17 -2.14 0.84
CA GLU A 15 -0.47 -2.44 2.24
C GLU A 15 0.81 -2.30 3.08
N LEU A 16 1.91 -2.94 2.70
CA LEU A 16 3.20 -2.91 3.41
C LEU A 16 3.77 -1.49 3.46
N HIS A 17 3.75 -0.75 2.35
CA HIS A 17 4.25 0.65 2.34
C HIS A 17 3.39 1.50 3.27
N LYS A 18 2.03 1.40 3.32
CA LYS A 18 1.25 2.21 4.29
C LYS A 18 1.52 1.75 5.73
N LEU A 19 1.81 0.45 5.94
CA LEU A 19 2.19 -0.11 7.24
C LEU A 19 3.54 0.43 7.73
N GLN A 20 4.49 0.76 6.83
CA GLN A 20 5.79 1.36 7.20
C GLN A 20 5.61 2.79 7.73
N THR A 21 4.57 3.54 7.31
CA THR A 21 4.27 4.92 7.76
C THR A 21 3.30 4.97 8.96
N TYR A 22 2.44 3.96 9.10
CA TYR A 22 1.43 3.74 10.15
C TYR A 22 1.79 4.18 11.59
N PRO A 23 2.92 3.76 12.20
CA PRO A 23 3.36 4.19 13.55
C PRO A 23 3.77 5.68 13.68
N ARG A 24 3.73 6.50 12.59
CA ARG A 24 4.03 7.94 12.57
C ARG A 24 2.84 8.70 12.05
N THR A 25 2.08 8.16 11.11
CA THR A 25 0.89 8.78 10.48
C THR A 25 0.10 7.73 9.72
N ASN A 26 -1.20 7.60 10.01
CA ASN A 26 -2.13 6.62 9.43
C ASN A 26 -3.26 7.15 8.49
N THR A 27 -3.70 8.42 8.65
CA THR A 27 -4.72 9.06 7.78
C THR A 27 -4.38 10.54 7.45
N GLY A 28 -5.31 11.20 6.77
CA GLY A 28 -5.18 12.59 6.35
C GLY A 28 -4.67 12.82 4.97
N SER A 29 -3.34 12.89 4.80
CA SER A 29 -2.65 13.15 3.52
C SER A 29 -1.37 12.31 3.39
N GLY A 30 -1.35 11.44 2.38
CA GLY A 30 -0.24 10.57 2.00
C GLY A 30 -0.69 9.42 1.10
N THR A 31 0.08 9.07 0.07
CA THR A 31 -0.22 7.97 -0.88
C THR A 31 1.08 7.47 -1.56
N PRO A 32 1.25 6.16 -1.87
CA PRO A 32 2.45 5.61 -2.55
C PRO A 32 2.90 6.16 -3.94
N NH2 A 33 2.26 7.18 -4.45
HN1 NH2 A 33 2.53 7.42 -5.40
HN2 NH2 A 33 1.42 7.51 -4.00
N CYS A 1 -6.37 -1.70 -13.98
CA CYS A 1 -5.76 -3.00 -13.60
C CYS A 1 -6.03 -4.00 -14.73
N SER A 2 -4.98 -4.56 -15.32
CA SER A 2 -5.06 -5.57 -16.41
C SER A 2 -5.08 -7.03 -15.95
N ASN A 3 -4.19 -7.42 -15.02
CA ASN A 3 -4.11 -8.77 -14.45
C ASN A 3 -4.21 -8.75 -12.92
N LEU A 4 -5.31 -9.30 -12.36
CA LEU A 4 -5.56 -9.29 -10.92
C LEU A 4 -4.42 -9.86 -10.06
N SER A 5 -3.78 -10.98 -10.44
CA SER A 5 -2.67 -11.54 -9.65
C SER A 5 -1.51 -10.54 -9.56
N THR A 6 -1.16 -9.85 -10.67
CA THR A 6 -0.08 -8.82 -10.65
C THR A 6 -0.55 -7.64 -9.80
N CYS A 7 -1.80 -7.20 -9.92
CA CYS A 7 -2.38 -6.11 -9.14
C CYS A 7 -2.34 -6.44 -7.63
N VAL A 8 -2.57 -7.72 -7.24
CA VAL A 8 -2.52 -8.16 -5.83
C VAL A 8 -1.05 -8.15 -5.35
N LEU A 9 -0.08 -8.58 -6.15
CA LEU A 9 1.33 -8.50 -5.74
C LEU A 9 1.73 -7.02 -5.52
N GLY A 10 1.15 -6.13 -6.34
CA GLY A 10 1.38 -4.67 -6.28
C GLY A 10 0.75 -4.15 -4.97
N LYS A 11 -0.47 -4.61 -4.64
CA LYS A 11 -1.18 -4.24 -3.41
C LYS A 11 -0.41 -4.76 -2.20
N LEU A 12 0.12 -5.98 -2.23
CA LEU A 12 0.88 -6.58 -1.09
C LEU A 12 2.10 -5.69 -0.87
N SER A 13 2.79 -5.25 -1.94
CA SER A 13 3.96 -4.36 -1.85
C SER A 13 3.51 -3.02 -1.22
N GLN A 14 2.43 -2.42 -1.72
CA GLN A 14 1.82 -1.18 -1.23
C GLN A 14 1.40 -1.26 0.25
N GLU A 15 0.80 -2.38 0.67
CA GLU A 15 0.36 -2.71 2.03
C GLU A 15 1.58 -2.77 2.97
N LEU A 16 2.61 -3.55 2.62
CA LEU A 16 3.84 -3.66 3.44
C LEU A 16 4.54 -2.28 3.55
N HIS A 17 4.45 -1.44 2.50
CA HIS A 17 5.03 -0.08 2.51
C HIS A 17 4.24 0.84 3.45
N LYS A 18 2.88 0.91 3.36
CA LYS A 18 2.06 1.73 4.26
C LYS A 18 2.15 1.27 5.70
N LEU A 19 2.47 -0.02 5.94
CA LEU A 19 2.62 -0.59 7.29
C LEU A 19 3.78 0.10 8.03
N GLN A 20 4.77 0.66 7.32
CA GLN A 20 5.88 1.39 7.89
C GLN A 20 5.49 2.83 8.33
N THR A 21 4.45 3.42 7.73
CA THR A 21 3.97 4.80 8.04
C THR A 21 2.85 4.80 9.08
N TYR A 22 2.03 3.74 9.14
CA TYR A 22 0.92 3.57 10.12
C TYR A 22 1.35 3.92 11.58
N PRO A 23 2.51 3.41 12.09
CA PRO A 23 3.00 3.69 13.45
C PRO A 23 3.39 5.18 13.73
N ARG A 24 3.25 6.07 12.74
CA ARG A 24 3.54 7.52 12.82
C ARG A 24 2.43 8.42 12.25
N THR A 25 1.62 7.91 11.33
CA THR A 25 0.52 8.64 10.67
C THR A 25 -0.52 7.65 10.12
N ASN A 26 -1.74 7.64 10.69
CA ASN A 26 -2.80 6.70 10.28
C ASN A 26 -3.82 7.28 9.27
N THR A 27 -3.99 8.61 9.23
CA THR A 27 -4.94 9.33 8.38
C THR A 27 -4.43 10.74 8.00
N GLY A 28 -5.18 11.44 7.13
CA GLY A 28 -4.88 12.83 6.72
C GLY A 28 -4.20 13.01 5.34
N SER A 29 -2.88 12.91 5.31
CA SER A 29 -2.07 13.01 4.08
C SER A 29 -1.38 11.69 3.66
N GLY A 30 -1.09 11.56 2.36
CA GLY A 30 -0.37 10.43 1.77
C GLY A 30 -1.18 9.67 0.71
N THR A 31 -0.56 9.45 -0.45
CA THR A 31 -1.11 8.71 -1.60
C THR A 31 0.06 8.30 -2.53
N PRO A 32 0.25 7.00 -2.89
CA PRO A 32 1.37 6.53 -3.72
C PRO A 32 1.56 7.19 -5.10
N NH2 A 33 0.56 7.88 -5.67
HN1 NH2 A 33 0.71 8.28 -6.58
HN2 NH2 A 33 -0.31 8.03 -5.16
N CYS A 1 -6.42 -1.76 -13.29
CA CYS A 1 -5.80 -3.08 -13.13
C CYS A 1 -5.79 -3.82 -14.45
N SER A 2 -4.67 -4.48 -14.81
CA SER A 2 -4.48 -5.18 -16.11
C SER A 2 -4.45 -6.73 -15.97
N ASN A 3 -4.00 -7.27 -14.83
CA ASN A 3 -3.90 -8.70 -14.53
C ASN A 3 -4.12 -8.87 -13.02
N LEU A 4 -5.25 -9.47 -12.62
CA LEU A 4 -5.67 -9.70 -11.22
C LEU A 4 -4.55 -10.09 -10.24
N SER A 5 -3.91 -11.24 -10.41
CA SER A 5 -2.84 -11.71 -9.49
C SER A 5 -1.73 -10.66 -9.30
N THR A 6 -1.22 -10.07 -10.39
CA THR A 6 -0.20 -9.01 -10.34
C THR A 6 -0.73 -7.77 -9.60
N CYS A 7 -2.01 -7.41 -9.77
CA CYS A 7 -2.61 -6.28 -9.05
C CYS A 7 -2.63 -6.56 -7.54
N VAL A 8 -2.92 -7.81 -7.10
CA VAL A 8 -2.90 -8.17 -5.67
C VAL A 8 -1.46 -8.07 -5.15
N LEU A 9 -0.47 -8.61 -5.87
CA LEU A 9 0.96 -8.53 -5.48
C LEU A 9 1.39 -7.05 -5.33
N GLY A 10 1.06 -6.22 -6.31
CA GLY A 10 1.33 -4.77 -6.28
C GLY A 10 0.70 -4.11 -5.05
N LYS A 11 -0.59 -4.38 -4.77
CA LYS A 11 -1.28 -3.85 -3.59
C LYS A 11 -0.68 -4.36 -2.29
N LEU A 12 -0.27 -5.64 -2.20
CA LEU A 12 0.36 -6.22 -1.00
C LEU A 12 1.70 -5.51 -0.75
N SER A 13 2.54 -5.33 -1.76
CA SER A 13 3.83 -4.60 -1.60
C SER A 13 3.56 -3.11 -1.23
N GLN A 14 2.60 -2.45 -1.89
CA GLN A 14 2.19 -1.06 -1.62
C GLN A 14 1.70 -0.95 -0.14
N GLU A 15 0.95 -1.95 0.33
CA GLU A 15 0.44 -2.01 1.71
C GLU A 15 1.57 -2.24 2.70
N LEU A 16 2.49 -3.18 2.43
CA LEU A 16 3.66 -3.47 3.26
C LEU A 16 4.56 -2.23 3.36
N HIS A 17 4.65 -1.41 2.30
CA HIS A 17 5.44 -0.18 2.30
C HIS A 17 4.76 0.85 3.24
N LYS A 18 3.47 1.15 3.06
CA LYS A 18 2.76 2.08 3.98
C LYS A 18 2.68 1.53 5.42
N LEU A 19 2.80 0.20 5.61
CA LEU A 19 2.78 -0.42 6.94
C LEU A 19 4.00 0.05 7.77
N GLN A 20 5.09 0.47 7.11
CA GLN A 20 6.29 0.99 7.78
C GLN A 20 6.00 2.37 8.40
N THR A 21 5.16 3.19 7.75
CA THR A 21 4.74 4.52 8.23
C THR A 21 3.42 4.48 9.02
N TYR A 22 2.66 3.38 8.98
CA TYR A 22 1.40 3.18 9.73
C TYR A 22 1.55 3.55 11.22
N PRO A 23 2.59 3.08 11.96
CA PRO A 23 2.81 3.44 13.38
C PRO A 23 3.04 4.95 13.64
N ARG A 24 3.13 5.77 12.59
CA ARG A 24 3.30 7.23 12.64
C ARG A 24 2.09 7.99 12.05
N THR A 25 1.24 7.36 11.23
CA THR A 25 0.09 8.01 10.59
C THR A 25 -0.97 7.01 10.08
N ASN A 26 -1.89 6.57 10.95
CA ASN A 26 -2.96 5.65 10.56
C ASN A 26 -4.02 6.30 9.64
N THR A 27 -4.16 7.63 9.69
CA THR A 27 -5.11 8.45 8.93
C THR A 27 -4.53 9.84 8.64
N GLY A 28 -5.02 10.50 7.58
CA GLY A 28 -4.59 11.82 7.13
C GLY A 28 -4.07 11.80 5.69
N SER A 29 -2.76 12.01 5.49
CA SER A 29 -2.13 12.07 4.17
C SER A 29 -1.38 10.79 3.80
N GLY A 30 -1.28 10.50 2.51
CA GLY A 30 -0.59 9.32 1.97
C GLY A 30 -1.11 8.92 0.59
N THR A 31 -0.55 9.52 -0.47
CA THR A 31 -0.91 9.22 -1.87
C THR A 31 0.18 8.36 -2.54
N PRO A 32 -0.11 7.09 -2.93
CA PRO A 32 0.87 6.20 -3.56
C PRO A 32 1.54 6.70 -4.87
N NH2 A 33 1.05 7.78 -5.49
HN1 NH2 A 33 0.31 8.32 -5.07
HN2 NH2 A 33 1.49 8.08 -6.35
N CYS A 1 -5.67 -2.50 -14.31
CA CYS A 1 -5.15 -3.84 -14.00
C CYS A 1 -5.34 -4.72 -15.22
N SER A 2 -4.40 -5.63 -15.51
CA SER A 2 -4.45 -6.62 -16.59
C SER A 2 -4.45 -8.09 -16.14
N ASN A 3 -3.68 -8.43 -15.09
CA ASN A 3 -3.61 -9.76 -14.51
C ASN A 3 -3.77 -9.67 -12.98
N LEU A 4 -4.99 -9.99 -12.48
CA LEU A 4 -5.35 -9.89 -11.05
C LEU A 4 -4.33 -10.47 -10.06
N SER A 5 -3.74 -11.66 -10.28
CA SER A 5 -2.77 -12.21 -9.31
C SER A 5 -1.61 -11.24 -9.11
N THR A 6 -1.00 -10.74 -10.20
CA THR A 6 0.09 -9.76 -10.16
C THR A 6 -0.40 -8.43 -9.58
N CYS A 7 -1.60 -7.96 -9.94
CA CYS A 7 -2.18 -6.71 -9.41
C CYS A 7 -2.37 -6.79 -7.88
N VAL A 8 -2.86 -7.93 -7.35
CA VAL A 8 -3.04 -8.16 -5.91
C VAL A 8 -1.66 -8.20 -5.23
N LEU A 9 -0.65 -8.90 -5.76
CA LEU A 9 0.69 -8.91 -5.18
C LEU A 9 1.28 -7.48 -5.15
N GLY A 10 0.98 -6.67 -6.19
CA GLY A 10 1.41 -5.27 -6.28
C GLY A 10 0.73 -4.44 -5.21
N LYS A 11 -0.59 -4.58 -5.03
CA LYS A 11 -1.39 -3.89 -4.00
C LYS A 11 -0.92 -4.32 -2.60
N LEU A 12 -0.61 -5.60 -2.38
CA LEU A 12 -0.10 -6.12 -1.11
C LEU A 12 1.29 -5.49 -0.84
N SER A 13 2.14 -5.35 -1.88
CA SER A 13 3.46 -4.73 -1.77
C SER A 13 3.27 -3.25 -1.39
N GLN A 14 2.30 -2.57 -2.01
CA GLN A 14 1.94 -1.16 -1.74
C GLN A 14 1.47 -1.04 -0.27
N GLU A 15 0.74 -2.05 0.23
CA GLU A 15 0.22 -2.11 1.62
C GLU A 15 1.43 -2.31 2.56
N LEU A 16 2.38 -3.22 2.25
CA LEU A 16 3.57 -3.47 3.06
C LEU A 16 4.45 -2.18 3.08
N HIS A 17 4.49 -1.42 2.00
CA HIS A 17 5.23 -0.16 1.95
C HIS A 17 4.59 0.83 2.93
N LYS A 18 3.28 1.10 2.86
CA LYS A 18 2.63 2.02 3.82
C LYS A 18 2.69 1.50 5.25
N LEU A 19 2.78 0.18 5.45
CA LEU A 19 2.90 -0.48 6.77
C LEU A 19 4.19 -0.03 7.49
N GLN A 20 5.21 0.45 6.76
CA GLN A 20 6.47 0.96 7.33
C GLN A 20 6.29 2.34 7.98
N THR A 21 5.44 3.20 7.40
CA THR A 21 5.13 4.56 7.91
C THR A 21 3.87 4.63 8.79
N TYR A 22 3.01 3.62 8.69
CA TYR A 22 1.76 3.44 9.48
C TYR A 22 1.98 3.72 11.00
N PRO A 23 3.05 3.23 11.67
CA PRO A 23 3.30 3.50 13.09
C PRO A 23 3.53 5.00 13.46
N ARG A 24 3.57 5.92 12.49
CA ARG A 24 3.73 7.36 12.72
C ARG A 24 2.46 8.17 12.39
N THR A 25 1.60 7.66 11.50
CA THR A 25 0.32 8.26 11.12
C THR A 25 -0.53 7.25 10.35
N ASN A 26 -1.66 6.81 10.91
CA ASN A 26 -2.56 5.84 10.28
C ASN A 26 -3.65 6.48 9.38
N THR A 27 -4.11 7.70 9.71
CA THR A 27 -5.19 8.43 9.00
C THR A 27 -4.98 9.95 9.12
N GLY A 28 -5.31 10.69 8.05
CA GLY A 28 -5.23 12.16 8.01
C GLY A 28 -4.48 12.71 6.80
N SER A 29 -3.16 12.47 6.74
CA SER A 29 -2.27 12.92 5.64
C SER A 29 -1.38 11.77 5.16
N GLY A 30 -1.37 11.54 3.84
CA GLY A 30 -0.63 10.46 3.17
C GLY A 30 -1.28 10.09 1.84
N THR A 31 -0.59 10.32 0.72
CA THR A 31 -1.08 10.00 -0.63
C THR A 31 0.05 9.46 -1.52
N PRO A 32 0.07 8.16 -1.88
CA PRO A 32 1.06 7.55 -2.79
C PRO A 32 1.20 8.15 -4.21
N NH2 A 33 0.44 9.17 -4.60
HN1 NH2 A 33 -0.20 9.59 -3.94
HN2 NH2 A 33 0.55 9.53 -5.54
N CYS A 1 -7.10 -2.65 -13.98
CA CYS A 1 -6.06 -3.66 -13.66
C CYS A 1 -5.70 -4.43 -14.95
N SER A 2 -4.42 -4.76 -15.18
CA SER A 2 -3.95 -5.57 -16.32
C SER A 2 -4.07 -7.07 -16.03
N ASN A 3 -3.20 -7.61 -15.18
CA ASN A 3 -3.18 -9.04 -14.76
C ASN A 3 -3.52 -9.13 -13.27
N LEU A 4 -4.60 -9.85 -12.93
CA LEU A 4 -5.11 -10.04 -11.55
C LEU A 4 -4.06 -10.51 -10.56
N SER A 5 -3.25 -11.55 -10.85
CA SER A 5 -2.25 -12.06 -9.89
C SER A 5 -1.20 -10.97 -9.60
N THR A 6 -0.79 -10.19 -10.61
CA THR A 6 0.17 -9.08 -10.44
C THR A 6 -0.49 -7.96 -9.64
N CYS A 7 -1.76 -7.65 -9.92
CA CYS A 7 -2.53 -6.61 -9.19
C CYS A 7 -2.70 -6.99 -7.70
N VAL A 8 -2.89 -8.28 -7.37
CA VAL A 8 -3.00 -8.80 -5.99
C VAL A 8 -1.66 -8.57 -5.27
N LEU A 9 -0.54 -9.05 -5.82
CA LEU A 9 0.80 -8.85 -5.21
C LEU A 9 1.15 -7.35 -5.15
N GLY A 10 0.64 -6.53 -6.11
CA GLY A 10 0.85 -5.09 -6.14
C GLY A 10 0.14 -4.45 -4.93
N LYS A 11 -1.17 -4.66 -4.72
CA LYS A 11 -1.91 -4.06 -3.60
C LYS A 11 -1.36 -4.58 -2.28
N LEU A 12 -1.00 -5.87 -2.16
CA LEU A 12 -0.42 -6.42 -0.92
C LEU A 12 0.94 -5.75 -0.64
N SER A 13 1.72 -5.45 -1.68
CA SER A 13 3.03 -4.74 -1.56
C SER A 13 2.76 -3.31 -1.08
N GLN A 14 1.72 -2.65 -1.60
CA GLN A 14 1.33 -1.30 -1.22
C GLN A 14 0.89 -1.30 0.29
N GLU A 15 0.27 -2.40 0.76
CA GLU A 15 -0.15 -2.59 2.15
C GLU A 15 1.10 -2.83 3.03
N LEU A 16 2.07 -3.67 2.59
CA LEU A 16 3.32 -3.97 3.29
C LEU A 16 4.20 -2.72 3.41
N HIS A 17 4.23 -1.85 2.39
CA HIS A 17 4.98 -0.59 2.48
C HIS A 17 4.38 0.39 3.49
N LYS A 18 3.05 0.65 3.42
CA LYS A 18 2.38 1.55 4.39
C LYS A 18 2.45 1.02 5.83
N LEU A 19 2.65 -0.28 6.03
CA LEU A 19 2.78 -0.90 7.35
C LEU A 19 4.05 -0.38 8.07
N GLN A 20 5.09 0.02 7.32
CA GLN A 20 6.33 0.59 7.87
C GLN A 20 6.12 2.04 8.34
N THR A 21 5.29 2.86 7.66
CA THR A 21 5.00 4.26 8.04
C THR A 21 3.82 4.38 9.01
N TYR A 22 3.02 3.33 9.19
CA TYR A 22 1.87 3.22 10.11
C TYR A 22 2.16 3.71 11.55
N PRO A 23 3.32 3.41 12.19
CA PRO A 23 3.67 3.92 13.54
C PRO A 23 3.80 5.45 13.66
N ARG A 24 3.68 6.22 12.56
CA ARG A 24 3.72 7.69 12.57
C ARG A 24 2.57 8.35 11.81
N THR A 25 2.00 7.68 10.80
CA THR A 25 0.84 8.16 10.04
C THR A 25 -0.01 7.01 9.51
N ASN A 26 -1.34 7.13 9.61
CA ASN A 26 -2.31 6.14 9.13
C ASN A 26 -3.40 6.77 8.24
N THR A 27 -3.72 8.04 8.49
CA THR A 27 -4.71 8.90 7.81
C THR A 27 -4.23 10.35 7.85
N GLY A 28 -4.78 11.22 7.01
CA GLY A 28 -4.39 12.63 6.91
C GLY A 28 -3.38 13.00 5.83
N SER A 29 -2.07 13.00 6.13
CA SER A 29 -1.00 13.33 5.18
C SER A 29 -0.35 12.13 4.51
N GLY A 30 -0.06 12.29 3.20
CA GLY A 30 0.53 11.26 2.35
C GLY A 30 -0.49 10.74 1.31
N THR A 31 -0.22 10.93 0.01
CA THR A 31 -1.11 10.44 -1.08
C THR A 31 -0.31 9.83 -2.24
N PRO A 32 -0.68 8.65 -2.78
CA PRO A 32 -0.01 8.01 -3.91
C PRO A 32 0.05 8.79 -5.26
N NH2 A 33 -0.66 9.91 -5.40
HN1 NH2 A 33 -0.63 10.40 -6.28
HN2 NH2 A 33 -1.21 10.25 -4.63
N CYS A 1 -4.75 -2.20 -14.70
CA CYS A 1 -4.34 -3.54 -14.25
C CYS A 1 -4.15 -4.46 -15.44
N SER A 2 -2.93 -4.94 -15.66
CA SER A 2 -2.54 -5.83 -16.78
C SER A 2 -2.97 -7.29 -16.59
N ASN A 3 -2.53 -7.91 -15.49
CA ASN A 3 -2.78 -9.29 -15.09
C ASN A 3 -3.18 -9.33 -13.61
N LEU A 4 -4.39 -9.82 -13.30
CA LEU A 4 -4.97 -9.93 -11.96
C LEU A 4 -4.04 -10.47 -10.85
N SER A 5 -3.38 -11.62 -11.04
CA SER A 5 -2.45 -12.15 -10.01
C SER A 5 -1.32 -11.16 -9.69
N THR A 6 -0.67 -10.59 -10.71
CA THR A 6 0.38 -9.58 -10.54
C THR A 6 -0.18 -8.32 -9.85
N CYS A 7 -1.41 -7.90 -10.19
CA CYS A 7 -2.07 -6.75 -9.56
C CYS A 7 -2.30 -7.01 -8.06
N VAL A 8 -2.74 -8.22 -7.67
CA VAL A 8 -2.94 -8.60 -6.26
C VAL A 8 -1.61 -8.57 -5.51
N LEU A 9 -0.51 -9.07 -6.11
CA LEU A 9 0.82 -9.00 -5.47
C LEU A 9 1.17 -7.54 -5.20
N GLY A 10 0.87 -6.66 -6.16
CA GLY A 10 1.08 -5.20 -6.03
C GLY A 10 0.28 -4.65 -4.86
N LYS A 11 -0.99 -5.05 -4.68
CA LYS A 11 -1.85 -4.62 -3.56
C LYS A 11 -1.25 -5.09 -2.23
N LEU A 12 -0.77 -6.33 -2.11
CA LEU A 12 -0.13 -6.82 -0.91
C LEU A 12 1.10 -5.97 -0.56
N SER A 13 2.02 -5.73 -1.51
CA SER A 13 3.20 -4.87 -1.29
C SER A 13 2.78 -3.45 -0.94
N GLN A 14 1.74 -2.90 -1.58
CA GLN A 14 1.20 -1.53 -1.32
C GLN A 14 0.65 -1.46 0.14
N GLU A 15 -0.07 -2.47 0.61
CA GLU A 15 -0.60 -2.57 1.97
C GLU A 15 0.54 -2.69 2.99
N LEU A 16 1.55 -3.55 2.71
CA LEU A 16 2.72 -3.71 3.56
C LEU A 16 3.54 -2.42 3.61
N HIS A 17 3.63 -1.69 2.50
CA HIS A 17 4.32 -0.39 2.46
C HIS A 17 3.64 0.63 3.37
N LYS A 18 2.30 0.80 3.31
CA LYS A 18 1.62 1.75 4.24
C LYS A 18 1.75 1.27 5.71
N LEU A 19 1.93 -0.04 5.93
CA LEU A 19 2.15 -0.58 7.28
C LEU A 19 3.50 -0.12 7.84
N GLN A 20 4.49 0.24 6.99
CA GLN A 20 5.82 0.77 7.38
C GLN A 20 5.70 2.23 7.83
N THR A 21 4.68 2.97 7.35
CA THR A 21 4.42 4.39 7.69
C THR A 21 3.56 4.48 8.97
N TYR A 22 2.69 3.48 9.20
CA TYR A 22 1.78 3.30 10.35
C TYR A 22 2.38 3.67 11.73
N PRO A 23 3.63 3.28 12.10
CA PRO A 23 4.27 3.67 13.37
C PRO A 23 4.48 5.17 13.61
N ARG A 24 4.30 6.04 12.61
CA ARG A 24 4.40 7.50 12.73
C ARG A 24 3.17 8.26 12.20
N THR A 25 2.38 7.68 11.30
CA THR A 25 1.18 8.32 10.74
C THR A 25 0.15 7.28 10.28
N ASN A 26 -1.14 7.56 10.54
CA ASN A 26 -2.29 6.73 10.16
C ASN A 26 -3.35 7.55 9.43
N THR A 27 -3.55 8.80 9.84
CA THR A 27 -4.49 9.76 9.28
C THR A 27 -3.84 11.15 9.23
N GLY A 28 -4.28 12.02 8.30
CA GLY A 28 -3.79 13.37 8.13
C GLY A 28 -3.03 13.67 6.83
N SER A 29 -1.71 13.50 6.84
CA SER A 29 -0.84 13.74 5.66
C SER A 29 -0.23 12.52 5.03
N GLY A 30 -0.45 12.36 3.72
CA GLY A 30 0.01 11.22 2.89
C GLY A 30 -1.01 10.85 1.79
N THR A 31 -0.61 10.93 0.51
CA THR A 31 -1.48 10.60 -0.63
C THR A 31 -0.71 9.83 -1.71
N PRO A 32 -1.28 8.76 -2.32
CA PRO A 32 -0.63 8.02 -3.42
C PRO A 32 -0.27 8.81 -4.71
N NH2 A 33 -0.80 10.03 -4.91
HN1 NH2 A 33 -0.61 10.54 -5.76
HN2 NH2 A 33 -1.40 10.41 -4.20
N CYS A 1 -5.25 -2.51 -14.89
CA CYS A 1 -4.45 -3.66 -14.41
C CYS A 1 -3.91 -4.42 -15.61
N SER A 2 -2.62 -4.78 -15.61
CA SER A 2 -1.94 -5.57 -16.66
C SER A 2 -2.20 -7.07 -16.49
N ASN A 3 -1.60 -7.70 -15.47
CA ASN A 3 -1.76 -9.12 -15.13
C ASN A 3 -2.36 -9.28 -13.72
N LEU A 4 -3.50 -9.98 -13.62
CA LEU A 4 -4.28 -10.22 -12.39
C LEU A 4 -3.43 -10.60 -11.17
N SER A 5 -2.68 -11.70 -11.21
CA SER A 5 -1.83 -12.14 -10.08
C SER A 5 -0.80 -11.08 -9.68
N THR A 6 -0.15 -10.43 -10.66
CA THR A 6 0.82 -9.35 -10.41
C THR A 6 0.12 -8.15 -9.73
N CYS A 7 -1.11 -7.81 -10.15
CA CYS A 7 -1.91 -6.73 -9.56
C CYS A 7 -2.26 -7.06 -8.10
N VAL A 8 -2.70 -8.30 -7.80
CA VAL A 8 -3.01 -8.76 -6.42
C VAL A 8 -1.77 -8.63 -5.54
N LEU A 9 -0.62 -9.17 -5.99
CA LEU A 9 0.64 -9.05 -5.27
C LEU A 9 1.01 -7.58 -5.04
N GLY A 10 0.82 -6.74 -6.06
CA GLY A 10 1.07 -5.29 -5.98
C GLY A 10 0.23 -4.66 -4.89
N LYS A 11 -1.07 -4.98 -4.80
CA LYS A 11 -1.97 -4.47 -3.75
C LYS A 11 -1.54 -4.98 -2.38
N LEU A 12 -1.10 -6.23 -2.25
CA LEU A 12 -0.61 -6.79 -0.97
C LEU A 12 0.65 -6.00 -0.54
N SER A 13 1.58 -5.73 -1.47
CA SER A 13 2.79 -4.94 -1.18
C SER A 13 2.36 -3.49 -0.83
N GLN A 14 1.30 -2.95 -1.43
CA GLN A 14 0.76 -1.63 -1.13
C GLN A 14 0.17 -1.59 0.29
N GLU A 15 -0.44 -2.70 0.75
CA GLU A 15 -1.01 -2.85 2.10
C GLU A 15 0.15 -2.89 3.12
N LEU A 16 1.22 -3.64 2.81
CA LEU A 16 2.43 -3.72 3.64
C LEU A 16 3.12 -2.33 3.66
N HIS A 17 3.00 -1.54 2.57
CA HIS A 17 3.61 -0.22 2.48
C HIS A 17 2.85 0.73 3.42
N LYS A 18 1.50 0.75 3.43
CA LYS A 18 0.75 1.60 4.38
C LYS A 18 1.05 1.21 5.85
N LEU A 19 1.36 -0.08 6.09
CA LEU A 19 1.73 -0.60 7.42
C LEU A 19 3.09 0.02 7.85
N GLN A 20 4.02 0.30 6.91
CA GLN A 20 5.31 0.94 7.22
C GLN A 20 5.13 2.40 7.66
N THR A 21 4.13 3.11 7.12
CA THR A 21 3.81 4.50 7.51
C THR A 21 3.08 4.58 8.85
N TYR A 22 2.18 3.64 9.16
CA TYR A 22 1.35 3.58 10.36
C TYR A 22 2.07 4.02 11.68
N PRO A 23 3.23 3.45 12.07
CA PRO A 23 3.95 3.86 13.29
C PRO A 23 4.38 5.33 13.35
N ARG A 24 4.57 6.01 12.19
CA ARG A 24 5.02 7.41 12.08
C ARG A 24 3.88 8.37 11.70
N THR A 25 2.77 7.88 11.12
CA THR A 25 1.59 8.67 10.76
C THR A 25 0.38 7.78 10.53
N ASN A 26 -0.80 8.25 10.95
CA ASN A 26 -2.10 7.58 10.79
C ASN A 26 -3.13 8.59 10.23
N THR A 27 -3.06 9.84 10.71
CA THR A 27 -3.88 11.00 10.36
C THR A 27 -2.94 12.17 10.07
N GLY A 28 -3.24 12.91 9.00
CA GLY A 28 -2.43 14.03 8.50
C GLY A 28 -2.06 13.81 7.03
N SER A 29 -0.87 14.29 6.64
CA SER A 29 -0.35 14.15 5.27
C SER A 29 -0.08 12.69 4.87
N GLY A 30 -0.44 12.34 3.63
CA GLY A 30 -0.22 11.01 3.02
C GLY A 30 -1.46 10.45 2.30
N THR A 31 -1.56 10.65 0.99
CA THR A 31 -2.65 10.14 0.14
C THR A 31 -2.16 9.69 -1.25
N PRO A 32 -2.16 8.38 -1.59
CA PRO A 32 -1.72 7.83 -2.89
C PRO A 32 -2.48 8.28 -4.17
N NH2 A 33 -3.40 9.24 -4.10
HN1 NH2 A 33 -3.88 9.52 -4.95
HN2 NH2 A 33 -3.54 9.76 -3.24
N CYS A 1 -5.58 -2.70 -15.01
CA CYS A 1 -4.71 -3.80 -14.56
C CYS A 1 -4.11 -4.52 -15.78
N SER A 2 -2.83 -4.91 -15.71
CA SER A 2 -2.10 -5.65 -16.76
C SER A 2 -2.14 -7.17 -16.44
N ASN A 3 -1.25 -7.65 -15.56
CA ASN A 3 -1.22 -9.05 -15.11
C ASN A 3 -1.88 -9.17 -13.75
N LEU A 4 -2.96 -9.95 -13.66
CA LEU A 4 -3.77 -10.15 -12.45
C LEU A 4 -2.95 -10.45 -11.19
N SER A 5 -2.05 -11.45 -11.20
CA SER A 5 -1.22 -11.74 -10.03
C SER A 5 -0.39 -10.53 -9.57
N THR A 6 0.23 -9.78 -10.48
CA THR A 6 0.99 -8.56 -10.12
C THR A 6 0.05 -7.49 -9.54
N CYS A 7 -1.20 -7.41 -10.01
CA CYS A 7 -2.19 -6.45 -9.50
C CYS A 7 -2.55 -6.80 -8.04
N VAL A 8 -2.78 -8.09 -7.70
CA VAL A 8 -3.07 -8.49 -6.30
C VAL A 8 -1.82 -8.22 -5.45
N LEU A 9 -0.62 -8.59 -5.93
CA LEU A 9 0.63 -8.32 -5.22
C LEU A 9 0.79 -6.81 -4.98
N GLY A 10 0.32 -5.97 -5.92
CA GLY A 10 0.34 -4.52 -5.82
C GLY A 10 -0.54 -4.06 -4.66
N LYS A 11 -1.73 -4.66 -4.49
CA LYS A 11 -2.65 -4.36 -3.37
C LYS A 11 -2.02 -4.83 -2.05
N LEU A 12 -1.36 -6.00 -2.01
CA LEU A 12 -0.67 -6.50 -0.82
C LEU A 12 0.43 -5.48 -0.45
N SER A 13 1.22 -5.04 -1.44
CA SER A 13 2.28 -4.04 -1.28
C SER A 13 1.68 -2.69 -0.79
N GLN A 14 0.46 -2.30 -1.22
CA GLN A 14 -0.21 -1.08 -0.79
C GLN A 14 -0.46 -1.17 0.73
N GLU A 15 -0.95 -2.31 1.24
CA GLU A 15 -1.20 -2.52 2.68
C GLU A 15 0.13 -2.60 3.44
N LEU A 16 1.11 -3.34 2.93
CA LEU A 16 2.46 -3.48 3.52
C LEU A 16 3.12 -2.10 3.68
N HIS A 17 3.06 -1.26 2.65
CA HIS A 17 3.65 0.08 2.69
C HIS A 17 3.01 0.95 3.78
N LYS A 18 1.66 1.01 3.89
CA LYS A 18 1.02 1.80 4.96
C LYS A 18 1.35 1.20 6.34
N LEU A 19 1.60 -0.11 6.45
CA LEU A 19 1.97 -0.76 7.71
C LEU A 19 3.39 -0.33 8.16
N GLN A 20 4.29 0.02 7.23
CA GLN A 20 5.65 0.51 7.54
C GLN A 20 5.60 1.89 8.21
N THR A 21 4.75 2.79 7.70
CA THR A 21 4.57 4.17 8.20
C THR A 21 3.62 4.28 9.39
N TYR A 22 2.67 3.35 9.55
CA TYR A 22 1.66 3.27 10.61
C TYR A 22 2.16 3.70 12.01
N PRO A 23 3.28 3.16 12.56
CA PRO A 23 3.82 3.58 13.88
C PRO A 23 4.24 5.06 14.00
N ARG A 24 4.39 5.79 12.90
CA ARG A 24 4.80 7.19 12.84
C ARG A 24 3.74 8.14 12.24
N THR A 25 2.77 7.62 11.47
CA THR A 25 1.68 8.40 10.88
C THR A 25 0.48 7.53 10.53
N ASN A 26 -0.72 8.09 10.60
CA ASN A 26 -2.01 7.43 10.28
C ASN A 26 -2.84 8.32 9.32
N THR A 27 -2.92 9.60 9.61
CA THR A 27 -3.59 10.65 8.86
C THR A 27 -2.61 11.79 8.59
N GLY A 28 -2.70 12.37 7.38
CA GLY A 28 -1.83 13.43 6.89
C GLY A 28 -1.59 13.28 5.38
N SER A 29 -0.37 13.52 4.92
CA SER A 29 0.04 13.39 3.51
C SER A 29 0.23 11.92 3.04
N GLY A 30 0.12 11.67 1.71
CA GLY A 30 0.32 10.36 1.08
C GLY A 30 -0.96 9.65 0.64
N THR A 31 -1.32 9.73 -0.65
CA THR A 31 -2.50 9.05 -1.24
C THR A 31 -2.09 8.16 -2.45
N PRO A 32 -2.30 6.83 -2.42
CA PRO A 32 -1.98 5.90 -3.52
C PRO A 32 -2.56 6.14 -4.94
N NH2 A 33 -3.33 7.19 -5.18
HN1 NH2 A 33 -3.47 7.89 -4.46
HN2 NH2 A 33 -3.70 7.32 -6.11
N CYS A 1 -6.56 -3.01 -14.71
CA CYS A 1 -5.59 -4.08 -14.33
C CYS A 1 -5.02 -4.72 -15.60
N SER A 2 -3.78 -5.22 -15.55
CA SER A 2 -3.07 -5.92 -16.65
C SER A 2 -2.85 -7.39 -16.25
N ASN A 3 -1.77 -7.70 -15.54
CA ASN A 3 -1.45 -9.05 -15.06
C ASN A 3 -2.09 -9.25 -13.67
N LEU A 4 -3.10 -10.12 -13.58
CA LEU A 4 -3.85 -10.48 -12.35
C LEU A 4 -2.98 -10.69 -11.10
N SER A 5 -1.90 -11.49 -11.17
CA SER A 5 -1.01 -11.74 -10.01
C SER A 5 -0.36 -10.41 -9.55
N THR A 6 0.16 -9.58 -10.48
CA THR A 6 0.77 -8.29 -10.16
C THR A 6 -0.28 -7.31 -9.62
N CYS A 7 -1.55 -7.39 -10.04
CA CYS A 7 -2.63 -6.52 -9.52
C CYS A 7 -2.92 -6.86 -8.04
N VAL A 8 -3.13 -8.15 -7.70
CA VAL A 8 -3.36 -8.63 -6.33
C VAL A 8 -2.15 -8.35 -5.43
N LEU A 9 -0.94 -8.78 -5.85
CA LEU A 9 0.29 -8.54 -5.10
C LEU A 9 0.62 -7.05 -4.98
N GLY A 10 0.29 -6.23 -5.99
CA GLY A 10 0.52 -4.78 -5.96
C GLY A 10 -0.23 -4.15 -4.79
N LYS A 11 -1.49 -4.56 -4.59
CA LYS A 11 -2.34 -4.11 -3.48
C LYS A 11 -1.72 -4.56 -2.15
N LEU A 12 -1.36 -5.85 -2.01
CA LEU A 12 -0.69 -6.41 -0.80
C LEU A 12 0.61 -5.62 -0.48
N SER A 13 1.44 -5.31 -1.51
CA SER A 13 2.70 -4.59 -1.32
C SER A 13 2.35 -3.15 -0.83
N GLN A 14 1.26 -2.53 -1.29
CA GLN A 14 0.80 -1.21 -0.83
C GLN A 14 0.37 -1.28 0.62
N GLU A 15 -0.33 -2.37 1.03
CA GLU A 15 -0.77 -2.59 2.42
C GLU A 15 0.45 -2.66 3.35
N LEU A 16 1.46 -3.49 2.99
CA LEU A 16 2.71 -3.64 3.72
C LEU A 16 3.53 -2.34 3.73
N HIS A 17 3.64 -1.63 2.61
CA HIS A 17 4.38 -0.37 2.52
C HIS A 17 3.76 0.69 3.46
N LYS A 18 2.43 0.91 3.43
CA LYS A 18 1.82 1.87 4.36
C LYS A 18 1.98 1.41 5.81
N LEU A 19 2.06 0.10 6.07
CA LEU A 19 2.27 -0.47 7.42
C LEU A 19 3.66 -0.05 7.98
N GLN A 20 4.65 0.16 7.11
CA GLN A 20 5.99 0.61 7.54
C GLN A 20 5.92 2.06 8.09
N THR A 21 5.02 2.88 7.55
CA THR A 21 4.77 4.26 7.98
C THR A 21 3.73 4.42 9.09
N TYR A 22 2.82 3.45 9.21
CA TYR A 22 1.69 3.41 10.16
C TYR A 22 2.03 3.83 11.60
N PRO A 23 3.06 3.29 12.29
CA PRO A 23 3.46 3.71 13.64
C PRO A 23 3.91 5.17 13.78
N ARG A 24 4.24 5.83 12.66
CA ARG A 24 4.68 7.23 12.56
C ARG A 24 3.56 8.16 12.05
N THR A 25 2.65 7.65 11.22
CA THR A 25 1.50 8.37 10.65
C THR A 25 0.52 7.41 9.96
N ASN A 26 -0.78 7.62 10.19
CA ASN A 26 -1.88 6.82 9.60
C ASN A 26 -2.86 7.70 8.79
N THR A 27 -2.96 8.98 9.11
CA THR A 27 -3.77 10.01 8.48
C THR A 27 -2.98 11.33 8.54
N GLY A 28 -3.23 12.23 7.59
CA GLY A 28 -2.56 13.56 7.49
C GLY A 28 -1.89 13.78 6.13
N SER A 29 -0.56 13.69 6.07
CA SER A 29 0.23 13.96 4.87
C SER A 29 0.66 12.65 4.12
N GLY A 30 -0.08 12.30 3.04
CA GLY A 30 0.19 11.13 2.18
C GLY A 30 -1.08 10.37 1.82
N THR A 31 -1.55 10.50 0.58
CA THR A 31 -2.73 9.78 0.06
C THR A 31 -2.36 8.92 -1.17
N PRO A 32 -2.54 7.58 -1.17
CA PRO A 32 -2.20 6.70 -2.29
C PRO A 32 -2.91 6.95 -3.64
N NH2 A 33 -3.85 7.88 -3.73
HN1 NH2 A 33 -4.29 8.02 -4.62
HN2 NH2 A 33 -4.03 8.50 -2.96
N CYS A 1 -5.50 -3.16 -15.70
CA CYS A 1 -4.93 -4.44 -15.17
C CYS A 1 -5.10 -5.55 -16.20
N SER A 2 -4.08 -6.39 -16.39
CA SER A 2 -4.10 -7.53 -17.29
C SER A 2 -3.65 -8.78 -16.53
N ASN A 3 -2.37 -8.86 -16.13
CA ASN A 3 -1.78 -10.02 -15.38
C ASN A 3 -2.27 -9.96 -13.93
N LEU A 4 -3.37 -10.66 -13.65
CA LEU A 4 -4.05 -10.75 -12.32
C LEU A 4 -3.14 -10.90 -11.12
N SER A 5 -2.15 -11.80 -11.23
CA SER A 5 -1.14 -12.05 -10.19
C SER A 5 -0.39 -10.74 -9.80
N THR A 6 0.16 -10.00 -10.77
CA THR A 6 0.85 -8.73 -10.54
C THR A 6 -0.09 -7.69 -9.90
N CYS A 7 -1.36 -7.65 -10.31
CA CYS A 7 -2.36 -6.73 -9.76
C CYS A 7 -2.64 -7.00 -8.26
N VAL A 8 -2.92 -8.26 -7.88
CA VAL A 8 -3.15 -8.62 -6.46
C VAL A 8 -1.88 -8.43 -5.63
N LEU A 9 -0.70 -8.86 -6.12
CA LEU A 9 0.56 -8.68 -5.39
C LEU A 9 0.88 -7.20 -5.24
N GLY A 10 0.50 -6.34 -6.22
CA GLY A 10 0.69 -4.87 -6.15
C GLY A 10 -0.13 -4.30 -4.99
N LYS A 11 -1.38 -4.79 -4.78
CA LYS A 11 -2.20 -4.34 -3.67
C LYS A 11 -1.60 -4.77 -2.34
N LEU A 12 -1.04 -5.97 -2.23
CA LEU A 12 -0.38 -6.43 -0.99
C LEU A 12 0.81 -5.52 -0.71
N SER A 13 1.61 -5.16 -1.75
CA SER A 13 2.78 -4.26 -1.57
C SER A 13 2.27 -2.88 -1.10
N GLN A 14 1.14 -2.39 -1.60
CA GLN A 14 0.56 -1.10 -1.22
C GLN A 14 0.14 -1.14 0.27
N GLU A 15 -0.48 -2.22 0.73
CA GLU A 15 -0.88 -2.43 2.14
C GLU A 15 0.36 -2.51 3.04
N LEU A 16 1.42 -3.22 2.62
CA LEU A 16 2.69 -3.36 3.35
C LEU A 16 3.36 -1.97 3.47
N HIS A 17 3.39 -1.16 2.39
CA HIS A 17 3.96 0.17 2.40
C HIS A 17 3.27 1.08 3.43
N LYS A 18 1.92 1.18 3.45
CA LYS A 18 1.22 2.01 4.47
C LYS A 18 1.49 1.51 5.88
N LEU A 19 1.67 0.19 6.06
CA LEU A 19 2.00 -0.43 7.36
C LEU A 19 3.40 -0.02 7.87
N GLN A 20 4.33 0.40 6.99
CA GLN A 20 5.66 0.86 7.42
C GLN A 20 5.57 2.25 8.07
N THR A 21 4.71 3.14 7.56
CA THR A 21 4.49 4.49 8.10
C THR A 21 3.49 4.55 9.25
N TYR A 22 2.56 3.60 9.32
CA TYR A 22 1.50 3.48 10.34
C TYR A 22 1.92 3.71 11.81
N PRO A 23 3.08 3.19 12.31
CA PRO A 23 3.57 3.41 13.69
C PRO A 23 4.05 4.86 13.96
N ARG A 24 4.17 5.73 12.94
CA ARG A 24 4.65 7.12 13.06
C ARG A 24 3.64 8.13 12.53
N THR A 25 2.73 7.75 11.62
CA THR A 25 1.67 8.59 11.05
C THR A 25 0.50 7.74 10.54
N ASN A 26 -0.73 8.17 10.83
CA ASN A 26 -1.96 7.54 10.38
C ASN A 26 -2.85 8.45 9.52
N THR A 27 -2.83 9.76 9.77
CA THR A 27 -3.54 10.79 9.03
C THR A 27 -2.70 12.08 8.92
N GLY A 28 -2.89 12.83 7.82
CA GLY A 28 -2.17 14.09 7.52
C GLY A 28 -1.66 14.10 6.08
N SER A 29 -0.41 13.65 5.89
CA SER A 29 0.27 13.52 4.58
C SER A 29 0.59 12.04 4.27
N GLY A 30 0.79 11.74 2.99
CA GLY A 30 1.10 10.38 2.50
C GLY A 30 -0.14 9.62 1.99
N THR A 31 -0.99 10.25 1.18
CA THR A 31 -2.19 9.63 0.59
C THR A 31 -1.90 9.10 -0.83
N PRO A 32 -2.09 7.79 -1.14
CA PRO A 32 -1.81 7.21 -2.47
C PRO A 32 -2.50 7.89 -3.70
N NH2 A 33 -3.62 8.59 -3.51
HN1 NH2 A 33 -4.04 9.03 -4.32
HN2 NH2 A 33 -3.99 8.75 -2.58
N CYS A 1 -5.13 -3.55 -16.30
CA CYS A 1 -4.67 -4.78 -15.62
C CYS A 1 -4.68 -5.94 -16.62
N SER A 2 -3.74 -6.88 -16.49
CA SER A 2 -3.63 -8.10 -17.33
C SER A 2 -3.24 -9.31 -16.48
N ASN A 3 -2.00 -9.35 -15.97
CA ASN A 3 -1.54 -10.43 -15.10
C ASN A 3 -2.08 -10.28 -13.66
N LEU A 4 -2.95 -11.22 -13.24
CA LEU A 4 -3.59 -11.23 -11.93
C LEU A 4 -2.60 -11.13 -10.76
N SER A 5 -1.50 -11.89 -10.76
CA SER A 5 -0.53 -11.81 -9.65
C SER A 5 0.10 -10.42 -9.56
N THR A 6 0.43 -9.77 -10.67
CA THR A 6 0.98 -8.40 -10.69
C THR A 6 -0.03 -7.40 -10.11
N CYS A 7 -1.31 -7.48 -10.52
CA CYS A 7 -2.36 -6.60 -10.02
C CYS A 7 -2.60 -6.79 -8.50
N VAL A 8 -2.71 -8.05 -8.03
CA VAL A 8 -2.88 -8.38 -6.60
C VAL A 8 -1.66 -7.93 -5.79
N LEU A 9 -0.43 -8.26 -6.22
CA LEU A 9 0.80 -7.84 -5.55
C LEU A 9 0.90 -6.31 -5.45
N GLY A 10 0.40 -5.57 -6.45
CA GLY A 10 0.38 -4.11 -6.44
C GLY A 10 -0.40 -3.60 -5.20
N LYS A 11 -1.60 -4.17 -4.98
CA LYS A 11 -2.44 -3.83 -3.80
C LYS A 11 -1.77 -4.30 -2.50
N LEU A 12 -1.13 -5.48 -2.48
CA LEU A 12 -0.43 -5.95 -1.27
C LEU A 12 0.72 -4.98 -0.92
N SER A 13 1.50 -4.51 -1.90
CA SER A 13 2.57 -3.54 -1.67
C SER A 13 1.98 -2.22 -1.17
N GLN A 14 0.84 -1.80 -1.72
CA GLN A 14 0.10 -0.58 -1.31
C GLN A 14 -0.29 -0.67 0.19
N GLU A 15 -0.73 -1.86 0.64
CA GLU A 15 -1.10 -2.18 2.03
C GLU A 15 0.14 -2.22 2.95
N LEU A 16 1.15 -3.02 2.59
CA LEU A 16 2.39 -3.19 3.37
C LEU A 16 3.12 -1.87 3.57
N HIS A 17 3.24 -1.02 2.53
CA HIS A 17 3.89 0.29 2.63
C HIS A 17 3.18 1.16 3.69
N LYS A 18 1.84 1.35 3.59
CA LYS A 18 1.10 2.17 4.57
C LYS A 18 1.21 1.57 5.98
N LEU A 19 1.22 0.25 6.09
CA LEU A 19 1.36 -0.48 7.36
C LEU A 19 2.73 -0.22 8.01
N GLN A 20 3.80 -0.14 7.21
CA GLN A 20 5.15 0.16 7.70
C GLN A 20 5.26 1.61 8.21
N THR A 21 4.58 2.57 7.57
CA THR A 21 4.54 3.96 8.05
C THR A 21 3.61 4.22 9.25
N TYR A 22 2.49 3.50 9.37
CA TYR A 22 1.47 3.68 10.43
C TYR A 22 2.02 3.88 11.87
N PRO A 23 2.93 3.03 12.41
CA PRO A 23 3.50 3.22 13.75
C PRO A 23 4.28 4.54 13.95
N ARG A 24 4.75 5.18 12.87
CA ARG A 24 5.48 6.45 12.87
C ARG A 24 4.59 7.63 12.54
N THR A 25 3.67 7.49 11.59
CA THR A 25 2.70 8.50 11.16
C THR A 25 1.42 7.83 10.62
N ASN A 26 0.38 7.78 11.45
CA ASN A 26 -0.91 7.14 11.11
C ASN A 26 -1.80 8.01 10.22
N THR A 27 -1.69 9.34 10.31
CA THR A 27 -2.48 10.33 9.57
C THR A 27 -1.62 11.56 9.24
N GLY A 28 -2.09 12.40 8.31
CA GLY A 28 -1.42 13.60 7.80
C GLY A 28 -1.34 13.58 6.29
N SER A 29 -0.18 13.93 5.71
CA SER A 29 0.03 13.89 4.26
C SER A 29 0.29 12.45 3.76
N GLY A 30 -0.36 12.06 2.66
CA GLY A 30 -0.24 10.74 2.05
C GLY A 30 -1.59 10.08 1.82
N THR A 31 -2.12 10.17 0.60
CA THR A 31 -3.40 9.55 0.19
C THR A 31 -3.24 8.88 -1.20
N PRO A 32 -3.36 7.55 -1.32
CA PRO A 32 -3.18 6.82 -2.59
C PRO A 32 -4.05 7.29 -3.78
N NH2 A 33 -5.12 8.06 -3.58
HN1 NH2 A 33 -5.66 8.37 -4.37
HN2 NH2 A 33 -5.35 8.40 -2.66
N CYS A 1 -4.60 -2.30 -15.00
CA CYS A 1 -4.35 -3.69 -14.52
C CYS A 1 -4.56 -4.64 -15.70
N SER A 2 -3.73 -5.67 -15.80
CA SER A 2 -3.80 -6.72 -16.82
C SER A 2 -3.47 -8.09 -16.23
N ASN A 3 -2.19 -8.34 -15.91
CA ASN A 3 -1.73 -9.58 -15.27
C ASN A 3 -2.17 -9.63 -13.78
N LEU A 4 -3.23 -10.39 -13.49
CA LEU A 4 -3.83 -10.52 -12.16
C LEU A 4 -2.82 -10.75 -11.02
N SER A 5 -1.84 -11.65 -11.17
CA SER A 5 -0.82 -11.86 -10.12
C SER A 5 -0.08 -10.58 -9.75
N THR A 6 0.34 -9.78 -10.73
CA THR A 6 1.02 -8.49 -10.50
C THR A 6 0.08 -7.52 -9.79
N CYS A 7 -1.22 -7.50 -10.12
CA CYS A 7 -2.20 -6.63 -9.47
C CYS A 7 -2.44 -7.03 -7.99
N VAL A 8 -2.60 -8.33 -7.69
CA VAL A 8 -2.77 -8.82 -6.29
C VAL A 8 -1.51 -8.53 -5.48
N LEU A 9 -0.32 -8.82 -6.04
CA LEU A 9 0.97 -8.55 -5.39
C LEU A 9 1.10 -7.04 -5.16
N GLY A 10 0.60 -6.23 -6.11
CA GLY A 10 0.60 -4.76 -6.04
C GLY A 10 -0.20 -4.30 -4.82
N LYS A 11 -1.40 -4.87 -4.60
CA LYS A 11 -2.25 -4.58 -3.45
C LYS A 11 -1.57 -5.04 -2.14
N LEU A 12 -0.94 -6.21 -2.12
CA LEU A 12 -0.20 -6.72 -0.94
C LEU A 12 0.88 -5.70 -0.56
N SER A 13 1.66 -5.22 -1.55
CA SER A 13 2.69 -4.20 -1.34
C SER A 13 2.08 -2.84 -0.94
N GLN A 14 0.91 -2.47 -1.48
CA GLN A 14 0.20 -1.22 -1.12
C GLN A 14 -0.16 -1.22 0.38
N GLU A 15 -0.68 -2.34 0.88
CA GLU A 15 -1.03 -2.55 2.30
C GLU A 15 0.24 -2.57 3.16
N LEU A 16 1.23 -3.39 2.80
CA LEU A 16 2.52 -3.49 3.49
C LEU A 16 3.23 -2.13 3.64
N HIS A 17 3.25 -1.31 2.58
CA HIS A 17 3.89 0.02 2.63
C HIS A 17 3.23 0.93 3.66
N LYS A 18 1.89 1.11 3.62
CA LYS A 18 1.20 1.96 4.63
C LYS A 18 1.29 1.33 6.04
N LEU A 19 1.35 0.00 6.15
CA LEU A 19 1.52 -0.73 7.41
C LEU A 19 2.86 -0.39 8.10
N GLN A 20 3.90 -0.03 7.32
CA GLN A 20 5.22 0.37 7.83
C GLN A 20 5.20 1.85 8.25
N THR A 21 4.53 2.75 7.49
CA THR A 21 4.51 4.19 7.79
C THR A 21 3.54 4.57 8.92
N TYR A 22 2.36 3.95 8.97
CA TYR A 22 1.27 4.21 9.93
C TYR A 22 1.73 4.38 11.41
N PRO A 23 2.55 3.48 12.01
CA PRO A 23 3.04 3.65 13.39
C PRO A 23 3.89 4.92 13.61
N ARG A 24 4.54 5.45 12.56
CA ARG A 24 5.35 6.68 12.60
C ARG A 24 4.52 7.91 12.25
N THR A 25 3.62 7.80 11.28
CA THR A 25 2.67 8.83 10.81
C THR A 25 1.44 8.18 10.17
N ASN A 26 0.26 8.38 10.77
CA ASN A 26 -1.03 7.81 10.35
C ASN A 26 -2.03 8.80 9.72
N THR A 27 -1.83 10.11 9.87
CA THR A 27 -2.74 11.16 9.38
C THR A 27 -1.96 12.40 8.91
N GLY A 28 -2.59 13.26 8.11
CA GLY A 28 -2.00 14.51 7.62
C GLY A 28 -1.85 14.64 6.10
N SER A 29 -1.08 13.78 5.43
CA SER A 29 -0.83 13.86 3.97
C SER A 29 -0.47 12.51 3.33
N GLY A 30 -0.73 12.40 2.03
CA GLY A 30 -0.41 11.22 1.22
C GLY A 30 -1.57 10.22 1.11
N THR A 31 -2.57 10.53 0.28
CA THR A 31 -3.71 9.63 0.01
C THR A 31 -3.54 8.91 -1.34
N PRO A 32 -3.37 7.58 -1.39
CA PRO A 32 -3.15 6.81 -2.63
C PRO A 32 -4.15 7.01 -3.80
N NH2 A 33 -5.39 7.41 -3.55
HN1 NH2 A 33 -5.98 7.60 -4.35
HN2 NH2 A 33 -5.69 7.66 -2.62
N CYS A 1 -4.24 -1.54 -13.77
CA CYS A 1 -4.10 -2.98 -13.51
C CYS A 1 -4.24 -3.75 -14.83
N SER A 2 -3.43 -4.78 -15.05
CA SER A 2 -3.46 -5.64 -16.24
C SER A 2 -3.19 -7.10 -15.84
N ASN A 3 -1.95 -7.42 -15.45
CA ASN A 3 -1.58 -8.76 -15.00
C ASN A 3 -2.16 -9.02 -13.59
N LEU A 4 -3.29 -9.77 -13.51
CA LEU A 4 -4.07 -10.11 -12.31
C LEU A 4 -3.20 -10.43 -11.06
N SER A 5 -2.21 -11.33 -11.18
CA SER A 5 -1.32 -11.69 -10.06
C SER A 5 -0.57 -10.46 -9.56
N THR A 6 0.06 -9.69 -10.47
CA THR A 6 0.78 -8.44 -10.14
C THR A 6 -0.15 -7.42 -9.51
N CYS A 7 -1.44 -7.36 -9.87
CA CYS A 7 -2.40 -6.45 -9.25
C CYS A 7 -2.61 -6.80 -7.75
N VAL A 8 -2.80 -8.10 -7.44
CA VAL A 8 -2.97 -8.56 -6.04
C VAL A 8 -1.66 -8.30 -5.29
N LEU A 9 -0.50 -8.65 -5.87
CA LEU A 9 0.81 -8.40 -5.28
C LEU A 9 0.99 -6.90 -5.02
N GLY A 10 0.55 -6.02 -5.94
CA GLY A 10 0.63 -4.57 -5.83
C GLY A 10 -0.20 -4.10 -4.62
N LYS A 11 -1.41 -4.68 -4.41
CA LYS A 11 -2.27 -4.34 -3.29
C LYS A 11 -1.57 -4.80 -1.99
N LEU A 12 -0.88 -5.94 -2.01
CA LEU A 12 -0.13 -6.45 -0.86
C LEU A 12 1.04 -5.49 -0.57
N SER A 13 1.71 -4.95 -1.60
CA SER A 13 2.79 -3.98 -1.43
C SER A 13 2.23 -2.71 -0.75
N GLN A 14 1.03 -2.27 -1.15
CA GLN A 14 0.31 -1.12 -0.58
C GLN A 14 -0.01 -1.40 0.91
N GLU A 15 -0.46 -2.62 1.25
CA GLU A 15 -0.76 -3.07 2.62
C GLU A 15 0.49 -3.02 3.49
N LEU A 16 1.58 -3.64 3.03
CA LEU A 16 2.88 -3.67 3.70
C LEU A 16 3.43 -2.24 3.90
N HIS A 17 3.38 -1.40 2.86
CA HIS A 17 3.83 0.00 2.94
C HIS A 17 3.06 0.76 4.03
N LYS A 18 1.70 0.75 4.02
CA LYS A 18 0.94 1.44 5.08
C LYS A 18 1.26 0.86 6.46
N LEU A 19 1.45 -0.46 6.60
CA LEU A 19 1.80 -1.11 7.87
C LEU A 19 3.14 -0.57 8.42
N GLN A 20 4.13 -0.39 7.54
CA GLN A 20 5.45 0.15 7.89
C GLN A 20 5.41 1.66 8.24
N THR A 21 4.57 2.45 7.56
CA THR A 21 4.46 3.90 7.82
C THR A 21 3.52 4.28 8.96
N TYR A 22 2.49 3.47 9.25
CA TYR A 22 1.45 3.68 10.27
C TYR A 22 1.97 4.23 11.62
N PRO A 23 3.03 3.69 12.26
CA PRO A 23 3.58 4.22 13.52
C PRO A 23 4.13 5.67 13.45
N ARG A 24 4.35 6.23 12.25
CA ARG A 24 4.92 7.57 12.02
C ARG A 24 3.99 8.52 11.24
N THR A 25 3.05 7.99 10.44
CA THR A 25 2.06 8.75 9.68
C THR A 25 0.88 7.86 9.27
N ASN A 26 -0.33 8.42 9.28
CA ASN A 26 -1.57 7.71 8.94
C ASN A 26 -2.51 8.50 8.00
N THR A 27 -2.48 9.83 8.04
CA THR A 27 -3.29 10.77 7.24
C THR A 27 -2.56 12.11 7.07
N GLY A 28 -3.10 13.02 6.26
CA GLY A 28 -2.58 14.37 6.03
C GLY A 28 -1.43 14.54 5.00
N SER A 29 -0.57 13.54 4.82
CA SER A 29 0.59 13.62 3.89
C SER A 29 0.78 12.36 3.06
N GLY A 30 -0.13 12.11 2.11
CA GLY A 30 -0.08 10.97 1.19
C GLY A 30 -1.39 10.19 1.07
N THR A 31 -2.14 10.37 -0.04
CA THR A 31 -3.41 9.67 -0.30
C THR A 31 -3.23 8.63 -1.44
N PRO A 32 -3.36 7.32 -1.17
CA PRO A 32 -3.12 6.26 -2.18
C PRO A 32 -3.88 6.44 -3.51
N NH2 A 33 -5.08 7.03 -3.53
HN1 NH2 A 33 -5.60 7.12 -4.39
HN2 NH2 A 33 -5.49 7.37 -2.66
N CYS A 1 -4.96 -1.55 -15.00
CA CYS A 1 -4.39 -2.86 -14.59
C CYS A 1 -4.38 -3.77 -15.81
N SER A 2 -3.29 -4.52 -16.02
CA SER A 2 -3.13 -5.47 -17.16
C SER A 2 -2.73 -6.88 -16.67
N ASN A 3 -1.54 -7.04 -16.08
CA ASN A 3 -1.13 -8.33 -15.54
C ASN A 3 -1.66 -8.47 -14.10
N LEU A 4 -2.76 -9.20 -13.94
CA LEU A 4 -3.44 -9.44 -12.65
C LEU A 4 -2.53 -9.88 -11.46
N SER A 5 -1.50 -10.72 -11.68
CA SER A 5 -0.59 -11.12 -10.58
C SER A 5 0.08 -9.90 -9.95
N THR A 6 0.62 -8.99 -10.76
CA THR A 6 1.26 -7.73 -10.31
C THR A 6 0.22 -6.82 -9.64
N CYS A 7 -1.01 -6.75 -10.15
CA CYS A 7 -2.08 -5.92 -9.55
C CYS A 7 -2.44 -6.40 -8.13
N VAL A 8 -2.68 -7.71 -7.94
CA VAL A 8 -3.00 -8.30 -6.62
C VAL A 8 -1.78 -8.21 -5.69
N LEU A 9 -0.58 -8.60 -6.14
CA LEU A 9 0.62 -8.48 -5.31
C LEU A 9 0.87 -7.01 -4.91
N GLY A 10 0.54 -6.05 -5.79
CA GLY A 10 0.65 -4.63 -5.46
C GLY A 10 -0.25 -4.25 -4.31
N LYS A 11 -1.44 -4.85 -4.18
CA LYS A 11 -2.37 -4.60 -3.06
C LYS A 11 -1.82 -5.25 -1.77
N LEU A 12 -1.16 -6.42 -1.86
CA LEU A 12 -0.54 -7.04 -0.67
C LEU A 12 0.58 -6.12 -0.19
N SER A 13 1.33 -5.52 -1.14
CA SER A 13 2.42 -4.59 -0.84
C SER A 13 1.80 -3.32 -0.23
N GLN A 14 0.60 -2.89 -0.68
CA GLN A 14 -0.14 -1.73 -0.14
C GLN A 14 -0.52 -1.97 1.33
N GLU A 15 -0.96 -3.18 1.72
CA GLU A 15 -1.28 -3.55 3.12
C GLU A 15 -0.01 -3.42 3.97
N LEU A 16 1.13 -3.97 3.50
CA LEU A 16 2.44 -3.88 4.20
C LEU A 16 2.92 -2.43 4.30
N HIS A 17 2.92 -1.67 3.21
CA HIS A 17 3.40 -0.29 3.15
C HIS A 17 2.63 0.65 4.10
N LYS A 18 1.29 0.60 4.14
CA LYS A 18 0.55 1.45 5.10
C LYS A 18 0.92 1.11 6.55
N LEU A 19 1.22 -0.17 6.83
CA LEU A 19 1.66 -0.63 8.17
C LEU A 19 3.07 -0.11 8.47
N GLN A 20 3.96 0.02 7.45
CA GLN A 20 5.34 0.49 7.61
C GLN A 20 5.32 2.00 7.95
N THR A 21 4.41 2.80 7.37
CA THR A 21 4.35 4.25 7.65
C THR A 21 3.56 4.55 8.92
N TYR A 22 2.54 3.74 9.29
CA TYR A 22 1.63 3.90 10.45
C TYR A 22 2.25 4.48 11.73
N PRO A 23 3.38 3.94 12.28
CA PRO A 23 4.03 4.47 13.47
C PRO A 23 4.69 5.89 13.31
N ARG A 24 5.02 6.30 12.07
CA ARG A 24 5.63 7.59 11.76
C ARG A 24 4.61 8.65 11.31
N THR A 25 3.52 8.25 10.65
CA THR A 25 2.40 9.10 10.17
C THR A 25 1.34 8.18 9.60
N ASN A 26 0.10 8.36 10.08
CA ASN A 26 -1.08 7.54 9.71
C ASN A 26 -2.08 8.19 8.72
N THR A 27 -2.27 9.51 8.78
CA THR A 27 -3.23 10.24 7.92
C THR A 27 -2.72 11.64 7.53
N GLY A 28 -3.25 12.18 6.43
CA GLY A 28 -2.96 13.53 5.90
C GLY A 28 -2.44 13.52 4.47
N SER A 29 -1.14 13.73 4.30
CA SER A 29 -0.50 13.80 3.00
C SER A 29 -0.04 12.44 2.45
N GLY A 30 -0.83 11.85 1.53
CA GLY A 30 -0.51 10.56 0.87
C GLY A 30 -1.66 9.60 0.60
N THR A 31 -2.44 9.84 -0.47
CA THR A 31 -3.55 8.97 -0.90
C THR A 31 -3.04 7.87 -1.88
N PRO A 32 -3.13 6.57 -1.54
CA PRO A 32 -2.72 5.46 -2.43
C PRO A 32 -3.40 5.32 -3.81
N NH2 A 33 -4.46 6.10 -4.14
HN1 NH2 A 33 -4.86 6.08 -5.10
HN2 NH2 A 33 -4.73 6.81 -3.45
N CYS A 1 -4.34 -0.91 -13.63
CA CYS A 1 -3.96 -2.31 -13.42
C CYS A 1 -3.88 -3.01 -14.77
N SER A 2 -2.85 -3.85 -15.02
CA SER A 2 -2.64 -4.50 -16.34
C SER A 2 -2.44 -6.04 -16.33
N ASN A 3 -2.18 -6.68 -15.19
CA ASN A 3 -2.01 -8.15 -15.08
C ASN A 3 -2.52 -8.58 -13.68
N LEU A 4 -3.47 -9.53 -13.65
CA LEU A 4 -4.08 -10.06 -12.42
C LEU A 4 -3.14 -10.35 -11.24
N SER A 5 -2.20 -11.32 -11.39
CA SER A 5 -1.25 -11.68 -10.31
C SER A 5 -0.44 -10.48 -9.85
N THR A 6 0.12 -9.70 -10.79
CA THR A 6 0.90 -8.48 -10.51
C THR A 6 0.09 -7.45 -9.72
N CYS A 7 -1.19 -7.25 -10.06
CA CYS A 7 -2.05 -6.31 -9.32
C CYS A 7 -2.36 -6.83 -7.90
N VAL A 8 -2.57 -8.14 -7.72
CA VAL A 8 -2.81 -8.75 -6.39
C VAL A 8 -1.54 -8.57 -5.54
N LEU A 9 -0.36 -8.84 -6.11
CA LEU A 9 0.93 -8.65 -5.43
C LEU A 9 1.09 -7.16 -5.09
N GLY A 10 0.65 -6.26 -5.97
CA GLY A 10 0.66 -4.80 -5.73
C GLY A 10 -0.19 -4.47 -4.51
N LYS A 11 -1.41 -5.03 -4.38
CA LYS A 11 -2.29 -4.80 -3.22
C LYS A 11 -1.62 -5.36 -1.96
N LEU A 12 -0.91 -6.51 -2.03
CA LEU A 12 -0.22 -7.09 -0.89
C LEU A 12 0.88 -6.09 -0.45
N SER A 13 1.60 -5.52 -1.40
CA SER A 13 2.63 -4.53 -1.10
C SER A 13 1.98 -3.33 -0.42
N GLN A 14 0.74 -2.94 -0.80
CA GLN A 14 0.00 -1.83 -0.16
C GLN A 14 -0.40 -2.20 1.28
N GLU A 15 -0.83 -3.43 1.55
CA GLU A 15 -1.20 -3.92 2.90
C GLU A 15 0.05 -3.83 3.82
N LEU A 16 1.20 -4.34 3.35
CA LEU A 16 2.48 -4.28 4.06
C LEU A 16 2.98 -2.83 4.24
N HIS A 17 3.11 -2.07 3.16
CA HIS A 17 3.63 -0.71 3.22
C HIS A 17 2.76 0.26 4.02
N LYS A 18 1.41 0.18 3.96
CA LYS A 18 0.57 1.08 4.80
C LYS A 18 0.83 0.81 6.28
N LEU A 19 1.08 -0.46 6.66
CA LEU A 19 1.39 -0.86 8.03
C LEU A 19 2.79 -0.32 8.43
N GLN A 20 3.73 -0.15 7.49
CA GLN A 20 5.08 0.40 7.73
C GLN A 20 5.04 1.93 7.89
N THR A 21 4.20 2.64 7.10
CA THR A 21 4.07 4.10 7.21
C THR A 21 3.27 4.52 8.46
N TYR A 22 2.22 3.76 8.82
CA TYR A 22 1.30 3.99 9.95
C TYR A 22 2.02 4.48 11.23
N PRO A 23 3.03 3.78 11.79
CA PRO A 23 3.75 4.18 13.01
C PRO A 23 4.44 5.57 12.94
N ARG A 24 4.67 6.12 11.74
CA ARG A 24 5.34 7.42 11.51
C ARG A 24 4.39 8.49 10.96
N THR A 25 3.34 8.07 10.25
CA THR A 25 2.29 8.90 9.63
C THR A 25 1.12 7.99 9.21
N ASN A 26 0.07 7.93 10.05
CA ASN A 26 -1.15 7.16 9.75
C ASN A 26 -1.96 7.80 8.63
N THR A 27 -2.02 9.13 8.63
CA THR A 27 -2.66 10.06 7.70
C THR A 27 -1.95 11.42 7.84
N GLY A 28 -2.40 12.47 7.12
CA GLY A 28 -1.82 13.81 7.23
C GLY A 28 -1.77 14.62 5.94
N SER A 29 -0.58 14.69 5.34
CA SER A 29 -0.29 15.49 4.12
C SER A 29 -0.45 14.76 2.77
N GLY A 30 -1.67 14.69 2.26
CA GLY A 30 -2.02 14.06 0.95
C GLY A 30 -2.81 12.75 1.01
N THR A 31 -2.96 12.10 -0.16
CA THR A 31 -3.61 10.80 -0.34
C THR A 31 -2.77 9.89 -1.24
N PRO A 32 -2.52 8.61 -0.87
CA PRO A 32 -1.71 7.68 -1.67
C PRO A 32 -2.19 7.47 -3.13
N NH2 A 33 -3.49 7.68 -3.44
HN1 NH2 A 33 -4.13 7.98 -2.71
HN2 NH2 A 33 -3.80 7.50 -4.39
N CYS A 1 -3.81 -1.45 -14.08
CA CYS A 1 -3.65 -2.91 -13.80
C CYS A 1 -3.59 -3.63 -15.15
N SER A 2 -2.45 -4.26 -15.48
CA SER A 2 -2.28 -4.97 -16.77
C SER A 2 -2.34 -6.48 -16.71
N ASN A 3 -1.91 -7.08 -15.59
CA ASN A 3 -1.96 -8.53 -15.30
C ASN A 3 -2.50 -8.73 -13.89
N LEU A 4 -3.67 -9.36 -13.78
CA LEU A 4 -4.39 -9.58 -12.52
C LEU A 4 -3.55 -10.20 -11.39
N SER A 5 -2.75 -11.25 -11.65
CA SER A 5 -1.90 -11.85 -10.61
C SER A 5 -0.89 -10.83 -10.06
N THR A 6 -0.23 -10.06 -10.93
CA THR A 6 0.72 -9.00 -10.55
C THR A 6 0.01 -7.90 -9.78
N CYS A 7 -1.24 -7.56 -10.14
CA CYS A 7 -2.04 -6.55 -9.45
C CYS A 7 -2.32 -6.97 -7.99
N VAL A 8 -2.73 -8.24 -7.78
CA VAL A 8 -2.96 -8.77 -6.44
C VAL A 8 -1.66 -8.74 -5.62
N LEU A 9 -0.52 -9.12 -6.23
CA LEU A 9 0.80 -9.07 -5.59
C LEU A 9 1.12 -7.61 -5.23
N GLY A 10 0.77 -6.65 -6.10
CA GLY A 10 1.03 -5.21 -5.91
C GLY A 10 0.25 -4.77 -4.66
N LYS A 11 -1.00 -5.25 -4.46
CA LYS A 11 -1.82 -4.91 -3.29
C LYS A 11 -1.21 -5.51 -2.03
N LEU A 12 -0.66 -6.73 -2.09
CA LEU A 12 0.01 -7.33 -0.92
C LEU A 12 1.22 -6.46 -0.51
N SER A 13 1.99 -5.96 -1.50
CA SER A 13 3.14 -5.08 -1.22
C SER A 13 2.62 -3.75 -0.64
N GLN A 14 1.50 -3.22 -1.15
CA GLN A 14 0.84 -2.00 -0.65
C GLN A 14 0.37 -2.18 0.81
N GLU A 15 -0.17 -3.34 1.20
CA GLU A 15 -0.59 -3.64 2.58
C GLU A 15 0.61 -3.55 3.52
N LEU A 16 1.74 -4.20 3.18
CA LEU A 16 2.98 -4.15 3.96
C LEU A 16 3.54 -2.72 3.99
N HIS A 17 3.49 -1.98 2.87
CA HIS A 17 3.95 -0.60 2.79
C HIS A 17 3.16 0.34 3.72
N LYS A 18 1.81 0.28 3.75
CA LYS A 18 1.03 1.14 4.68
C LYS A 18 1.31 0.72 6.14
N LEU A 19 1.65 -0.55 6.38
CA LEU A 19 2.01 -1.03 7.71
C LEU A 19 3.33 -0.39 8.17
N GLN A 20 4.23 -0.02 7.25
CA GLN A 20 5.50 0.65 7.57
C GLN A 20 5.26 2.12 7.93
N THR A 21 4.34 2.78 7.21
CA THR A 21 4.01 4.18 7.47
C THR A 21 3.19 4.43 8.74
N TYR A 22 2.17 3.60 9.00
CA TYR A 22 1.27 3.75 10.14
C TYR A 22 1.95 4.08 11.50
N PRO A 23 3.02 3.38 11.94
CA PRO A 23 3.76 3.68 13.19
C PRO A 23 4.41 5.08 13.26
N ARG A 24 4.50 5.83 12.15
CA ARG A 24 5.10 7.17 12.07
C ARG A 24 4.11 8.24 11.54
N THR A 25 3.13 7.86 10.73
CA THR A 25 2.10 8.77 10.21
C THR A 25 0.88 8.01 9.71
N ASN A 26 -0.31 8.44 10.14
CA ASN A 26 -1.61 7.88 9.75
C ASN A 26 -2.34 8.77 8.71
N THR A 27 -2.13 10.10 8.77
CA THR A 27 -2.69 11.18 7.96
C THR A 27 -1.72 12.37 7.96
N GLY A 28 -1.84 13.33 7.02
CA GLY A 28 -1.00 14.54 6.98
C GLY A 28 -0.49 15.06 5.62
N SER A 29 -0.08 14.18 4.68
CA SER A 29 0.45 14.59 3.36
C SER A 29 0.15 13.53 2.29
N GLY A 30 -0.68 13.87 1.30
CA GLY A 30 -1.11 12.95 0.24
C GLY A 30 -2.47 12.28 0.52
N THR A 31 -2.88 11.36 -0.37
CA THR A 31 -4.12 10.60 -0.24
C THR A 31 -3.89 9.16 -0.71
N PRO A 32 -4.04 8.13 0.15
CA PRO A 32 -3.92 6.72 -0.23
C PRO A 32 -4.89 6.19 -1.31
N NH2 A 33 -5.95 6.96 -1.66
HN1 NH2 A 33 -6.07 7.87 -1.23
HN2 NH2 A 33 -6.59 6.60 -2.34
N CYS A 1 -3.54 -1.19 -14.12
CA CYS A 1 -3.30 -2.63 -13.87
C CYS A 1 -3.41 -3.43 -15.17
N SER A 2 -2.44 -4.31 -15.48
CA SER A 2 -2.43 -5.10 -16.73
C SER A 2 -2.15 -6.62 -16.61
N ASN A 3 -1.73 -7.13 -15.43
CA ASN A 3 -1.50 -8.56 -15.21
C ASN A 3 -2.06 -8.95 -13.83
N LEU A 4 -3.11 -9.77 -13.80
CA LEU A 4 -3.83 -10.24 -12.61
C LEU A 4 -2.95 -10.58 -11.40
N SER A 5 -2.02 -11.54 -11.50
CA SER A 5 -1.13 -11.92 -10.39
C SER A 5 -0.28 -10.75 -9.87
N THR A 6 0.28 -9.91 -10.75
CA THR A 6 1.05 -8.72 -10.35
C THR A 6 0.16 -7.71 -9.62
N CYS A 7 -1.09 -7.51 -10.07
CA CYS A 7 -2.02 -6.60 -9.41
C CYS A 7 -2.40 -7.14 -8.01
N VAL A 8 -2.58 -8.46 -7.86
CA VAL A 8 -2.88 -9.09 -6.55
C VAL A 8 -1.68 -8.84 -5.63
N LEU A 9 -0.45 -9.12 -6.10
CA LEU A 9 0.77 -8.89 -5.34
C LEU A 9 0.82 -7.40 -4.92
N GLY A 10 0.43 -6.49 -5.82
CA GLY A 10 0.40 -5.03 -5.59
C GLY A 10 -0.54 -4.70 -4.44
N LYS A 11 -1.74 -5.29 -4.40
CA LYS A 11 -2.70 -5.10 -3.29
C LYS A 11 -2.10 -5.58 -1.97
N LEU A 12 -1.40 -6.73 -1.95
CA LEU A 12 -0.75 -7.23 -0.73
C LEU A 12 0.36 -6.22 -0.32
N SER A 13 1.19 -5.74 -1.25
CA SER A 13 2.25 -4.74 -1.01
C SER A 13 1.63 -3.43 -0.47
N GLN A 14 0.39 -3.08 -0.86
CA GLN A 14 -0.32 -1.88 -0.41
C GLN A 14 -0.59 -2.01 1.11
N GLU A 15 -1.04 -3.18 1.56
CA GLU A 15 -1.28 -3.47 2.99
C GLU A 15 0.05 -3.45 3.76
N LEU A 16 1.08 -4.15 3.24
CA LEU A 16 2.42 -4.17 3.85
C LEU A 16 3.00 -2.76 4.02
N HIS A 17 3.02 -1.94 2.97
CA HIS A 17 3.59 -0.59 3.03
C HIS A 17 2.85 0.33 4.00
N LYS A 18 1.49 0.36 4.03
CA LYS A 18 0.78 1.20 5.01
C LYS A 18 1.07 0.74 6.45
N LEU A 19 1.32 -0.55 6.68
CA LEU A 19 1.69 -1.07 8.01
C LEU A 19 3.10 -0.61 8.38
N GLN A 20 3.99 -0.32 7.40
CA GLN A 20 5.38 0.18 7.62
C GLN A 20 5.32 1.68 8.00
N THR A 21 4.42 2.47 7.40
CA THR A 21 4.32 3.92 7.67
C THR A 21 3.47 4.18 8.95
N TYR A 22 2.48 3.33 9.26
CA TYR A 22 1.58 3.45 10.44
C TYR A 22 2.25 3.84 11.78
N PRO A 23 3.37 3.23 12.24
CA PRO A 23 4.10 3.60 13.46
C PRO A 23 4.76 5.00 13.46
N ARG A 24 4.65 5.76 12.37
CA ARG A 24 5.27 7.08 12.17
C ARG A 24 4.31 8.14 11.63
N THR A 25 3.62 7.86 10.52
CA THR A 25 2.62 8.72 9.86
C THR A 25 1.49 7.97 9.17
N ASN A 26 0.26 8.43 9.40
CA ASN A 26 -0.98 7.84 8.85
C ASN A 26 -1.67 8.84 7.91
N THR A 27 -1.39 10.13 8.10
CA THR A 27 -1.86 11.32 7.38
C THR A 27 -0.80 12.45 7.48
N GLY A 28 -0.90 13.50 6.65
CA GLY A 28 0.00 14.66 6.68
C GLY A 28 0.36 15.22 5.30
N SER A 29 0.83 14.36 4.39
CA SER A 29 1.24 14.67 3.02
C SER A 29 0.54 13.78 2.00
N GLY A 30 0.20 14.34 0.84
CA GLY A 30 -0.43 13.64 -0.29
C GLY A 30 -1.91 13.34 -0.08
N THR A 31 -2.53 12.72 -1.10
CA THR A 31 -3.93 12.28 -1.14
C THR A 31 -3.99 10.74 -1.01
N PRO A 32 -4.49 10.18 0.10
CA PRO A 32 -4.59 8.73 0.29
C PRO A 32 -5.36 7.90 -0.78
N NH2 A 33 -6.28 8.50 -1.54
HN1 NH2 A 33 -6.70 7.97 -2.29
HN2 NH2 A 33 -6.35 9.50 -1.53
N CYS A 1 -5.03 -1.87 -14.13
CA CYS A 1 -4.61 -3.27 -13.91
C CYS A 1 -4.56 -3.97 -15.26
N SER A 2 -3.58 -4.85 -15.48
CA SER A 2 -3.39 -5.59 -16.74
C SER A 2 -3.21 -7.10 -16.49
N ASN A 3 -2.10 -7.51 -15.89
CA ASN A 3 -1.82 -8.92 -15.55
C ASN A 3 -2.34 -9.23 -14.13
N LEU A 4 -3.32 -10.12 -14.01
CA LEU A 4 -3.96 -10.51 -12.75
C LEU A 4 -3.00 -10.87 -11.61
N SER A 5 -1.98 -11.70 -11.84
CA SER A 5 -0.98 -12.02 -10.78
C SER A 5 -0.26 -10.78 -10.27
N THR A 6 0.23 -9.91 -11.18
CA THR A 6 0.91 -8.67 -10.83
C THR A 6 -0.03 -7.72 -10.07
N CYS A 7 -1.32 -7.70 -10.42
CA CYS A 7 -2.32 -6.86 -9.73
C CYS A 7 -2.56 -7.38 -8.31
N VAL A 8 -2.70 -8.71 -8.08
CA VAL A 8 -2.86 -9.30 -6.73
C VAL A 8 -1.58 -9.04 -5.94
N LEU A 9 -0.39 -9.20 -6.54
CA LEU A 9 0.87 -8.92 -5.85
C LEU A 9 0.92 -7.43 -5.51
N GLY A 10 0.37 -6.51 -6.34
CA GLY A 10 0.27 -5.05 -6.08
C GLY A 10 -0.58 -4.80 -4.84
N LYS A 11 -1.71 -5.55 -4.66
CA LYS A 11 -2.60 -5.40 -3.49
C LYS A 11 -1.84 -5.87 -2.24
N LEU A 12 -1.06 -6.95 -2.32
CA LEU A 12 -0.24 -7.44 -1.21
C LEU A 12 0.79 -6.34 -0.89
N SER A 13 1.46 -5.72 -1.87
CA SER A 13 2.47 -4.65 -1.61
C SER A 13 1.77 -3.44 -0.99
N GLN A 14 0.52 -3.13 -1.33
CA GLN A 14 -0.23 -2.03 -0.70
C GLN A 14 -0.53 -2.37 0.77
N GLU A 15 -1.02 -3.57 1.07
CA GLU A 15 -1.30 -4.06 2.44
C GLU A 15 -0.03 -4.08 3.29
N LEU A 16 1.10 -4.53 2.76
CA LEU A 16 2.40 -4.57 3.42
C LEU A 16 2.95 -3.16 3.67
N HIS A 17 3.15 -2.36 2.63
CA HIS A 17 3.72 -1.00 2.76
C HIS A 17 2.90 -0.05 3.64
N LYS A 18 1.55 -0.09 3.60
CA LYS A 18 0.72 0.78 4.45
C LYS A 18 0.98 0.54 5.97
N LEU A 19 1.36 -0.68 6.35
CA LEU A 19 1.70 -1.03 7.74
C LEU A 19 3.05 -0.44 8.20
N GLN A 20 3.89 -0.01 7.25
CA GLN A 20 5.20 0.64 7.49
C GLN A 20 5.06 2.16 7.60
N THR A 21 4.16 2.77 6.80
CA THR A 21 3.91 4.23 6.78
C THR A 21 3.03 4.66 7.97
N TYR A 22 1.95 3.93 8.26
CA TYR A 22 0.96 4.18 9.33
C TYR A 22 1.53 4.71 10.69
N PRO A 23 2.55 4.08 11.30
CA PRO A 23 3.08 4.52 12.59
C PRO A 23 3.78 5.90 12.67
N ARG A 24 4.29 6.46 11.54
CA ARG A 24 5.00 7.77 11.54
C ARG A 24 4.48 8.80 10.53
N THR A 25 3.67 8.42 9.54
CA THR A 25 3.11 9.38 8.55
C THR A 25 1.61 9.19 8.30
N ASN A 26 0.81 9.35 9.37
CA ASN A 26 -0.66 9.25 9.31
C ASN A 26 -1.32 10.59 8.98
N THR A 27 -0.63 11.72 9.17
CA THR A 27 -1.10 13.09 8.94
C THR A 27 0.08 14.02 8.61
N GLY A 28 -0.20 15.13 7.91
CA GLY A 28 0.83 16.10 7.45
C GLY A 28 1.34 16.08 6.00
N SER A 29 1.03 15.05 5.21
CA SER A 29 1.46 14.97 3.80
C SER A 29 0.46 14.21 2.92
N GLY A 30 -0.54 14.92 2.40
CA GLY A 30 -1.58 14.32 1.55
C GLY A 30 -2.57 13.41 2.30
N THR A 31 -3.35 12.64 1.56
CA THR A 31 -4.34 11.70 2.08
C THR A 31 -3.72 10.29 1.99
N PRO A 32 -3.67 9.49 3.08
CA PRO A 32 -3.12 8.12 3.09
C PRO A 32 -3.78 7.08 2.15
N NH2 A 33 -4.96 7.35 1.53
HN1 NH2 A 33 -5.39 6.68 0.90
HN2 NH2 A 33 -5.35 8.28 1.63
N CYS A 1 -4.51 -1.73 -14.02
CA CYS A 1 -4.40 -3.21 -13.78
C CYS A 1 -4.57 -3.91 -15.13
N SER A 2 -3.65 -4.82 -15.49
CA SER A 2 -3.68 -5.54 -16.80
C SER A 2 -3.55 -7.07 -16.68
N ASN A 3 -2.92 -7.60 -15.61
CA ASN A 3 -2.76 -9.03 -15.36
C ASN A 3 -3.13 -9.29 -13.88
N LEU A 4 -4.23 -10.03 -13.65
CA LEU A 4 -4.76 -10.34 -12.32
C LEU A 4 -3.74 -10.80 -11.29
N SER A 5 -2.91 -11.81 -11.58
CA SER A 5 -1.87 -12.29 -10.64
C SER A 5 -0.89 -11.19 -10.23
N THR A 6 -0.39 -10.40 -11.20
CA THR A 6 0.52 -9.26 -10.94
C THR A 6 -0.20 -8.17 -10.11
N CYS A 7 -1.47 -7.88 -10.41
CA CYS A 7 -2.24 -6.89 -9.64
C CYS A 7 -2.37 -7.34 -8.17
N VAL A 8 -2.67 -8.62 -7.91
CA VAL A 8 -2.75 -9.16 -6.54
C VAL A 8 -1.38 -9.05 -5.85
N LEU A 9 -0.29 -9.48 -6.49
CA LEU A 9 1.08 -9.35 -5.95
C LEU A 9 1.41 -7.89 -5.57
N GLY A 10 0.97 -6.93 -6.42
CA GLY A 10 1.16 -5.49 -6.23
C GLY A 10 0.42 -5.05 -4.95
N LYS A 11 -0.86 -5.42 -4.81
CA LYS A 11 -1.68 -5.12 -3.62
C LYS A 11 -1.06 -5.73 -2.35
N LEU A 12 -0.63 -7.01 -2.40
CA LEU A 12 0.04 -7.67 -1.27
C LEU A 12 1.32 -6.91 -0.86
N SER A 13 2.06 -6.38 -1.84
CA SER A 13 3.28 -5.58 -1.59
C SER A 13 2.88 -4.25 -0.89
N GLN A 14 1.77 -3.63 -1.30
CA GLN A 14 1.25 -2.39 -0.69
C GLN A 14 0.81 -2.64 0.77
N GLU A 15 0.18 -3.80 1.06
CA GLU A 15 -0.26 -4.19 2.41
C GLU A 15 0.92 -4.19 3.40
N LEU A 16 2.04 -4.81 3.03
CA LEU A 16 3.27 -4.83 3.84
C LEU A 16 3.79 -3.43 4.09
N HIS A 17 3.83 -2.58 3.05
CA HIS A 17 4.34 -1.22 3.12
C HIS A 17 3.50 -0.28 4.00
N LYS A 18 2.17 -0.22 3.85
CA LYS A 18 1.33 0.68 4.67
C LYS A 18 1.44 0.41 6.17
N LEU A 19 1.73 -0.84 6.56
CA LEU A 19 1.95 -1.22 7.97
C LEU A 19 3.21 -0.57 8.55
N GLN A 20 4.19 -0.21 7.71
CA GLN A 20 5.44 0.47 8.12
C GLN A 20 5.22 1.98 8.31
N THR A 21 4.41 2.61 7.45
CA THR A 21 4.08 4.04 7.54
C THR A 21 3.05 4.41 8.60
N TYR A 22 2.03 3.56 8.82
CA TYR A 22 0.96 3.73 9.82
C TYR A 22 1.46 4.26 11.20
N PRO A 23 2.47 3.65 11.87
CA PRO A 23 3.01 4.13 13.15
C PRO A 23 3.80 5.46 13.12
N ARG A 24 3.89 6.17 11.99
CA ARG A 24 4.61 7.46 11.85
C ARG A 24 3.86 8.52 11.02
N THR A 25 2.95 8.12 10.13
CA THR A 25 2.17 9.07 9.30
C THR A 25 0.77 8.55 9.02
N ASN A 26 -0.22 9.43 9.23
CA ASN A 26 -1.64 9.22 8.99
C ASN A 26 -2.28 10.40 8.25
N THR A 27 -1.71 11.61 8.38
CA THR A 27 -2.05 12.88 7.74
C THR A 27 -0.82 13.78 7.66
N GLY A 28 -0.89 14.89 6.91
CA GLY A 28 0.19 15.86 6.76
C GLY A 28 0.54 16.12 5.29
N SER A 29 1.40 15.27 4.71
CA SER A 29 1.88 15.36 3.32
C SER A 29 0.82 14.92 2.28
N GLY A 30 -0.36 15.57 2.28
CA GLY A 30 -1.47 15.25 1.39
C GLY A 30 -2.54 14.37 2.07
N THR A 31 -3.56 13.97 1.30
CA THR A 31 -4.67 13.13 1.79
C THR A 31 -4.30 11.63 1.79
N PRO A 32 -4.57 10.88 2.89
CA PRO A 32 -4.26 9.45 2.98
C PRO A 32 -5.21 8.55 2.14
N NH2 A 33 -6.33 9.09 1.63
HN1 NH2 A 33 -6.56 10.05 1.84
HN2 NH2 A 33 -6.96 8.49 1.13
N CYS A 1 -3.97 -2.46 -15.19
CA CYS A 1 -3.74 -3.83 -14.69
C CYS A 1 -3.73 -4.75 -15.88
N SER A 2 -2.77 -5.69 -15.92
CA SER A 2 -2.57 -6.63 -17.04
C SER A 2 -2.54 -8.09 -16.56
N ASN A 3 -1.46 -8.52 -15.87
CA ASN A 3 -1.37 -9.90 -15.36
C ASN A 3 -2.03 -9.98 -13.98
N LEU A 4 -3.19 -10.65 -13.89
CA LEU A 4 -4.00 -10.81 -12.68
C LEU A 4 -3.23 -11.17 -11.40
N SER A 5 -2.36 -12.20 -11.40
CA SER A 5 -1.55 -12.54 -10.22
C SER A 5 -0.66 -11.38 -9.76
N THR A 6 -0.01 -10.67 -10.70
CA THR A 6 0.83 -9.49 -10.42
C THR A 6 -0.04 -8.33 -9.90
N CYS A 7 -1.28 -8.16 -10.39
CA CYS A 7 -2.18 -7.11 -9.89
C CYS A 7 -2.51 -7.38 -8.39
N VAL A 8 -2.74 -8.66 -8.00
CA VAL A 8 -3.01 -9.03 -6.61
C VAL A 8 -1.74 -8.74 -5.79
N LEU A 9 -0.55 -9.13 -6.27
CA LEU A 9 0.73 -8.84 -5.63
C LEU A 9 0.94 -7.31 -5.48
N GLY A 10 0.43 -6.51 -6.42
CA GLY A 10 0.50 -5.05 -6.41
C GLY A 10 -0.35 -4.50 -5.26
N LYS A 11 -1.61 -4.96 -5.16
CA LYS A 11 -2.51 -4.57 -4.05
C LYS A 11 -1.92 -5.00 -2.71
N LEU A 12 -1.40 -6.23 -2.63
CA LEU A 12 -0.75 -6.74 -1.40
C LEU A 12 0.49 -5.88 -1.07
N SER A 13 1.20 -5.34 -2.08
CA SER A 13 2.34 -4.46 -1.88
C SER A 13 1.87 -3.14 -1.25
N GLN A 14 0.68 -2.64 -1.62
CA GLN A 14 0.11 -1.42 -1.03
C GLN A 14 -0.18 -1.69 0.44
N GLU A 15 -0.77 -2.85 0.76
CA GLU A 15 -1.10 -3.27 2.12
C GLU A 15 0.18 -3.37 2.97
N LEU A 16 1.24 -3.97 2.43
CA LEU A 16 2.54 -4.08 3.09
C LEU A 16 3.18 -2.70 3.31
N HIS A 17 3.08 -1.79 2.32
CA HIS A 17 3.67 -0.46 2.42
C HIS A 17 3.05 0.38 3.53
N LYS A 18 1.71 0.40 3.67
CA LYS A 18 1.06 1.16 4.76
C LYS A 18 1.47 0.65 6.16
N LEU A 19 1.85 -0.62 6.30
CA LEU A 19 2.31 -1.17 7.59
C LEU A 19 3.69 -0.58 7.98
N GLN A 20 4.49 -0.10 7.02
CA GLN A 20 5.79 0.54 7.28
C GLN A 20 5.62 1.99 7.72
N THR A 21 4.70 2.75 7.11
CA THR A 21 4.47 4.17 7.39
C THR A 21 3.59 4.41 8.62
N TYR A 22 2.50 3.65 8.83
CA TYR A 22 1.56 3.84 9.95
C TYR A 22 2.21 4.09 11.34
N PRO A 23 3.24 3.32 11.78
CA PRO A 23 3.94 3.54 13.05
C PRO A 23 4.65 4.90 13.24
N ARG A 24 4.79 5.71 12.18
CA ARG A 24 5.40 7.06 12.22
C ARG A 24 4.46 8.15 11.66
N THR A 25 3.61 7.83 10.70
CA THR A 25 2.69 8.79 10.07
C THR A 25 1.43 8.10 9.55
N ASN A 26 0.27 8.64 9.91
CA ASN A 26 -1.05 8.15 9.50
C ASN A 26 -1.94 9.25 8.87
N THR A 27 -1.74 10.51 9.26
CA THR A 27 -2.46 11.71 8.77
C THR A 27 -1.52 12.93 8.77
N GLY A 28 -1.83 13.94 7.95
CA GLY A 28 -1.09 15.20 7.85
C GLY A 28 -0.51 15.48 6.46
N SER A 29 0.50 14.71 6.03
CA SER A 29 1.16 14.88 4.71
C SER A 29 0.33 14.28 3.56
N GLY A 30 -0.89 14.81 3.34
CA GLY A 30 -1.79 14.40 2.25
C GLY A 30 -2.78 13.30 2.65
N THR A 31 -3.54 12.84 1.66
CA THR A 31 -4.55 11.77 1.80
C THR A 31 -3.98 10.41 1.39
N PRO A 32 -3.82 9.43 2.31
CA PRO A 32 -3.25 8.11 1.98
C PRO A 32 -4.00 7.32 0.87
N NH2 A 33 -5.28 7.61 0.61
HN1 NH2 A 33 -5.76 8.30 1.16
HN2 NH2 A 33 -5.76 7.06 -0.08
N CYS A 1 -3.41 -1.62 -14.06
CA CYS A 1 -3.39 -3.10 -13.86
C CYS A 1 -3.40 -3.80 -15.22
N SER A 2 -2.54 -4.82 -15.40
CA SER A 2 -2.48 -5.67 -16.61
C SER A 2 -2.55 -7.14 -16.25
N ASN A 3 -1.46 -7.77 -15.77
CA ASN A 3 -1.48 -9.15 -15.34
C ASN A 3 -2.14 -9.26 -13.96
N LEU A 4 -3.34 -9.85 -13.90
CA LEU A 4 -4.15 -9.99 -12.69
C LEU A 4 -3.39 -10.56 -11.45
N SER A 5 -2.59 -11.62 -11.59
CA SER A 5 -1.80 -12.13 -10.45
C SER A 5 -0.82 -11.09 -9.89
N THR A 6 -0.10 -10.37 -10.77
CA THR A 6 0.82 -9.31 -10.34
C THR A 6 0.02 -8.16 -9.70
N CYS A 7 -1.19 -7.85 -10.18
CA CYS A 7 -2.04 -6.82 -9.56
C CYS A 7 -2.41 -7.21 -8.12
N VAL A 8 -2.75 -8.49 -7.85
CA VAL A 8 -3.07 -8.97 -6.48
C VAL A 8 -1.80 -8.85 -5.62
N LEU A 9 -0.63 -9.25 -6.13
CA LEU A 9 0.65 -9.13 -5.43
C LEU A 9 0.95 -7.63 -5.17
N GLY A 10 0.50 -6.74 -6.05
CA GLY A 10 0.63 -5.29 -5.98
C GLY A 10 -0.24 -4.78 -4.83
N LYS A 11 -1.50 -5.21 -4.71
CA LYS A 11 -2.41 -4.85 -3.61
C LYS A 11 -1.77 -5.28 -2.28
N LEU A 12 -1.22 -6.50 -2.19
CA LEU A 12 -0.51 -6.97 -1.00
C LEU A 12 0.73 -6.11 -0.71
N SER A 13 1.39 -5.58 -1.76
CA SER A 13 2.54 -4.69 -1.60
C SER A 13 2.08 -3.33 -1.06
N GLN A 14 0.86 -2.87 -1.40
CA GLN A 14 0.24 -1.63 -0.87
C GLN A 14 -0.03 -1.84 0.63
N GLU A 15 -0.50 -3.03 1.04
CA GLU A 15 -0.80 -3.36 2.42
C GLU A 15 0.51 -3.23 3.25
N LEU A 16 1.60 -3.83 2.74
CA LEU A 16 2.93 -3.76 3.36
C LEU A 16 3.40 -2.29 3.42
N HIS A 17 3.22 -1.49 2.35
CA HIS A 17 3.63 -0.07 2.34
C HIS A 17 2.87 0.77 3.40
N LYS A 18 1.55 0.58 3.58
CA LYS A 18 0.81 1.30 4.64
C LYS A 18 1.33 0.89 6.03
N LEU A 19 1.63 -0.41 6.26
CA LEU A 19 2.19 -0.92 7.52
C LEU A 19 3.57 -0.30 7.79
N GLN A 20 4.38 -0.06 6.73
CA GLN A 20 5.76 0.49 6.81
C GLN A 20 5.77 2.01 7.02
N THR A 21 4.63 2.68 6.93
CA THR A 21 4.48 4.14 7.08
C THR A 21 3.70 4.56 8.34
N TYR A 22 2.54 3.92 8.61
CA TYR A 22 1.63 4.24 9.72
C TYR A 22 2.33 4.46 11.10
N PRO A 23 3.31 3.65 11.55
CA PRO A 23 4.03 3.85 12.81
C PRO A 23 4.86 5.14 12.94
N ARG A 24 5.08 5.89 11.84
CA ARG A 24 5.83 7.16 11.79
C ARG A 24 4.95 8.29 11.27
N THR A 25 4.01 7.99 10.39
CA THR A 25 3.05 8.95 9.80
C THR A 25 1.83 8.21 9.26
N ASN A 26 0.63 8.53 9.76
CA ASN A 26 -0.65 7.94 9.31
C ASN A 26 -1.58 8.94 8.59
N THR A 27 -1.45 10.23 8.89
CA THR A 27 -2.22 11.36 8.36
C THR A 27 -1.35 12.63 8.32
N GLY A 28 -1.85 13.71 7.73
CA GLY A 28 -1.14 15.00 7.67
C GLY A 28 -0.12 15.17 6.53
N SER A 29 0.23 14.11 5.80
CA SER A 29 1.16 14.11 4.65
C SER A 29 0.87 12.95 3.69
N GLY A 30 -0.20 13.11 2.90
CA GLY A 30 -0.70 12.10 1.96
C GLY A 30 -2.20 11.87 2.11
N THR A 31 -2.74 10.83 1.47
CA THR A 31 -4.15 10.43 1.56
C THR A 31 -4.30 8.90 1.54
N PRO A 32 -4.93 8.26 2.56
CA PRO A 32 -5.14 6.81 2.60
C PRO A 32 -5.94 6.18 1.44
N NH2 A 33 -6.60 6.96 0.58
HN1 NH2 A 33 -6.55 7.97 0.68
HN2 NH2 A 33 -7.14 6.54 -0.16
N CYS A 1 -5.85 -2.62 -13.92
CA CYS A 1 -5.22 -3.93 -13.74
C CYS A 1 -4.92 -4.52 -15.11
N SER A 2 -3.69 -5.01 -15.34
CA SER A 2 -3.22 -5.58 -16.63
C SER A 2 -2.97 -7.10 -16.58
N ASN A 3 -2.22 -7.59 -15.58
CA ASN A 3 -1.91 -9.00 -15.35
C ASN A 3 -2.36 -9.41 -13.94
N LEU A 4 -3.35 -10.27 -13.82
CA LEU A 4 -3.94 -10.72 -12.56
C LEU A 4 -2.97 -11.09 -11.43
N SER A 5 -1.93 -11.92 -11.69
CA SER A 5 -0.93 -12.24 -10.64
C SER A 5 -0.23 -10.99 -10.11
N THR A 6 0.23 -10.10 -11.00
CA THR A 6 0.86 -8.84 -10.63
C THR A 6 -0.13 -7.93 -9.90
N CYS A 7 -1.42 -7.91 -10.30
CA CYS A 7 -2.44 -7.09 -9.64
C CYS A 7 -2.64 -7.55 -8.18
N VAL A 8 -2.74 -8.87 -7.92
CA VAL A 8 -2.89 -9.42 -6.55
C VAL A 8 -1.62 -9.07 -5.76
N LEU A 9 -0.42 -9.27 -6.32
CA LEU A 9 0.84 -8.93 -5.65
C LEU A 9 0.89 -7.42 -5.35
N GLY A 10 0.32 -6.60 -6.23
CA GLY A 10 0.23 -5.14 -6.08
C GLY A 10 -0.57 -4.80 -4.85
N LYS A 11 -1.72 -5.47 -4.62
CA LYS A 11 -2.56 -5.27 -3.42
C LYS A 11 -1.74 -5.62 -2.18
N LEU A 12 -1.05 -6.78 -2.18
CA LEU A 12 -0.20 -7.21 -1.06
C LEU A 12 0.89 -6.16 -0.75
N SER A 13 1.46 -5.55 -1.79
CA SER A 13 2.46 -4.49 -1.66
C SER A 13 1.87 -3.25 -0.98
N GLN A 14 0.64 -2.85 -1.38
CA GLN A 14 -0.08 -1.71 -0.77
C GLN A 14 -0.42 -1.99 0.71
N GLU A 15 -0.90 -3.20 1.02
CA GLU A 15 -1.21 -3.64 2.39
C GLU A 15 0.03 -3.59 3.29
N LEU A 16 1.17 -4.14 2.84
CA LEU A 16 2.42 -4.09 3.60
C LEU A 16 2.94 -2.65 3.77
N HIS A 17 2.98 -1.84 2.70
CA HIS A 17 3.51 -0.47 2.77
C HIS A 17 2.71 0.45 3.70
N LYS A 18 1.37 0.38 3.69
CA LYS A 18 0.56 1.22 4.60
C LYS A 18 0.82 0.85 6.08
N LEU A 19 0.97 -0.45 6.40
CA LEU A 19 1.28 -0.92 7.76
C LEU A 19 2.69 -0.52 8.24
N GLN A 20 3.64 -0.33 7.31
CA GLN A 20 5.02 0.08 7.62
C GLN A 20 5.19 1.60 7.70
N THR A 21 4.36 2.40 7.01
CA THR A 21 4.42 3.87 7.05
C THR A 21 3.68 4.46 8.26
N TYR A 22 2.51 3.90 8.63
CA TYR A 22 1.64 4.36 9.76
C TYR A 22 2.42 4.73 11.04
N PRO A 23 3.38 3.91 11.55
CA PRO A 23 4.14 4.21 12.76
C PRO A 23 5.03 5.49 12.66
N ARG A 24 5.49 5.87 11.47
CA ARG A 24 6.30 7.09 11.25
C ARG A 24 5.38 8.31 10.99
N THR A 25 4.29 8.11 10.27
CA THR A 25 3.27 9.12 9.94
C THR A 25 2.01 8.47 9.36
N ASN A 26 0.85 8.96 9.77
CA ASN A 26 -0.48 8.45 9.38
C ASN A 26 -1.43 9.52 8.81
N THR A 27 -1.23 10.80 9.13
CA THR A 27 -2.08 11.93 8.74
C THR A 27 -1.28 13.23 8.62
N GLY A 28 -1.89 14.28 8.05
CA GLY A 28 -1.32 15.62 7.92
C GLY A 28 -0.54 15.88 6.61
N SER A 29 0.27 14.93 6.14
CA SER A 29 1.08 15.11 4.92
C SER A 29 0.65 14.15 3.81
N GLY A 30 -0.38 14.54 3.04
CA GLY A 30 -0.97 13.72 1.97
C GLY A 30 -2.34 13.09 2.25
N THR A 31 -2.69 12.17 1.35
CA THR A 31 -3.96 11.39 1.35
C THR A 31 -3.69 9.88 1.39
N PRO A 32 -3.82 9.21 2.55
CA PRO A 32 -3.52 7.77 2.69
C PRO A 32 -4.36 6.85 1.79
N NH2 A 33 -5.56 7.26 1.36
HN1 NH2 A 33 -5.83 8.24 1.52
HN2 NH2 A 33 -6.03 6.65 0.73
N CYS A 1 -4.33 -0.94 -13.55
CA CYS A 1 -3.94 -2.38 -13.49
C CYS A 1 -3.85 -2.93 -14.91
N SER A 2 -2.85 -3.79 -15.23
CA SER A 2 -2.67 -4.37 -16.58
C SER A 2 -2.69 -5.89 -16.65
N ASN A 3 -2.23 -6.59 -15.60
CA ASN A 3 -2.21 -8.07 -15.49
C ASN A 3 -2.73 -8.49 -14.11
N LEU A 4 -3.88 -9.17 -14.09
CA LEU A 4 -4.58 -9.63 -12.88
C LEU A 4 -3.66 -10.21 -11.79
N SER A 5 -2.90 -11.26 -12.11
CA SER A 5 -2.01 -11.94 -11.13
C SER A 5 -0.96 -10.99 -10.55
N THR A 6 -0.33 -10.14 -11.37
CA THR A 6 0.64 -9.16 -10.87
C THR A 6 -0.05 -8.10 -9.99
N CYS A 7 -1.30 -7.72 -10.29
CA CYS A 7 -2.05 -6.77 -9.47
C CYS A 7 -2.30 -7.36 -8.07
N VAL A 8 -2.46 -8.69 -7.92
CA VAL A 8 -2.66 -9.35 -6.60
C VAL A 8 -1.42 -9.14 -5.77
N LEU A 9 -0.23 -9.34 -6.36
CA LEU A 9 1.08 -9.12 -5.69
C LEU A 9 1.14 -7.64 -5.24
N GLY A 10 0.63 -6.71 -6.06
CA GLY A 10 0.57 -5.28 -5.74
C GLY A 10 -0.23 -5.04 -4.45
N LYS A 11 -1.34 -5.76 -4.25
CA LYS A 11 -2.16 -5.65 -3.02
C LYS A 11 -1.36 -6.11 -1.80
N LEU A 12 -0.62 -7.23 -1.91
CA LEU A 12 0.22 -7.72 -0.81
C LEU A 12 1.24 -6.64 -0.42
N SER A 13 1.90 -6.02 -1.41
CA SER A 13 2.86 -4.94 -1.19
C SER A 13 2.17 -3.77 -0.49
N GLN A 14 0.98 -3.36 -0.94
CA GLN A 14 0.21 -2.27 -0.31
C GLN A 14 -0.14 -2.57 1.17
N GLU A 15 -0.65 -3.77 1.48
CA GLU A 15 -1.00 -4.20 2.85
C GLU A 15 0.19 -4.13 3.81
N LEU A 16 1.35 -4.68 3.41
CA LEU A 16 2.57 -4.61 4.24
C LEU A 16 3.12 -3.18 4.32
N HIS A 17 3.20 -2.48 3.18
CA HIS A 17 3.77 -1.13 3.09
C HIS A 17 3.04 -0.12 3.97
N LYS A 18 1.68 -0.09 3.96
CA LYS A 18 0.92 0.85 4.83
C LYS A 18 1.25 0.64 6.31
N LEU A 19 1.41 -0.62 6.77
CA LEU A 19 1.78 -0.92 8.15
C LEU A 19 3.21 -0.48 8.50
N GLN A 20 4.10 -0.31 7.51
CA GLN A 20 5.48 0.17 7.72
C GLN A 20 5.52 1.70 7.73
N THR A 21 4.65 2.39 6.98
CA THR A 21 4.58 3.86 6.96
C THR A 21 3.73 4.47 8.08
N TYR A 22 2.60 3.84 8.46
CA TYR A 22 1.69 4.33 9.51
C TYR A 22 2.41 4.79 10.80
N PRO A 23 3.39 4.03 11.36
CA PRO A 23 4.17 4.39 12.56
C PRO A 23 5.03 5.68 12.42
N ARG A 24 5.05 6.32 11.25
CA ARG A 24 5.79 7.58 10.98
C ARG A 24 4.91 8.63 10.27
N THR A 25 3.89 8.21 9.51
CA THR A 25 2.91 9.06 8.81
C THR A 25 1.59 8.31 8.59
N ASN A 26 0.54 8.71 9.31
CA ASN A 26 -0.82 8.16 9.20
C ASN A 26 -1.78 9.13 8.49
N THR A 27 -1.59 10.42 8.75
CA THR A 27 -2.30 11.60 8.23
C THR A 27 -1.30 12.78 8.24
N GLY A 28 -1.60 13.89 7.54
CA GLY A 28 -0.75 15.08 7.55
C GLY A 28 -0.59 15.81 6.21
N SER A 29 -0.01 15.17 5.19
CA SER A 29 0.23 15.83 3.88
C SER A 29 0.18 14.84 2.71
N GLY A 30 -1.02 14.63 2.17
CA GLY A 30 -1.33 13.70 1.08
C GLY A 30 -2.77 13.18 1.21
N THR A 31 -3.08 12.05 0.59
CA THR A 31 -4.41 11.40 0.63
C THR A 31 -4.24 9.93 1.04
N PRO A 32 -4.36 9.58 2.34
CA PRO A 32 -4.19 8.20 2.85
C PRO A 32 -5.14 7.12 2.28
N NH2 A 33 -6.15 7.48 1.49
HN1 NH2 A 33 -6.76 6.75 1.15
HN2 NH2 A 33 -6.26 8.46 1.23
N CYS A 1 -3.31 -1.78 -14.68
CA CYS A 1 -3.37 -3.19 -14.25
C CYS A 1 -3.52 -4.07 -15.49
N SER A 2 -2.67 -5.09 -15.65
CA SER A 2 -2.68 -5.97 -16.83
C SER A 2 -2.67 -7.46 -16.48
N ASN A 3 -1.68 -7.94 -15.71
CA ASN A 3 -1.58 -9.34 -15.28
C ASN A 3 -2.22 -9.54 -13.90
N LEU A 4 -3.18 -10.48 -13.79
CA LEU A 4 -3.96 -10.80 -12.57
C LEU A 4 -3.05 -10.97 -11.34
N SER A 5 -2.05 -11.87 -11.39
CA SER A 5 -1.17 -12.14 -10.22
C SER A 5 -0.44 -10.84 -9.82
N THR A 6 0.16 -10.11 -10.77
CA THR A 6 0.85 -8.83 -10.51
C THR A 6 -0.10 -7.80 -9.87
N CYS A 7 -1.37 -7.73 -10.28
CA CYS A 7 -2.34 -6.81 -9.66
C CYS A 7 -2.69 -7.22 -8.22
N VAL A 8 -2.88 -8.51 -7.92
CA VAL A 8 -3.15 -8.98 -6.55
C VAL A 8 -1.89 -8.72 -5.68
N LEU A 9 -0.69 -8.97 -6.22
CA LEU A 9 0.58 -8.69 -5.54
C LEU A 9 0.67 -7.19 -5.27
N GLY A 10 0.16 -6.36 -6.20
CA GLY A 10 0.13 -4.91 -6.07
C GLY A 10 -0.73 -4.52 -4.87
N LYS A 11 -1.92 -5.12 -4.72
CA LYS A 11 -2.83 -4.87 -3.56
C LYS A 11 -2.10 -5.29 -2.27
N LEU A 12 -1.44 -6.46 -2.25
CA LEU A 12 -0.68 -6.92 -1.09
C LEU A 12 0.43 -5.90 -0.76
N SER A 13 1.16 -5.41 -1.76
CA SER A 13 2.19 -4.39 -1.57
C SER A 13 1.60 -3.12 -0.97
N GLN A 14 0.37 -2.73 -1.32
CA GLN A 14 -0.29 -1.55 -0.74
C GLN A 14 -0.54 -1.79 0.76
N GLU A 15 -0.99 -3.00 1.15
CA GLU A 15 -1.24 -3.37 2.56
C GLU A 15 0.09 -3.37 3.33
N LEU A 16 1.16 -3.99 2.78
CA LEU A 16 2.50 -4.01 3.38
C LEU A 16 3.05 -2.59 3.53
N HIS A 17 3.04 -1.80 2.45
CA HIS A 17 3.59 -0.44 2.42
C HIS A 17 2.90 0.48 3.43
N LYS A 18 1.55 0.53 3.44
CA LYS A 18 0.80 1.36 4.40
C LYS A 18 1.14 0.97 5.86
N LEU A 19 1.20 -0.34 6.15
CA LEU A 19 1.56 -0.87 7.47
C LEU A 19 3.05 -0.62 7.83
N GLN A 20 3.96 -0.48 6.85
CA GLN A 20 5.38 -0.18 7.07
C GLN A 20 5.57 1.30 7.43
N THR A 21 4.79 2.20 6.83
CA THR A 21 4.85 3.66 7.13
C THR A 21 4.09 4.03 8.42
N TYR A 22 3.07 3.26 8.78
CA TYR A 22 2.17 3.44 9.94
C TYR A 22 2.85 3.89 11.27
N PRO A 23 3.96 3.27 11.74
CA PRO A 23 4.65 3.70 12.98
C PRO A 23 5.19 5.14 12.94
N ARG A 24 5.62 5.62 11.77
CA ARG A 24 6.14 6.99 11.56
C ARG A 24 5.03 7.97 11.19
N THR A 25 4.04 7.54 10.42
CA THR A 25 2.95 8.40 9.96
C THR A 25 1.67 7.64 9.61
N ASN A 26 0.53 8.19 10.04
CA ASN A 26 -0.82 7.67 9.79
C ASN A 26 -1.67 8.74 9.06
N THR A 27 -1.42 10.03 9.36
CA THR A 27 -2.03 11.24 8.80
C THR A 27 -1.04 12.41 8.92
N GLY A 28 -1.27 13.49 8.20
CA GLY A 28 -0.42 14.69 8.25
C GLY A 28 -0.22 15.43 6.93
N SER A 29 0.41 14.77 5.95
CA SER A 29 0.73 15.33 4.64
C SER A 29 0.06 14.56 3.49
N GLY A 30 -0.45 15.26 2.48
CA GLY A 30 -1.09 14.71 1.28
C GLY A 30 -2.31 13.82 1.57
N THR A 31 -2.21 12.53 1.26
CA THR A 31 -3.28 11.55 1.47
C THR A 31 -2.70 10.13 1.64
N PRO A 32 -2.91 9.45 2.79
CA PRO A 32 -2.39 8.10 3.04
C PRO A 32 -3.13 6.99 2.27
N NH2 A 33 -4.27 7.27 1.65
HN1 NH2 A 33 -4.75 6.54 1.15
HN2 NH2 A 33 -4.65 8.21 1.68
N CYS A 1 -4.02 -0.97 -13.93
CA CYS A 1 -3.70 -2.42 -13.76
C CYS A 1 -3.81 -3.11 -15.11
N SER A 2 -2.84 -3.96 -15.49
CA SER A 2 -2.81 -4.64 -16.81
C SER A 2 -2.80 -6.17 -16.74
N ASN A 3 -2.18 -6.77 -15.71
CA ASN A 3 -2.11 -8.21 -15.45
C ASN A 3 -2.53 -8.44 -14.00
N LEU A 4 -3.76 -8.91 -13.80
CA LEU A 4 -4.35 -9.12 -12.47
C LEU A 4 -3.48 -9.90 -11.47
N SER A 5 -2.80 -10.99 -11.85
CA SER A 5 -1.93 -11.71 -10.91
C SER A 5 -0.85 -10.80 -10.31
N THR A 6 -0.19 -9.98 -11.13
CA THR A 6 0.82 -9.02 -10.65
C THR A 6 0.14 -7.92 -9.82
N CYS A 7 -1.06 -7.46 -10.22
CA CYS A 7 -1.82 -6.45 -9.46
C CYS A 7 -2.18 -6.95 -8.05
N VAL A 8 -2.52 -8.24 -7.88
CA VAL A 8 -2.82 -8.86 -6.55
C VAL A 8 -1.55 -8.78 -5.70
N LEU A 9 -0.38 -9.13 -6.25
CA LEU A 9 0.88 -9.05 -5.52
C LEU A 9 1.19 -7.57 -5.18
N GLY A 10 0.77 -6.62 -6.03
CA GLY A 10 0.91 -5.18 -5.82
C GLY A 10 0.06 -4.74 -4.63
N LYS A 11 -1.19 -5.22 -4.54
CA LYS A 11 -2.12 -4.93 -3.43
C LYS A 11 -1.51 -5.48 -2.14
N LEU A 12 -0.93 -6.68 -2.16
CA LEU A 12 -0.28 -7.26 -0.98
C LEU A 12 0.95 -6.42 -0.59
N SER A 13 1.70 -5.92 -1.56
CA SER A 13 2.85 -5.03 -1.33
C SER A 13 2.37 -3.78 -0.60
N GLN A 14 1.22 -3.19 -1.02
CA GLN A 14 0.63 -2.02 -0.37
C GLN A 14 0.24 -2.31 1.09
N GLU A 15 -0.35 -3.49 1.38
CA GLU A 15 -0.72 -3.93 2.74
C GLU A 15 0.49 -3.99 3.68
N LEU A 16 1.66 -4.41 3.17
CA LEU A 16 2.90 -4.49 3.94
C LEU A 16 3.53 -3.08 4.09
N HIS A 17 3.67 -2.37 2.98
CA HIS A 17 4.28 -1.04 2.88
C HIS A 17 3.60 -0.02 3.81
N LYS A 18 2.25 0.02 3.84
CA LYS A 18 1.49 0.93 4.73
C LYS A 18 1.84 0.76 6.21
N LEU A 19 2.10 -0.47 6.68
CA LEU A 19 2.51 -0.74 8.06
C LEU A 19 3.92 -0.24 8.40
N GLN A 20 4.83 -0.14 7.44
CA GLN A 20 6.18 0.39 7.69
C GLN A 20 6.13 1.91 7.98
N THR A 21 5.20 2.63 7.34
CA THR A 21 5.00 4.08 7.53
C THR A 21 4.01 4.46 8.64
N TYR A 22 2.97 3.66 8.88
CA TYR A 22 1.89 3.92 9.86
C TYR A 22 2.34 4.46 11.24
N PRO A 23 3.31 3.84 11.95
CA PRO A 23 3.79 4.33 13.26
C PRO A 23 4.42 5.75 13.24
N ARG A 24 4.78 6.27 12.06
CA ARG A 24 5.40 7.59 11.86
C ARG A 24 4.50 8.59 11.12
N THR A 25 3.55 8.09 10.33
CA THR A 25 2.56 8.87 9.55
C THR A 25 1.34 8.01 9.18
N ASN A 26 0.16 8.41 9.65
CA ASN A 26 -1.12 7.76 9.38
C ASN A 26 -2.05 8.65 8.52
N THR A 27 -1.86 9.98 8.60
CA THR A 27 -2.58 11.04 7.88
C THR A 27 -1.65 12.24 7.71
N GLY A 28 -1.95 13.17 6.80
CA GLY A 28 -1.13 14.39 6.62
C GLY A 28 -0.98 14.88 5.18
N SER A 29 -0.32 14.11 4.31
CA SER A 29 -0.06 14.50 2.90
C SER A 29 -0.39 13.42 1.88
N GLY A 30 -1.21 13.78 0.88
CA GLY A 30 -1.60 12.91 -0.25
C GLY A 30 -2.94 12.16 -0.10
N THR A 31 -2.89 10.83 0.06
CA THR A 31 -4.06 9.94 0.13
C THR A 31 -3.85 8.87 1.24
N PRO A 32 -4.91 8.40 1.96
CA PRO A 32 -4.76 7.38 3.01
C PRO A 32 -4.20 6.01 2.51
N NH2 A 33 -4.43 5.66 1.24
HN1 NH2 A 33 -4.08 4.75 0.99
HN2 NH2 A 33 -4.94 6.28 0.63
N CYS A 1 -3.08 -1.82 -14.81
CA CYS A 1 -3.05 -3.25 -14.46
C CYS A 1 -3.04 -4.07 -15.75
N SER A 2 -2.28 -5.17 -15.80
CA SER A 2 -2.13 -6.04 -17.00
C SER A 2 -2.42 -7.52 -16.69
N ASN A 3 -1.67 -8.12 -15.76
CA ASN A 3 -1.84 -9.50 -15.32
C ASN A 3 -2.38 -9.46 -13.88
N LEU A 4 -3.56 -10.04 -13.62
CA LEU A 4 -4.21 -10.01 -12.31
C LEU A 4 -3.32 -10.48 -11.13
N SER A 5 -2.57 -11.57 -11.23
CA SER A 5 -1.70 -11.97 -10.10
C SER A 5 -0.67 -10.88 -9.75
N THR A 6 -0.04 -10.27 -10.76
CA THR A 6 0.92 -9.16 -10.58
C THR A 6 0.20 -7.95 -9.97
N CYS A 7 -1.03 -7.67 -10.38
CA CYS A 7 -1.83 -6.56 -9.81
C CYS A 7 -2.13 -6.82 -8.33
N VAL A 8 -2.45 -8.08 -7.95
CA VAL A 8 -2.72 -8.49 -6.55
C VAL A 8 -1.42 -8.30 -5.75
N LEU A 9 -0.24 -8.67 -6.30
CA LEU A 9 1.06 -8.50 -5.61
C LEU A 9 1.27 -6.97 -5.36
N GLY A 10 0.97 -6.11 -6.36
CA GLY A 10 1.08 -4.68 -6.20
C GLY A 10 0.12 -4.17 -5.07
N LYS A 11 -1.09 -4.72 -4.98
CA LYS A 11 -2.06 -4.40 -3.93
C LYS A 11 -1.51 -4.80 -2.56
N LEU A 12 -0.91 -6.00 -2.46
CA LEU A 12 -0.28 -6.48 -1.22
C LEU A 12 0.87 -5.51 -0.83
N SER A 13 1.60 -4.96 -1.81
CA SER A 13 2.70 -4.02 -1.56
C SER A 13 2.09 -2.76 -0.88
N GLN A 14 0.92 -2.29 -1.32
CA GLN A 14 0.25 -1.12 -0.70
C GLN A 14 -0.07 -1.43 0.78
N GLU A 15 -0.69 -2.59 1.02
CA GLU A 15 -1.07 -3.05 2.37
C GLU A 15 0.12 -3.23 3.32
N LEU A 16 1.28 -3.69 2.80
CA LEU A 16 2.51 -3.85 3.55
C LEU A 16 3.15 -2.48 3.85
N HIS A 17 3.36 -1.69 2.79
CA HIS A 17 3.93 -0.33 2.86
C HIS A 17 3.24 0.59 3.84
N LYS A 18 1.90 0.71 3.77
CA LYS A 18 1.10 1.58 4.65
C LYS A 18 1.30 1.22 6.13
N LEU A 19 1.34 -0.08 6.48
CA LEU A 19 1.56 -0.58 7.85
C LEU A 19 3.00 -0.37 8.35
N GLN A 20 3.98 -0.42 7.45
CA GLN A 20 5.39 -0.19 7.79
C GLN A 20 5.61 1.32 8.14
N THR A 21 4.95 2.24 7.42
CA THR A 21 5.07 3.69 7.66
C THR A 21 4.17 4.17 8.81
N TYR A 22 3.04 3.50 9.08
CA TYR A 22 2.03 3.86 10.10
C TYR A 22 2.54 4.36 11.46
N PRO A 23 3.52 3.71 12.12
CA PRO A 23 4.10 4.19 13.40
C PRO A 23 4.83 5.55 13.31
N ARG A 24 5.44 5.86 12.17
CA ARG A 24 6.16 7.14 11.90
C ARG A 24 5.19 8.22 11.37
N THR A 25 4.22 7.84 10.55
CA THR A 25 3.19 8.73 9.99
C THR A 25 1.95 7.92 9.57
N ASN A 26 0.76 8.36 9.98
CA ASN A 26 -0.53 7.70 9.71
C ASN A 26 -1.56 8.55 8.98
N THR A 27 -1.52 9.89 9.12
CA THR A 27 -2.47 10.83 8.52
C THR A 27 -1.77 12.13 8.12
N GLY A 28 -2.32 12.86 7.14
CA GLY A 28 -1.82 14.14 6.66
C GLY A 28 -1.38 14.13 5.20
N SER A 29 -0.26 13.45 4.92
CA SER A 29 0.36 13.36 3.57
C SER A 29 0.17 11.99 2.91
N GLY A 30 -0.82 11.84 2.01
CA GLY A 30 -1.07 10.57 1.31
C GLY A 30 -2.53 10.33 0.86
N THR A 31 -2.79 9.15 0.29
CA THR A 31 -4.10 8.76 -0.23
C THR A 31 -4.84 7.96 0.87
N PRO A 32 -6.08 8.32 1.28
CA PRO A 32 -6.83 7.65 2.35
C PRO A 32 -7.10 6.13 2.16
N NH2 A 33 -7.11 5.63 0.93
HN1 NH2 A 33 -7.29 4.66 0.84
HN2 NH2 A 33 -6.95 6.23 0.14
N CYS A 1 -3.34 -2.17 -15.35
CA CYS A 1 -3.22 -3.57 -14.90
C CYS A 1 -3.38 -4.52 -16.08
N SER A 2 -2.43 -5.46 -16.24
CA SER A 2 -2.47 -6.47 -17.33
C SER A 2 -2.41 -7.95 -16.87
N ASN A 3 -1.95 -8.23 -15.65
CA ASN A 3 -1.90 -9.59 -15.07
C ASN A 3 -2.45 -9.56 -13.64
N LEU A 4 -3.69 -10.02 -13.49
CA LEU A 4 -4.49 -10.05 -12.26
C LEU A 4 -3.70 -10.33 -10.96
N SER A 5 -3.05 -11.50 -10.86
CA SER A 5 -2.28 -11.90 -9.68
C SER A 5 -1.17 -10.90 -9.34
N THR A 6 -0.37 -10.46 -10.32
CA THR A 6 0.68 -9.46 -10.11
C THR A 6 0.10 -8.13 -9.63
N CYS A 7 -1.06 -7.71 -10.16
CA CYS A 7 -1.73 -6.48 -9.72
C CYS A 7 -2.15 -6.60 -8.23
N VAL A 8 -2.68 -7.76 -7.81
CA VAL A 8 -3.05 -8.02 -6.40
C VAL A 8 -1.80 -8.03 -5.52
N LEU A 9 -0.69 -8.63 -5.97
CA LEU A 9 0.58 -8.65 -5.24
C LEU A 9 1.06 -7.19 -5.07
N GLY A 10 0.84 -6.33 -6.07
CA GLY A 10 1.19 -4.91 -6.04
C GLY A 10 0.38 -4.20 -4.94
N LYS A 11 -0.93 -4.53 -4.78
CA LYS A 11 -1.78 -3.99 -3.72
C LYS A 11 -1.27 -4.44 -2.36
N LEU A 12 -0.88 -5.72 -2.22
CA LEU A 12 -0.31 -6.23 -0.97
C LEU A 12 0.97 -5.44 -0.63
N SER A 13 1.79 -5.10 -1.62
CA SER A 13 3.02 -4.31 -1.38
C SER A 13 2.66 -2.93 -0.83
N GLN A 14 1.54 -2.32 -1.26
CA GLN A 14 1.09 -1.03 -0.73
C GLN A 14 0.70 -1.19 0.76
N GLU A 15 0.00 -2.27 1.11
CA GLU A 15 -0.39 -2.58 2.51
C GLU A 15 0.84 -2.88 3.35
N LEU A 16 1.84 -3.58 2.82
CA LEU A 16 3.08 -3.92 3.54
C LEU A 16 3.82 -2.60 3.81
N HIS A 17 3.90 -1.73 2.82
CA HIS A 17 4.53 -0.39 2.94
C HIS A 17 3.78 0.41 4.01
N LYS A 18 2.44 0.39 4.00
CA LYS A 18 1.59 1.07 5.00
C LYS A 18 1.92 0.55 6.41
N LEU A 19 2.05 -0.77 6.59
CA LEU A 19 2.43 -1.36 7.89
C LEU A 19 3.83 -0.91 8.34
N GLN A 20 4.78 -0.67 7.41
CA GLN A 20 6.13 -0.17 7.74
C GLN A 20 6.07 1.32 8.16
N THR A 21 5.19 2.12 7.55
CA THR A 21 5.01 3.56 7.88
C THR A 21 4.09 3.85 9.06
N TYR A 22 3.13 2.96 9.35
CA TYR A 22 2.13 3.06 10.42
C TYR A 22 2.69 3.49 11.81
N PRO A 23 3.83 2.95 12.32
CA PRO A 23 4.46 3.39 13.58
C PRO A 23 4.90 4.85 13.64
N ARG A 24 4.93 5.55 12.48
CA ARG A 24 5.36 6.95 12.33
C ARG A 24 4.23 7.86 11.80
N THR A 25 3.35 7.35 10.94
CA THR A 25 2.23 8.09 10.35
C THR A 25 1.06 7.18 9.93
N ASN A 26 -0.16 7.70 10.05
CA ASN A 26 -1.42 7.06 9.67
C ASN A 26 -2.30 7.94 8.75
N THR A 27 -1.99 9.23 8.68
CA THR A 27 -2.66 10.28 7.89
C THR A 27 -1.63 11.34 7.47
N GLY A 28 -1.89 12.05 6.38
CA GLY A 28 -0.96 13.05 5.83
C GLY A 28 -1.42 13.65 4.51
N SER A 29 -0.49 14.29 3.79
CA SER A 29 -0.74 14.97 2.51
C SER A 29 -0.81 13.99 1.34
N GLY A 30 -1.98 13.82 0.72
CA GLY A 30 -2.14 12.96 -0.48
C GLY A 30 -3.55 12.35 -0.64
N THR A 31 -3.67 11.04 -0.42
CA THR A 31 -4.93 10.28 -0.60
C THR A 31 -5.10 9.22 0.54
N PRO A 32 -6.33 8.97 1.08
CA PRO A 32 -6.56 7.93 2.08
C PRO A 32 -6.21 6.49 1.65
N NH2 A 33 -6.14 6.20 0.33
HN1 NH2 A 33 -5.99 5.24 0.06
HN2 NH2 A 33 -6.32 6.96 -0.33
N CYS A 1 -2.94 -2.57 -15.33
CA CYS A 1 -2.85 -3.99 -14.91
C CYS A 1 -2.80 -4.92 -16.12
N SER A 2 -2.02 -6.01 -16.05
CA SER A 2 -1.88 -7.05 -17.08
C SER A 2 -2.09 -8.47 -16.53
N ASN A 3 -1.21 -8.97 -15.66
CA ASN A 3 -1.35 -10.30 -15.02
C ASN A 3 -2.05 -10.15 -13.67
N LEU A 4 -3.31 -10.60 -13.56
CA LEU A 4 -4.16 -10.51 -12.37
C LEU A 4 -3.48 -10.83 -11.03
N SER A 5 -2.84 -11.99 -10.89
CA SER A 5 -2.10 -12.39 -9.69
C SER A 5 -1.03 -11.36 -9.30
N THR A 6 -0.21 -10.91 -10.25
CA THR A 6 0.82 -9.89 -10.03
C THR A 6 0.16 -8.56 -9.62
N CYS A 7 -0.99 -8.20 -10.21
CA CYS A 7 -1.70 -6.96 -9.83
C CYS A 7 -2.18 -7.06 -8.36
N VAL A 8 -2.69 -8.24 -7.91
CA VAL A 8 -3.12 -8.44 -6.53
C VAL A 8 -1.89 -8.33 -5.62
N LEU A 9 -0.73 -8.88 -6.02
CA LEU A 9 0.51 -8.74 -5.23
C LEU A 9 0.83 -7.25 -5.10
N GLY A 10 0.70 -6.47 -6.18
CA GLY A 10 0.91 -5.02 -6.18
C GLY A 10 0.02 -4.31 -5.15
N LYS A 11 -1.27 -4.69 -5.07
CA LYS A 11 -2.23 -4.15 -4.09
C LYS A 11 -1.74 -4.46 -2.66
N LEU A 12 -1.34 -5.71 -2.41
CA LEU A 12 -0.81 -6.10 -1.10
C LEU A 12 0.50 -5.32 -0.81
N SER A 13 1.33 -5.03 -1.82
CA SER A 13 2.57 -4.25 -1.65
C SER A 13 2.22 -2.81 -1.23
N GLN A 14 1.10 -2.24 -1.72
CA GLN A 14 0.66 -0.89 -1.33
C GLN A 14 0.31 -0.93 0.17
N GLU A 15 -0.45 -1.95 0.61
CA GLU A 15 -0.83 -2.15 2.01
C GLU A 15 0.40 -2.40 2.90
N LEU A 16 1.41 -3.15 2.42
CA LEU A 16 2.67 -3.40 3.13
C LEU A 16 3.49 -2.12 3.26
N HIS A 17 3.62 -1.33 2.19
CA HIS A 17 4.34 -0.04 2.21
C HIS A 17 3.65 0.91 3.20
N LYS A 18 2.30 0.97 3.18
CA LYS A 18 1.47 1.76 4.09
C LYS A 18 1.78 1.33 5.53
N LEU A 19 1.78 0.01 5.80
CA LEU A 19 2.13 -0.61 7.09
C LEU A 19 3.56 -0.32 7.53
N GLN A 20 4.50 0.00 6.62
CA GLN A 20 5.90 0.33 6.98
C GLN A 20 5.97 1.78 7.48
N THR A 21 5.14 2.68 6.96
CA THR A 21 5.09 4.10 7.38
C THR A 21 4.16 4.34 8.58
N TYR A 22 3.09 3.54 8.70
CA TYR A 22 2.09 3.58 9.78
C TYR A 22 2.68 3.73 11.20
N PRO A 23 3.74 2.99 11.62
CA PRO A 23 4.36 3.08 12.95
C PRO A 23 4.87 4.49 13.35
N ARG A 24 5.03 5.45 12.40
CA ARG A 24 5.45 6.83 12.68
C ARG A 24 4.46 7.87 12.13
N THR A 25 3.66 7.50 11.13
CA THR A 25 2.62 8.37 10.53
C THR A 25 1.47 7.59 9.87
N ASN A 26 0.32 7.50 10.56
CA ASN A 26 -0.88 6.85 10.03
C ASN A 26 -1.77 7.85 9.28
N THR A 27 -1.67 9.13 9.64
CA THR A 27 -2.35 10.32 9.11
C THR A 27 -1.42 11.54 9.19
N GLY A 28 -1.82 12.67 8.60
CA GLY A 28 -1.11 13.95 8.61
C GLY A 28 -0.90 14.52 7.19
N SER A 29 -0.11 13.81 6.38
CA SER A 29 0.25 14.20 4.99
C SER A 29 0.23 12.97 4.08
N GLY A 30 -0.83 12.80 3.29
CA GLY A 30 -0.99 11.66 2.37
C GLY A 30 -2.32 11.67 1.61
N THR A 31 -2.77 10.51 1.11
CA THR A 31 -4.04 10.37 0.38
C THR A 31 -4.76 9.04 0.78
N PRO A 32 -6.06 9.06 1.17
CA PRO A 32 -6.82 7.84 1.54
C PRO A 32 -6.96 6.72 0.49
N NH2 A 33 -6.63 6.97 -0.79
HN1 NH2 A 33 -6.30 7.88 -1.05
HN2 NH2 A 33 -6.78 6.25 -1.48
N CYS A 1 -1.43 -2.30 -15.04
CA CYS A 1 -1.73 -3.64 -14.49
C CYS A 1 -1.85 -4.59 -15.68
N SER A 2 -1.05 -5.67 -15.73
CA SER A 2 -1.07 -6.64 -16.85
C SER A 2 -1.37 -8.10 -16.48
N ASN A 3 -1.32 -8.47 -15.19
CA ASN A 3 -1.64 -9.82 -14.71
C ASN A 3 -2.32 -9.75 -13.34
N LEU A 4 -3.53 -10.29 -13.22
CA LEU A 4 -4.37 -10.27 -12.02
C LEU A 4 -3.61 -10.69 -10.73
N SER A 5 -2.97 -11.86 -10.68
CA SER A 5 -2.22 -12.29 -9.49
C SER A 5 -1.11 -11.29 -9.11
N THR A 6 -0.31 -10.81 -10.07
CA THR A 6 0.75 -9.81 -9.79
C THR A 6 0.14 -8.50 -9.31
N CYS A 7 -0.99 -8.08 -9.87
CA CYS A 7 -1.70 -6.86 -9.44
C CYS A 7 -2.25 -7.01 -8.01
N VAL A 8 -2.76 -8.21 -7.63
CA VAL A 8 -3.26 -8.50 -6.28
C VAL A 8 -2.06 -8.42 -5.31
N LEU A 9 -0.91 -9.01 -5.68
CA LEU A 9 0.29 -8.92 -4.88
C LEU A 9 0.74 -7.45 -4.79
N GLY A 10 0.51 -6.65 -5.84
CA GLY A 10 0.79 -5.20 -5.88
C GLY A 10 -0.07 -4.49 -4.85
N LYS A 11 -1.36 -4.82 -4.74
CA LYS A 11 -2.31 -4.24 -3.75
C LYS A 11 -1.78 -4.57 -2.34
N LEU A 12 -1.30 -5.81 -2.13
CA LEU A 12 -0.72 -6.22 -0.85
C LEU A 12 0.56 -5.40 -0.59
N SER A 13 1.35 -5.07 -1.62
CA SER A 13 2.54 -4.23 -1.49
C SER A 13 2.13 -2.81 -1.08
N GLN A 14 0.96 -2.31 -1.53
CA GLN A 14 0.45 -0.97 -1.14
C GLN A 14 0.11 -1.03 0.36
N GLU A 15 -0.51 -2.13 0.82
CA GLU A 15 -0.84 -2.35 2.26
C GLU A 15 0.48 -2.45 3.06
N LEU A 16 1.53 -3.07 2.51
CA LEU A 16 2.84 -3.18 3.16
C LEU A 16 3.48 -1.77 3.25
N HIS A 17 3.43 -0.96 2.19
CA HIS A 17 3.95 0.41 2.19
C HIS A 17 3.24 1.22 3.28
N LYS A 18 1.92 1.06 3.38
CA LYS A 18 1.07 1.69 4.39
C LYS A 18 1.57 1.25 5.77
N LEU A 19 1.69 -0.07 6.01
CA LEU A 19 2.22 -0.68 7.24
C LEU A 19 3.64 -0.21 7.61
N GLN A 20 4.51 0.09 6.64
CA GLN A 20 5.87 0.58 6.91
C GLN A 20 5.78 2.00 7.52
N THR A 21 4.92 2.87 6.98
CA THR A 21 4.70 4.22 7.53
C THR A 21 3.81 4.28 8.77
N TYR A 22 2.85 3.37 8.91
CA TYR A 22 1.85 3.29 9.99
C TYR A 22 2.37 3.57 11.42
N PRO A 23 3.47 2.95 11.93
CA PRO A 23 4.02 3.24 13.26
C PRO A 23 4.61 4.65 13.47
N ARG A 24 4.75 5.48 12.42
CA ARG A 24 5.27 6.85 12.50
C ARG A 24 4.31 7.90 11.93
N THR A 25 3.44 7.51 11.00
CA THR A 25 2.41 8.36 10.37
C THR A 25 1.24 7.50 9.84
N ASN A 26 0.10 7.59 10.53
CA ASN A 26 -1.15 6.90 10.16
C ASN A 26 -2.13 7.78 9.36
N THR A 27 -2.03 9.09 9.53
CA THR A 27 -2.87 10.13 8.91
C THR A 27 -2.06 11.41 8.70
N GLY A 28 -2.57 12.33 7.87
CA GLY A 28 -1.95 13.64 7.59
C GLY A 28 -1.63 13.82 6.11
N SER A 29 -0.37 13.63 5.73
CA SER A 29 0.15 13.81 4.37
C SER A 29 0.17 12.53 3.51
N GLY A 30 0.04 12.68 2.19
CA GLY A 30 0.08 11.60 1.20
C GLY A 30 -1.12 11.61 0.25
N THR A 31 -1.91 10.54 0.24
CA THR A 31 -3.14 10.38 -0.57
C THR A 31 -4.22 9.64 0.24
N PRO A 32 -5.52 9.94 0.08
CA PRO A 32 -6.61 9.30 0.85
C PRO A 32 -6.70 7.75 0.75
N NH2 A 33 -6.10 7.12 -0.25
HN1 NH2 A 33 -5.53 7.63 -0.91
HN2 NH2 A 33 -6.14 6.12 -0.24
N CYS A 1 -4.93 -2.71 -15.53
CA CYS A 1 -4.31 -3.94 -14.98
C CYS A 1 -4.10 -4.93 -16.14
N SER A 2 -2.95 -5.62 -16.18
CA SER A 2 -2.62 -6.60 -17.25
C SER A 2 -2.54 -8.04 -16.79
N ASN A 3 -2.10 -8.28 -15.56
CA ASN A 3 -2.03 -9.63 -14.95
C ASN A 3 -2.49 -9.58 -13.49
N LEU A 4 -3.61 -10.26 -13.18
CA LEU A 4 -4.20 -10.28 -11.86
C LEU A 4 -3.22 -10.58 -10.72
N SER A 5 -2.33 -11.58 -10.84
CA SER A 5 -1.39 -11.88 -9.74
C SER A 5 -0.46 -10.70 -9.49
N THR A 6 0.15 -10.10 -10.52
CA THR A 6 1.01 -8.92 -10.39
C THR A 6 0.23 -7.72 -9.82
N CYS A 7 -1.04 -7.54 -10.22
CA CYS A 7 -1.90 -6.46 -9.73
C CYS A 7 -2.22 -6.68 -8.25
N VAL A 8 -2.51 -7.93 -7.82
CA VAL A 8 -2.77 -8.29 -6.41
C VAL A 8 -1.50 -8.08 -5.59
N LEU A 9 -0.31 -8.38 -6.14
CA LEU A 9 0.94 -8.12 -5.40
C LEU A 9 1.04 -6.62 -5.14
N GLY A 10 0.54 -5.77 -6.05
CA GLY A 10 0.50 -4.33 -5.89
C GLY A 10 -0.38 -3.95 -4.68
N LYS A 11 -1.55 -4.60 -4.52
CA LYS A 11 -2.45 -4.40 -3.38
C LYS A 11 -1.72 -4.80 -2.08
N LEU A 12 -1.08 -5.95 -2.05
CA LEU A 12 -0.31 -6.38 -0.88
C LEU A 12 0.85 -5.41 -0.60
N SER A 13 1.47 -4.82 -1.63
CA SER A 13 2.55 -3.82 -1.44
C SER A 13 1.92 -2.57 -0.79
N GLN A 14 0.69 -2.18 -1.14
CA GLN A 14 0.02 -1.03 -0.49
C GLN A 14 -0.22 -1.35 0.99
N GLU A 15 -0.66 -2.59 1.32
CA GLU A 15 -0.87 -3.03 2.71
C GLU A 15 0.44 -3.07 3.50
N LEU A 16 1.52 -3.54 2.90
CA LEU A 16 2.84 -3.61 3.56
C LEU A 16 3.37 -2.16 3.74
N HIS A 17 3.19 -1.26 2.74
CA HIS A 17 3.59 0.13 2.85
C HIS A 17 2.78 0.81 3.96
N LYS A 18 1.49 0.46 4.09
CA LYS A 18 0.54 0.98 5.12
C LYS A 18 1.14 0.60 6.48
N LEU A 19 1.50 -0.68 6.67
CA LEU A 19 2.13 -1.23 7.91
C LEU A 19 3.48 -0.51 8.21
N GLN A 20 4.24 -0.11 7.20
CA GLN A 20 5.52 0.59 7.42
C GLN A 20 5.31 2.05 7.87
N THR A 21 4.32 2.77 7.32
CA THR A 21 4.04 4.19 7.67
C THR A 21 3.21 4.36 8.96
N TYR A 22 2.13 3.58 9.12
CA TYR A 22 1.16 3.65 10.21
C TYR A 22 1.76 3.87 11.62
N PRO A 23 2.84 3.15 12.05
CA PRO A 23 3.50 3.34 13.35
C PRO A 23 4.19 4.71 13.57
N ARG A 24 4.26 5.59 12.55
CA ARG A 24 4.92 6.90 12.63
C ARG A 24 4.11 8.04 12.00
N THR A 25 3.34 7.77 10.94
CA THR A 25 2.55 8.75 10.22
C THR A 25 1.27 8.12 9.66
N ASN A 26 0.12 8.55 10.18
CA ASN A 26 -1.21 8.03 9.83
C ASN A 26 -1.95 8.89 8.78
N THR A 27 -1.80 10.23 8.85
CA THR A 27 -2.42 11.22 7.97
C THR A 27 -1.47 12.39 7.72
N GLY A 28 -1.56 13.05 6.56
CA GLY A 28 -0.73 14.22 6.22
C GLY A 28 -0.23 14.27 4.78
N SER A 29 0.47 13.24 4.30
CA SER A 29 0.98 13.14 2.92
C SER A 29 1.23 11.67 2.53
N GLY A 30 1.41 11.39 1.23
CA GLY A 30 1.61 10.05 0.67
C GLY A 30 0.43 9.63 -0.21
N THR A 31 -0.56 8.91 0.35
CA THR A 31 -1.78 8.49 -0.37
C THR A 31 -3.05 8.70 0.47
N PRO A 32 -4.08 9.43 -0.02
CA PRO A 32 -5.32 9.68 0.73
C PRO A 32 -6.20 8.46 1.08
N NH2 A 33 -5.88 7.24 0.65
HN1 NH2 A 33 -6.43 6.44 0.95
HN2 NH2 A 33 -4.96 7.09 0.22
N CYS A 1 -3.29 -1.18 -13.80
CA CYS A 1 -3.11 -2.62 -13.52
C CYS A 1 -3.38 -3.44 -14.78
N SER A 2 -2.81 -4.66 -14.88
CA SER A 2 -2.99 -5.61 -16.00
C SER A 2 -3.18 -7.04 -15.45
N ASN A 3 -2.09 -7.79 -15.24
CA ASN A 3 -2.15 -9.17 -14.74
C ASN A 3 -2.63 -9.25 -13.28
N LEU A 4 -3.83 -9.78 -13.06
CA LEU A 4 -4.49 -9.95 -11.77
C LEU A 4 -3.61 -10.42 -10.62
N SER A 5 -2.92 -11.56 -10.74
CA SER A 5 -2.05 -12.11 -9.66
C SER A 5 -0.97 -11.10 -9.27
N THR A 6 -0.28 -10.51 -10.25
CA THR A 6 0.77 -9.49 -10.01
C THR A 6 0.14 -8.26 -9.36
N CYS A 7 -1.06 -7.84 -9.77
CA CYS A 7 -1.75 -6.70 -9.16
C CYS A 7 -2.09 -7.00 -7.68
N VAL A 8 -2.60 -8.19 -7.35
CA VAL A 8 -2.89 -8.59 -5.95
C VAL A 8 -1.60 -8.54 -5.12
N LEU A 9 -0.49 -9.09 -5.63
CA LEU A 9 0.81 -9.04 -4.97
C LEU A 9 1.22 -7.57 -4.78
N GLY A 10 0.91 -6.72 -5.78
CA GLY A 10 1.19 -5.27 -5.75
C GLY A 10 0.39 -4.61 -4.63
N LYS A 11 -0.89 -4.98 -4.43
CA LYS A 11 -1.74 -4.45 -3.35
C LYS A 11 -1.12 -4.87 -2.01
N LEU A 12 -0.67 -6.12 -1.88
CA LEU A 12 0.01 -6.63 -0.67
C LEU A 12 1.26 -5.79 -0.39
N SER A 13 2.04 -5.38 -1.42
CA SER A 13 3.24 -4.55 -1.22
C SER A 13 2.75 -3.16 -0.69
N GLN A 14 1.57 -2.65 -1.08
CA GLN A 14 1.02 -1.39 -0.57
C GLN A 14 0.57 -1.59 0.88
N GLU A 15 0.01 -2.76 1.26
CA GLU A 15 -0.37 -3.08 2.64
C GLU A 15 0.90 -3.12 3.51
N LEU A 16 2.03 -3.60 2.97
CA LEU A 16 3.35 -3.66 3.67
C LEU A 16 3.82 -2.19 3.83
N HIS A 17 3.68 -1.33 2.81
CA HIS A 17 4.05 0.08 2.86
C HIS A 17 3.19 0.78 3.93
N LYS A 18 1.88 0.45 4.04
CA LYS A 18 0.97 1.01 5.05
C LYS A 18 1.48 0.57 6.43
N LEU A 19 1.80 -0.72 6.64
CA LEU A 19 2.35 -1.27 7.89
C LEU A 19 3.64 -0.54 8.29
N GLN A 20 4.50 -0.13 7.33
CA GLN A 20 5.75 0.60 7.61
C GLN A 20 5.45 2.05 8.07
N THR A 21 4.44 2.74 7.53
CA THR A 21 4.10 4.13 7.86
C THR A 21 3.10 4.33 9.01
N TYR A 22 2.04 3.52 9.11
CA TYR A 22 0.96 3.62 10.10
C TYR A 22 1.43 3.85 11.55
N PRO A 23 2.39 3.06 12.11
CA PRO A 23 2.91 3.26 13.47
C PRO A 23 3.71 4.56 13.66
N ARG A 24 4.02 5.30 12.58
CA ARG A 24 4.83 6.53 12.57
C ARG A 24 4.01 7.78 12.18
N THR A 25 3.07 7.65 11.24
CA THR A 25 2.16 8.70 10.76
C THR A 25 0.93 8.11 10.05
N ASN A 26 -0.25 8.25 10.68
CA ASN A 26 -1.54 7.78 10.13
C ASN A 26 -2.24 8.86 9.25
N THR A 27 -1.89 10.13 9.45
CA THR A 27 -2.41 11.33 8.78
C THR A 27 -1.27 12.33 8.56
N GLY A 28 -1.25 12.99 7.41
CA GLY A 28 -0.19 13.94 7.04
C GLY A 28 -0.11 14.22 5.54
N SER A 29 0.34 13.25 4.74
CA SER A 29 0.44 13.34 3.26
C SER A 29 0.53 11.93 2.66
N GLY A 30 0.32 11.83 1.33
CA GLY A 30 0.32 10.58 0.58
C GLY A 30 -0.76 10.57 -0.51
N THR A 31 -1.79 9.74 -0.37
CA THR A 31 -2.93 9.68 -1.30
C THR A 31 -4.25 9.68 -0.51
N PRO A 32 -5.29 10.46 -0.91
CA PRO A 32 -6.57 10.59 -0.21
C PRO A 32 -7.34 9.28 0.17
N NH2 A 33 -7.04 8.12 -0.43
HN1 NH2 A 33 -7.54 7.29 -0.17
HN2 NH2 A 33 -6.31 8.08 -1.12
N CYS A 1 -3.11 -2.53 -14.88
CA CYS A 1 -3.07 -3.92 -14.39
C CYS A 1 -3.28 -4.88 -15.56
N SER A 2 -2.53 -5.98 -15.58
CA SER A 2 -2.57 -6.99 -16.65
C SER A 2 -2.67 -8.42 -16.09
N ASN A 3 -1.60 -8.96 -15.47
CA ASN A 3 -1.65 -10.29 -14.85
C ASN A 3 -2.27 -10.21 -13.45
N LEU A 4 -3.48 -10.77 -13.29
CA LEU A 4 -4.25 -10.75 -12.05
C LEU A 4 -3.48 -11.23 -10.80
N SER A 5 -2.75 -12.35 -10.84
CA SER A 5 -1.95 -12.84 -9.69
C SER A 5 -0.93 -11.79 -9.25
N THR A 6 -0.18 -11.21 -10.20
CA THR A 6 0.81 -10.16 -9.92
C THR A 6 0.10 -8.90 -9.41
N CYS A 7 -1.09 -8.54 -9.93
CA CYS A 7 -1.85 -7.38 -9.45
C CYS A 7 -2.31 -7.57 -7.98
N VAL A 8 -2.67 -8.79 -7.55
CA VAL A 8 -3.05 -9.09 -6.15
C VAL A 8 -1.81 -8.87 -5.27
N LEU A 9 -0.64 -9.38 -5.68
CA LEU A 9 0.63 -9.17 -4.95
C LEU A 9 0.95 -7.67 -4.90
N GLY A 10 0.66 -6.93 -5.98
CA GLY A 10 0.84 -5.47 -6.06
C GLY A 10 -0.03 -4.77 -5.02
N LYS A 11 -1.33 -5.13 -4.88
CA LYS A 11 -2.25 -4.56 -3.88
C LYS A 11 -1.70 -4.88 -2.48
N LEU A 12 -1.21 -6.09 -2.24
CA LEU A 12 -0.62 -6.48 -0.95
C LEU A 12 0.57 -5.57 -0.65
N SER A 13 1.42 -5.25 -1.66
CA SER A 13 2.57 -4.37 -1.48
C SER A 13 2.10 -2.94 -1.12
N GLN A 14 0.94 -2.50 -1.62
CA GLN A 14 0.37 -1.20 -1.29
C GLN A 14 -0.12 -1.21 0.16
N GLU A 15 -0.70 -2.32 0.65
CA GLU A 15 -1.13 -2.45 2.05
C GLU A 15 0.14 -2.42 2.94
N LEU A 16 1.22 -3.11 2.51
CA LEU A 16 2.50 -3.15 3.19
C LEU A 16 3.11 -1.74 3.24
N HIS A 17 2.98 -0.94 2.18
CA HIS A 17 3.46 0.46 2.13
C HIS A 17 2.80 1.27 3.26
N LYS A 18 1.49 1.08 3.52
CA LYS A 18 0.78 1.78 4.61
C LYS A 18 1.42 1.35 5.94
N LEU A 19 1.51 0.03 6.19
CA LEU A 19 2.11 -0.59 7.36
C LEU A 19 3.57 -0.12 7.58
N GLN A 20 4.34 0.18 6.52
CA GLN A 20 5.73 0.64 6.56
C GLN A 20 5.88 2.06 7.14
N THR A 21 4.76 2.76 7.36
CA THR A 21 4.69 4.15 7.88
C THR A 21 3.85 4.21 9.15
N TYR A 22 2.82 3.36 9.27
CA TYR A 22 1.86 3.28 10.38
C TYR A 22 2.46 3.37 11.82
N PRO A 23 3.51 2.61 12.21
CA PRO A 23 4.12 2.71 13.55
C PRO A 23 4.70 4.07 13.97
N ARG A 24 4.79 5.06 13.06
CA ARG A 24 5.27 6.42 13.36
C ARG A 24 4.38 7.53 12.81
N THR A 25 3.51 7.24 11.82
CA THR A 25 2.57 8.21 11.27
C THR A 25 1.35 7.53 10.65
N ASN A 26 0.17 8.02 11.03
CA ASN A 26 -1.17 7.61 10.56
C ASN A 26 -1.97 8.82 9.99
N THR A 27 -1.55 10.03 10.32
CA THR A 27 -2.14 11.33 9.95
C THR A 27 -1.00 12.32 9.69
N GLY A 28 -0.73 12.62 8.41
CA GLY A 28 0.36 13.53 8.03
C GLY A 28 0.21 14.12 6.62
N SER A 29 0.57 13.37 5.59
CA SER A 29 0.45 13.74 4.16
C SER A 29 0.41 12.49 3.27
N GLY A 30 0.04 12.64 2.01
CA GLY A 30 -0.09 11.55 1.04
C GLY A 30 -1.24 11.81 0.07
N THR A 31 -1.96 10.75 -0.33
CA THR A 31 -3.13 10.84 -1.22
C THR A 31 -4.37 10.21 -0.57
N PRO A 32 -5.48 10.96 -0.33
CA PRO A 32 -6.70 10.42 0.27
C PRO A 32 -7.22 9.13 -0.40
N NH2 A 33 -7.13 9.00 -1.73
HN1 NH2 A 33 -7.51 8.18 -2.17
HN2 NH2 A 33 -6.76 9.75 -2.30
N CYS A 1 -4.13 -1.16 -12.62
CA CYS A 1 -3.77 -2.58 -12.60
C CYS A 1 -3.62 -3.06 -14.05
N SER A 2 -2.69 -3.98 -14.32
CA SER A 2 -2.41 -4.50 -15.68
C SER A 2 -2.35 -6.04 -15.81
N ASN A 3 -2.01 -6.75 -14.74
CA ASN A 3 -1.95 -8.23 -14.67
C ASN A 3 -2.43 -8.71 -13.30
N LEU A 4 -3.60 -9.36 -13.22
CA LEU A 4 -4.23 -9.84 -12.00
C LEU A 4 -3.30 -10.44 -10.94
N SER A 5 -2.54 -11.49 -11.26
CA SER A 5 -1.60 -12.11 -10.28
C SER A 5 -0.61 -11.09 -9.69
N THR A 6 0.04 -10.29 -10.55
CA THR A 6 0.97 -9.26 -10.10
C THR A 6 0.23 -8.15 -9.32
N CYS A 7 -1.02 -7.86 -9.67
CA CYS A 7 -1.85 -6.87 -8.96
C CYS A 7 -2.15 -7.33 -7.54
N VAL A 8 -2.37 -8.64 -7.28
CA VAL A 8 -2.60 -9.16 -5.92
C VAL A 8 -1.35 -8.88 -5.09
N LEU A 9 -0.15 -9.17 -5.65
CA LEU A 9 1.12 -8.88 -4.98
C LEU A 9 1.26 -7.37 -4.77
N GLY A 10 0.80 -6.55 -5.72
CA GLY A 10 0.78 -5.09 -5.64
C GLY A 10 -0.05 -4.60 -4.45
N LYS A 11 -1.29 -5.14 -4.26
CA LYS A 11 -2.17 -4.82 -3.15
C LYS A 11 -1.48 -5.17 -1.84
N LEU A 12 -0.90 -6.39 -1.74
CA LEU A 12 -0.15 -6.83 -0.56
C LEU A 12 0.99 -5.86 -0.25
N SER A 13 1.77 -5.43 -1.27
CA SER A 13 2.86 -4.46 -1.10
C SER A 13 2.33 -3.10 -0.64
N GLN A 14 1.14 -2.66 -1.08
CA GLN A 14 0.52 -1.40 -0.65
C GLN A 14 0.14 -1.51 0.84
N GLU A 15 -0.49 -2.60 1.27
CA GLU A 15 -0.82 -2.83 2.69
C GLU A 15 0.47 -2.96 3.54
N LEU A 16 1.55 -3.55 3.00
CA LEU A 16 2.83 -3.67 3.69
C LEU A 16 3.41 -2.26 3.85
N HIS A 17 3.30 -1.41 2.83
CA HIS A 17 3.79 -0.02 2.87
C HIS A 17 3.02 0.70 4.00
N LYS A 18 1.69 0.52 4.09
CA LYS A 18 0.85 1.12 5.16
C LYS A 18 1.34 0.60 6.52
N LEU A 19 1.53 -0.72 6.69
CA LEU A 19 2.03 -1.37 7.91
C LEU A 19 3.37 -0.76 8.40
N GLN A 20 4.26 -0.39 7.47
CA GLN A 20 5.55 0.20 7.80
C GLN A 20 5.43 1.69 8.13
N THR A 21 4.56 2.44 7.45
CA THR A 21 4.40 3.91 7.68
C THR A 21 3.44 4.29 8.81
N TYR A 22 2.28 3.64 8.91
CA TYR A 22 1.21 3.90 9.89
C TYR A 22 1.70 4.02 11.35
N PRO A 23 2.60 3.16 11.89
CA PRO A 23 3.12 3.29 13.25
C PRO A 23 3.94 4.57 13.52
N ARG A 24 4.24 5.37 12.49
CA ARG A 24 5.03 6.62 12.58
C ARG A 24 4.37 7.82 11.90
N THR A 25 3.48 7.61 10.92
CA THR A 25 2.74 8.65 10.20
C THR A 25 1.40 8.14 9.64
N ASN A 26 0.30 8.65 10.19
CA ASN A 26 -1.08 8.34 9.80
C ASN A 26 -1.73 9.48 8.96
N THR A 27 -1.16 10.68 9.00
CA THR A 27 -1.61 11.91 8.30
C THR A 27 -0.40 12.77 7.95
N GLY A 28 -0.38 13.33 6.72
CA GLY A 28 0.72 14.17 6.22
C GLY A 28 0.85 14.21 4.70
N SER A 29 0.86 13.05 4.03
CA SER A 29 0.90 12.89 2.58
C SER A 29 0.41 11.48 2.20
N GLY A 30 -0.70 11.38 1.47
CA GLY A 30 -1.33 10.12 1.04
C GLY A 30 -2.34 10.34 -0.09
N THR A 31 -3.07 9.29 -0.50
CA THR A 31 -4.10 9.37 -1.54
C THR A 31 -5.36 8.56 -1.18
N PRO A 32 -6.57 9.17 -1.15
CA PRO A 32 -7.82 8.43 -0.87
C PRO A 32 -8.16 7.36 -1.93
N NH2 A 33 -7.80 7.56 -3.20
HN1 NH2 A 33 -8.03 6.86 -3.89
HN2 NH2 A 33 -7.30 8.41 -3.46
N CYS A 1 -3.61 -1.83 -13.82
CA CYS A 1 -3.39 -3.25 -13.49
C CYS A 1 -3.18 -4.04 -14.78
N SER A 2 -2.12 -4.83 -14.88
CA SER A 2 -1.79 -5.63 -16.08
C SER A 2 -2.19 -7.12 -16.01
N ASN A 3 -1.87 -7.83 -14.92
CA ASN A 3 -2.22 -9.24 -14.68
C ASN A 3 -2.73 -9.41 -13.25
N LEU A 4 -3.96 -9.93 -13.09
CA LEU A 4 -4.66 -10.12 -11.81
C LEU A 4 -3.80 -10.72 -10.68
N SER A 5 -3.18 -11.91 -10.84
CA SER A 5 -2.33 -12.50 -9.78
C SER A 5 -1.19 -11.56 -9.37
N THR A 6 -0.49 -10.94 -10.33
CA THR A 6 0.58 -9.97 -10.04
C THR A 6 0.01 -8.72 -9.37
N CYS A 7 -1.20 -8.27 -9.74
CA CYS A 7 -1.86 -7.12 -9.13
C CYS A 7 -2.21 -7.42 -7.66
N VAL A 8 -2.55 -8.67 -7.29
CA VAL A 8 -2.84 -9.06 -5.89
C VAL A 8 -1.56 -8.91 -5.09
N LEU A 9 -0.43 -9.40 -5.62
CA LEU A 9 0.89 -9.26 -4.97
C LEU A 9 1.24 -7.75 -4.84
N GLY A 10 0.81 -6.95 -5.82
CA GLY A 10 0.98 -5.50 -5.87
C GLY A 10 0.19 -4.84 -4.75
N LYS A 11 -1.07 -5.21 -4.55
CA LYS A 11 -1.93 -4.70 -3.46
C LYS A 11 -1.27 -5.04 -2.12
N LEU A 12 -0.87 -6.29 -1.91
CA LEU A 12 -0.17 -6.73 -0.69
C LEU A 12 1.07 -5.86 -0.44
N SER A 13 1.84 -5.53 -1.49
CA SER A 13 3.02 -4.66 -1.42
C SER A 13 2.62 -3.22 -1.04
N GLN A 14 1.53 -2.68 -1.59
CA GLN A 14 1.02 -1.35 -1.24
C GLN A 14 0.54 -1.31 0.22
N GLU A 15 -0.10 -2.38 0.70
CA GLU A 15 -0.55 -2.45 2.10
C GLU A 15 0.71 -2.51 3.00
N LEU A 16 1.77 -3.24 2.59
CA LEU A 16 3.05 -3.32 3.31
C LEU A 16 3.67 -1.91 3.36
N HIS A 17 3.63 -1.15 2.26
CA HIS A 17 4.18 0.21 2.19
C HIS A 17 3.44 1.07 3.25
N LYS A 18 2.10 0.92 3.42
CA LYS A 18 1.33 1.67 4.45
C LYS A 18 1.80 1.20 5.83
N LEU A 19 1.76 -0.11 6.08
CA LEU A 19 2.15 -0.77 7.34
C LEU A 19 3.55 -0.37 7.84
N GLN A 20 4.53 -0.20 6.94
CA GLN A 20 5.90 0.18 7.30
C GLN A 20 5.95 1.59 7.92
N THR A 21 5.01 2.48 7.55
CA THR A 21 4.89 3.84 8.08
C THR A 21 3.84 4.03 9.18
N TYR A 22 2.71 3.34 9.12
CA TYR A 22 1.56 3.39 10.05
C TYR A 22 1.92 3.55 11.54
N PRO A 23 2.76 2.68 12.16
CA PRO A 23 3.10 2.76 13.58
C PRO A 23 3.70 4.10 14.06
N ARG A 24 4.26 4.92 13.16
CA ARG A 24 4.84 6.24 13.48
C ARG A 24 4.14 7.41 12.77
N THR A 25 3.57 7.19 11.60
CA THR A 25 2.89 8.22 10.81
C THR A 25 1.71 7.65 10.04
N ASN A 26 0.50 8.03 10.46
CA ASN A 26 -0.78 7.67 9.85
C ASN A 26 -1.46 8.85 9.09
N THR A 27 -1.01 10.08 9.34
CA THR A 27 -1.51 11.36 8.80
C THR A 27 -0.35 12.33 8.60
N GLY A 28 -0.28 12.95 7.44
CA GLY A 28 0.80 13.89 7.09
C GLY A 28 0.63 14.40 5.65
N SER A 29 0.68 13.48 4.66
CA SER A 29 0.53 13.74 3.23
C SER A 29 0.15 12.44 2.54
N GLY A 30 -1.09 12.34 2.06
CA GLY A 30 -1.60 11.13 1.42
C GLY A 30 -2.86 11.37 0.57
N THR A 31 -3.58 10.29 0.25
CA THR A 31 -4.83 10.29 -0.56
C THR A 31 -5.93 9.50 0.16
N PRO A 32 -7.20 9.95 0.13
CA PRO A 32 -8.32 9.23 0.76
C PRO A 32 -8.58 7.78 0.29
N NH2 A 33 -8.08 7.35 -0.88
HN1 NH2 A 33 -8.18 6.37 -1.14
HN2 NH2 A 33 -7.43 7.94 -1.38
N CYS A 1 -4.22 -2.85 -15.26
CA CYS A 1 -3.88 -4.20 -14.76
C CYS A 1 -3.76 -5.15 -15.95
N SER A 2 -2.91 -6.18 -15.85
CA SER A 2 -2.73 -7.21 -16.88
C SER A 2 -2.88 -8.61 -16.28
N ASN A 3 -1.96 -9.04 -15.41
CA ASN A 3 -2.04 -10.35 -14.73
C ASN A 3 -2.58 -10.15 -13.31
N LEU A 4 -3.81 -10.61 -13.04
CA LEU A 4 -4.51 -10.47 -11.76
C LEU A 4 -3.68 -10.73 -10.49
N SER A 5 -3.05 -11.90 -10.33
CA SER A 5 -2.21 -12.19 -9.15
C SER A 5 -1.08 -11.18 -8.96
N THR A 6 -0.42 -10.76 -10.04
CA THR A 6 0.65 -9.75 -9.97
C THR A 6 0.05 -8.40 -9.55
N CYS A 7 -1.17 -8.06 -10.02
CA CYS A 7 -1.84 -6.83 -9.61
C CYS A 7 -2.17 -6.88 -8.09
N VAL A 8 -2.61 -8.03 -7.57
CA VAL A 8 -2.87 -8.24 -6.13
C VAL A 8 -1.57 -8.07 -5.32
N LEU A 9 -0.41 -8.52 -5.84
CA LEU A 9 0.89 -8.33 -5.17
C LEU A 9 1.18 -6.81 -5.05
N GLY A 10 0.75 -6.02 -6.01
CA GLY A 10 0.90 -4.56 -6.04
C GLY A 10 0.12 -3.95 -4.87
N LYS A 11 -1.14 -4.36 -4.71
CA LYS A 11 -2.04 -3.92 -3.60
C LYS A 11 -1.42 -4.33 -2.26
N LEU A 12 -1.01 -5.60 -2.14
CA LEU A 12 -0.34 -6.10 -0.94
C LEU A 12 0.93 -5.29 -0.60
N SER A 13 1.69 -4.88 -1.62
CA SER A 13 2.89 -4.03 -1.45
C SER A 13 2.50 -2.68 -0.87
N GLN A 14 1.36 -2.11 -1.31
CA GLN A 14 0.87 -0.83 -0.77
C GLN A 14 0.50 -1.04 0.72
N GLU A 15 -0.19 -2.15 1.07
CA GLU A 15 -0.54 -2.45 2.46
C GLU A 15 0.71 -2.63 3.31
N LEU A 16 1.74 -3.29 2.76
CA LEU A 16 3.01 -3.51 3.47
C LEU A 16 3.68 -2.16 3.76
N HIS A 17 3.66 -1.25 2.77
CA HIS A 17 4.16 0.11 2.88
C HIS A 17 3.40 0.87 3.98
N LYS A 18 2.06 0.79 4.00
CA LYS A 18 1.21 1.43 5.02
C LYS A 18 1.59 0.92 6.40
N LEU A 19 1.63 -0.40 6.58
CA LEU A 19 2.00 -1.12 7.84
C LEU A 19 3.41 -0.74 8.32
N GLN A 20 4.38 -0.58 7.42
CA GLN A 20 5.74 -0.18 7.81
C GLN A 20 5.77 1.30 8.35
N THR A 21 4.90 2.21 7.83
CA THR A 21 4.79 3.59 8.30
C THR A 21 3.92 3.75 9.53
N TYR A 22 2.79 3.03 9.66
CA TYR A 22 1.80 3.06 10.77
C TYR A 22 2.39 3.30 12.18
N PRO A 23 3.39 2.51 12.65
CA PRO A 23 4.02 2.66 13.97
C PRO A 23 4.58 4.07 14.31
N ARG A 24 4.74 4.99 13.33
CA ARG A 24 5.21 6.37 13.56
C ARG A 24 4.39 7.42 12.80
N THR A 25 3.67 7.05 11.74
CA THR A 25 2.82 7.97 10.98
C THR A 25 1.68 7.25 10.26
N ASN A 26 0.48 7.85 10.29
CA ASN A 26 -0.75 7.35 9.65
C ASN A 26 -1.29 8.32 8.59
N THR A 27 -1.11 9.63 8.83
CA THR A 27 -1.55 10.76 7.99
C THR A 27 -0.44 11.81 7.85
N GLY A 28 -0.25 12.30 6.63
CA GLY A 28 0.81 13.27 6.27
C GLY A 28 0.92 13.50 4.77
N SER A 29 0.93 12.41 4.00
CA SER A 29 0.98 12.38 2.54
C SER A 29 0.39 11.06 2.07
N GLY A 30 -0.54 11.09 1.12
CA GLY A 30 -1.25 9.93 0.59
C GLY A 30 -2.43 10.38 -0.29
N THR A 31 -3.50 9.57 -0.39
CA THR A 31 -4.70 9.85 -1.22
C THR A 31 -5.97 9.85 -0.35
N PRO A 32 -6.92 10.79 -0.56
CA PRO A 32 -8.20 10.85 0.18
C PRO A 32 -9.10 9.61 0.07
N NH2 A 33 -8.95 8.77 -0.94
HN1 NH2 A 33 -8.21 8.93 -1.62
HN2 NH2 A 33 -9.55 7.96 -1.00
N CYS A 1 -4.03 -2.32 -14.73
CA CYS A 1 -3.93 -3.71 -14.23
C CYS A 1 -3.92 -4.65 -15.45
N SER A 2 -2.90 -5.50 -15.54
CA SER A 2 -2.70 -6.45 -16.67
C SER A 2 -2.99 -7.90 -16.28
N ASN A 3 -2.34 -8.39 -15.22
CA ASN A 3 -2.52 -9.75 -14.69
C ASN A 3 -3.02 -9.67 -13.23
N LEU A 4 -4.20 -10.26 -12.97
CA LEU A 4 -4.87 -10.26 -11.66
C LEU A 4 -3.95 -10.64 -10.48
N SER A 5 -3.24 -11.78 -10.54
CA SER A 5 -2.36 -12.20 -9.43
C SER A 5 -1.27 -11.18 -9.18
N THR A 6 -0.63 -10.65 -10.23
CA THR A 6 0.41 -9.60 -10.11
C THR A 6 -0.18 -8.33 -9.49
N CYS A 7 -1.41 -7.94 -9.88
CA CYS A 7 -2.09 -6.77 -9.30
C CYS A 7 -2.33 -6.97 -7.79
N VAL A 8 -2.74 -8.17 -7.34
CA VAL A 8 -2.93 -8.48 -5.90
C VAL A 8 -1.57 -8.44 -5.18
N LEU A 9 -0.48 -8.96 -5.78
CA LEU A 9 0.86 -8.89 -5.18
C LEU A 9 1.28 -7.40 -5.04
N GLY A 10 0.94 -6.55 -6.03
CA GLY A 10 1.18 -5.12 -5.99
C GLY A 10 0.44 -4.48 -4.83
N LYS A 11 -0.84 -4.86 -4.59
CA LYS A 11 -1.65 -4.40 -3.46
C LYS A 11 -1.02 -4.83 -2.14
N LEU A 12 -0.57 -6.09 -2.02
CA LEU A 12 0.11 -6.60 -0.82
C LEU A 12 1.36 -5.75 -0.52
N SER A 13 2.16 -5.39 -1.54
CA SER A 13 3.34 -4.53 -1.38
C SER A 13 2.93 -3.11 -0.96
N GLN A 14 1.81 -2.58 -1.49
CA GLN A 14 1.26 -1.25 -1.15
C GLN A 14 0.82 -1.25 0.31
N GLU A 15 0.12 -2.29 0.79
CA GLU A 15 -0.28 -2.41 2.18
C GLU A 15 0.96 -2.60 3.07
N LEU A 16 1.97 -3.38 2.68
CA LEU A 16 3.21 -3.57 3.44
C LEU A 16 3.91 -2.20 3.62
N HIS A 17 3.96 -1.37 2.56
CA HIS A 17 4.52 -0.04 2.61
C HIS A 17 3.76 0.79 3.66
N LYS A 18 2.41 0.72 3.69
CA LYS A 18 1.60 1.44 4.68
C LYS A 18 1.92 0.92 6.09
N LEU A 19 1.90 -0.40 6.31
CA LEU A 19 2.19 -1.05 7.61
C LEU A 19 3.55 -0.59 8.19
N GLN A 20 4.59 -0.51 7.36
CA GLN A 20 5.91 -0.04 7.76
C GLN A 20 5.97 1.46 8.15
N THR A 21 5.06 2.31 7.66
CA THR A 21 4.99 3.74 8.04
C THR A 21 3.96 4.03 9.13
N TYR A 22 2.84 3.32 9.16
CA TYR A 22 1.68 3.45 10.07
C TYR A 22 1.96 3.90 11.51
N PRO A 23 2.81 3.23 12.32
CA PRO A 23 3.06 3.62 13.71
C PRO A 23 3.83 4.96 13.88
N ARG A 24 4.37 5.52 12.80
CA ARG A 24 5.09 6.81 12.77
C ARG A 24 4.32 7.87 11.97
N THR A 25 3.64 7.46 10.89
CA THR A 25 2.82 8.31 10.01
C THR A 25 1.79 7.45 9.24
N ASN A 26 0.51 7.62 9.59
CA ASN A 26 -0.62 6.96 8.93
C ASN A 26 -1.22 7.86 7.85
N THR A 27 -1.28 9.18 8.13
CA THR A 27 -1.74 10.27 7.26
C THR A 27 -0.78 11.46 7.37
N GLY A 28 -0.82 12.34 6.38
CA GLY A 28 0.03 13.55 6.31
C GLY A 28 -0.17 14.35 5.02
N SER A 29 -0.35 13.68 3.87
CA SER A 29 -0.59 14.30 2.55
C SER A 29 -1.13 13.27 1.55
N GLY A 30 -1.79 13.73 0.49
CA GLY A 30 -2.34 12.90 -0.57
C GLY A 30 -3.82 12.54 -0.36
N THR A 31 -4.11 11.35 0.20
CA THR A 31 -5.48 10.87 0.46
C THR A 31 -5.56 10.06 1.75
N PRO A 32 -6.54 10.33 2.66
CA PRO A 32 -6.65 9.62 3.94
C PRO A 32 -7.24 8.20 3.84
N NH2 A 33 -7.78 7.78 2.70
HN1 NH2 A 33 -8.21 6.86 2.66
HN2 NH2 A 33 -7.88 8.41 1.93
N CYS A 1 -3.23 -1.25 -13.96
CA CYS A 1 -3.09 -2.69 -13.65
C CYS A 1 -3.20 -3.51 -14.93
N SER A 2 -2.36 -4.53 -15.13
CA SER A 2 -2.36 -5.38 -16.35
C SER A 2 -2.63 -6.85 -16.09
N ASN A 3 -2.04 -7.46 -15.05
CA ASN A 3 -2.26 -8.85 -14.65
C ASN A 3 -2.81 -8.90 -13.22
N LEU A 4 -4.08 -9.27 -13.06
CA LEU A 4 -4.80 -9.31 -11.77
C LEU A 4 -4.03 -10.00 -10.62
N SER A 5 -3.50 -11.21 -10.81
CA SER A 5 -2.72 -11.91 -9.76
C SER A 5 -1.51 -11.08 -9.31
N THR A 6 -0.74 -10.53 -10.25
CA THR A 6 0.42 -9.66 -9.95
C THR A 6 -0.06 -8.39 -9.23
N CYS A 7 -1.18 -7.78 -9.66
CA CYS A 7 -1.75 -6.60 -9.01
C CYS A 7 -2.17 -6.87 -7.57
N VAL A 8 -2.74 -8.05 -7.25
CA VAL A 8 -3.12 -8.43 -5.87
C VAL A 8 -1.86 -8.53 -5.01
N LEU A 9 -0.82 -9.23 -5.48
CA LEU A 9 0.47 -9.34 -4.76
C LEU A 9 1.07 -7.93 -4.56
N GLY A 10 0.93 -7.05 -5.57
CA GLY A 10 1.41 -5.68 -5.56
C GLY A 10 0.65 -4.88 -4.49
N LYS A 11 -0.67 -5.08 -4.34
CA LYS A 11 -1.49 -4.43 -3.33
C LYS A 11 -1.05 -4.91 -1.95
N LEU A 12 -0.90 -6.22 -1.71
CA LEU A 12 -0.43 -6.73 -0.42
C LEU A 12 0.96 -6.13 -0.12
N SER A 13 1.81 -5.96 -1.14
CA SER A 13 3.15 -5.37 -0.99
C SER A 13 3.01 -3.88 -0.62
N GLN A 14 2.01 -3.16 -1.14
CA GLN A 14 1.73 -1.75 -0.82
C GLN A 14 1.30 -1.68 0.64
N GLU A 15 0.49 -2.65 1.15
CA GLU A 15 0.07 -2.67 2.56
C GLU A 15 1.28 -2.94 3.45
N LEU A 16 2.20 -3.83 3.04
CA LEU A 16 3.46 -4.12 3.78
C LEU A 16 4.33 -2.84 3.82
N HIS A 17 4.39 -2.10 2.70
CA HIS A 17 5.13 -0.82 2.58
C HIS A 17 4.47 0.22 3.56
N LYS A 18 3.12 0.24 3.70
CA LYS A 18 2.39 1.17 4.60
C LYS A 18 2.69 0.79 6.06
N LEU A 19 2.67 -0.50 6.38
CA LEU A 19 2.88 -1.02 7.74
C LEU A 19 4.18 -0.53 8.39
N GLN A 20 5.27 -0.38 7.63
CA GLN A 20 6.53 0.15 8.17
C GLN A 20 6.42 1.65 8.54
N THR A 21 5.58 2.43 7.85
CA THR A 21 5.36 3.86 8.13
C THR A 21 4.24 4.09 9.16
N TYR A 22 3.26 3.18 9.24
CA TYR A 22 2.06 3.19 10.10
C TYR A 22 2.29 3.69 11.55
N PRO A 23 3.26 3.16 12.33
CA PRO A 23 3.55 3.61 13.70
C PRO A 23 4.25 4.98 13.79
N ARG A 24 4.30 5.75 12.69
CA ARG A 24 4.87 7.11 12.60
C ARG A 24 3.99 8.07 11.79
N THR A 25 3.26 7.55 10.81
CA THR A 25 2.37 8.29 9.89
C THR A 25 1.43 7.32 9.19
N ASN A 26 0.13 7.63 9.18
CA ASN A 26 -0.90 6.83 8.53
C ASN A 26 -1.68 7.61 7.44
N THR A 27 -1.72 8.94 7.56
CA THR A 27 -2.35 9.91 6.66
C THR A 27 -1.49 11.18 6.60
N GLY A 28 -1.69 12.01 5.58
CA GLY A 28 -0.92 13.25 5.39
C GLY A 28 -1.22 13.98 4.08
N SER A 29 -1.24 13.26 2.95
CA SER A 29 -1.54 13.83 1.63
C SER A 29 -2.04 12.74 0.66
N GLY A 30 -2.79 13.13 -0.37
CA GLY A 30 -3.29 12.25 -1.44
C GLY A 30 -4.73 11.84 -1.22
N THR A 31 -4.97 10.56 -0.86
CA THR A 31 -6.32 9.98 -0.69
C THR A 31 -6.56 9.59 0.78
N PRO A 32 -7.59 10.10 1.46
CA PRO A 32 -7.91 9.74 2.86
C PRO A 32 -8.12 8.23 3.14
N NH2 A 33 -8.63 7.45 2.17
HN1 NH2 A 33 -8.78 7.81 1.22
HN2 NH2 A 33 -8.63 6.43 2.31
N CYS A 1 -3.59 -1.40 -13.49
CA CYS A 1 -3.58 -2.87 -13.32
C CYS A 1 -3.72 -3.53 -14.69
N SER A 2 -2.84 -4.48 -15.03
CA SER A 2 -2.84 -5.16 -16.34
C SER A 2 -2.80 -6.70 -16.27
N ASN A 3 -2.27 -7.28 -15.19
CA ASN A 3 -2.20 -8.74 -14.93
C ASN A 3 -2.70 -8.99 -13.52
N LEU A 4 -4.00 -9.30 -13.40
CA LEU A 4 -4.79 -9.54 -12.19
C LEU A 4 -4.05 -10.14 -10.98
N SER A 5 -3.48 -11.35 -11.09
CA SER A 5 -2.71 -11.96 -9.99
C SER A 5 -1.57 -11.07 -9.49
N THR A 6 -0.76 -10.54 -10.41
CA THR A 6 0.35 -9.63 -10.09
C THR A 6 -0.18 -8.35 -9.43
N CYS A 7 -1.35 -7.85 -9.83
CA CYS A 7 -1.97 -6.66 -9.22
C CYS A 7 -2.29 -6.91 -7.73
N VAL A 8 -2.91 -8.05 -7.38
CA VAL A 8 -3.20 -8.39 -5.99
C VAL A 8 -1.90 -8.60 -5.21
N LEU A 9 -0.89 -9.27 -5.78
CA LEU A 9 0.43 -9.45 -5.15
C LEU A 9 1.07 -8.09 -4.84
N GLY A 10 0.90 -7.12 -5.76
CA GLY A 10 1.38 -5.74 -5.62
C GLY A 10 0.65 -5.09 -4.44
N LYS A 11 -0.68 -5.27 -4.34
CA LYS A 11 -1.49 -4.72 -3.23
C LYS A 11 -1.02 -5.31 -1.89
N LEU A 12 -0.80 -6.63 -1.80
CA LEU A 12 -0.29 -7.27 -0.57
C LEU A 12 1.04 -6.61 -0.15
N SER A 13 1.92 -6.35 -1.12
CA SER A 13 3.21 -5.69 -0.92
C SER A 13 3.01 -4.24 -0.41
N GLN A 14 2.03 -3.50 -0.95
CA GLN A 14 1.72 -2.12 -0.53
C GLN A 14 1.19 -2.11 0.92
N GLU A 15 0.20 -2.95 1.25
CA GLU A 15 -0.33 -3.04 2.61
C GLU A 15 0.78 -3.43 3.61
N LEU A 16 1.72 -4.32 3.23
CA LEU A 16 2.86 -4.73 4.08
C LEU A 16 3.78 -3.53 4.31
N HIS A 17 4.15 -2.82 3.23
CA HIS A 17 4.99 -1.61 3.24
C HIS A 17 4.41 -0.53 4.19
N LYS A 18 3.08 -0.31 4.17
CA LYS A 18 2.40 0.64 5.05
C LYS A 18 2.61 0.34 6.55
N LEU A 19 2.73 -0.93 6.94
CA LEU A 19 2.95 -1.29 8.36
C LEU A 19 4.24 -0.68 8.93
N GLN A 20 5.25 -0.45 8.09
CA GLN A 20 6.51 0.17 8.51
C GLN A 20 6.39 1.69 8.72
N THR A 21 5.51 2.38 7.98
CA THR A 21 5.28 3.83 8.11
C THR A 21 4.16 4.18 9.09
N TYR A 22 3.18 3.31 9.28
CA TYR A 22 2.03 3.48 10.18
C TYR A 22 2.40 4.07 11.57
N PRO A 23 3.41 3.56 12.31
CA PRO A 23 3.88 4.08 13.61
C PRO A 23 4.42 5.52 13.63
N ARG A 24 4.40 6.25 12.51
CA ARG A 24 4.83 7.66 12.40
C ARG A 24 3.94 8.51 11.48
N THR A 25 3.31 7.91 10.46
CA THR A 25 2.40 8.55 9.52
C THR A 25 1.40 7.56 8.91
N ASN A 26 0.12 7.92 8.97
CA ASN A 26 -1.03 7.18 8.43
C ASN A 26 -1.83 8.03 7.41
N THR A 27 -1.60 9.33 7.42
CA THR A 27 -2.21 10.39 6.61
C THR A 27 -1.17 11.50 6.41
N GLY A 28 -1.42 12.41 5.44
CA GLY A 28 -0.55 13.57 5.14
C GLY A 28 -0.65 14.05 3.70
N SER A 29 -0.64 13.11 2.74
CA SER A 29 -0.69 13.37 1.29
C SER A 29 -1.59 12.36 0.56
N GLY A 30 -2.00 12.68 -0.67
CA GLY A 30 -2.80 11.82 -1.53
C GLY A 30 -4.31 11.86 -1.24
N THR A 31 -4.86 10.81 -0.60
CA THR A 31 -6.30 10.70 -0.31
C THR A 31 -6.57 10.08 1.07
N PRO A 32 -7.55 10.57 1.85
CA PRO A 32 -7.91 9.99 3.15
C PRO A 32 -8.47 8.56 3.08
N NH2 A 33 -8.88 8.05 1.92
HN1 NH2 A 33 -8.79 8.60 1.07
HN2 NH2 A 33 -9.23 7.10 1.88
N CYS A 1 -3.25 -2.05 -15.16
CA CYS A 1 -2.99 -3.41 -14.66
C CYS A 1 -3.09 -4.40 -15.83
N SER A 2 -2.15 -5.36 -15.94
CA SER A 2 -2.15 -6.40 -17.01
C SER A 2 -2.39 -7.81 -16.44
N ASN A 3 -1.49 -8.32 -15.59
CA ASN A 3 -1.63 -9.63 -14.95
C ASN A 3 -2.28 -9.46 -13.55
N LEU A 4 -3.58 -9.76 -13.43
CA LEU A 4 -4.39 -9.63 -12.21
C LEU A 4 -3.72 -10.16 -10.92
N SER A 5 -3.15 -11.38 -10.94
CA SER A 5 -2.49 -11.95 -9.75
C SER A 5 -1.31 -11.07 -9.30
N THR A 6 -0.48 -10.60 -10.24
CA THR A 6 0.65 -9.69 -9.94
C THR A 6 0.12 -8.37 -9.40
N CYS A 7 -0.98 -7.84 -9.93
CA CYS A 7 -1.61 -6.60 -9.45
C CYS A 7 -2.09 -6.77 -7.99
N VAL A 8 -2.69 -7.91 -7.65
CA VAL A 8 -3.17 -8.27 -6.28
C VAL A 8 -1.95 -8.34 -5.33
N LEU A 9 -0.87 -9.04 -5.74
CA LEU A 9 0.35 -9.16 -4.93
C LEU A 9 0.98 -7.74 -4.77
N GLY A 10 0.92 -6.90 -5.81
CA GLY A 10 1.42 -5.52 -5.78
C GLY A 10 0.64 -4.72 -4.73
N LYS A 11 -0.69 -4.95 -4.63
CA LYS A 11 -1.57 -4.30 -3.65
C LYS A 11 -1.18 -4.78 -2.26
N LEU A 12 -0.94 -6.08 -2.05
CA LEU A 12 -0.51 -6.63 -0.75
C LEU A 12 0.83 -5.98 -0.37
N SER A 13 1.78 -5.82 -1.30
CA SER A 13 3.06 -5.14 -1.05
C SER A 13 2.83 -3.67 -0.73
N GLN A 14 1.81 -3.01 -1.32
CA GLN A 14 1.45 -1.62 -1.03
C GLN A 14 0.97 -1.49 0.40
N GLU A 15 0.09 -2.38 0.87
CA GLU A 15 -0.39 -2.40 2.27
C GLU A 15 0.79 -2.69 3.22
N LEU A 16 1.72 -3.60 2.85
CA LEU A 16 2.90 -3.92 3.64
C LEU A 16 3.84 -2.70 3.70
N HIS A 17 3.96 -1.90 2.63
CA HIS A 17 4.77 -0.67 2.61
C HIS A 17 4.15 0.34 3.57
N LYS A 18 2.81 0.49 3.58
CA LYS A 18 2.11 1.40 4.52
C LYS A 18 2.45 0.97 5.95
N LEU A 19 2.44 -0.35 6.24
CA LEU A 19 2.78 -0.91 7.55
C LEU A 19 4.22 -0.55 8.00
N GLN A 20 5.15 -0.22 7.09
CA GLN A 20 6.51 0.20 7.45
C GLN A 20 6.52 1.63 8.03
N THR A 21 5.69 2.54 7.51
CA THR A 21 5.62 3.95 7.98
C THR A 21 4.53 4.19 9.03
N TYR A 22 3.51 3.34 9.08
CA TYR A 22 2.38 3.32 10.02
C TYR A 22 2.71 3.74 11.47
N PRO A 23 3.76 3.19 12.12
CA PRO A 23 4.12 3.55 13.50
C PRO A 23 4.56 5.01 13.72
N ARG A 24 4.84 5.78 12.66
CA ARG A 24 5.31 7.17 12.73
C ARG A 24 4.46 8.16 11.91
N THR A 25 3.75 7.67 10.87
CA THR A 25 2.84 8.44 10.00
C THR A 25 1.86 7.49 9.30
N ASN A 26 0.56 7.71 9.50
CA ASN A 26 -0.53 6.93 8.89
C ASN A 26 -1.37 7.73 7.87
N THR A 27 -1.46 9.06 8.04
CA THR A 27 -2.21 10.01 7.22
C THR A 27 -1.47 11.35 7.15
N GLY A 28 -1.83 12.21 6.19
CA GLY A 28 -1.23 13.55 6.05
C GLY A 28 -1.33 14.18 4.65
N SER A 29 -1.32 13.40 3.57
CA SER A 29 -1.45 13.90 2.20
C SER A 29 -1.86 12.78 1.25
N GLY A 30 -2.82 13.03 0.33
CA GLY A 30 -3.30 12.06 -0.66
C GLY A 30 -4.80 11.80 -0.65
N THR A 31 -5.20 10.52 -0.60
CA THR A 31 -6.60 10.05 -0.61
C THR A 31 -6.92 9.29 0.70
N PRO A 32 -7.82 9.80 1.58
CA PRO A 32 -8.21 9.14 2.85
C PRO A 32 -8.73 7.69 2.82
N NH2 A 33 -9.29 7.22 1.71
HN1 NH2 A 33 -9.18 7.73 0.84
HN2 NH2 A 33 -9.45 6.22 1.69
N CYS A 1 -4.77 -1.65 -13.82
CA CYS A 1 -4.45 -3.07 -13.55
C CYS A 1 -4.66 -3.87 -14.83
N SER A 2 -3.78 -4.84 -15.10
CA SER A 2 -3.84 -5.74 -16.26
C SER A 2 -3.68 -7.20 -15.82
N ASN A 3 -2.47 -7.62 -15.43
CA ASN A 3 -2.24 -8.99 -14.93
C ASN A 3 -2.70 -9.08 -13.46
N LEU A 4 -3.92 -9.58 -13.22
CA LEU A 4 -4.58 -9.73 -11.92
C LEU A 4 -3.71 -10.26 -10.77
N SER A 5 -2.97 -11.36 -10.97
CA SER A 5 -2.07 -11.93 -9.95
C SER A 5 -1.02 -10.90 -9.51
N THR A 6 -0.36 -10.24 -10.48
CA THR A 6 0.62 -9.18 -10.22
C THR A 6 -0.04 -7.99 -9.53
N CYS A 7 -1.29 -7.63 -9.86
CA CYS A 7 -2.01 -6.53 -9.22
C CYS A 7 -2.27 -6.83 -7.73
N VAL A 8 -2.77 -8.03 -7.41
CA VAL A 8 -3.01 -8.48 -6.02
C VAL A 8 -1.70 -8.55 -5.25
N LEU A 9 -0.65 -9.16 -5.81
CA LEU A 9 0.68 -9.23 -5.18
C LEU A 9 1.22 -7.81 -4.95
N GLY A 10 1.15 -6.94 -5.96
CA GLY A 10 1.57 -5.54 -5.87
C GLY A 10 0.86 -4.81 -4.74
N LYS A 11 -0.46 -5.03 -4.56
CA LYS A 11 -1.24 -4.45 -3.46
C LYS A 11 -0.80 -5.02 -2.13
N LEU A 12 -0.60 -6.34 -1.99
CA LEU A 12 -0.12 -6.95 -0.75
C LEU A 12 1.23 -6.33 -0.37
N SER A 13 2.18 -6.21 -1.32
CA SER A 13 3.49 -5.57 -1.08
C SER A 13 3.33 -4.10 -0.72
N GLN A 14 2.36 -3.39 -1.33
CA GLN A 14 2.06 -1.98 -1.04
C GLN A 14 1.52 -1.83 0.39
N GLU A 15 0.57 -2.68 0.85
CA GLU A 15 0.08 -2.61 2.21
C GLU A 15 1.22 -2.98 3.19
N LEU A 16 2.09 -3.96 2.88
CA LEU A 16 3.23 -4.34 3.74
C LEU A 16 4.20 -3.15 3.89
N HIS A 17 4.45 -2.42 2.80
CA HIS A 17 5.29 -1.23 2.77
C HIS A 17 4.67 -0.07 3.57
N LYS A 18 3.32 0.08 3.53
CA LYS A 18 2.58 1.06 4.34
C LYS A 18 2.65 0.77 5.82
N LEU A 19 2.51 -0.50 6.22
CA LEU A 19 2.57 -0.97 7.61
C LEU A 19 3.88 -0.59 8.30
N GLN A 20 4.99 -0.39 7.56
CA GLN A 20 6.26 0.07 8.11
C GLN A 20 6.19 1.54 8.53
N THR A 21 5.54 2.39 7.72
CA THR A 21 5.40 3.83 7.97
C THR A 21 4.28 4.14 8.98
N TYR A 22 3.17 3.38 8.92
CA TYR A 22 1.96 3.52 9.75
C TYR A 22 2.14 3.93 11.22
N PRO A 23 3.04 3.28 12.00
CA PRO A 23 3.28 3.62 13.41
C PRO A 23 3.78 5.06 13.68
N ARG A 24 4.31 5.76 12.67
CA ARG A 24 4.84 7.14 12.81
C ARG A 24 4.13 8.15 11.89
N THR A 25 3.41 7.67 10.87
CA THR A 25 2.64 8.47 9.92
C THR A 25 1.67 7.56 9.17
N ASN A 26 0.36 7.82 9.30
CA ASN A 26 -0.72 7.08 8.62
C ASN A 26 -1.62 7.97 7.73
N THR A 27 -1.58 9.27 7.97
CA THR A 27 -2.33 10.33 7.27
C THR A 27 -1.44 11.59 7.17
N GLY A 28 -1.80 12.52 6.27
CA GLY A 28 -1.08 13.77 6.09
C GLY A 28 -1.49 14.55 4.83
N SER A 29 -1.35 13.94 3.65
CA SER A 29 -1.67 14.61 2.36
C SER A 29 -1.87 13.60 1.23
N GLY A 30 -2.69 13.94 0.24
CA GLY A 30 -2.95 13.09 -0.94
C GLY A 30 -4.37 12.56 -1.12
N THR A 31 -4.57 11.26 -0.89
CA THR A 31 -5.84 10.54 -1.08
C THR A 31 -6.43 10.01 0.25
N PRO A 32 -7.77 9.88 0.41
CA PRO A 32 -8.41 9.43 1.67
C PRO A 32 -7.90 8.09 2.27
N NH2 A 33 -7.21 7.24 1.50
HN1 NH2 A 33 -7.06 6.32 1.91
HN2 NH2 A 33 -7.17 7.42 0.51
N CYS A 1 -3.29 -2.13 -14.90
CA CYS A 1 -3.15 -3.49 -14.34
C CYS A 1 -3.17 -4.51 -15.47
N SER A 2 -2.06 -5.23 -15.69
CA SER A 2 -1.94 -6.24 -16.76
C SER A 2 -2.23 -7.67 -16.27
N ASN A 3 -1.41 -8.20 -15.36
CA ASN A 3 -1.61 -9.54 -14.77
C ASN A 3 -2.29 -9.39 -13.39
N LEU A 4 -3.53 -9.85 -13.28
CA LEU A 4 -4.37 -9.77 -12.08
C LEU A 4 -3.65 -10.15 -10.78
N SER A 5 -3.01 -11.32 -10.69
CA SER A 5 -2.30 -11.72 -9.46
C SER A 5 -1.19 -10.74 -9.08
N THR A 6 -0.40 -10.27 -10.05
CA THR A 6 0.67 -9.28 -9.79
C THR A 6 0.06 -7.97 -9.26
N CYS A 7 -1.16 -7.61 -9.68
CA CYS A 7 -1.84 -6.40 -9.18
C CYS A 7 -2.24 -6.58 -7.71
N VAL A 8 -2.82 -7.75 -7.33
CA VAL A 8 -3.19 -8.03 -5.92
C VAL A 8 -1.93 -8.09 -5.05
N LEU A 9 -0.89 -8.84 -5.47
CA LEU A 9 0.38 -8.96 -4.78
C LEU A 9 1.07 -7.60 -4.66
N GLY A 10 1.02 -6.78 -5.72
CA GLY A 10 1.61 -5.43 -5.75
C GLY A 10 0.89 -4.56 -4.71
N LYS A 11 -0.46 -4.67 -4.63
CA LYS A 11 -1.25 -3.94 -3.65
C LYS A 11 -0.90 -4.44 -2.23
N LEU A 12 -0.75 -5.76 -2.03
CA LEU A 12 -0.35 -6.32 -0.74
C LEU A 12 1.02 -5.76 -0.35
N SER A 13 1.98 -5.64 -1.29
CA SER A 13 3.30 -5.07 -1.03
C SER A 13 3.17 -3.57 -0.70
N GLN A 14 2.20 -2.85 -1.29
CA GLN A 14 1.96 -1.43 -0.99
C GLN A 14 1.38 -1.32 0.45
N GLU A 15 0.36 -2.11 0.82
CA GLU A 15 -0.21 -2.09 2.17
C GLU A 15 0.86 -2.59 3.19
N LEU A 16 1.78 -3.47 2.79
CA LEU A 16 2.90 -3.97 3.62
C LEU A 16 3.88 -2.82 3.87
N HIS A 17 4.21 -2.05 2.83
CA HIS A 17 5.09 -0.87 2.92
C HIS A 17 4.46 0.19 3.82
N LYS A 18 3.11 0.33 3.77
CA LYS A 18 2.35 1.26 4.63
C LYS A 18 2.44 0.77 6.07
N LEU A 19 2.23 -0.53 6.34
CA LEU A 19 2.34 -1.15 7.67
C LEU A 19 3.75 -0.90 8.25
N GLN A 20 4.82 -0.88 7.44
CA GLN A 20 6.20 -0.62 7.91
C GLN A 20 6.36 0.90 8.30
N THR A 21 5.59 1.85 7.73
CA THR A 21 5.64 3.30 8.08
C THR A 21 4.55 3.74 9.10
N TYR A 22 3.42 2.99 9.22
CA TYR A 22 2.26 3.28 10.09
C TYR A 22 2.64 3.60 11.55
N PRO A 23 3.59 2.86 12.20
CA PRO A 23 4.04 3.14 13.57
C PRO A 23 4.70 4.52 13.76
N ARG A 24 5.06 5.21 12.68
CA ARG A 24 5.66 6.56 12.70
C ARG A 24 4.68 7.59 12.11
N THR A 25 3.90 7.24 11.08
CA THR A 25 2.90 8.14 10.43
C THR A 25 1.92 7.32 9.58
N ASN A 26 0.64 7.69 9.62
CA ASN A 26 -0.46 7.01 8.90
C ASN A 26 -1.26 7.87 7.92
N THR A 27 -1.32 9.19 8.12
CA THR A 27 -2.08 10.16 7.31
C THR A 27 -1.18 11.27 6.75
N GLY A 28 -1.65 12.00 5.73
CA GLY A 28 -0.90 13.12 5.15
C GLY A 28 -1.42 13.63 3.81
N SER A 29 -1.41 12.79 2.77
CA SER A 29 -1.85 13.15 1.42
C SER A 29 -2.52 11.99 0.69
N GLY A 30 -3.42 12.25 -0.25
CA GLY A 30 -4.11 11.24 -1.06
C GLY A 30 -5.63 11.23 -0.99
N THR A 31 -6.20 10.09 -0.63
CA THR A 31 -7.65 9.83 -0.50
C THR A 31 -8.04 9.44 0.95
N PRO A 32 -9.27 9.74 1.46
CA PRO A 32 -9.65 9.44 2.84
C PRO A 32 -9.46 7.92 3.18
N NH2 A 33 -9.86 6.98 2.28
HN1 NH2 A 33 -9.96 6.04 2.64
HN2 NH2 A 33 -10.48 7.29 1.54
N CYS A 1 -3.50 -1.38 -14.45
CA CYS A 1 -3.19 -2.78 -14.06
C CYS A 1 -3.17 -3.63 -15.32
N SER A 2 -2.21 -4.56 -15.45
CA SER A 2 -2.07 -5.44 -16.63
C SER A 2 -2.26 -6.91 -16.26
N ASN A 3 -1.40 -7.48 -15.42
CA ASN A 3 -1.53 -8.86 -14.95
C ASN A 3 -2.20 -8.88 -13.56
N LEU A 4 -3.48 -9.28 -13.53
CA LEU A 4 -4.36 -9.33 -12.36
C LEU A 4 -3.71 -9.92 -11.09
N SER A 5 -3.10 -11.12 -11.19
CA SER A 5 -2.39 -11.76 -10.07
C SER A 5 -1.24 -10.89 -9.52
N THR A 6 -0.42 -10.29 -10.39
CA THR A 6 0.67 -9.38 -9.97
C THR A 6 0.07 -8.12 -9.31
N CYS A 7 -1.07 -7.59 -9.79
CA CYS A 7 -1.72 -6.43 -9.18
C CYS A 7 -2.15 -6.75 -7.74
N VAL A 8 -2.67 -7.97 -7.48
CA VAL A 8 -3.07 -8.43 -6.13
C VAL A 8 -1.84 -8.50 -5.23
N LEU A 9 -0.75 -9.12 -5.71
CA LEU A 9 0.54 -9.23 -4.98
C LEU A 9 1.09 -7.81 -4.70
N GLY A 10 0.94 -6.88 -5.64
CA GLY A 10 1.37 -5.49 -5.53
C GLY A 10 0.60 -4.80 -4.41
N LYS A 11 -0.72 -5.03 -4.33
CA LYS A 11 -1.57 -4.48 -3.26
C LYS A 11 -1.15 -5.07 -1.92
N LEU A 12 -0.92 -6.39 -1.82
CA LEU A 12 -0.46 -7.03 -0.57
C LEU A 12 0.87 -6.39 -0.13
N SER A 13 1.77 -6.10 -1.07
CA SER A 13 3.06 -5.43 -0.82
C SER A 13 2.82 -3.97 -0.33
N GLN A 14 1.84 -3.26 -0.91
CA GLN A 14 1.49 -1.88 -0.54
C GLN A 14 0.97 -1.86 0.92
N GLU A 15 0.06 -2.77 1.29
CA GLU A 15 -0.46 -2.87 2.65
C GLU A 15 0.66 -3.31 3.63
N LEU A 16 1.60 -4.17 3.21
CA LEU A 16 2.74 -4.57 4.05
C LEU A 16 3.64 -3.37 4.33
N HIS A 17 3.94 -2.56 3.29
CA HIS A 17 4.75 -1.34 3.39
C HIS A 17 4.07 -0.32 4.32
N LYS A 18 2.75 -0.14 4.19
CA LYS A 18 1.96 0.75 5.05
C LYS A 18 2.11 0.38 6.51
N LEU A 19 2.04 -0.93 6.86
CA LEU A 19 2.24 -1.43 8.23
C LEU A 19 3.60 -1.02 8.82
N GLN A 20 4.65 -0.88 8.00
CA GLN A 20 5.97 -0.44 8.46
C GLN A 20 5.95 1.07 8.79
N THR A 21 5.32 1.88 7.93
CA THR A 21 5.27 3.35 8.07
C THR A 21 4.21 3.90 9.02
N TYR A 22 3.10 3.20 9.23
CA TYR A 22 1.95 3.62 10.06
C TYR A 22 2.32 4.22 11.45
N PRO A 23 3.18 3.59 12.28
CA PRO A 23 3.56 4.14 13.59
C PRO A 23 4.24 5.52 13.55
N ARG A 24 4.78 5.93 12.38
CA ARG A 24 5.48 7.21 12.15
C ARG A 24 4.66 8.18 11.30
N THR A 25 3.92 7.68 10.32
CA THR A 25 3.12 8.44 9.37
C THR A 25 1.94 7.59 8.86
N ASN A 26 0.82 7.63 9.59
CA ASN A 26 -0.43 6.92 9.22
C ASN A 26 -1.28 7.67 8.18
N THR A 27 -1.10 8.97 8.02
CA THR A 27 -1.85 9.87 7.12
C THR A 27 -0.93 10.92 6.49
N GLY A 28 -1.40 11.55 5.41
CA GLY A 28 -0.69 12.55 4.60
C GLY A 28 -1.49 12.95 3.36
N SER A 29 -0.90 13.78 2.50
CA SER A 29 -1.50 14.26 1.25
C SER A 29 -1.78 13.11 0.25
N GLY A 30 -2.89 13.22 -0.49
CA GLY A 30 -3.28 12.26 -1.52
C GLY A 30 -4.80 12.03 -1.57
N THR A 31 -5.26 10.87 -1.06
CA THR A 31 -6.67 10.44 -1.06
C THR A 31 -7.13 10.06 0.36
N PRO A 32 -8.11 10.77 0.97
CA PRO A 32 -8.67 10.48 2.29
C PRO A 32 -9.31 9.08 2.57
N NH2 A 33 -9.18 8.07 1.70
HN1 NH2 A 33 -8.56 8.22 0.93
HN2 NH2 A 33 -9.53 7.13 1.89
N CYS A 1 -3.32 -1.15 -13.96
CA CYS A 1 -3.19 -2.59 -13.69
C CYS A 1 -3.46 -3.36 -14.99
N SER A 2 -2.67 -4.41 -15.30
CA SER A 2 -2.79 -5.19 -16.56
C SER A 2 -2.79 -6.72 -16.37
N ASN A 3 -2.22 -7.23 -15.28
CA ASN A 3 -2.15 -8.65 -14.94
C ASN A 3 -2.58 -8.80 -13.47
N LEU A 4 -3.80 -9.26 -13.21
CA LEU A 4 -4.40 -9.46 -11.89
C LEU A 4 -3.47 -10.01 -10.79
N SER A 5 -2.81 -11.16 -11.03
CA SER A 5 -1.84 -11.72 -10.07
C SER A 5 -0.75 -10.75 -9.63
N THR A 6 -0.09 -10.07 -10.58
CA THR A 6 0.93 -9.04 -10.29
C THR A 6 0.30 -7.84 -9.55
N CYS A 7 -0.94 -7.47 -9.94
CA CYS A 7 -1.59 -6.36 -9.21
C CYS A 7 -1.83 -6.75 -7.75
N VAL A 8 -2.35 -7.97 -7.44
CA VAL A 8 -2.70 -8.44 -6.10
C VAL A 8 -1.39 -8.54 -5.36
N LEU A 9 -0.34 -9.04 -6.01
CA LEU A 9 0.99 -9.07 -5.33
C LEU A 9 1.35 -7.63 -4.88
N GLY A 10 1.25 -6.66 -5.80
CA GLY A 10 1.61 -5.26 -5.56
C GLY A 10 0.76 -4.73 -4.40
N LYS A 11 -0.50 -5.15 -4.32
CA LYS A 11 -1.38 -4.75 -3.18
C LYS A 11 -0.90 -5.40 -1.89
N LEU A 12 -0.57 -6.69 -1.86
CA LEU A 12 -0.01 -7.41 -0.67
C LEU A 12 1.21 -6.63 -0.15
N SER A 13 2.13 -6.24 -1.05
CA SER A 13 3.35 -5.46 -0.69
C SER A 13 2.89 -4.03 -0.20
N GLN A 14 1.92 -3.36 -0.85
CA GLN A 14 1.38 -2.04 -0.46
C GLN A 14 0.82 -2.06 0.97
N GLU A 15 -0.03 -3.06 1.29
CA GLU A 15 -0.60 -3.21 2.65
C GLU A 15 0.50 -3.53 3.69
N LEU A 16 1.44 -4.45 3.40
CA LEU A 16 2.58 -4.82 4.27
C LEU A 16 3.49 -3.59 4.48
N HIS A 17 3.59 -2.64 3.50
CA HIS A 17 4.45 -1.48 3.60
C HIS A 17 3.70 -0.45 4.49
N LYS A 18 2.37 -0.24 4.32
CA LYS A 18 1.52 0.67 5.12
C LYS A 18 1.70 0.30 6.56
N LEU A 19 1.49 -0.99 6.92
CA LEU A 19 1.59 -1.54 8.27
C LEU A 19 2.88 -1.13 8.97
N GLN A 20 4.04 -1.28 8.31
CA GLN A 20 5.36 -0.92 8.82
C GLN A 20 5.57 0.60 8.95
N THR A 21 4.99 1.43 8.05
CA THR A 21 5.11 2.90 8.09
C THR A 21 4.16 3.61 9.07
N TYR A 22 3.03 2.99 9.42
CA TYR A 22 1.99 3.53 10.30
C TYR A 22 2.51 4.18 11.61
N PRO A 23 3.41 3.55 12.41
CA PRO A 23 4.00 4.15 13.64
C PRO A 23 4.81 5.47 13.45
N ARG A 24 5.04 5.93 12.23
CA ARG A 24 5.75 7.16 11.90
C ARG A 24 4.90 8.11 11.02
N THR A 25 4.00 7.57 10.17
CA THR A 25 3.13 8.36 9.29
C THR A 25 1.92 7.57 8.80
N ASN A 26 0.73 7.91 9.28
CA ASN A 26 -0.53 7.27 8.84
C ASN A 26 -1.33 8.06 7.77
N THR A 27 -1.37 9.40 7.87
CA THR A 27 -2.07 10.33 6.97
C THR A 27 -1.32 11.66 6.81
N GLY A 28 -1.90 12.59 6.03
CA GLY A 28 -1.37 13.91 5.76
C GLY A 28 -1.79 14.36 4.36
N SER A 29 -0.83 14.67 3.49
CA SER A 29 -1.08 15.16 2.12
C SER A 29 -1.12 14.00 1.15
N GLY A 30 -2.19 13.85 0.33
CA GLY A 30 -2.30 12.81 -0.67
C GLY A 30 -3.75 12.63 -1.15
N THR A 31 -4.35 11.45 -0.89
CA THR A 31 -5.73 11.11 -1.21
C THR A 31 -6.50 10.61 0.05
N PRO A 32 -7.70 11.12 0.36
CA PRO A 32 -8.47 10.77 1.57
C PRO A 32 -9.23 9.40 1.50
N NH2 A 33 -8.88 8.51 0.56
HN1 NH2 A 33 -8.17 8.75 -0.13
HN2 NH2 A 33 -9.38 7.61 0.54
N CYS A 1 -3.11 -1.14 -14.52
CA CYS A 1 -2.92 -2.54 -14.08
C CYS A 1 -3.00 -3.42 -15.32
N SER A 2 -2.01 -4.30 -15.59
CA SER A 2 -2.00 -5.16 -16.78
C SER A 2 -2.23 -6.66 -16.54
N ASN A 3 -1.80 -7.18 -15.40
CA ASN A 3 -2.00 -8.58 -14.98
C ASN A 3 -2.57 -8.62 -13.57
N LEU A 4 -3.84 -9.05 -13.44
CA LEU A 4 -4.58 -9.07 -12.19
C LEU A 4 -3.79 -9.69 -11.00
N SER A 5 -3.21 -10.90 -11.16
CA SER A 5 -2.45 -11.54 -10.07
C SER A 5 -1.24 -10.70 -9.64
N THR A 6 -0.50 -10.08 -10.57
CA THR A 6 0.63 -9.19 -10.23
C THR A 6 0.12 -7.95 -9.51
N CYS A 7 -1.01 -7.36 -9.94
CA CYS A 7 -1.61 -6.20 -9.28
C CYS A 7 -2.02 -6.55 -7.84
N VAL A 8 -2.61 -7.74 -7.60
CA VAL A 8 -3.02 -8.20 -6.27
C VAL A 8 -1.79 -8.38 -5.39
N LEU A 9 -0.72 -8.99 -5.92
CA LEU A 9 0.56 -9.16 -5.18
C LEU A 9 1.18 -7.78 -4.87
N GLY A 10 1.15 -6.85 -5.83
CA GLY A 10 1.64 -5.45 -5.67
C GLY A 10 0.83 -4.74 -4.54
N LYS A 11 -0.49 -5.01 -4.47
CA LYS A 11 -1.37 -4.46 -3.45
C LYS A 11 -0.97 -5.09 -2.08
N LEU A 12 -0.68 -6.39 -2.02
CA LEU A 12 -0.24 -7.02 -0.75
C LEU A 12 1.11 -6.37 -0.32
N SER A 13 2.01 -6.05 -1.26
CA SER A 13 3.27 -5.39 -0.94
C SER A 13 3.02 -3.96 -0.42
N GLN A 14 2.01 -3.26 -0.98
CA GLN A 14 1.56 -1.91 -0.57
C GLN A 14 1.08 -1.98 0.88
N GLU A 15 0.26 -2.97 1.26
CA GLU A 15 -0.19 -3.16 2.64
C GLU A 15 0.98 -3.52 3.56
N LEU A 16 1.87 -4.43 3.14
CA LEU A 16 3.06 -4.84 3.88
C LEU A 16 3.95 -3.62 4.21
N HIS A 17 4.05 -2.67 3.28
CA HIS A 17 4.81 -1.43 3.43
C HIS A 17 4.10 -0.51 4.43
N LYS A 18 2.77 -0.35 4.32
CA LYS A 18 1.95 0.45 5.26
C LYS A 18 2.17 0.03 6.71
N LEU A 19 2.14 -1.28 7.00
CA LEU A 19 2.36 -1.84 8.35
C LEU A 19 3.65 -1.33 9.01
N GLN A 20 4.70 -1.09 8.21
CA GLN A 20 6.01 -0.64 8.67
C GLN A 20 6.09 0.89 8.81
N THR A 21 5.36 1.67 8.00
CA THR A 21 5.33 3.15 8.10
C THR A 21 4.27 3.72 9.06
N TYR A 22 3.19 2.97 9.32
CA TYR A 22 2.06 3.37 10.18
C TYR A 22 2.44 4.00 11.53
N PRO A 23 3.40 3.46 12.31
CA PRO A 23 3.82 4.07 13.60
C PRO A 23 4.33 5.51 13.50
N ARG A 24 4.76 6.00 12.32
CA ARG A 24 5.21 7.39 12.11
C ARG A 24 4.21 8.18 11.27
N THR A 25 3.43 7.53 10.40
CA THR A 25 2.44 8.20 9.53
C THR A 25 1.23 7.31 9.23
N ASN A 26 0.07 7.68 9.79
CA ASN A 26 -1.22 7.02 9.60
C ASN A 26 -2.14 7.79 8.63
N THR A 27 -1.85 9.07 8.36
CA THR A 27 -2.55 9.99 7.46
C THR A 27 -1.53 10.96 6.87
N GLY A 28 -1.69 11.33 5.60
CA GLY A 28 -0.78 12.22 4.89
C GLY A 28 -1.34 12.78 3.59
N SER A 29 -0.57 13.66 2.95
CA SER A 29 -0.93 14.28 1.67
C SER A 29 -0.99 13.23 0.54
N GLY A 30 -1.99 13.32 -0.34
CA GLY A 30 -2.14 12.44 -1.48
C GLY A 30 -3.60 12.05 -1.80
N THR A 31 -4.21 11.14 -1.02
CA THR A 31 -5.58 10.67 -1.26
C THR A 31 -6.23 10.07 0.00
N PRO A 32 -7.46 10.46 0.39
CA PRO A 32 -8.17 9.90 1.56
C PRO A 32 -8.58 8.40 1.45
N NH2 A 33 -8.30 7.70 0.34
HN1 NH2 A 33 -8.52 6.72 0.30
HN2 NH2 A 33 -7.74 8.14 -0.38
N CYS A 1 -3.85 -1.84 -14.50
CA CYS A 1 -3.81 -3.24 -14.06
C CYS A 1 -3.96 -4.13 -15.30
N SER A 2 -3.08 -5.12 -15.48
CA SER A 2 -3.10 -6.03 -16.65
C SER A 2 -3.20 -7.52 -16.33
N ASN A 3 -2.70 -7.94 -15.17
CA ASN A 3 -2.78 -9.33 -14.69
C ASN A 3 -3.21 -9.33 -13.22
N LEU A 4 -4.40 -9.85 -12.91
CA LEU A 4 -4.98 -9.86 -11.56
C LEU A 4 -4.00 -10.36 -10.48
N SER A 5 -3.38 -11.53 -10.66
CA SER A 5 -2.44 -12.08 -9.68
C SER A 5 -1.27 -11.11 -9.40
N THR A 6 -0.70 -10.47 -10.43
CA THR A 6 0.37 -9.46 -10.26
C THR A 6 -0.16 -8.19 -9.60
N CYS A 7 -1.37 -7.74 -9.96
CA CYS A 7 -1.99 -6.55 -9.35
C CYS A 7 -2.20 -6.82 -7.83
N VAL A 8 -2.59 -8.05 -7.46
CA VAL A 8 -2.74 -8.47 -6.07
C VAL A 8 -1.36 -8.46 -5.38
N LEU A 9 -0.30 -9.02 -6.01
CA LEU A 9 1.06 -8.99 -5.45
C LEU A 9 1.53 -7.54 -5.22
N GLY A 10 1.20 -6.63 -6.14
CA GLY A 10 1.51 -5.20 -6.05
C GLY A 10 0.80 -4.59 -4.84
N LYS A 11 -0.50 -4.87 -4.71
CA LYS A 11 -1.33 -4.42 -3.56
C LYS A 11 -0.81 -4.98 -2.23
N LEU A 12 -0.53 -6.29 -2.16
CA LEU A 12 0.05 -6.94 -0.97
C LEU A 12 1.35 -6.22 -0.57
N SER A 13 2.23 -5.93 -1.54
CA SER A 13 3.50 -5.19 -1.32
C SER A 13 3.20 -3.77 -0.81
N GLN A 14 2.22 -3.07 -1.40
CA GLN A 14 1.82 -1.70 -1.01
C GLN A 14 1.30 -1.71 0.45
N GLU A 15 0.37 -2.60 0.82
CA GLU A 15 -0.13 -2.72 2.20
C GLU A 15 1.01 -3.13 3.17
N LEU A 16 1.93 -4.03 2.76
CA LEU A 16 3.07 -4.47 3.58
C LEU A 16 3.99 -3.26 3.86
N HIS A 17 4.17 -2.35 2.89
CA HIS A 17 4.98 -1.14 3.03
C HIS A 17 4.28 -0.15 3.98
N LYS A 18 2.94 -0.04 3.92
CA LYS A 18 2.15 0.84 4.80
C LYS A 18 2.24 0.35 6.25
N LEU A 19 2.03 -0.96 6.49
CA LEU A 19 2.04 -1.59 7.81
C LEU A 19 3.31 -1.26 8.63
N GLN A 20 4.46 -1.11 7.96
CA GLN A 20 5.73 -0.73 8.60
C GLN A 20 5.69 0.71 9.12
N THR A 21 5.17 1.65 8.31
CA THR A 21 5.09 3.07 8.64
C THR A 21 3.87 3.50 9.47
N TYR A 22 2.76 2.76 9.40
CA TYR A 22 1.52 2.98 10.15
C TYR A 22 1.62 3.46 11.60
N PRO A 23 2.40 2.80 12.50
CA PRO A 23 2.54 3.23 13.89
C PRO A 23 3.16 4.63 14.08
N ARG A 24 3.85 5.17 13.06
CA ARG A 24 4.51 6.49 13.07
C ARG A 24 3.77 7.53 12.22
N THR A 25 3.13 7.10 11.13
CA THR A 25 2.38 7.95 10.21
C THR A 25 1.30 7.17 9.46
N ASN A 26 0.05 7.65 9.55
CA ASN A 26 -1.13 7.06 8.90
C ASN A 26 -1.82 7.98 7.88
N THR A 27 -1.76 9.31 8.09
CA THR A 27 -2.39 10.37 7.27
C THR A 27 -1.37 11.42 6.84
N GLY A 28 -1.46 11.90 5.60
CA GLY A 28 -0.57 12.91 5.04
C GLY A 28 -1.09 13.55 3.75
N SER A 29 -0.52 14.70 3.37
CA SER A 29 -0.87 15.50 2.19
C SER A 29 -0.53 14.80 0.87
N GLY A 30 -1.54 14.33 0.13
CA GLY A 30 -1.36 13.68 -1.20
C GLY A 30 -2.61 12.95 -1.72
N THR A 31 -3.28 12.16 -0.87
CA THR A 31 -4.51 11.44 -1.19
C THR A 31 -5.40 11.36 0.07
N PRO A 32 -6.61 11.97 0.10
CA PRO A 32 -7.50 11.94 1.26
C PRO A 32 -8.24 10.59 1.51
N NH2 A 33 -8.12 9.60 0.64
HN1 NH2 A 33 -8.67 8.77 0.78
HN2 NH2 A 33 -7.57 9.73 -0.21
N CYS A 1 -3.19 -1.53 -14.90
CA CYS A 1 -3.05 -2.87 -14.28
C CYS A 1 -3.23 -3.90 -15.37
N SER A 2 -2.31 -4.86 -15.48
CA SER A 2 -2.35 -5.91 -16.51
C SER A 2 -2.72 -7.29 -15.97
N ASN A 3 -1.81 -8.00 -15.29
CA ASN A 3 -2.06 -9.35 -14.76
C ASN A 3 -2.62 -9.32 -13.34
N LEU A 4 -3.83 -9.85 -13.14
CA LEU A 4 -4.56 -9.88 -11.86
C LEU A 4 -3.76 -10.36 -10.64
N SER A 5 -3.09 -11.52 -10.71
CA SER A 5 -2.26 -12.03 -9.60
C SER A 5 -1.11 -11.07 -9.26
N THR A 6 -0.43 -10.53 -10.27
CA THR A 6 0.66 -9.55 -10.07
C THR A 6 0.11 -8.26 -9.47
N CYS A 7 -1.05 -7.76 -9.92
CA CYS A 7 -1.67 -6.55 -9.36
C CYS A 7 -2.03 -6.78 -7.88
N VAL A 8 -2.60 -7.95 -7.51
CA VAL A 8 -2.92 -8.29 -6.12
C VAL A 8 -1.63 -8.36 -5.28
N LEU A 9 -0.57 -9.00 -5.79
CA LEU A 9 0.72 -9.12 -5.08
C LEU A 9 1.35 -7.71 -4.90
N GLY A 10 1.20 -6.84 -5.90
CA GLY A 10 1.67 -5.45 -5.84
C GLY A 10 0.87 -4.64 -4.82
N LYS A 11 -0.47 -4.90 -4.72
CA LYS A 11 -1.37 -4.24 -3.75
C LYS A 11 -1.01 -4.74 -2.34
N LEU A 12 -0.81 -6.02 -2.16
CA LEU A 12 -0.41 -6.61 -0.84
C LEU A 12 0.94 -6.01 -0.42
N SER A 13 1.86 -5.77 -1.37
CA SER A 13 3.18 -5.15 -1.12
C SER A 13 2.96 -3.65 -0.72
N GLN A 14 2.00 -2.97 -1.35
CA GLN A 14 1.65 -1.58 -1.03
C GLN A 14 1.11 -1.52 0.42
N GLU A 15 0.22 -2.45 0.81
CA GLU A 15 -0.33 -2.52 2.16
C GLU A 15 0.83 -2.86 3.14
N LEU A 16 1.73 -3.78 2.78
CA LEU A 16 2.87 -4.19 3.64
C LEU A 16 3.83 -3.00 3.86
N HIS A 17 3.95 -2.12 2.86
CA HIS A 17 4.78 -0.91 2.95
C HIS A 17 4.05 0.11 3.85
N LYS A 18 2.72 0.28 3.67
CA LYS A 18 1.91 1.20 4.53
C LYS A 18 2.07 0.76 5.99
N LEU A 19 1.84 -0.55 6.28
CA LEU A 19 1.98 -1.19 7.60
C LEU A 19 3.34 -0.90 8.25
N GLN A 20 4.44 -0.99 7.50
CA GLN A 20 5.80 -0.70 8.02
C GLN A 20 5.92 0.78 8.45
N THR A 21 5.30 1.71 7.70
CA THR A 21 5.33 3.15 8.02
C THR A 21 4.22 3.60 8.99
N TYR A 22 3.16 2.80 9.17
CA TYR A 22 2.02 3.08 10.02
C TYR A 22 2.37 3.55 11.44
N PRO A 23 3.26 2.88 12.21
CA PRO A 23 3.65 3.30 13.57
C PRO A 23 4.27 4.72 13.61
N ARG A 24 4.70 5.27 12.47
CA ARG A 24 5.29 6.60 12.34
C ARG A 24 4.27 7.60 11.74
N THR A 25 3.32 7.13 10.95
CA THR A 25 2.26 7.95 10.33
C THR A 25 1.07 7.11 9.84
N ASN A 26 -0.07 7.23 10.55
CA ASN A 26 -1.33 6.53 10.22
C ASN A 26 -2.20 7.37 9.26
N THR A 27 -2.01 8.70 9.22
CA THR A 27 -2.63 9.71 8.38
C THR A 27 -1.56 10.72 7.98
N GLY A 28 -1.53 11.10 6.69
CA GLY A 28 -0.58 12.10 6.19
C GLY A 28 -1.15 13.16 5.22
N SER A 29 -0.84 13.02 3.93
CA SER A 29 -1.29 13.97 2.90
C SER A 29 -1.47 13.29 1.54
N GLY A 30 -2.07 13.99 0.58
CA GLY A 30 -2.31 13.52 -0.79
C GLY A 30 -3.75 13.12 -1.06
N THR A 31 -4.05 11.82 -1.08
CA THR A 31 -5.39 11.26 -1.38
C THR A 31 -6.05 10.66 -0.11
N PRO A 32 -7.10 11.29 0.46
CA PRO A 32 -7.79 10.80 1.67
C PRO A 32 -8.26 9.34 1.57
N NH2 A 33 -8.90 8.94 0.47
HN1 NH2 A 33 -9.23 7.98 0.41
HN2 NH2 A 33 -9.06 9.58 -0.30
N CYS A 1 -2.52 -1.19 -13.24
CA CYS A 1 -2.53 -2.65 -13.12
C CYS A 1 -2.44 -3.27 -14.51
N SER A 2 -1.52 -4.23 -14.74
CA SER A 2 -1.30 -4.86 -16.05
C SER A 2 -1.49 -6.39 -16.09
N ASN A 3 -1.31 -7.08 -14.97
CA ASN A 3 -1.45 -8.54 -14.83
C ASN A 3 -2.08 -8.85 -13.48
N LEU A 4 -3.31 -9.38 -13.47
CA LEU A 4 -4.13 -9.70 -12.28
C LEU A 4 -3.35 -10.23 -11.08
N SER A 5 -2.71 -11.41 -11.16
CA SER A 5 -1.95 -12.02 -10.05
C SER A 5 -0.89 -11.08 -9.48
N THR A 6 -0.09 -10.45 -10.34
CA THR A 6 0.93 -9.47 -9.94
C THR A 6 0.28 -8.27 -9.24
N CYS A 7 -0.90 -7.83 -9.68
CA CYS A 7 -1.61 -6.73 -9.01
C CYS A 7 -2.07 -7.15 -7.61
N VAL A 8 -2.52 -8.40 -7.39
CA VAL A 8 -2.94 -8.88 -6.06
C VAL A 8 -1.72 -8.91 -5.12
N LEU A 9 -0.65 -9.59 -5.53
CA LEU A 9 0.62 -9.66 -4.76
C LEU A 9 1.20 -8.26 -4.52
N GLY A 10 1.13 -7.38 -5.53
CA GLY A 10 1.59 -5.98 -5.47
C GLY A 10 0.74 -5.21 -4.45
N LYS A 11 -0.60 -5.44 -4.42
CA LYS A 11 -1.52 -4.78 -3.49
C LYS A 11 -1.22 -5.28 -2.07
N LEU A 12 -1.06 -6.59 -1.86
CA LEU A 12 -0.71 -7.16 -0.55
C LEU A 12 0.59 -6.54 -0.08
N SER A 13 1.58 -6.35 -0.99
CA SER A 13 2.86 -5.72 -0.71
C SER A 13 2.71 -4.21 -0.42
N GLN A 14 1.77 -3.51 -1.08
CA GLN A 14 1.46 -2.10 -0.86
C GLN A 14 0.84 -1.93 0.52
N GLU A 15 -0.18 -2.72 0.89
CA GLU A 15 -0.80 -2.67 2.21
C GLU A 15 0.23 -3.07 3.28
N LEU A 16 1.11 -4.05 3.02
CA LEU A 16 2.19 -4.50 3.92
C LEU A 16 3.18 -3.32 4.13
N HIS A 17 3.45 -2.54 3.07
CA HIS A 17 4.34 -1.37 3.12
C HIS A 17 3.65 -0.29 3.97
N LYS A 18 2.32 -0.07 3.80
CA LYS A 18 1.55 0.88 4.60
C LYS A 18 1.66 0.51 6.07
N LEU A 19 1.40 -0.76 6.44
CA LEU A 19 1.51 -1.27 7.81
C LEU A 19 2.91 -1.02 8.40
N GLN A 20 3.98 -1.20 7.61
CA GLN A 20 5.35 -0.92 8.06
C GLN A 20 5.58 0.58 8.29
N THR A 21 4.98 1.46 7.47
CA THR A 21 5.06 2.93 7.64
C THR A 21 4.09 3.51 8.68
N TYR A 22 3.01 2.81 9.01
CA TYR A 22 1.93 3.22 9.94
C TYR A 22 2.42 3.85 11.26
N PRO A 23 3.36 3.24 12.01
CA PRO A 23 3.89 3.85 13.26
C PRO A 23 4.65 5.18 13.02
N ARG A 24 5.24 5.39 11.83
CA ARG A 24 5.95 6.62 11.47
C ARG A 24 4.95 7.70 10.97
N THR A 25 3.97 7.33 10.16
CA THR A 25 2.91 8.22 9.65
C THR A 25 1.69 7.44 9.20
N ASN A 26 0.63 7.48 10.02
CA ASN A 26 -0.65 6.82 9.74
C ASN A 26 -1.54 7.69 8.82
N THR A 27 -1.48 9.03 8.99
CA THR A 27 -2.21 10.07 8.28
C THR A 27 -1.34 11.35 8.25
N GLY A 28 -1.70 12.35 7.43
CA GLY A 28 -0.96 13.62 7.38
C GLY A 28 -1.30 14.55 6.20
N SER A 29 -1.05 14.11 4.96
CA SER A 29 -1.29 14.87 3.71
C SER A 29 -1.29 13.91 2.51
N GLY A 30 -1.72 14.39 1.33
CA GLY A 30 -1.72 13.59 0.07
C GLY A 30 -3.04 13.60 -0.71
N THR A 31 -3.94 12.65 -0.42
CA THR A 31 -5.24 12.49 -1.08
C THR A 31 -6.45 12.54 -0.10
N PRO A 32 -7.61 13.15 -0.45
CA PRO A 32 -8.80 13.22 0.41
C PRO A 32 -9.43 11.89 0.86
N NH2 A 33 -9.07 10.76 0.25
HN1 NH2 A 33 -8.33 10.77 -0.42
HN2 NH2 A 33 -9.47 9.90 0.59
N CYS A 1 -5.45 -1.85 -13.64
CA CYS A 1 -4.75 -3.14 -13.50
C CYS A 1 -4.88 -3.91 -14.81
N SER A 2 -3.84 -4.67 -15.21
CA SER A 2 -3.84 -5.51 -16.44
C SER A 2 -3.62 -6.99 -16.11
N ASN A 3 -2.47 -7.35 -15.54
CA ASN A 3 -2.17 -8.74 -15.17
C ASN A 3 -2.48 -8.95 -13.68
N LEU A 4 -3.59 -9.64 -13.37
CA LEU A 4 -4.05 -9.86 -12.00
C LEU A 4 -3.02 -10.45 -11.02
N SER A 5 -2.16 -11.39 -11.45
CA SER A 5 -1.13 -11.93 -10.54
C SER A 5 -0.18 -10.82 -10.05
N THR A 6 0.35 -10.00 -10.96
CA THR A 6 1.18 -8.85 -10.64
C THR A 6 0.42 -7.84 -9.78
N CYS A 7 -0.87 -7.61 -10.06
CA CYS A 7 -1.70 -6.72 -9.26
C CYS A 7 -1.91 -7.21 -7.83
N VAL A 8 -2.14 -8.52 -7.60
CA VAL A 8 -2.31 -9.11 -6.26
C VAL A 8 -0.99 -9.08 -5.50
N LEU A 9 0.14 -9.49 -6.11
CA LEU A 9 1.46 -9.43 -5.47
C LEU A 9 1.81 -7.97 -5.10
N GLY A 10 1.51 -7.03 -6.01
CA GLY A 10 1.70 -5.61 -5.83
C GLY A 10 0.81 -5.09 -4.69
N LYS A 11 -0.43 -5.58 -4.57
CA LYS A 11 -1.36 -5.20 -3.51
C LYS A 11 -0.89 -5.71 -2.18
N LEU A 12 -0.53 -7.00 -2.04
CA LEU A 12 0.00 -7.53 -0.80
C LEU A 12 1.20 -6.73 -0.32
N SER A 13 2.09 -6.36 -1.27
CA SER A 13 3.25 -5.50 -1.01
C SER A 13 2.83 -4.11 -0.54
N GLN A 14 1.84 -3.50 -1.20
CA GLN A 14 1.28 -2.18 -0.88
C GLN A 14 0.64 -2.18 0.53
N GLU A 15 -0.16 -3.19 0.89
CA GLU A 15 -0.77 -3.29 2.22
C GLU A 15 0.32 -3.49 3.28
N LEU A 16 1.34 -4.35 3.04
CA LEU A 16 2.44 -4.62 3.97
C LEU A 16 3.23 -3.30 4.16
N HIS A 17 3.44 -2.52 3.09
CA HIS A 17 4.16 -1.25 3.09
C HIS A 17 3.37 -0.24 3.92
N LYS A 18 2.04 -0.08 3.70
CA LYS A 18 1.16 0.82 4.44
C LYS A 18 1.28 0.52 5.94
N LEU A 19 1.03 -0.73 6.33
CA LEU A 19 1.06 -1.19 7.72
C LEU A 19 2.40 -0.88 8.42
N GLN A 20 3.53 -1.04 7.73
CA GLN A 20 4.84 -0.70 8.29
C GLN A 20 5.04 0.82 8.46
N THR A 21 4.52 1.65 7.53
CA THR A 21 4.65 3.11 7.58
C THR A 21 3.72 3.77 8.62
N TYR A 22 2.53 3.17 8.82
CA TYR A 22 1.46 3.67 9.72
C TYR A 22 1.96 4.13 11.12
N PRO A 23 2.71 3.32 11.91
CA PRO A 23 3.24 3.69 13.22
C PRO A 23 4.21 4.90 13.23
N ARG A 24 4.59 5.45 12.07
CA ARG A 24 5.48 6.63 11.92
C ARG A 24 4.78 7.78 11.13
N THR A 25 3.82 7.48 10.26
CA THR A 25 3.10 8.49 9.47
C THR A 25 1.72 8.03 8.98
N ASN A 26 0.68 8.76 9.40
CA ASN A 26 -0.73 8.53 9.05
C ASN A 26 -1.41 9.75 8.38
N THR A 27 -0.76 10.93 8.40
CA THR A 27 -1.23 12.23 7.90
C THR A 27 -0.02 13.05 7.44
N GLY A 28 -0.25 14.07 6.60
CA GLY A 28 0.80 14.97 6.10
C GLY A 28 0.65 15.33 4.61
N SER A 29 0.80 14.34 3.72
CA SER A 29 0.64 14.53 2.26
C SER A 29 0.23 13.21 1.61
N GLY A 30 -0.95 13.19 0.96
CA GLY A 30 -1.51 12.00 0.32
C GLY A 30 -2.98 12.21 -0.08
N THR A 31 -3.91 11.45 0.50
CA THR A 31 -5.37 11.58 0.24
C THR A 31 -6.20 11.25 1.50
N PRO A 32 -7.20 12.07 1.89
CA PRO A 32 -8.06 11.77 3.06
C PRO A 32 -8.92 10.49 2.91
N NH2 A 33 -8.99 9.86 1.73
HN1 NH2 A 33 -9.54 9.03 1.65
HN2 NH2 A 33 -8.51 10.25 0.94
N CYS A 1 -4.66 -2.14 -14.53
CA CYS A 1 -4.26 -3.51 -14.18
C CYS A 1 -4.51 -4.43 -15.37
N SER A 2 -3.60 -5.35 -15.71
CA SER A 2 -3.75 -6.25 -16.87
C SER A 2 -3.58 -7.74 -16.54
N ASN A 3 -3.14 -8.09 -15.33
CA ASN A 3 -3.01 -9.50 -14.84
C ASN A 3 -3.27 -9.49 -13.34
N LEU A 4 -4.39 -10.10 -12.91
CA LEU A 4 -4.79 -10.17 -11.50
C LEU A 4 -3.71 -10.54 -10.50
N SER A 5 -3.03 -11.69 -10.66
CA SER A 5 -2.00 -12.14 -9.71
C SER A 5 -0.87 -11.12 -9.53
N THR A 6 -0.38 -10.52 -10.62
CA THR A 6 0.67 -9.48 -10.56
C THR A 6 0.14 -8.24 -9.83
N CYS A 7 -1.12 -7.83 -10.11
CA CYS A 7 -1.76 -6.68 -9.43
C CYS A 7 -1.93 -6.97 -7.93
N VAL A 8 -2.27 -8.22 -7.56
CA VAL A 8 -2.40 -8.67 -6.18
C VAL A 8 -1.04 -8.61 -5.49
N LEU A 9 0.06 -9.01 -6.14
CA LEU A 9 1.44 -8.92 -5.58
C LEU A 9 1.81 -7.45 -5.35
N GLY A 10 1.44 -6.56 -6.28
CA GLY A 10 1.69 -5.13 -6.19
C GLY A 10 0.91 -4.57 -4.98
N LYS A 11 -0.34 -5.06 -4.80
CA LYS A 11 -1.22 -4.71 -3.67
C LYS A 11 -0.62 -5.25 -2.38
N LEU A 12 -0.16 -6.51 -2.29
CA LEU A 12 0.47 -7.08 -1.09
C LEU A 12 1.61 -6.17 -0.65
N SER A 13 2.44 -5.72 -1.61
CA SER A 13 3.55 -4.78 -1.36
C SER A 13 3.03 -3.43 -0.85
N GLN A 14 1.97 -2.87 -1.47
CA GLN A 14 1.33 -1.61 -1.05
C GLN A 14 0.76 -1.71 0.38
N GLU A 15 -0.02 -2.76 0.68
CA GLU A 15 -0.60 -2.99 2.00
C GLU A 15 0.52 -3.24 3.03
N LEU A 16 1.59 -4.00 2.70
CA LEU A 16 2.73 -4.22 3.60
C LEU A 16 3.49 -2.92 3.86
N HIS A 17 3.52 -1.99 2.88
CA HIS A 17 4.13 -0.68 3.03
C HIS A 17 3.30 0.12 4.02
N LYS A 18 1.98 0.19 3.83
CA LYS A 18 1.01 0.89 4.74
C LYS A 18 1.15 0.37 6.16
N LEU A 19 1.13 -0.96 6.34
CA LEU A 19 1.28 -1.67 7.63
C LEU A 19 2.53 -1.22 8.39
N GLN A 20 3.63 -0.95 7.70
CA GLN A 20 4.90 -0.53 8.29
C GLN A 20 5.01 0.99 8.45
N THR A 21 4.34 1.80 7.62
CA THR A 21 4.39 3.28 7.75
C THR A 21 3.37 3.81 8.74
N TYR A 22 2.17 3.22 8.85
CA TYR A 22 1.11 3.58 9.80
C TYR A 22 1.53 3.85 11.26
N PRO A 23 2.34 3.01 11.91
CA PRO A 23 2.85 3.25 13.28
C PRO A 23 3.72 4.51 13.44
N ARG A 24 4.20 5.14 12.34
CA ARG A 24 5.03 6.37 12.35
C ARG A 24 4.36 7.55 11.61
N THR A 25 3.45 7.29 10.68
CA THR A 25 2.71 8.29 9.89
C THR A 25 1.43 7.71 9.30
N ASN A 26 0.28 8.30 9.67
CA ASN A 26 -1.06 7.92 9.19
C ASN A 26 -1.71 8.98 8.27
N THR A 27 -1.26 10.23 8.32
CA THR A 27 -1.78 11.39 7.57
C THR A 27 -0.65 12.33 7.17
N GLY A 28 -0.93 13.29 6.26
CA GLY A 28 0.01 14.26 5.71
C GLY A 28 0.11 14.10 4.20
N SER A 29 1.32 13.94 3.67
CA SER A 29 1.61 13.75 2.24
C SER A 29 1.07 12.42 1.66
N GLY A 30 -0.17 12.45 1.14
CA GLY A 30 -0.85 11.28 0.56
C GLY A 30 -2.14 11.65 -0.17
N THR A 31 -3.31 11.26 0.36
CA THR A 31 -4.66 11.58 -0.16
C THR A 31 -5.65 11.76 1.00
N PRO A 32 -6.07 13.01 1.35
CA PRO A 32 -6.96 13.31 2.49
C PRO A 32 -8.36 12.64 2.51
N NH2 A 33 -8.72 11.79 1.56
HN1 NH2 A 33 -9.63 11.34 1.62
HN2 NH2 A 33 -8.03 11.48 0.87
N CYS A 1 -4.04 -1.29 -14.02
CA CYS A 1 -3.66 -2.67 -13.75
C CYS A 1 -3.63 -3.45 -15.06
N SER A 2 -2.52 -4.10 -15.41
CA SER A 2 -2.38 -4.88 -16.66
C SER A 2 -2.27 -6.41 -16.51
N ASN A 3 -1.90 -6.89 -15.32
CA ASN A 3 -1.78 -8.31 -14.96
C ASN A 3 -2.34 -8.50 -13.55
N LEU A 4 -3.54 -9.04 -13.42
CA LEU A 4 -4.25 -9.26 -12.15
C LEU A 4 -3.41 -9.83 -11.02
N SER A 5 -2.67 -10.94 -11.24
CA SER A 5 -1.81 -11.54 -10.21
C SER A 5 -0.79 -10.54 -9.67
N THR A 6 -0.06 -9.83 -10.54
CA THR A 6 0.91 -8.81 -10.13
C THR A 6 0.22 -7.69 -9.35
N CYS A 7 -0.99 -7.29 -9.72
CA CYS A 7 -1.76 -6.25 -9.00
C CYS A 7 -2.14 -6.73 -7.59
N VAL A 8 -2.58 -7.99 -7.42
CA VAL A 8 -2.92 -8.57 -6.10
C VAL A 8 -1.67 -8.69 -5.23
N LEU A 9 -0.56 -9.23 -5.77
CA LEU A 9 0.72 -9.34 -5.01
C LEU A 9 1.24 -7.93 -4.69
N GLY A 10 0.97 -6.95 -5.58
CA GLY A 10 1.32 -5.53 -5.44
C GLY A 10 0.52 -4.96 -4.26
N LYS A 11 -0.79 -5.33 -4.15
CA LYS A 11 -1.66 -4.88 -3.06
C LYS A 11 -1.11 -5.45 -1.75
N LEU A 12 -0.76 -6.75 -1.68
CA LEU A 12 -0.19 -7.35 -0.46
C LEU A 12 1.09 -6.59 -0.07
N SER A 13 1.94 -6.21 -1.05
CA SER A 13 3.18 -5.44 -0.85
C SER A 13 2.87 -4.00 -0.37
N GLN A 14 1.80 -3.38 -0.89
CA GLN A 14 1.33 -2.04 -0.52
C GLN A 14 0.85 -2.07 0.96
N GLU A 15 0.01 -3.06 1.35
CA GLU A 15 -0.44 -3.18 2.73
C GLU A 15 0.78 -3.50 3.65
N LEU A 16 1.73 -4.35 3.22
CA LEU A 16 2.95 -4.71 4.00
C LEU A 16 3.75 -3.45 4.30
N HIS A 17 3.83 -2.53 3.31
CA HIS A 17 4.54 -1.26 3.41
C HIS A 17 3.77 -0.33 4.36
N LYS A 18 2.42 -0.27 4.25
CA LYS A 18 1.57 0.56 5.13
C LYS A 18 1.72 0.13 6.60
N LEU A 19 1.72 -1.18 6.90
CA LEU A 19 1.93 -1.69 8.26
C LEU A 19 3.24 -1.18 8.89
N GLN A 20 4.33 -1.10 8.12
CA GLN A 20 5.61 -0.57 8.58
C GLN A 20 5.54 0.95 8.83
N THR A 21 4.90 1.69 7.94
CA THR A 21 4.83 3.17 8.07
C THR A 21 3.82 3.71 9.05
N TYR A 22 2.67 3.03 9.24
CA TYR A 22 1.56 3.42 10.12
C TYR A 22 1.96 3.98 11.51
N PRO A 23 2.84 3.32 12.31
CA PRO A 23 3.30 3.82 13.62
C PRO A 23 4.14 5.13 13.55
N ARG A 24 4.52 5.61 12.35
CA ARG A 24 5.30 6.84 12.10
C ARG A 24 4.52 7.88 11.28
N THR A 25 3.61 7.45 10.41
CA THR A 25 2.80 8.31 9.54
C THR A 25 1.53 7.59 9.09
N ASN A 26 0.37 8.24 9.24
CA ASN A 26 -0.94 7.68 8.87
C ASN A 26 -1.65 8.48 7.75
N THR A 27 -1.43 9.80 7.68
CA THR A 27 -2.03 10.74 6.74
C THR A 27 -1.04 11.85 6.34
N GLY A 28 -1.42 12.67 5.35
CA GLY A 28 -0.61 13.78 4.79
C GLY A 28 -0.55 13.73 3.26
N SER A 29 0.60 13.34 2.71
CA SER A 29 0.80 13.21 1.26
C SER A 29 0.05 12.00 0.70
N GLY A 30 -0.81 12.18 -0.31
CA GLY A 30 -1.63 11.12 -0.92
C GLY A 30 -2.97 11.67 -1.43
N THR A 31 -4.07 10.95 -1.21
CA THR A 31 -5.44 11.34 -1.58
C THR A 31 -6.41 10.92 -0.45
N PRO A 32 -7.18 11.84 0.18
CA PRO A 32 -8.11 11.50 1.27
C PRO A 32 -9.13 10.39 0.94
N NH2 A 33 -9.76 10.42 -0.24
HN1 NH2 A 33 -10.36 9.64 -0.49
HN2 NH2 A 33 -9.48 11.09 -0.96
N CYS A 1 -4.86 -1.40 -13.38
CA CYS A 1 -4.39 -2.78 -13.13
C CYS A 1 -4.38 -3.51 -14.48
N SER A 2 -3.21 -3.98 -14.94
CA SER A 2 -3.06 -4.68 -16.23
C SER A 2 -3.18 -6.22 -16.16
N ASN A 3 -2.67 -6.83 -15.09
CA ASN A 3 -2.73 -8.28 -14.83
C ASN A 3 -3.07 -8.51 -13.37
N LEU A 4 -4.28 -9.02 -13.09
CA LEU A 4 -4.82 -9.28 -11.76
C LEU A 4 -3.83 -9.89 -10.75
N SER A 5 -3.19 -11.03 -11.06
CA SER A 5 -2.22 -11.65 -10.12
C SER A 5 -1.07 -10.71 -9.77
N THR A 6 -0.53 -9.95 -10.74
CA THR A 6 0.57 -8.99 -10.51
C THR A 6 0.05 -7.85 -9.62
N CYS A 7 -1.22 -7.43 -9.80
CA CYS A 7 -1.84 -6.37 -8.99
C CYS A 7 -1.93 -6.85 -7.51
N VAL A 8 -2.24 -8.14 -7.28
CA VAL A 8 -2.31 -8.72 -5.92
C VAL A 8 -0.87 -8.74 -5.35
N LEU A 9 0.16 -9.12 -6.14
CA LEU A 9 1.57 -9.15 -5.72
C LEU A 9 2.02 -7.72 -5.31
N GLY A 10 1.54 -6.70 -6.03
CA GLY A 10 1.83 -5.29 -5.72
C GLY A 10 1.11 -4.90 -4.42
N LYS A 11 -0.20 -5.22 -4.28
CA LYS A 11 -1.00 -4.96 -3.09
C LYS A 11 -0.45 -5.64 -1.84
N LEU A 12 0.10 -6.86 -1.93
CA LEU A 12 0.72 -7.56 -0.80
C LEU A 12 1.78 -6.66 -0.18
N SER A 13 2.75 -6.21 -1.01
CA SER A 13 3.82 -5.29 -0.61
C SER A 13 3.28 -3.92 -0.15
N GLN A 14 2.26 -3.38 -0.82
CA GLN A 14 1.66 -2.07 -0.50
C GLN A 14 0.97 -2.05 0.88
N GLU A 15 0.11 -3.04 1.18
CA GLU A 15 -0.56 -3.13 2.49
C GLU A 15 0.47 -3.49 3.57
N LEU A 16 1.49 -4.32 3.25
CA LEU A 16 2.56 -4.73 4.18
C LEU A 16 3.37 -3.46 4.58
N HIS A 17 3.61 -2.57 3.61
CA HIS A 17 4.32 -1.29 3.82
C HIS A 17 3.50 -0.42 4.76
N LYS A 18 2.19 -0.24 4.51
CA LYS A 18 1.27 0.54 5.36
C LYS A 18 1.29 0.02 6.81
N LEU A 19 1.13 -1.29 7.00
CA LEU A 19 1.15 -1.95 8.32
C LEU A 19 2.43 -1.62 9.11
N GLN A 20 3.59 -1.57 8.44
CA GLN A 20 4.89 -1.23 9.05
C GLN A 20 5.08 0.28 9.30
N THR A 21 4.47 1.17 8.49
CA THR A 21 4.59 2.64 8.63
C THR A 21 3.53 3.33 9.49
N TYR A 22 2.34 2.74 9.68
CA TYR A 22 1.22 3.33 10.44
C TYR A 22 1.60 3.95 11.81
N PRO A 23 2.41 3.31 12.67
CA PRO A 23 2.82 3.88 13.96
C PRO A 23 3.67 5.18 13.86
N ARG A 24 4.19 5.53 12.67
CA ARG A 24 5.04 6.71 12.43
C ARG A 24 4.37 7.75 11.52
N THR A 25 3.49 7.33 10.60
CA THR A 25 2.73 8.22 9.71
C THR A 25 1.35 7.63 9.39
N ASN A 26 0.31 8.45 9.53
CA ASN A 26 -1.10 8.11 9.30
C ASN A 26 -1.76 9.02 8.25
N THR A 27 -1.22 10.22 8.03
CA THR A 27 -1.65 11.26 7.08
C THR A 27 -0.44 12.09 6.67
N GLY A 28 -0.57 12.90 5.61
CA GLY A 28 0.50 13.77 5.08
C GLY A 28 0.27 14.13 3.61
N SER A 29 0.55 13.21 2.69
CA SER A 29 0.38 13.37 1.25
C SER A 29 -0.40 12.18 0.68
N GLY A 30 -1.24 12.36 -0.34
CA GLY A 30 -2.05 11.29 -0.90
C GLY A 30 -3.07 11.74 -1.94
N THR A 31 -4.29 11.16 -1.90
CA THR A 31 -5.43 11.50 -2.77
C THR A 31 -6.72 11.46 -1.91
N PRO A 32 -7.50 12.56 -1.79
CA PRO A 32 -8.73 12.64 -0.98
C PRO A 32 -9.80 11.52 -1.22
N NH2 A 33 -9.75 10.76 -2.31
HN1 NH2 A 33 -9.02 10.88 -3.00
HN2 NH2 A 33 -10.47 10.05 -2.43
N CYS A 1 -4.34 -1.92 -14.14
CA CYS A 1 -3.88 -3.29 -13.82
C CYS A 1 -3.74 -4.07 -15.12
N SER A 2 -2.64 -4.83 -15.30
CA SER A 2 -2.38 -5.61 -16.53
C SER A 2 -2.43 -7.11 -16.26
N ASN A 3 -1.56 -7.64 -15.39
CA ASN A 3 -1.53 -9.07 -14.99
C ASN A 3 -2.07 -9.14 -13.55
N LEU A 4 -3.32 -9.62 -13.40
CA LEU A 4 -4.01 -9.73 -12.11
C LEU A 4 -3.19 -10.28 -10.93
N SER A 5 -2.45 -11.39 -11.10
CA SER A 5 -1.60 -11.94 -10.01
C SER A 5 -0.54 -10.91 -9.54
N THR A 6 0.07 -10.17 -10.46
CA THR A 6 1.05 -9.11 -10.14
C THR A 6 0.32 -7.97 -9.43
N CYS A 7 -0.90 -7.62 -9.87
CA CYS A 7 -1.72 -6.56 -9.23
C CYS A 7 -2.03 -6.96 -7.77
N VAL A 8 -2.37 -8.23 -7.53
CA VAL A 8 -2.66 -8.77 -6.18
C VAL A 8 -1.39 -8.67 -5.31
N LEU A 9 -0.24 -9.10 -5.81
CA LEU A 9 1.05 -8.96 -5.11
C LEU A 9 1.33 -7.49 -4.81
N GLY A 10 1.00 -6.61 -5.75
CA GLY A 10 1.16 -5.16 -5.65
C GLY A 10 0.31 -4.65 -4.47
N LYS A 11 -0.97 -4.96 -4.44
CA LYS A 11 -1.90 -4.60 -3.33
C LYS A 11 -1.44 -5.16 -1.99
N LEU A 12 -1.09 -6.45 -1.91
CA LEU A 12 -0.58 -7.07 -0.68
C LEU A 12 0.66 -6.30 -0.18
N SER A 13 1.57 -5.94 -1.09
CA SER A 13 2.78 -5.15 -0.79
C SER A 13 2.41 -3.73 -0.35
N GLN A 14 1.38 -3.14 -0.96
CA GLN A 14 0.83 -1.81 -0.66
C GLN A 14 0.36 -1.76 0.82
N GLU A 15 -0.51 -2.69 1.22
CA GLU A 15 -1.00 -2.81 2.59
C GLU A 15 0.14 -3.13 3.59
N LEU A 16 1.08 -4.01 3.21
CA LEU A 16 2.23 -4.36 4.05
C LEU A 16 3.16 -3.14 4.25
N HIS A 17 3.33 -2.31 3.23
CA HIS A 17 4.14 -1.08 3.29
C HIS A 17 3.45 -0.07 4.22
N LYS A 18 2.13 0.11 4.07
CA LYS A 18 1.32 1.00 4.93
C LYS A 18 1.49 0.58 6.40
N LEU A 19 1.25 -0.71 6.71
CA LEU A 19 1.41 -1.32 8.03
C LEU A 19 2.78 -1.05 8.66
N GLN A 20 3.88 -1.17 7.90
CA GLN A 20 5.22 -0.92 8.40
C GLN A 20 5.47 0.58 8.64
N THR A 21 4.81 1.47 7.90
CA THR A 21 4.95 2.94 8.09
C THR A 21 4.10 3.53 9.20
N TYR A 22 2.86 3.03 9.38
CA TYR A 22 1.87 3.43 10.38
C TYR A 22 2.40 3.78 11.80
N PRO A 23 3.28 2.98 12.43
CA PRO A 23 3.88 3.29 13.74
C PRO A 23 4.81 4.53 13.80
N ARG A 24 5.10 5.16 12.67
CA ARG A 24 5.96 6.37 12.59
C ARG A 24 5.36 7.50 11.73
N THR A 25 4.62 7.18 10.68
CA THR A 25 3.92 8.14 9.81
C THR A 25 2.60 7.54 9.31
N ASN A 26 1.56 8.36 9.21
CA ASN A 26 0.22 7.92 8.79
C ASN A 26 -0.50 8.79 7.75
N THR A 27 0.00 10.00 7.46
CA THR A 27 -0.61 10.97 6.53
C THR A 27 0.43 11.67 5.62
N GLY A 28 -0.04 12.63 4.83
CA GLY A 28 0.73 13.40 3.85
C GLY A 28 -0.06 13.55 2.56
N SER A 29 0.13 12.62 1.62
CA SER A 29 -0.51 12.63 0.29
C SER A 29 -1.41 11.41 0.10
N GLY A 30 -2.63 11.63 -0.40
CA GLY A 30 -3.60 10.55 -0.64
C GLY A 30 -4.93 11.10 -1.19
N THR A 31 -6.04 10.85 -0.50
CA THR A 31 -7.40 11.29 -0.89
C THR A 31 -8.17 11.84 0.33
N PRO A 32 -8.31 13.18 0.50
CA PRO A 32 -9.04 13.79 1.63
C PRO A 32 -10.52 13.38 1.83
N NH2 A 33 -11.15 12.67 0.89
HN1 NH2 A 33 -12.10 12.41 1.06
HN2 NH2 A 33 -10.63 12.36 0.07
N CYS A 1 -3.49 -1.51 -14.38
CA CYS A 1 -3.23 -2.93 -14.10
C CYS A 1 -3.04 -3.69 -15.41
N SER A 2 -2.03 -4.56 -15.50
CA SER A 2 -1.72 -5.33 -16.72
C SER A 2 -1.54 -6.85 -16.54
N ASN A 3 -1.42 -7.34 -15.31
CA ASN A 3 -1.31 -8.77 -14.97
C ASN A 3 -1.93 -8.99 -13.59
N LEU A 4 -2.98 -9.82 -13.51
CA LEU A 4 -3.75 -10.13 -12.31
C LEU A 4 -2.90 -10.34 -11.04
N SER A 5 -2.06 -11.38 -11.01
CA SER A 5 -1.23 -11.71 -9.85
C SER A 5 -0.33 -10.55 -9.42
N THR A 6 0.34 -9.86 -10.36
CA THR A 6 1.18 -8.69 -10.06
C THR A 6 0.37 -7.56 -9.43
N CYS A 7 -0.87 -7.31 -9.87
CA CYS A 7 -1.72 -6.28 -9.29
C CYS A 7 -2.13 -6.64 -7.85
N VAL A 8 -2.53 -7.90 -7.58
CA VAL A 8 -2.90 -8.36 -6.23
C VAL A 8 -1.67 -8.32 -5.31
N LEU A 9 -0.52 -8.85 -5.75
CA LEU A 9 0.73 -8.83 -4.99
C LEU A 9 1.18 -7.37 -4.75
N GLY A 10 0.97 -6.47 -5.72
CA GLY A 10 1.31 -5.04 -5.60
C GLY A 10 0.47 -4.45 -4.46
N LYS A 11 -0.83 -4.77 -4.41
CA LYS A 11 -1.72 -4.30 -3.33
C LYS A 11 -1.26 -4.92 -2.00
N LEU A 12 -0.89 -6.21 -1.95
CA LEU A 12 -0.39 -6.83 -0.73
C LEU A 12 0.86 -6.07 -0.22
N SER A 13 1.77 -5.69 -1.13
CA SER A 13 2.94 -4.87 -0.79
C SER A 13 2.51 -3.53 -0.23
N GLN A 14 1.50 -2.87 -0.83
CA GLN A 14 0.96 -1.60 -0.34
C GLN A 14 0.37 -1.74 1.07
N GLU A 15 -0.47 -2.76 1.33
CA GLU A 15 -1.04 -3.01 2.66
C GLU A 15 0.08 -3.29 3.69
N LEU A 16 1.07 -4.11 3.36
CA LEU A 16 2.20 -4.39 4.24
C LEU A 16 3.07 -3.12 4.45
N HIS A 17 3.13 -2.23 3.46
CA HIS A 17 3.86 -0.96 3.52
C HIS A 17 3.13 -0.05 4.51
N LYS A 18 1.80 0.09 4.41
CA LYS A 18 0.95 0.89 5.32
C LYS A 18 1.21 0.44 6.76
N LEU A 19 1.06 -0.86 7.02
CA LEU A 19 1.30 -1.50 8.31
C LEU A 19 2.70 -1.21 8.86
N GLN A 20 3.75 -1.34 8.05
CA GLN A 20 5.13 -1.04 8.47
C GLN A 20 5.37 0.47 8.71
N THR A 21 4.62 1.37 8.06
CA THR A 21 4.76 2.82 8.25
C THR A 21 3.98 3.34 9.47
N TYR A 22 2.81 2.77 9.78
CA TYR A 22 1.93 3.18 10.90
C TYR A 22 2.64 3.43 12.25
N PRO A 23 3.57 2.57 12.74
CA PRO A 23 4.33 2.80 13.99
C PRO A 23 5.15 4.10 14.04
N ARG A 24 5.36 4.80 12.91
CA ARG A 24 6.14 6.06 12.83
C ARG A 24 5.39 7.22 12.17
N THR A 25 4.61 6.98 11.12
CA THR A 25 3.80 8.00 10.42
C THR A 25 2.41 7.47 10.02
N ASN A 26 1.45 8.37 9.79
CA ASN A 26 0.05 8.02 9.48
C ASN A 26 -0.54 8.71 8.23
N THR A 27 0.01 9.85 7.78
CA THR A 27 -0.48 10.63 6.63
C THR A 27 0.65 11.19 5.77
N GLY A 28 0.31 11.75 4.61
CA GLY A 28 1.27 12.34 3.68
C GLY A 28 0.59 12.84 2.42
N SER A 29 0.23 11.94 1.50
CA SER A 29 -0.37 12.29 0.19
C SER A 29 -1.17 11.10 -0.34
N GLY A 30 -2.43 11.31 -0.70
CA GLY A 30 -3.34 10.28 -1.20
C GLY A 30 -4.38 10.84 -2.18
N THR A 31 -5.62 11.05 -1.71
CA THR A 31 -6.73 11.61 -2.49
C THR A 31 -7.73 12.30 -1.55
N PRO A 32 -8.45 13.38 -1.95
CA PRO A 32 -9.37 14.11 -1.07
C PRO A 32 -10.43 13.20 -0.39
N NH2 A 33 -11.15 12.37 -1.14
HN1 NH2 A 33 -11.88 11.81 -0.72
HN2 NH2 A 33 -11.00 12.34 -2.14
N CYS A 1 -4.84 -2.09 -14.21
CA CYS A 1 -4.24 -3.37 -13.79
C CYS A 1 -3.93 -4.20 -15.04
N SER A 2 -2.70 -4.70 -15.19
CA SER A 2 -2.25 -5.46 -16.38
C SER A 2 -2.21 -6.99 -16.24
N ASN A 3 -2.03 -7.51 -15.03
CA ASN A 3 -2.03 -8.96 -14.73
C ASN A 3 -2.50 -9.16 -13.27
N LEU A 4 -3.72 -9.68 -13.07
CA LEU A 4 -4.33 -9.86 -11.75
C LEU A 4 -3.41 -10.40 -10.64
N SER A 5 -2.67 -11.48 -10.86
CA SER A 5 -1.74 -12.01 -9.84
C SER A 5 -0.66 -10.99 -9.45
N THR A 6 -0.04 -10.32 -10.42
CA THR A 6 0.98 -9.28 -10.16
C THR A 6 0.31 -8.06 -9.49
N CYS A 7 -0.90 -7.69 -9.89
CA CYS A 7 -1.66 -6.58 -9.30
C CYS A 7 -1.91 -6.87 -7.79
N VAL A 8 -2.37 -8.08 -7.45
CA VAL A 8 -2.62 -8.51 -6.06
C VAL A 8 -1.30 -8.49 -5.28
N LEU A 9 -0.21 -8.98 -5.87
CA LEU A 9 1.14 -8.96 -5.23
C LEU A 9 1.59 -7.50 -4.98
N GLY A 10 1.33 -6.60 -5.95
CA GLY A 10 1.67 -5.17 -5.84
C GLY A 10 0.82 -4.56 -4.71
N LYS A 11 -0.47 -4.93 -4.62
CA LYS A 11 -1.37 -4.47 -3.56
C LYS A 11 -0.86 -4.98 -2.21
N LEU A 12 -0.44 -6.25 -2.08
CA LEU A 12 0.11 -6.82 -0.84
C LEU A 12 1.31 -5.97 -0.42
N SER A 13 2.22 -5.61 -1.34
CA SER A 13 3.36 -4.75 -1.04
C SER A 13 2.93 -3.34 -0.62
N GLN A 14 1.90 -2.78 -1.25
CA GLN A 14 1.33 -1.45 -0.92
C GLN A 14 0.75 -1.44 0.48
N GLU A 15 -0.11 -2.39 0.82
CA GLU A 15 -0.70 -2.51 2.15
C GLU A 15 0.41 -2.79 3.19
N LEU A 16 1.42 -3.63 2.87
CA LEU A 16 2.57 -3.93 3.74
C LEU A 16 3.37 -2.65 4.05
N HIS A 17 3.45 -1.71 3.08
CA HIS A 17 4.13 -0.43 3.26
C HIS A 17 3.36 0.40 4.30
N LYS A 18 2.01 0.42 4.26
CA LYS A 18 1.15 1.13 5.22
C LYS A 18 1.33 0.53 6.62
N LEU A 19 1.26 -0.80 6.75
CA LEU A 19 1.46 -1.53 8.02
C LEU A 19 2.78 -1.16 8.71
N GLN A 20 3.85 -0.95 7.94
CA GLN A 20 5.16 -0.57 8.48
C GLN A 20 5.28 0.92 8.88
N THR A 21 4.56 1.84 8.22
CA THR A 21 4.62 3.29 8.51
C THR A 21 3.61 3.74 9.55
N TYR A 22 2.39 3.17 9.57
CA TYR A 22 1.29 3.54 10.48
C TYR A 22 1.70 3.62 11.98
N PRO A 23 2.50 2.67 12.55
CA PRO A 23 2.96 2.72 13.94
C PRO A 23 3.88 3.91 14.26
N ARG A 24 4.35 4.66 13.26
CA ARG A 24 5.25 5.83 13.40
C ARG A 24 4.60 7.13 12.92
N THR A 25 3.81 7.10 11.85
CA THR A 25 3.08 8.26 11.31
C THR A 25 1.74 7.82 10.71
N ASN A 26 0.66 8.49 11.08
CA ASN A 26 -0.71 8.17 10.67
C ASN A 26 -1.13 8.84 9.34
N THR A 27 -0.47 9.91 8.91
CA THR A 27 -0.82 10.69 7.70
C THR A 27 0.43 11.22 6.97
N GLY A 28 0.24 11.75 5.76
CA GLY A 28 1.27 12.37 4.91
C GLY A 28 0.74 12.84 3.56
N SER A 29 0.17 11.93 2.77
CA SER A 29 -0.45 12.18 1.46
C SER A 29 -1.41 11.03 1.13
N GLY A 30 -2.37 11.25 0.23
CA GLY A 30 -3.38 10.28 -0.16
C GLY A 30 -4.12 10.69 -1.44
N THR A 31 -5.19 9.98 -1.79
CA THR A 31 -6.02 10.28 -2.98
C THR A 31 -7.25 11.12 -2.61
N PRO A 32 -7.35 12.40 -3.04
CA PRO A 32 -8.50 13.27 -2.78
C PRO A 32 -9.88 12.73 -3.26
N NH2 A 33 -9.93 11.70 -4.11
HN1 NH2 A 33 -9.09 11.20 -4.34
HN2 NH2 A 33 -10.84 11.35 -4.36
N CYS A 1 -2.94 -1.46 -14.76
CA CYS A 1 -2.83 -2.82 -14.18
C CYS A 1 -3.02 -3.80 -15.32
N SER A 2 -2.00 -4.61 -15.65
CA SER A 2 -2.06 -5.56 -16.77
C SER A 2 -2.13 -7.05 -16.42
N ASN A 3 -1.89 -7.44 -15.17
CA ASN A 3 -1.97 -8.84 -14.69
C ASN A 3 -2.49 -8.85 -13.25
N LEU A 4 -3.74 -9.28 -13.05
CA LEU A 4 -4.43 -9.33 -11.75
C LEU A 4 -3.61 -9.89 -10.60
N SER A 5 -3.00 -11.08 -10.74
CA SER A 5 -2.15 -11.66 -9.69
C SER A 5 -1.02 -10.71 -9.27
N THR A 6 -0.28 -10.14 -10.23
CA THR A 6 0.80 -9.17 -9.95
C THR A 6 0.24 -7.91 -9.28
N CYS A 7 -0.94 -7.41 -9.68
CA CYS A 7 -1.57 -6.25 -9.05
C CYS A 7 -1.97 -6.56 -7.59
N VAL A 8 -2.47 -7.79 -7.31
CA VAL A 8 -2.83 -8.27 -5.96
C VAL A 8 -1.57 -8.34 -5.10
N LEU A 9 -0.48 -8.92 -5.63
CA LEU A 9 0.81 -9.01 -4.92
C LEU A 9 1.34 -7.60 -4.65
N GLY A 10 1.18 -6.68 -5.60
CA GLY A 10 1.55 -5.27 -5.49
C GLY A 10 0.80 -4.62 -4.33
N LYS A 11 -0.53 -4.86 -4.24
CA LYS A 11 -1.35 -4.36 -3.13
C LYS A 11 -0.89 -4.96 -1.80
N LEU A 12 -0.66 -6.28 -1.72
CA LEU A 12 -0.15 -6.94 -0.50
C LEU A 12 1.15 -6.26 -0.05
N SER A 13 2.12 -6.04 -0.95
CA SER A 13 3.40 -5.35 -0.64
C SER A 13 3.16 -3.89 -0.24
N GLN A 14 2.24 -3.18 -0.90
CA GLN A 14 1.87 -1.79 -0.60
C GLN A 14 1.27 -1.65 0.81
N GLU A 15 0.24 -2.44 1.16
CA GLU A 15 -0.36 -2.43 2.49
C GLU A 15 0.66 -2.88 3.55
N LEU A 16 1.55 -3.84 3.23
CA LEU A 16 2.63 -4.33 4.12
C LEU A 16 3.66 -3.20 4.37
N HIS A 17 3.98 -2.37 3.35
CA HIS A 17 4.88 -1.22 3.46
C HIS A 17 4.19 -0.13 4.26
N LYS A 18 2.88 0.13 4.03
CA LYS A 18 2.11 1.13 4.80
C LYS A 18 2.19 0.78 6.29
N LEU A 19 1.89 -0.47 6.66
CA LEU A 19 1.94 -0.99 8.04
C LEU A 19 3.30 -0.74 8.73
N GLN A 20 4.41 -0.67 7.99
CA GLN A 20 5.74 -0.38 8.54
C GLN A 20 5.93 1.13 8.77
N THR A 21 5.25 2.01 8.01
CA THR A 21 5.32 3.48 8.16
C THR A 21 4.26 4.02 9.14
N TYR A 22 3.13 3.34 9.22
CA TYR A 22 1.96 3.58 10.10
C TYR A 22 2.32 3.89 11.57
N PRO A 23 3.19 3.11 12.27
CA PRO A 23 3.57 3.39 13.67
C PRO A 23 4.40 4.69 13.86
N ARG A 24 4.70 5.46 12.79
CA ARG A 24 5.45 6.72 12.86
C ARG A 24 4.70 7.87 12.17
N THR A 25 3.88 7.59 11.13
CA THR A 25 3.03 8.56 10.42
C THR A 25 1.83 7.86 9.79
N ASN A 26 0.64 8.31 10.12
CA ASN A 26 -0.63 7.72 9.67
C ASN A 26 -1.37 8.50 8.56
N THR A 27 -1.18 9.82 8.45
CA THR A 27 -1.87 10.69 7.48
C THR A 27 -0.92 11.70 6.86
N GLY A 28 -1.30 12.21 5.68
CA GLY A 28 -0.56 13.17 4.87
C GLY A 28 -1.04 13.09 3.44
N SER A 29 -0.71 12.00 2.73
CA SER A 29 -1.15 11.72 1.36
C SER A 29 -2.34 10.74 1.41
N GLY A 30 -3.40 11.03 0.66
CA GLY A 30 -4.63 10.23 0.62
C GLY A 30 -5.24 10.17 -0.79
N THR A 31 -6.44 9.59 -0.91
CA THR A 31 -7.15 9.42 -2.18
C THR A 31 -8.54 10.08 -2.05
N PRO A 32 -8.89 11.12 -2.85
CA PRO A 32 -10.17 11.84 -2.79
C PRO A 32 -11.46 11.00 -2.77
N NH2 A 33 -11.46 9.79 -3.34
HN1 NH2 A 33 -12.31 9.25 -3.38
HN2 NH2 A 33 -10.63 9.45 -3.80
N CYS A 1 -2.81 -1.62 -14.44
CA CYS A 1 -2.69 -3.06 -14.12
C CYS A 1 -2.73 -3.89 -15.41
N SER A 2 -1.90 -4.94 -15.52
CA SER A 2 -1.79 -5.79 -16.74
C SER A 2 -1.87 -7.31 -16.49
N ASN A 3 -1.77 -7.76 -15.23
CA ASN A 3 -1.86 -9.16 -14.80
C ASN A 3 -2.37 -9.15 -13.35
N LEU A 4 -3.64 -9.51 -13.13
CA LEU A 4 -4.29 -9.50 -11.82
C LEU A 4 -3.48 -10.13 -10.68
N SER A 5 -2.89 -11.31 -10.83
CA SER A 5 -2.07 -11.93 -9.78
C SER A 5 -0.93 -11.00 -9.34
N THR A 6 -0.13 -10.49 -10.27
CA THR A 6 0.96 -9.54 -9.97
C THR A 6 0.41 -8.25 -9.34
N CYS A 7 -0.73 -7.74 -9.81
CA CYS A 7 -1.36 -6.52 -9.26
C CYS A 7 -1.80 -6.75 -7.78
N VAL A 8 -2.43 -7.89 -7.44
CA VAL A 8 -2.83 -8.17 -6.05
C VAL A 8 -1.56 -8.34 -5.20
N LEU A 9 -0.52 -9.03 -5.70
CA LEU A 9 0.76 -9.19 -4.96
C LEU A 9 1.34 -7.80 -4.68
N GLY A 10 1.33 -6.89 -5.67
CA GLY A 10 1.81 -5.52 -5.55
C GLY A 10 1.01 -4.78 -4.44
N LYS A 11 -0.32 -4.98 -4.40
CA LYS A 11 -1.20 -4.39 -3.36
C LYS A 11 -0.84 -4.98 -2.00
N LEU A 12 -0.66 -6.30 -1.86
CA LEU A 12 -0.28 -6.95 -0.59
C LEU A 12 1.03 -6.31 -0.10
N SER A 13 2.03 -6.15 -0.98
CA SER A 13 3.33 -5.51 -0.65
C SER A 13 3.13 -4.02 -0.30
N GLN A 14 2.21 -3.31 -0.97
CA GLN A 14 1.87 -1.91 -0.68
C GLN A 14 1.26 -1.76 0.73
N GLU A 15 0.27 -2.60 1.10
CA GLU A 15 -0.30 -2.58 2.45
C GLU A 15 0.79 -3.04 3.48
N LEU A 16 1.74 -3.91 3.11
CA LEU A 16 2.83 -4.35 3.96
C LEU A 16 3.79 -3.15 4.22
N HIS A 17 3.99 -2.31 3.19
CA HIS A 17 4.82 -1.10 3.27
C HIS A 17 4.10 -0.10 4.19
N LYS A 18 2.77 0.07 4.07
CA LYS A 18 1.95 0.94 4.93
C LYS A 18 2.04 0.48 6.39
N LEU A 19 1.98 -0.83 6.66
CA LEU A 19 2.12 -1.41 8.01
C LEU A 19 3.47 -1.05 8.65
N GLN A 20 4.52 -0.84 7.87
CA GLN A 20 5.86 -0.45 8.35
C GLN A 20 5.96 1.06 8.57
N THR A 21 5.22 1.89 7.82
CA THR A 21 5.21 3.36 7.95
C THR A 21 4.16 3.96 8.90
N TYR A 22 2.93 3.42 8.91
CA TYR A 22 1.78 3.85 9.71
C TYR A 22 2.09 4.13 11.19
N PRO A 23 2.81 3.24 11.93
CA PRO A 23 3.18 3.47 13.32
C PRO A 23 4.05 4.73 13.60
N ARG A 24 4.52 5.45 12.55
CA ARG A 24 5.33 6.69 12.64
C ARG A 24 4.72 7.84 11.83
N THR A 25 4.14 7.54 10.66
CA THR A 25 3.48 8.50 9.75
C THR A 25 2.08 7.98 9.38
N ASN A 26 1.11 8.27 10.25
CA ASN A 26 -0.28 7.82 10.14
C ASN A 26 -1.18 8.69 9.23
N THR A 27 -0.75 9.91 8.91
CA THR A 27 -1.48 10.89 8.10
C THR A 27 -0.53 11.71 7.21
N GLY A 28 -1.06 12.37 6.18
CA GLY A 28 -0.28 13.23 5.27
C GLY A 28 -1.02 13.58 3.98
N SER A 29 -1.18 12.59 3.09
CA SER A 29 -1.81 12.73 1.76
C SER A 29 -2.93 11.71 1.55
N GLY A 30 -4.19 12.15 1.64
CA GLY A 30 -5.37 11.31 1.42
C GLY A 30 -5.75 11.12 -0.06
N THR A 31 -6.91 10.52 -0.29
CA THR A 31 -7.49 10.29 -1.64
C THR A 31 -8.92 10.89 -1.74
N PRO A 32 -9.14 11.95 -2.55
CA PRO A 32 -10.44 12.61 -2.66
C PRO A 32 -11.67 11.71 -2.91
N NH2 A 33 -11.60 10.79 -3.90
HN1 NH2 A 33 -10.71 10.62 -4.34
HN2 NH2 A 33 -12.39 10.18 -4.00
N CYS A 1 -4.35 -1.48 -13.05
CA CYS A 1 -4.05 -2.92 -13.00
C CYS A 1 -3.92 -3.43 -14.42
N SER A 2 -2.97 -4.35 -14.68
CA SER A 2 -2.69 -4.93 -16.01
C SER A 2 -2.60 -6.46 -16.02
N ASN A 3 -2.21 -7.07 -14.91
CA ASN A 3 -2.10 -8.54 -14.73
C ASN A 3 -2.50 -8.86 -13.28
N LEU A 4 -3.68 -9.45 -13.12
CA LEU A 4 -4.31 -9.80 -11.84
C LEU A 4 -3.36 -10.31 -10.75
N SER A 5 -2.59 -11.40 -10.99
CA SER A 5 -1.65 -11.95 -9.99
C SER A 5 -0.63 -10.91 -9.51
N THR A 6 -0.01 -10.18 -10.46
CA THR A 6 0.96 -9.10 -10.15
C THR A 6 0.28 -7.95 -9.38
N CYS A 7 -0.96 -7.61 -9.71
CA CYS A 7 -1.71 -6.58 -9.00
C CYS A 7 -1.99 -6.98 -7.55
N VAL A 8 -2.38 -8.24 -7.30
CA VAL A 8 -2.59 -8.78 -5.93
C VAL A 8 -1.27 -8.74 -5.16
N LEU A 9 -0.16 -9.24 -5.73
CA LEU A 9 1.16 -9.21 -5.09
C LEU A 9 1.57 -7.75 -4.77
N GLY A 10 1.37 -6.83 -5.72
CA GLY A 10 1.68 -5.40 -5.57
C GLY A 10 0.87 -4.80 -4.43
N LYS A 11 -0.44 -5.12 -4.34
CA LYS A 11 -1.32 -4.64 -3.26
C LYS A 11 -0.89 -5.23 -1.92
N LEU A 12 -0.56 -6.52 -1.84
CA LEU A 12 -0.05 -7.14 -0.59
C LEU A 12 1.18 -6.38 -0.12
N SER A 13 2.17 -6.11 -0.97
CA SER A 13 3.36 -5.35 -0.61
C SER A 13 3.01 -3.90 -0.22
N GLN A 14 2.04 -3.24 -0.91
CA GLN A 14 1.58 -1.89 -0.63
C GLN A 14 0.96 -1.79 0.76
N GLU A 15 0.02 -2.68 1.09
CA GLU A 15 -0.60 -2.74 2.41
C GLU A 15 0.43 -3.13 3.49
N LEU A 16 1.34 -4.07 3.21
CA LEU A 16 2.42 -4.48 4.11
C LEU A 16 3.35 -3.28 4.41
N HIS A 17 3.62 -2.42 3.43
CA HIS A 17 4.43 -1.22 3.60
C HIS A 17 3.69 -0.25 4.53
N LYS A 18 2.38 -0.02 4.31
CA LYS A 18 1.57 0.86 5.17
C LYS A 18 1.60 0.38 6.62
N LEU A 19 1.45 -0.92 6.88
CA LEU A 19 1.52 -1.52 8.22
C LEU A 19 2.85 -1.28 8.94
N GLN A 20 3.94 -1.09 8.18
CA GLN A 20 5.29 -0.80 8.70
C GLN A 20 5.50 0.71 8.91
N THR A 21 4.93 1.58 8.05
CA THR A 21 5.10 3.04 8.16
C THR A 21 4.09 3.77 9.06
N TYR A 22 2.86 3.25 9.20
CA TYR A 22 1.79 3.86 10.01
C TYR A 22 2.22 4.29 11.44
N PRO A 23 3.00 3.50 12.21
CA PRO A 23 3.49 3.89 13.55
C PRO A 23 4.35 5.18 13.60
N ARG A 24 4.79 5.72 12.47
CA ARG A 24 5.58 6.98 12.36
C ARG A 24 4.95 8.01 11.41
N THR A 25 4.03 7.61 10.51
CA THR A 25 3.32 8.52 9.58
C THR A 25 1.89 8.05 9.31
N ASN A 26 0.92 8.74 9.92
CA ASN A 26 -0.52 8.44 9.86
C ASN A 26 -1.34 9.42 8.99
N THR A 27 -0.89 10.68 8.86
CA THR A 27 -1.54 11.77 8.12
C THR A 27 -0.53 12.38 7.14
N GLY A 28 -0.90 12.47 5.87
CA GLY A 28 0.03 13.02 4.86
C GLY A 28 -0.47 13.03 3.41
N SER A 29 -0.69 11.87 2.80
CA SER A 29 -1.13 11.82 1.37
C SER A 29 -2.12 10.68 1.09
N GLY A 30 -3.40 11.03 1.04
CA GLY A 30 -4.54 10.13 0.72
C GLY A 30 -5.11 10.35 -0.70
N THR A 31 -6.41 10.10 -0.89
CA THR A 31 -7.09 10.24 -2.19
C THR A 31 -8.27 11.23 -2.11
N PRO A 32 -8.14 12.48 -2.61
CA PRO A 32 -9.23 13.47 -2.63
C PRO A 32 -10.55 12.90 -3.20
N NH2 A 33 -10.56 12.43 -4.46
HN1 NH2 A 33 -11.44 12.10 -4.82
HN2 NH2 A 33 -9.73 12.52 -5.03
N CYS A 1 -1.73 -0.49 -13.38
CA CYS A 1 -2.04 -1.92 -13.16
C CYS A 1 -2.39 -2.58 -14.49
N SER A 2 -1.85 -3.78 -14.75
CA SER A 2 -2.11 -4.59 -15.96
C SER A 2 -2.41 -6.05 -15.59
N ASN A 3 -1.37 -6.86 -15.30
CA ASN A 3 -1.57 -8.25 -14.89
C ASN A 3 -2.19 -8.36 -13.48
N LEU A 4 -3.45 -8.76 -13.40
CA LEU A 4 -4.29 -8.88 -12.19
C LEU A 4 -3.56 -9.43 -10.95
N SER A 5 -3.00 -10.66 -11.01
CA SER A 5 -2.27 -11.25 -9.87
C SER A 5 -1.09 -10.38 -9.40
N THR A 6 -0.35 -9.78 -10.33
CA THR A 6 0.78 -8.88 -10.00
C THR A 6 0.25 -7.64 -9.27
N CYS A 7 -0.92 -7.13 -9.63
CA CYS A 7 -1.52 -5.98 -8.94
C CYS A 7 -1.92 -6.36 -7.49
N VAL A 8 -2.44 -7.57 -7.26
CA VAL A 8 -2.80 -8.07 -5.92
C VAL A 8 -1.53 -8.18 -5.07
N LEU A 9 -0.47 -8.78 -5.63
CA LEU A 9 0.84 -8.92 -4.94
C LEU A 9 1.40 -7.52 -4.64
N GLY A 10 1.28 -6.57 -5.58
CA GLY A 10 1.69 -5.18 -5.43
C GLY A 10 0.93 -4.54 -4.26
N LYS A 11 -0.38 -4.79 -4.14
CA LYS A 11 -1.20 -4.27 -3.03
C LYS A 11 -0.75 -4.89 -1.71
N LEU A 12 -0.49 -6.20 -1.64
CA LEU A 12 0.00 -6.83 -0.40
C LEU A 12 1.28 -6.13 0.07
N SER A 13 2.25 -5.91 -0.84
CA SER A 13 3.49 -5.19 -0.54
C SER A 13 3.24 -3.74 -0.13
N GLN A 14 2.34 -3.04 -0.83
CA GLN A 14 1.94 -1.65 -0.56
C GLN A 14 1.32 -1.49 0.83
N GLU A 15 0.29 -2.27 1.16
CA GLU A 15 -0.34 -2.24 2.49
C GLU A 15 0.65 -2.65 3.58
N LEU A 16 1.52 -3.67 3.33
CA LEU A 16 2.55 -4.08 4.29
C LEU A 16 3.55 -2.94 4.52
N HIS A 17 3.89 -2.18 3.48
CA HIS A 17 4.79 -1.02 3.58
C HIS A 17 4.10 0.11 4.35
N LYS A 18 2.77 0.29 4.17
CA LYS A 18 2.01 1.32 4.90
C LYS A 18 2.12 1.04 6.41
N LEU A 19 1.97 -0.22 6.83
CA LEU A 19 2.11 -0.62 8.25
C LEU A 19 3.50 -0.25 8.80
N GLN A 20 4.56 -0.33 7.99
CA GLN A 20 5.93 0.04 8.36
C GLN A 20 6.09 1.58 8.49
N THR A 21 5.35 2.38 7.72
CA THR A 21 5.36 3.87 7.77
C THR A 21 4.37 4.49 8.76
N TYR A 22 3.23 3.84 9.02
CA TYR A 22 2.14 4.30 9.89
C TYR A 22 2.62 4.84 11.27
N PRO A 23 3.53 4.17 12.01
CA PRO A 23 4.06 4.65 13.29
C PRO A 23 4.80 6.02 13.24
N ARG A 24 5.17 6.50 12.04
CA ARG A 24 5.83 7.79 11.80
C ARG A 24 4.99 8.77 10.96
N THR A 25 4.19 8.29 10.01
CA THR A 25 3.29 9.10 9.18
C THR A 25 2.01 8.34 8.86
N ASN A 26 0.95 8.64 9.61
CA ASN A 26 -0.37 7.99 9.53
C ASN A 26 -1.47 8.77 8.77
N THR A 27 -1.29 10.06 8.49
CA THR A 27 -2.31 10.90 7.84
C THR A 27 -1.73 11.87 6.80
N GLY A 28 -2.61 12.33 5.89
CA GLY A 28 -2.33 13.28 4.81
C GLY A 28 -2.66 12.77 3.39
N SER A 29 -2.88 11.45 3.20
CA SER A 29 -3.23 10.86 1.92
C SER A 29 -3.96 9.51 2.05
N GLY A 30 -5.29 9.54 2.19
CA GLY A 30 -6.11 8.33 2.28
C GLY A 30 -6.57 7.83 0.90
N THR A 31 -7.34 6.74 0.84
CA THR A 31 -7.88 6.19 -0.42
C THR A 31 -9.06 7.04 -0.91
N PRO A 32 -8.99 7.74 -2.07
CA PRO A 32 -10.05 8.62 -2.59
C PRO A 32 -11.47 8.00 -2.65
N NH2 A 33 -11.62 6.78 -3.15
HN1 NH2 A 33 -12.54 6.37 -3.22
HN2 NH2 A 33 -10.81 6.28 -3.49
N CYS A 1 -2.03 -1.24 -13.53
CA CYS A 1 -2.36 -2.67 -13.32
C CYS A 1 -2.54 -3.34 -14.68
N SER A 2 -1.90 -4.50 -14.87
CA SER A 2 -1.92 -5.26 -16.14
C SER A 2 -2.18 -6.76 -15.92
N ASN A 3 -1.38 -7.43 -15.09
CA ASN A 3 -1.52 -8.84 -14.75
C ASN A 3 -2.11 -9.00 -13.34
N LEU A 4 -3.29 -9.64 -13.23
CA LEU A 4 -4.05 -9.83 -11.98
C LEU A 4 -3.19 -10.32 -10.79
N SER A 5 -2.43 -11.40 -10.91
CA SER A 5 -1.57 -11.90 -9.81
C SER A 5 -0.58 -10.81 -9.35
N THR A 6 0.08 -10.12 -10.28
CA THR A 6 1.02 -9.03 -9.97
C THR A 6 0.29 -7.86 -9.30
N CYS A 7 -0.94 -7.53 -9.70
CA CYS A 7 -1.73 -6.44 -9.07
C CYS A 7 -2.07 -6.80 -7.61
N VAL A 8 -2.50 -8.04 -7.33
CA VAL A 8 -2.83 -8.50 -5.95
C VAL A 8 -1.57 -8.38 -5.08
N LEU A 9 -0.44 -8.93 -5.54
CA LEU A 9 0.84 -8.85 -4.85
C LEU A 9 1.29 -7.40 -4.65
N GLY A 10 1.11 -6.55 -5.69
CA GLY A 10 1.43 -5.11 -5.67
C GLY A 10 0.65 -4.40 -4.57
N LYS A 11 -0.67 -4.63 -4.47
CA LYS A 11 -1.49 -4.03 -3.41
C LYS A 11 -1.06 -4.55 -2.04
N LEU A 12 -0.83 -5.86 -1.87
CA LEU A 12 -0.36 -6.41 -0.58
C LEU A 12 0.95 -5.71 -0.16
N SER A 13 1.92 -5.52 -1.07
CA SER A 13 3.18 -4.81 -0.81
C SER A 13 2.94 -3.34 -0.47
N GLN A 14 2.00 -2.67 -1.15
CA GLN A 14 1.64 -1.29 -0.86
C GLN A 14 1.04 -1.14 0.53
N GLU A 15 0.09 -1.99 0.92
CA GLU A 15 -0.51 -1.99 2.25
C GLU A 15 0.56 -2.32 3.31
N LEU A 16 1.48 -3.26 3.02
CA LEU A 16 2.61 -3.62 3.90
C LEU A 16 3.54 -2.42 4.11
N HIS A 17 3.73 -1.57 3.09
CA HIS A 17 4.56 -0.36 3.20
C HIS A 17 3.83 0.67 4.11
N LYS A 18 2.52 0.87 3.94
CA LYS A 18 1.72 1.77 4.79
C LYS A 18 1.84 1.33 6.24
N LEU A 19 1.69 0.05 6.53
CA LEU A 19 1.81 -0.55 7.86
C LEU A 19 3.22 -0.35 8.48
N GLN A 20 4.26 -0.13 7.68
CA GLN A 20 5.61 0.11 8.18
C GLN A 20 5.81 1.61 8.51
N THR A 21 5.18 2.53 7.77
CA THR A 21 5.25 3.98 8.02
C THR A 21 4.28 4.47 9.07
N TYR A 22 3.07 3.90 9.13
CA TYR A 22 1.96 4.27 10.05
C TYR A 22 2.40 4.40 11.53
N PRO A 23 3.18 3.47 12.12
CA PRO A 23 3.67 3.58 13.51
C PRO A 23 4.53 4.86 13.77
N ARG A 24 5.17 5.44 12.73
CA ARG A 24 5.98 6.66 12.83
C ARG A 24 5.07 7.89 12.60
N THR A 25 4.24 7.86 11.56
CA THR A 25 3.26 8.92 11.22
C THR A 25 2.12 8.30 10.41
N ASN A 26 0.88 8.50 10.88
CA ASN A 26 -0.34 7.97 10.28
C ASN A 26 -1.13 8.89 9.32
N THR A 27 -1.20 10.19 9.59
CA THR A 27 -1.95 11.17 8.77
C THR A 27 -1.15 11.83 7.65
N GLY A 28 -1.73 11.97 6.46
CA GLY A 28 -1.07 12.65 5.32
C GLY A 28 -1.74 12.43 3.96
N SER A 29 -1.70 11.19 3.45
CA SER A 29 -2.29 10.77 2.17
C SER A 29 -3.07 9.47 2.35
N GLY A 30 -4.20 9.33 1.66
CA GLY A 30 -5.09 8.18 1.74
C GLY A 30 -5.78 7.87 0.41
N THR A 31 -6.86 7.08 0.47
CA THR A 31 -7.65 6.73 -0.73
C THR A 31 -8.40 7.97 -1.26
N PRO A 32 -8.45 8.24 -2.59
CA PRO A 32 -9.16 9.42 -3.14
C PRO A 32 -10.66 9.52 -2.75
N NH2 A 33 -11.33 8.40 -2.49
HN1 NH2 A 33 -12.31 8.53 -2.34
HN2 NH2 A 33 -10.86 7.49 -2.59
N CYS A 1 -2.81 -1.31 -13.65
CA CYS A 1 -3.04 -2.75 -13.40
C CYS A 1 -3.32 -3.43 -14.73
N SER A 2 -2.48 -4.39 -15.12
CA SER A 2 -2.62 -5.19 -16.34
C SER A 2 -2.61 -6.67 -16.04
N ASN A 3 -1.55 -7.18 -15.40
CA ASN A 3 -1.41 -8.59 -14.99
C ASN A 3 -1.96 -8.73 -13.55
N LEU A 4 -3.25 -9.05 -13.43
CA LEU A 4 -4.03 -9.26 -12.20
C LEU A 4 -3.25 -9.74 -10.97
N SER A 5 -2.61 -10.90 -11.03
CA SER A 5 -1.88 -11.50 -9.89
C SER A 5 -0.81 -10.54 -9.36
N THR A 6 -0.03 -9.89 -10.24
CA THR A 6 1.00 -8.92 -9.88
C THR A 6 0.37 -7.69 -9.21
N CYS A 7 -0.82 -7.25 -9.65
CA CYS A 7 -1.52 -6.11 -9.04
C CYS A 7 -1.87 -6.43 -7.58
N VAL A 8 -2.41 -7.65 -7.32
CA VAL A 8 -2.76 -8.13 -5.98
C VAL A 8 -1.49 -8.25 -5.13
N LEU A 9 -0.39 -8.86 -5.63
CA LEU A 9 0.88 -8.95 -4.89
C LEU A 9 1.43 -7.55 -4.56
N GLY A 10 1.28 -6.59 -5.48
CA GLY A 10 1.67 -5.20 -5.27
C GLY A 10 0.84 -4.56 -4.18
N LYS A 11 -0.50 -4.76 -4.17
CA LYS A 11 -1.41 -4.24 -3.14
C LYS A 11 -1.07 -4.83 -1.79
N LEU A 12 -0.86 -6.15 -1.67
CA LEU A 12 -0.47 -6.79 -0.41
C LEU A 12 0.84 -6.13 0.11
N SER A 13 1.82 -5.90 -0.77
CA SER A 13 3.10 -5.23 -0.43
C SER A 13 2.87 -3.77 0.01
N GLN A 14 1.90 -3.07 -0.61
CA GLN A 14 1.50 -1.69 -0.29
C GLN A 14 0.92 -1.63 1.14
N GLU A 15 -0.02 -2.52 1.48
CA GLU A 15 -0.60 -2.60 2.84
C GLU A 15 0.47 -3.02 3.87
N LEU A 16 1.42 -3.91 3.50
CA LEU A 16 2.53 -4.33 4.40
C LEU A 16 3.41 -3.09 4.70
N HIS A 17 3.69 -2.22 3.72
CA HIS A 17 4.52 -1.02 3.91
C HIS A 17 3.77 -0.04 4.83
N LYS A 18 2.45 0.15 4.64
CA LYS A 18 1.61 1.02 5.49
C LYS A 18 1.74 0.64 6.96
N LEU A 19 1.58 -0.65 7.27
CA LEU A 19 1.71 -1.22 8.62
C LEU A 19 3.05 -0.83 9.26
N GLN A 20 4.14 -0.89 8.51
CA GLN A 20 5.49 -0.53 8.97
C GLN A 20 5.71 0.99 9.08
N THR A 21 4.98 1.84 8.34
CA THR A 21 5.10 3.33 8.41
C THR A 21 4.24 4.07 9.45
N TYR A 22 3.15 3.48 9.94
CA TYR A 22 2.23 4.10 10.92
C TYR A 22 2.91 4.91 12.05
N PRO A 23 3.95 4.39 12.74
CA PRO A 23 4.65 5.11 13.83
C PRO A 23 5.20 6.51 13.47
N ARG A 24 5.41 6.83 12.19
CA ARG A 24 5.94 8.14 11.72
C ARG A 24 5.01 8.90 10.78
N THR A 25 3.99 8.26 10.23
CA THR A 25 2.98 8.89 9.35
C THR A 25 1.69 8.06 9.39
N ASN A 26 0.61 8.64 9.88
CA ASN A 26 -0.69 7.98 10.04
C ASN A 26 -1.80 8.48 9.09
N THR A 27 -1.78 9.76 8.70
CA THR A 27 -2.81 10.39 7.84
C THR A 27 -2.17 11.35 6.84
N GLY A 28 -2.91 11.70 5.78
CA GLY A 28 -2.47 12.66 4.75
C GLY A 28 -2.24 12.14 3.32
N SER A 29 -2.13 10.82 3.10
CA SER A 29 -1.84 10.25 1.75
C SER A 29 -2.60 8.94 1.48
N GLY A 30 -3.93 9.02 1.32
CA GLY A 30 -4.81 7.89 1.00
C GLY A 30 -5.19 7.89 -0.48
N THR A 31 -6.21 8.68 -0.84
CA THR A 31 -6.76 8.80 -2.21
C THR A 31 -7.39 10.21 -2.38
N PRO A 32 -7.28 10.88 -3.55
CA PRO A 32 -7.91 12.18 -3.82
C PRO A 32 -9.47 12.19 -3.92
N NH2 A 33 -10.19 11.07 -3.69
HN1 NH2 A 33 -9.71 10.23 -3.39
HN2 NH2 A 33 -11.20 11.06 -3.73
N CYS A 1 -4.93 -1.68 -13.96
CA CYS A 1 -4.16 -2.88 -13.53
C CYS A 1 -3.82 -3.68 -14.78
N SER A 2 -2.56 -4.09 -14.91
CA SER A 2 -2.08 -4.82 -16.12
C SER A 2 -1.94 -6.35 -15.99
N ASN A 3 -1.90 -6.93 -14.76
CA ASN A 3 -1.84 -8.36 -14.51
C ASN A 3 -2.38 -8.64 -13.11
N LEU A 4 -3.54 -9.31 -13.02
CA LEU A 4 -4.24 -9.65 -11.76
C LEU A 4 -3.38 -10.26 -10.64
N SER A 5 -2.57 -11.30 -10.91
CA SER A 5 -1.68 -11.89 -9.88
C SER A 5 -0.69 -10.86 -9.31
N THR A 6 0.04 -10.16 -10.19
CA THR A 6 1.00 -9.10 -9.83
C THR A 6 0.32 -7.94 -9.13
N CYS A 7 -0.88 -7.50 -9.55
CA CYS A 7 -1.64 -6.43 -8.91
C CYS A 7 -1.98 -6.78 -7.45
N VAL A 8 -2.49 -7.98 -7.16
CA VAL A 8 -2.81 -8.41 -5.77
C VAL A 8 -1.52 -8.55 -4.96
N LEU A 9 -0.48 -9.26 -5.44
CA LEU A 9 0.78 -9.45 -4.72
C LEU A 9 1.46 -8.09 -4.45
N GLY A 10 1.39 -7.16 -5.40
CA GLY A 10 1.91 -5.81 -5.32
C GLY A 10 1.13 -5.04 -4.26
N LYS A 11 -0.22 -5.08 -4.27
CA LYS A 11 -1.06 -4.42 -3.28
C LYS A 11 -0.78 -4.97 -1.89
N LEU A 12 -0.67 -6.29 -1.69
CA LEU A 12 -0.35 -6.87 -0.37
C LEU A 12 0.96 -6.25 0.14
N SER A 13 1.97 -6.15 -0.73
CA SER A 13 3.28 -5.55 -0.42
C SER A 13 3.15 -4.04 -0.14
N GLN A 14 2.25 -3.33 -0.83
CA GLN A 14 1.96 -1.89 -0.66
C GLN A 14 1.30 -1.67 0.70
N GLU A 15 0.30 -2.47 1.09
CA GLU A 15 -0.36 -2.38 2.40
C GLU A 15 0.65 -2.77 3.50
N LEU A 16 1.56 -3.73 3.27
CA LEU A 16 2.59 -4.14 4.24
C LEU A 16 3.53 -2.93 4.45
N HIS A 17 3.89 -2.16 3.40
CA HIS A 17 4.74 -0.97 3.54
C HIS A 17 3.96 0.08 4.37
N LYS A 18 2.64 0.20 4.22
CA LYS A 18 1.83 1.16 5.03
C LYS A 18 1.91 0.73 6.50
N LEU A 19 1.80 -0.57 6.78
CA LEU A 19 1.89 -1.15 8.13
C LEU A 19 3.28 -0.83 8.75
N GLN A 20 4.34 -0.82 7.94
CA GLN A 20 5.72 -0.46 8.39
C GLN A 20 5.79 1.03 8.78
N THR A 21 5.06 1.91 8.09
CA THR A 21 5.02 3.37 8.32
C THR A 21 4.01 3.84 9.37
N TYR A 22 2.91 3.11 9.61
CA TYR A 22 1.86 3.46 10.58
C TYR A 22 2.37 3.92 11.97
N PRO A 23 3.33 3.22 12.63
CA PRO A 23 3.91 3.66 13.91
C PRO A 23 4.61 5.03 13.89
N ARG A 24 4.82 5.64 12.70
CA ARG A 24 5.50 6.93 12.49
C ARG A 24 4.55 8.00 11.95
N THR A 25 3.61 7.63 11.05
CA THR A 25 2.62 8.54 10.44
C THR A 25 1.34 7.80 10.08
N ASN A 26 0.18 8.47 10.13
CA ASN A 26 -1.13 7.88 9.84
C ASN A 26 -2.10 8.74 9.01
N THR A 27 -2.00 10.09 9.07
CA THR A 27 -2.87 11.04 8.37
C THR A 27 -2.06 12.13 7.67
N GLY A 28 -2.73 12.87 6.76
CA GLY A 28 -2.14 13.95 5.96
C GLY A 28 -2.27 13.65 4.46
N SER A 29 -1.64 12.55 4.02
CA SER A 29 -1.68 12.08 2.63
C SER A 29 -2.50 10.78 2.53
N GLY A 30 -3.82 10.92 2.33
CA GLY A 30 -4.77 9.79 2.26
C GLY A 30 -5.20 9.38 0.84
N THR A 31 -6.39 9.80 0.40
CA THR A 31 -6.93 9.47 -0.94
C THR A 31 -7.68 10.67 -1.57
N PRO A 32 -7.30 11.16 -2.78
CA PRO A 32 -7.99 12.27 -3.47
C PRO A 32 -9.48 12.07 -3.85
N NH2 A 33 -10.07 10.88 -3.63
HN1 NH2 A 33 -11.03 10.76 -3.95
HN2 NH2 A 33 -9.54 10.14 -3.18
N CYS A 1 -2.86 -1.07 -14.04
CA CYS A 1 -2.76 -2.51 -13.74
C CYS A 1 -2.81 -3.29 -15.05
N SER A 2 -1.88 -4.23 -15.25
CA SER A 2 -1.79 -5.05 -16.49
C SER A 2 -1.78 -6.57 -16.32
N ASN A 3 -1.59 -7.07 -15.10
CA ASN A 3 -1.59 -8.51 -14.78
C ASN A 3 -2.19 -8.72 -13.38
N LEU A 4 -3.34 -9.42 -13.29
CA LEU A 4 -4.10 -9.69 -12.08
C LEU A 4 -3.26 -10.11 -10.86
N SER A 5 -2.54 -11.24 -10.93
CA SER A 5 -1.72 -11.74 -9.80
C SER A 5 -0.72 -10.69 -9.31
N THR A 6 0.04 -10.08 -10.23
CA THR A 6 1.00 -9.01 -9.93
C THR A 6 0.34 -7.82 -9.21
N CYS A 7 -0.85 -7.40 -9.64
CA CYS A 7 -1.58 -6.30 -8.98
C CYS A 7 -2.03 -6.69 -7.56
N VAL A 8 -2.51 -7.94 -7.32
CA VAL A 8 -2.91 -8.42 -5.98
C VAL A 8 -1.68 -8.48 -5.08
N LEU A 9 -0.56 -9.02 -5.56
CA LEU A 9 0.71 -9.08 -4.82
C LEU A 9 1.19 -7.65 -4.50
N GLY A 10 1.07 -6.73 -5.47
CA GLY A 10 1.42 -5.32 -5.31
C GLY A 10 0.60 -4.72 -4.16
N LYS A 11 -0.71 -5.00 -4.11
CA LYS A 11 -1.62 -4.53 -3.05
C LYS A 11 -1.19 -5.13 -1.71
N LEU A 12 -0.89 -6.43 -1.62
CA LEU A 12 -0.43 -7.04 -0.37
C LEU A 12 0.83 -6.31 0.13
N SER A 13 1.81 -6.07 -0.75
CA SER A 13 3.04 -5.34 -0.40
C SER A 13 2.72 -3.89 0.00
N GLN A 14 1.76 -3.24 -0.65
CA GLN A 14 1.29 -1.88 -0.37
C GLN A 14 0.69 -1.80 1.04
N GLU A 15 -0.20 -2.73 1.42
CA GLU A 15 -0.79 -2.78 2.77
C GLU A 15 0.29 -3.07 3.83
N LEU A 16 1.22 -4.01 3.56
CA LEU A 16 2.31 -4.32 4.47
C LEU A 16 3.23 -3.08 4.63
N HIS A 17 3.47 -2.32 3.55
CA HIS A 17 4.27 -1.10 3.62
C HIS A 17 3.54 -0.02 4.46
N LYS A 18 2.21 0.06 4.40
CA LYS A 18 1.42 1.01 5.22
C LYS A 18 1.70 0.68 6.69
N LEU A 19 1.65 -0.61 7.06
CA LEU A 19 1.93 -1.11 8.42
C LEU A 19 3.38 -0.73 8.84
N GLN A 20 4.34 -0.71 7.91
CA GLN A 20 5.73 -0.32 8.21
C GLN A 20 5.85 1.22 8.41
N THR A 21 5.00 2.04 7.78
CA THR A 21 5.00 3.51 7.90
C THR A 21 4.08 4.06 8.99
N TYR A 22 3.01 3.34 9.37
CA TYR A 22 2.05 3.72 10.42
C TYR A 22 2.71 4.19 11.74
N PRO A 23 3.74 3.49 12.29
CA PRO A 23 4.46 3.90 13.50
C PRO A 23 5.14 5.28 13.46
N ARG A 24 5.19 5.94 12.28
CA ARG A 24 5.74 7.29 12.03
C ARG A 24 4.63 8.28 11.65
N THR A 25 3.81 7.94 10.65
CA THR A 25 2.69 8.79 10.20
C THR A 25 1.42 7.98 9.86
N ASN A 26 0.26 8.58 10.15
CA ASN A 26 -1.08 7.98 9.98
C ASN A 26 -2.07 8.93 9.29
N THR A 27 -1.89 10.25 9.42
CA THR A 27 -2.77 11.30 8.89
C THR A 27 -1.95 12.36 8.15
N GLY A 28 -2.18 12.50 6.83
CA GLY A 28 -1.48 13.52 6.01
C GLY A 28 -1.59 13.36 4.49
N SER A 29 -1.35 12.17 3.94
CA SER A 29 -1.38 11.91 2.48
C SER A 29 -1.75 10.45 2.19
N GLY A 30 -2.46 10.20 1.07
CA GLY A 30 -2.84 8.84 0.64
C GLY A 30 -3.70 8.85 -0.63
N THR A 31 -4.96 9.26 -0.52
CA THR A 31 -5.90 9.38 -1.65
C THR A 31 -6.91 10.50 -1.33
N PRO A 32 -7.07 11.53 -2.19
CA PRO A 32 -8.06 12.60 -1.97
C PRO A 32 -9.50 12.07 -1.75
N NH2 A 33 -9.98 11.15 -2.59
HN1 NH2 A 33 -9.40 10.79 -3.34
HN2 NH2 A 33 -10.92 10.80 -2.43
N CYS A 1 -4.48 -2.55 -15.28
CA CYS A 1 -3.70 -3.67 -14.70
C CYS A 1 -3.58 -4.77 -15.76
N SER A 2 -2.48 -5.54 -15.74
CA SER A 2 -2.25 -6.65 -16.68
C SER A 2 -2.18 -8.00 -15.95
N ASN A 3 -1.04 -8.38 -15.38
CA ASN A 3 -0.93 -9.65 -14.64
C ASN A 3 -1.62 -9.56 -13.27
N LEU A 4 -2.90 -9.96 -13.22
CA LEU A 4 -3.79 -9.93 -12.05
C LEU A 4 -3.14 -10.39 -10.74
N SER A 5 -2.46 -11.54 -10.74
CA SER A 5 -1.76 -12.07 -9.56
C SER A 5 -0.70 -11.09 -9.05
N THR A 6 0.13 -10.52 -9.93
CA THR A 6 1.14 -9.53 -9.53
C THR A 6 0.45 -8.25 -9.05
N CYS A 7 -0.67 -7.83 -9.66
CA CYS A 7 -1.41 -6.64 -9.22
C CYS A 7 -1.95 -6.86 -7.78
N VAL A 8 -2.53 -8.04 -7.50
CA VAL A 8 -3.04 -8.44 -6.17
C VAL A 8 -1.90 -8.53 -5.17
N LEU A 9 -0.81 -9.25 -5.48
CA LEU A 9 0.36 -9.32 -4.59
C LEU A 9 0.90 -7.89 -4.35
N GLY A 10 0.91 -7.05 -5.39
CA GLY A 10 1.32 -5.65 -5.32
C GLY A 10 0.43 -4.92 -4.29
N LYS A 11 -0.90 -5.16 -4.30
CA LYS A 11 -1.84 -4.52 -3.37
C LYS A 11 -1.50 -5.01 -1.95
N LEU A 12 -1.26 -6.30 -1.75
CA LEU A 12 -0.88 -6.84 -0.42
C LEU A 12 0.42 -6.16 0.03
N SER A 13 1.40 -5.98 -0.87
CA SER A 13 2.67 -5.28 -0.61
C SER A 13 2.43 -3.80 -0.33
N GLN A 14 1.43 -3.17 -0.98
CA GLN A 14 1.00 -1.76 -0.79
C GLN A 14 0.52 -1.62 0.66
N GLU A 15 -0.33 -2.57 1.13
CA GLU A 15 -0.83 -2.57 2.51
C GLU A 15 0.35 -2.88 3.50
N LEU A 16 1.26 -3.81 3.18
CA LEU A 16 2.43 -4.13 4.02
C LEU A 16 3.30 -2.85 4.15
N HIS A 17 3.50 -2.09 3.06
CA HIS A 17 4.27 -0.84 3.11
C HIS A 17 3.55 0.18 3.99
N LYS A 18 2.20 0.25 3.96
CA LYS A 18 1.42 1.16 4.84
C LYS A 18 1.72 0.76 6.29
N LEU A 19 1.67 -0.55 6.60
CA LEU A 19 1.98 -1.12 7.93
C LEU A 19 3.42 -0.74 8.35
N GLN A 20 4.40 -0.69 7.44
CA GLN A 20 5.78 -0.26 7.77
C GLN A 20 5.83 1.24 8.14
N THR A 21 4.94 2.07 7.58
CA THR A 21 4.86 3.52 7.84
C THR A 21 3.94 3.93 9.01
N TYR A 22 2.87 3.18 9.31
CA TYR A 22 1.91 3.46 10.41
C TYR A 22 2.59 3.77 11.76
N PRO A 23 3.62 3.01 12.22
CA PRO A 23 4.37 3.25 13.48
C PRO A 23 5.10 4.61 13.54
N ARG A 24 5.15 5.38 12.42
CA ARG A 24 5.76 6.72 12.29
C ARG A 24 4.74 7.79 11.89
N THR A 25 3.75 7.47 11.07
CA THR A 25 2.71 8.41 10.65
C THR A 25 1.37 7.71 10.37
N ASN A 26 0.28 8.19 10.98
CA ASN A 26 -1.08 7.62 10.82
C ASN A 26 -2.07 8.57 10.12
N THR A 27 -1.87 9.88 10.23
CA THR A 27 -2.72 10.93 9.64
C THR A 27 -1.84 12.09 9.15
N GLY A 28 -2.14 12.63 7.97
CA GLY A 28 -1.36 13.70 7.35
C GLY A 28 -1.42 13.74 5.82
N SER A 29 -0.99 12.66 5.16
CA SER A 29 -0.96 12.53 3.69
C SER A 29 -1.75 11.30 3.26
N GLY A 30 -2.92 11.52 2.67
CA GLY A 30 -3.81 10.44 2.12
C GLY A 30 -4.14 10.70 0.65
N THR A 31 -5.44 10.74 0.30
CA THR A 31 -5.94 11.00 -1.05
C THR A 31 -6.56 12.45 -1.12
N PRO A 32 -5.95 13.41 -1.82
CA PRO A 32 -6.42 14.80 -1.89
C PRO A 32 -7.91 15.04 -2.24
N NH2 A 33 -8.65 14.11 -2.85
HN1 NH2 A 33 -9.63 14.28 -3.08
HN2 NH2 A 33 -8.25 13.22 -3.06
N CYS A 1 -3.99 -2.93 -15.46
CA CYS A 1 -3.62 -4.21 -14.82
C CYS A 1 -3.88 -5.32 -15.83
N SER A 2 -3.01 -6.34 -15.88
CA SER A 2 -3.15 -7.51 -16.77
C SER A 2 -3.08 -8.81 -15.96
N ASN A 3 -1.91 -9.14 -15.39
CA ASN A 3 -1.76 -10.33 -14.57
C ASN A 3 -2.30 -10.06 -13.15
N LEU A 4 -3.60 -10.37 -12.94
CA LEU A 4 -4.35 -10.16 -11.70
C LEU A 4 -3.60 -10.59 -10.45
N SER A 5 -2.95 -11.75 -10.45
CA SER A 5 -2.13 -12.26 -9.34
C SER A 5 -1.05 -11.25 -8.95
N THR A 6 -0.24 -10.77 -9.90
CA THR A 6 0.80 -9.76 -9.65
C THR A 6 0.17 -8.43 -9.20
N CYS A 7 -1.01 -8.05 -9.71
CA CYS A 7 -1.69 -6.82 -9.28
C CYS A 7 -2.10 -6.91 -7.80
N VAL A 8 -2.71 -8.04 -7.38
CA VAL A 8 -3.12 -8.31 -5.99
C VAL A 8 -1.87 -8.41 -5.10
N LEU A 9 -0.83 -9.13 -5.50
CA LEU A 9 0.43 -9.24 -4.73
C LEU A 9 1.08 -7.86 -4.61
N GLY A 10 1.03 -7.04 -5.67
CA GLY A 10 1.56 -5.67 -5.70
C GLY A 10 0.82 -4.83 -4.65
N LYS A 11 -0.52 -4.96 -4.59
CA LYS A 11 -1.33 -4.24 -3.59
C LYS A 11 -1.02 -4.77 -2.19
N LEU A 12 -0.86 -6.08 -2.00
CA LEU A 12 -0.50 -6.67 -0.69
C LEU A 12 0.84 -6.07 -0.24
N SER A 13 1.86 -6.02 -1.10
CA SER A 13 3.15 -5.40 -0.79
C SER A 13 3.00 -3.89 -0.52
N GLN A 14 2.10 -3.18 -1.22
CA GLN A 14 1.81 -1.76 -0.99
C GLN A 14 1.18 -1.54 0.40
N GLU A 15 0.17 -2.33 0.78
CA GLU A 15 -0.47 -2.25 2.11
C GLU A 15 0.55 -2.65 3.20
N LEU A 16 1.43 -3.63 2.92
CA LEU A 16 2.49 -4.09 3.86
C LEU A 16 3.49 -2.93 4.02
N HIS A 17 3.82 -2.19 2.96
CA HIS A 17 4.74 -1.04 3.03
C HIS A 17 4.05 0.04 3.89
N LYS A 18 2.72 0.26 3.75
CA LYS A 18 2.00 1.23 4.58
C LYS A 18 2.15 0.81 6.05
N LEU A 19 2.06 -0.50 6.36
CA LEU A 19 2.23 -1.06 7.71
C LEU A 19 3.63 -0.81 8.26
N GLN A 20 4.66 -0.57 7.43
CA GLN A 20 6.02 -0.26 7.88
C GLN A 20 6.08 1.23 8.31
N THR A 21 5.29 2.11 7.66
CA THR A 21 5.15 3.55 7.94
C THR A 21 4.09 3.92 8.99
N TYR A 22 3.02 3.12 9.14
CA TYR A 22 1.93 3.31 10.12
C TYR A 22 2.42 3.62 11.56
N PRO A 23 3.44 2.93 12.12
CA PRO A 23 3.99 3.19 13.46
C PRO A 23 4.55 4.63 13.65
N ARG A 24 4.64 5.45 12.60
CA ARG A 24 5.10 6.86 12.61
C ARG A 24 4.05 7.82 11.98
N THR A 25 3.24 7.37 11.04
CA THR A 25 2.19 8.20 10.39
C THR A 25 0.89 7.41 10.18
N ASN A 26 -0.11 7.70 11.00
CA ASN A 26 -1.46 7.10 10.90
C ASN A 26 -2.42 7.99 10.10
N THR A 27 -2.08 9.27 10.02
CA THR A 27 -2.73 10.36 9.31
C THR A 27 -1.62 11.23 8.70
N GLY A 28 -1.83 11.76 7.49
CA GLY A 28 -0.88 12.65 6.79
C GLY A 28 -0.66 12.41 5.29
N SER A 29 -0.88 11.19 4.77
CA SER A 29 -0.72 10.84 3.34
C SER A 29 -1.95 10.09 2.83
N GLY A 30 -2.66 10.69 1.87
CA GLY A 30 -3.89 10.17 1.27
C GLY A 30 -4.35 11.05 0.11
N THR A 31 -5.65 11.10 -0.16
CA THR A 31 -6.24 11.93 -1.23
C THR A 31 -6.82 13.24 -0.63
N PRO A 32 -6.38 14.44 -1.07
CA PRO A 32 -6.81 15.74 -0.53
C PRO A 32 -8.33 15.95 -0.34
N NH2 A 33 -9.14 15.62 -1.34
HN1 NH2 A 33 -8.78 15.24 -2.19
HN2 NH2 A 33 -10.13 15.81 -1.23
N CYS A 1 -2.55 -2.93 -15.63
CA CYS A 1 -2.55 -4.25 -14.95
C CYS A 1 -3.02 -5.30 -15.97
N SER A 2 -2.32 -6.43 -16.09
CA SER A 2 -2.71 -7.55 -16.98
C SER A 2 -2.70 -8.87 -16.21
N ASN A 3 -1.55 -9.30 -15.70
CA ASN A 3 -1.47 -10.54 -14.90
C ASN A 3 -2.02 -10.26 -13.47
N LEU A 4 -3.35 -10.35 -13.34
CA LEU A 4 -4.17 -10.10 -12.15
C LEU A 4 -3.56 -10.54 -10.80
N SER A 5 -3.11 -11.80 -10.67
CA SER A 5 -2.46 -12.30 -9.46
C SER A 5 -1.25 -11.48 -9.05
N THR A 6 -0.41 -11.04 -10.00
CA THR A 6 0.76 -10.20 -9.71
C THR A 6 0.29 -8.80 -9.28
N CYS A 7 -0.81 -8.28 -9.84
CA CYS A 7 -1.36 -6.97 -9.44
C CYS A 7 -1.84 -7.06 -7.97
N VAL A 8 -2.48 -8.17 -7.57
CA VAL A 8 -2.93 -8.41 -6.20
C VAL A 8 -1.71 -8.55 -5.28
N LEU A 9 -0.62 -9.20 -5.72
CA LEU A 9 0.62 -9.29 -4.95
C LEU A 9 1.20 -7.88 -4.74
N GLY A 10 1.10 -7.02 -5.77
CA GLY A 10 1.54 -5.62 -5.72
C GLY A 10 0.73 -4.89 -4.64
N LYS A 11 -0.58 -5.13 -4.57
CA LYS A 11 -1.46 -4.56 -3.54
C LYS A 11 -1.01 -5.06 -2.16
N LEU A 12 -0.68 -6.35 -2.01
CA LEU A 12 -0.20 -6.90 -0.73
C LEU A 12 1.01 -6.06 -0.28
N SER A 13 1.97 -5.82 -1.17
CA SER A 13 3.19 -5.04 -0.85
C SER A 13 2.79 -3.58 -0.50
N GLN A 14 1.81 -3.00 -1.19
CA GLN A 14 1.29 -1.65 -0.95
C GLN A 14 0.66 -1.55 0.45
N GLU A 15 -0.14 -2.55 0.87
CA GLU A 15 -0.75 -2.55 2.22
C GLU A 15 0.33 -2.80 3.29
N LEU A 16 1.32 -3.64 3.00
CA LEU A 16 2.44 -3.90 3.93
C LEU A 16 3.23 -2.59 4.10
N HIS A 17 3.45 -1.84 3.02
CA HIS A 17 4.20 -0.55 3.03
C HIS A 17 3.45 0.44 3.94
N LYS A 18 2.10 0.42 3.96
CA LYS A 18 1.30 1.30 4.82
C LYS A 18 1.57 0.90 6.29
N LEU A 19 1.52 -0.40 6.60
CA LEU A 19 1.81 -0.94 7.94
C LEU A 19 3.26 -0.59 8.38
N GLN A 20 4.23 -0.57 7.46
CA GLN A 20 5.62 -0.22 7.80
C GLN A 20 5.70 1.25 8.27
N THR A 21 4.90 2.13 7.70
CA THR A 21 4.84 3.58 8.02
C THR A 21 3.91 3.97 9.18
N TYR A 22 2.76 3.29 9.40
CA TYR A 22 1.78 3.62 10.43
C TYR A 22 2.39 3.89 11.83
N PRO A 23 3.32 3.06 12.38
CA PRO A 23 3.95 3.26 13.68
C PRO A 23 4.73 4.59 13.83
N ARG A 24 4.97 5.34 12.74
CA ARG A 24 5.68 6.63 12.71
C ARG A 24 4.81 7.76 12.15
N THR A 25 4.09 7.53 11.05
CA THR A 25 3.24 8.52 10.39
C THR A 25 1.85 7.93 10.10
N ASN A 26 0.83 8.53 10.73
CA ASN A 26 -0.58 8.12 10.68
C ASN A 26 -1.49 9.13 9.95
N THR A 27 -1.13 10.42 9.96
CA THR A 27 -1.88 11.53 9.37
C THR A 27 -0.93 12.50 8.64
N GLY A 28 -1.48 13.28 7.69
CA GLY A 28 -0.74 14.30 6.92
C GLY A 28 -0.89 14.20 5.40
N SER A 29 -0.73 13.01 4.82
CA SER A 29 -0.87 12.75 3.38
C SER A 29 -1.70 11.50 3.13
N GLY A 30 -2.81 11.63 2.40
CA GLY A 30 -3.70 10.49 2.07
C GLY A 30 -4.50 10.71 0.77
N THR A 31 -5.78 11.07 0.90
CA THR A 31 -6.72 11.27 -0.22
C THR A 31 -7.58 12.54 -0.05
N PRO A 32 -7.34 13.64 -0.80
CA PRO A 32 -8.10 14.90 -0.64
C PRO A 32 -9.64 14.75 -0.70
N NH2 A 33 -10.14 13.74 -1.40
HN1 NH2 A 33 -11.12 13.87 -1.55
HN2 NH2 A 33 -9.51 13.23 -2.00
N CYS A 1 -1.78 -2.40 -14.53
CA CYS A 1 -1.78 -3.84 -14.17
C CYS A 1 -1.90 -4.67 -15.45
N SER A 2 -1.29 -5.85 -15.51
CA SER A 2 -1.37 -6.76 -16.66
C SER A 2 -1.64 -8.20 -16.19
N ASN A 3 -0.72 -8.81 -15.43
CA ASN A 3 -0.88 -10.16 -14.91
C ASN A 3 -1.64 -10.13 -13.57
N LEU A 4 -2.96 -10.37 -13.61
CA LEU A 4 -3.91 -10.34 -12.50
C LEU A 4 -3.38 -10.85 -11.13
N SER A 5 -3.02 -12.13 -10.96
CA SER A 5 -2.52 -12.64 -9.67
C SER A 5 -1.29 -11.87 -9.17
N THR A 6 -0.35 -11.51 -10.06
CA THR A 6 0.84 -10.73 -9.70
C THR A 6 0.39 -9.36 -9.16
N CYS A 7 -0.65 -8.74 -9.78
CA CYS A 7 -1.20 -7.47 -9.32
C CYS A 7 -1.82 -7.62 -7.92
N VAL A 8 -2.47 -8.75 -7.60
CA VAL A 8 -3.04 -8.99 -6.24
C VAL A 8 -1.90 -9.01 -5.23
N LEU A 9 -0.80 -9.72 -5.50
CA LEU A 9 0.36 -9.75 -4.60
C LEU A 9 0.97 -8.33 -4.47
N GLY A 10 1.03 -7.59 -5.59
CA GLY A 10 1.53 -6.20 -5.64
C GLY A 10 0.67 -5.31 -4.74
N LYS A 11 -0.66 -5.51 -4.76
CA LYS A 11 -1.60 -4.77 -3.93
C LYS A 11 -1.41 -5.17 -2.45
N LEU A 12 -1.17 -6.44 -2.13
CA LEU A 12 -0.92 -6.87 -0.77
C LEU A 12 0.34 -6.11 -0.28
N SER A 13 1.41 -6.04 -1.09
CA SER A 13 2.64 -5.34 -0.74
C SER A 13 2.35 -3.86 -0.60
N GLN A 14 1.47 -3.25 -1.44
CA GLN A 14 1.09 -1.81 -1.41
C GLN A 14 0.41 -1.54 -0.09
N GLU A 15 -0.50 -2.41 0.40
CA GLU A 15 -1.19 -2.22 1.71
C GLU A 15 -0.17 -2.41 2.84
N LEU A 16 0.72 -3.43 2.77
CA LEU A 16 1.77 -3.67 3.77
C LEU A 16 2.66 -2.41 3.88
N HIS A 17 2.96 -1.73 2.75
CA HIS A 17 3.82 -0.55 2.74
C HIS A 17 3.15 0.61 3.51
N LYS A 18 1.82 0.68 3.54
CA LYS A 18 1.08 1.69 4.34
C LYS A 18 1.30 1.38 5.82
N LEU A 19 1.18 0.09 6.21
CA LEU A 19 1.43 -0.36 7.58
C LEU A 19 2.86 0.00 8.02
N GLN A 20 3.88 -0.14 7.15
CA GLN A 20 5.29 0.13 7.47
C GLN A 20 5.52 1.58 7.93
N THR A 21 4.70 2.53 7.49
CA THR A 21 4.72 3.97 7.89
C THR A 21 4.14 4.28 9.26
N TYR A 22 3.00 3.65 9.62
CA TYR A 22 2.26 3.88 10.86
C TYR A 22 3.14 4.01 12.16
N PRO A 23 4.14 3.14 12.41
CA PRO A 23 5.05 3.24 13.58
C PRO A 23 5.84 4.54 13.71
N ARG A 24 5.85 5.42 12.69
CA ARG A 24 6.51 6.73 12.66
C ARG A 24 5.56 7.88 12.31
N THR A 25 4.63 7.68 11.38
CA THR A 25 3.65 8.68 10.93
C THR A 25 2.30 8.00 10.65
N ASN A 26 1.25 8.43 11.35
CA ASN A 26 -0.09 7.84 11.23
C ASN A 26 -1.18 8.74 10.61
N THR A 27 -0.98 10.05 10.57
CA THR A 27 -1.96 11.03 10.04
C THR A 27 -1.28 12.10 9.19
N GLY A 28 -2.04 12.73 8.28
CA GLY A 28 -1.55 13.77 7.39
C GLY A 28 -1.86 13.50 5.91
N SER A 29 -1.14 12.56 5.29
CA SER A 29 -1.39 12.15 3.89
C SER A 29 -2.42 11.03 3.77
N GLY A 30 -3.25 11.09 2.72
CA GLY A 30 -4.28 10.10 2.39
C GLY A 30 -5.08 10.52 1.16
N THR A 31 -6.02 11.45 1.35
CA THR A 31 -6.87 12.05 0.30
C THR A 31 -7.33 13.45 0.75
N PRO A 32 -7.34 14.49 -0.12
CA PRO A 32 -7.70 15.87 0.24
C PRO A 32 -9.08 16.07 0.91
N NH2 A 33 -10.02 15.11 0.89
HN1 NH2 A 33 -9.81 14.20 0.48
HN2 NH2 A 33 -10.89 15.24 1.39
N CYS A 1 -4.31 -3.48 -15.10
CA CYS A 1 -3.87 -4.82 -14.66
C CYS A 1 -3.94 -5.79 -15.83
N SER A 2 -3.06 -6.80 -15.89
CA SER A 2 -3.02 -7.85 -16.93
C SER A 2 -3.09 -9.25 -16.29
N ASN A 3 -2.04 -9.68 -15.59
CA ASN A 3 -2.00 -10.97 -14.89
C ASN A 3 -2.53 -10.82 -13.46
N LEU A 4 -3.78 -11.23 -13.22
CA LEU A 4 -4.50 -11.14 -11.93
C LEU A 4 -3.67 -11.50 -10.68
N SER A 5 -3.06 -12.69 -10.63
CA SER A 5 -2.20 -13.10 -9.49
C SER A 5 -1.07 -12.11 -9.19
N THR A 6 -0.33 -11.67 -10.22
CA THR A 6 0.74 -10.68 -10.07
C THR A 6 0.16 -9.33 -9.60
N CYS A 7 -1.02 -8.92 -10.10
CA CYS A 7 -1.68 -7.68 -9.66
C CYS A 7 -2.05 -7.76 -8.17
N VAL A 8 -2.62 -8.88 -7.72
CA VAL A 8 -2.97 -9.12 -6.30
C VAL A 8 -1.71 -9.03 -5.44
N LEU A 9 -0.62 -9.70 -5.85
CA LEU A 9 0.66 -9.63 -5.12
C LEU A 9 1.20 -8.18 -5.06
N GLY A 10 1.08 -7.42 -6.16
CA GLY A 10 1.50 -6.02 -6.23
C GLY A 10 0.71 -5.18 -5.21
N LYS A 11 -0.61 -5.40 -5.15
CA LYS A 11 -1.45 -4.73 -4.18
C LYS A 11 -1.14 -5.19 -2.75
N LEU A 12 -0.81 -6.46 -2.54
CA LEU A 12 -0.39 -6.97 -1.23
C LEU A 12 0.86 -6.23 -0.76
N SER A 13 1.83 -5.98 -1.67
CA SER A 13 3.04 -5.22 -1.35
C SER A 13 2.70 -3.77 -1.02
N GLN A 14 1.74 -3.17 -1.72
CA GLN A 14 1.23 -1.80 -1.49
C GLN A 14 0.64 -1.69 -0.08
N GLU A 15 -0.21 -2.66 0.33
CA GLU A 15 -0.79 -2.70 1.68
C GLU A 15 0.27 -3.02 2.75
N LEU A 16 1.25 -3.89 2.45
CA LEU A 16 2.36 -4.22 3.35
C LEU A 16 3.19 -2.96 3.62
N HIS A 17 3.46 -2.13 2.60
CA HIS A 17 4.19 -0.87 2.78
C HIS A 17 3.41 0.05 3.72
N LYS A 18 2.07 0.09 3.64
CA LYS A 18 1.26 0.92 4.56
C LYS A 18 1.43 0.40 6.00
N LEU A 19 1.41 -0.92 6.21
CA LEU A 19 1.64 -1.56 7.49
C LEU A 19 3.03 -1.23 8.05
N GLN A 20 4.04 -1.03 7.19
CA GLN A 20 5.41 -0.63 7.59
C GLN A 20 5.47 0.84 8.03
N THR A 21 4.71 1.74 7.40
CA THR A 21 4.69 3.18 7.70
C THR A 21 3.73 3.60 8.81
N TYR A 22 2.53 3.03 8.90
CA TYR A 22 1.50 3.39 9.93
C TYR A 22 2.06 3.50 11.37
N PRO A 23 2.85 2.54 11.87
CA PRO A 23 3.42 2.54 13.22
C PRO A 23 4.31 3.80 13.55
N ARG A 24 4.65 4.64 12.57
CA ARG A 24 5.41 5.90 12.74
C ARG A 24 4.74 7.13 12.11
N THR A 25 3.93 6.96 11.06
CA THR A 25 3.21 8.06 10.40
C THR A 25 1.75 7.65 10.11
N ASN A 26 0.82 8.27 10.84
CA ASN A 26 -0.63 8.10 10.73
C ASN A 26 -1.33 9.36 10.18
N THR A 27 -0.74 10.53 10.43
CA THR A 27 -1.20 11.87 10.03
C THR A 27 -0.08 12.57 9.27
N GLY A 28 -0.35 12.94 8.01
CA GLY A 28 0.63 13.60 7.14
C GLY A 28 0.11 13.77 5.70
N SER A 29 0.20 12.72 4.89
CA SER A 29 -0.24 12.74 3.49
C SER A 29 -1.70 12.28 3.34
N GLY A 30 -2.60 13.21 3.04
CA GLY A 30 -4.04 13.00 2.85
C GLY A 30 -4.60 14.03 1.84
N THR A 31 -5.92 14.05 1.64
CA THR A 31 -6.58 15.03 0.73
C THR A 31 -6.34 16.47 1.20
N PRO A 32 -5.58 17.31 0.44
CA PRO A 32 -5.30 18.71 0.82
C PRO A 32 -6.52 19.56 1.15
N NH2 A 33 -7.52 19.57 0.29
HN1 NH2 A 33 -7.48 19.01 -0.54
HN2 NH2 A 33 -8.33 20.13 0.54
N CYS A 1 -3.73 -3.49 -15.60
CA CYS A 1 -3.36 -4.74 -14.92
C CYS A 1 -3.11 -5.81 -15.96
N SER A 2 -1.89 -6.35 -16.06
CA SER A 2 -1.55 -7.38 -17.06
C SER A 2 -1.78 -8.84 -16.62
N ASN A 3 -1.33 -9.22 -15.42
CA ASN A 3 -1.53 -10.56 -14.84
C ASN A 3 -2.23 -10.49 -13.48
N LEU A 4 -3.38 -11.16 -13.36
CA LEU A 4 -4.25 -11.22 -12.18
C LEU A 4 -3.51 -11.49 -10.87
N SER A 5 -2.79 -12.62 -10.76
CA SER A 5 -2.07 -12.96 -9.52
C SER A 5 -1.01 -11.91 -9.15
N THR A 6 -0.30 -11.35 -10.14
CA THR A 6 0.70 -10.28 -9.91
C THR A 6 0.02 -9.01 -9.42
N CYS A 7 -1.16 -8.65 -9.96
CA CYS A 7 -1.93 -7.49 -9.52
C CYS A 7 -2.41 -7.68 -8.08
N VAL A 8 -2.86 -8.88 -7.68
CA VAL A 8 -3.30 -9.17 -6.29
C VAL A 8 -2.10 -9.03 -5.33
N LEU A 9 -0.98 -9.72 -5.60
CA LEU A 9 0.23 -9.60 -4.78
C LEU A 9 0.75 -8.16 -4.75
N GLY A 10 0.61 -7.42 -5.86
CA GLY A 10 0.98 -6.01 -5.99
C GLY A 10 0.15 -5.16 -5.03
N LYS A 11 -1.19 -5.25 -5.10
CA LYS A 11 -2.09 -4.50 -4.22
C LYS A 11 -1.86 -4.88 -2.75
N LEU A 12 -1.64 -6.17 -2.45
CA LEU A 12 -1.35 -6.64 -1.10
C LEU A 12 -0.06 -5.94 -0.60
N SER A 13 0.96 -5.85 -1.47
CA SER A 13 2.23 -5.17 -1.19
C SER A 13 2.02 -3.66 -1.00
N GLN A 14 1.09 -3.00 -1.70
CA GLN A 14 0.82 -1.56 -1.53
C GLN A 14 0.25 -1.32 -0.11
N GLU A 15 -0.74 -2.12 0.35
CA GLU A 15 -1.29 -1.98 1.71
C GLU A 15 -0.24 -2.42 2.76
N LEU A 16 0.58 -3.45 2.50
CA LEU A 16 1.65 -3.88 3.43
C LEU A 16 2.72 -2.79 3.53
N HIS A 17 3.05 -2.08 2.43
CA HIS A 17 4.04 -0.98 2.44
C HIS A 17 3.49 0.14 3.33
N LYS A 18 2.18 0.42 3.31
CA LYS A 18 1.56 1.46 4.15
C LYS A 18 1.80 1.01 5.61
N LEU A 19 1.52 -0.26 5.94
CA LEU A 19 1.74 -0.85 7.26
C LEU A 19 3.21 -0.72 7.70
N GLN A 20 4.20 -0.86 6.80
CA GLN A 20 5.63 -0.70 7.12
C GLN A 20 5.92 0.73 7.60
N THR A 21 5.25 1.74 7.05
CA THR A 21 5.40 3.15 7.46
C THR A 21 4.50 3.53 8.66
N TYR A 22 3.38 2.85 8.85
CA TYR A 22 2.35 3.06 9.89
C TYR A 22 2.88 3.24 11.33
N PRO A 23 3.82 2.42 11.85
CA PRO A 23 4.40 2.60 13.20
C PRO A 23 5.26 3.87 13.38
N ARG A 24 5.50 4.64 12.30
CA ARG A 24 6.26 5.91 12.30
C ARG A 24 5.34 7.09 11.93
N THR A 25 4.26 6.84 11.16
CA THR A 25 3.25 7.82 10.75
C THR A 25 2.01 7.09 10.20
N ASN A 26 0.85 7.27 10.84
CA ASN A 26 -0.43 6.66 10.43
C ASN A 26 -1.42 7.67 9.81
N THR A 27 -1.38 8.92 10.23
CA THR A 27 -2.21 10.05 9.76
C THR A 27 -1.35 11.31 9.61
N GLY A 28 -1.86 12.29 8.84
CA GLY A 28 -1.19 13.56 8.52
C GLY A 28 -1.35 13.84 7.02
N SER A 29 -0.55 13.15 6.19
CA SER A 29 -0.59 13.32 4.72
C SER A 29 -1.81 12.58 4.17
N GLY A 30 -2.36 13.06 3.06
CA GLY A 30 -3.51 12.47 2.36
C GLY A 30 -3.87 13.31 1.13
N THR A 31 -4.99 14.04 1.20
CA THR A 31 -5.47 14.94 0.13
C THR A 31 -6.10 16.19 0.77
N PRO A 32 -5.64 17.43 0.46
CA PRO A 32 -6.16 18.67 1.05
C PRO A 32 -7.71 18.76 1.08
N NH2 A 33 -8.39 18.71 -0.06
HN1 NH2 A 33 -9.40 18.77 -0.05
HN2 NH2 A 33 -7.92 18.59 -0.95
N CYS A 1 -4.29 -4.13 -16.04
CA CYS A 1 -3.72 -5.28 -15.33
C CYS A 1 -3.62 -6.44 -16.31
N SER A 2 -2.41 -6.91 -16.64
CA SER A 2 -2.24 -8.04 -17.59
C SER A 2 -2.19 -9.45 -16.96
N ASN A 3 -1.64 -9.59 -15.74
CA ASN A 3 -1.57 -10.84 -15.00
C ASN A 3 -2.13 -10.62 -13.58
N LEU A 4 -3.39 -11.01 -13.38
CA LEU A 4 -4.18 -10.87 -12.16
C LEU A 4 -3.43 -11.07 -10.83
N SER A 5 -2.76 -12.22 -10.63
CA SER A 5 -2.03 -12.51 -9.37
C SER A 5 -0.96 -11.46 -9.08
N THR A 6 -0.17 -11.04 -10.06
CA THR A 6 0.86 -10.00 -9.91
C THR A 6 0.21 -8.65 -9.50
N CYS A 7 -0.95 -8.31 -10.07
CA CYS A 7 -1.69 -7.08 -9.74
C CYS A 7 -2.14 -7.13 -8.27
N VAL A 8 -2.82 -8.21 -7.83
CA VAL A 8 -3.28 -8.34 -6.45
C VAL A 8 -2.10 -8.31 -5.47
N LEU A 9 -1.00 -9.01 -5.77
CA LEU A 9 0.21 -8.98 -4.95
C LEU A 9 0.79 -7.57 -4.90
N GLY A 10 0.64 -6.76 -5.94
CA GLY A 10 1.09 -5.37 -5.99
C GLY A 10 0.29 -4.57 -4.95
N LYS A 11 -1.02 -4.74 -4.92
CA LYS A 11 -1.90 -4.08 -3.92
C LYS A 11 -1.56 -4.59 -2.53
N LEU A 12 -1.30 -5.90 -2.34
CA LEU A 12 -0.92 -6.48 -1.06
C LEU A 12 0.41 -5.87 -0.60
N SER A 13 1.33 -5.56 -1.52
CA SER A 13 2.63 -4.89 -1.21
C SER A 13 2.36 -3.51 -0.65
N GLN A 14 1.33 -2.79 -1.17
CA GLN A 14 0.95 -1.48 -0.67
C GLN A 14 0.38 -1.63 0.76
N GLU A 15 -0.36 -2.67 1.06
CA GLU A 15 -0.87 -2.94 2.41
C GLU A 15 0.29 -3.25 3.38
N LEU A 16 1.30 -4.01 2.94
CA LEU A 16 2.49 -4.35 3.76
C LEU A 16 3.25 -3.06 4.05
N HIS A 17 3.40 -2.20 3.07
CA HIS A 17 4.05 -0.90 3.19
C HIS A 17 3.28 -0.04 4.27
N LYS A 18 1.93 -0.10 4.32
CA LYS A 18 1.14 0.65 5.34
C LYS A 18 1.58 0.13 6.68
N LEU A 19 1.57 -1.19 6.94
CA LEU A 19 1.97 -1.75 8.24
C LEU A 19 3.41 -1.32 8.62
N GLN A 20 4.33 -1.30 7.67
CA GLN A 20 5.72 -0.87 7.85
C GLN A 20 5.87 0.64 8.12
N THR A 21 4.83 1.46 7.89
CA THR A 21 4.84 2.91 8.10
C THR A 21 3.89 3.44 9.20
N TYR A 22 2.76 2.79 9.47
CA TYR A 22 1.73 3.17 10.45
C TYR A 22 2.24 3.56 11.86
N PRO A 23 3.15 2.79 12.53
CA PRO A 23 3.70 3.17 13.83
C PRO A 23 4.63 4.39 13.82
N ARG A 24 4.95 4.96 12.64
CA ARG A 24 5.77 6.15 12.44
C ARG A 24 4.87 7.31 11.96
N THR A 25 4.07 7.06 10.93
CA THR A 25 3.16 8.02 10.29
C THR A 25 1.81 7.34 9.99
N ASN A 26 0.76 7.76 10.68
CA ASN A 26 -0.62 7.24 10.50
C ASN A 26 -1.50 8.18 9.67
N THR A 27 -1.21 9.49 9.70
CA THR A 27 -1.94 10.57 9.00
C THR A 27 -0.91 11.67 8.64
N GLY A 28 -1.25 12.55 7.69
CA GLY A 28 -0.38 13.62 7.17
C GLY A 28 -0.48 13.71 5.66
N SER A 29 0.21 12.84 4.93
CA SER A 29 0.16 12.76 3.48
C SER A 29 -1.31 12.48 3.02
N GLY A 30 -1.66 12.86 1.78
CA GLY A 30 -2.99 12.61 1.19
C GLY A 30 -3.43 13.75 0.27
N THR A 31 -4.71 13.79 -0.06
CA THR A 31 -5.34 14.84 -0.92
C THR A 31 -6.07 15.77 0.02
N PRO A 32 -5.74 17.09 0.07
CA PRO A 32 -6.44 18.09 0.92
C PRO A 32 -7.98 18.10 0.94
N NH2 A 33 -8.66 17.68 -0.15
HN1 NH2 A 33 -8.13 17.44 -0.98
HN2 NH2 A 33 -9.67 17.78 -0.18
N CYS A 1 -5.35 -4.06 -15.60
CA CYS A 1 -4.48 -5.10 -15.00
C CYS A 1 -4.08 -6.07 -16.05
N SER A 2 -2.81 -6.51 -16.07
CA SER A 2 -2.29 -7.49 -17.06
C SER A 2 -2.35 -8.94 -16.51
N ASN A 3 -1.56 -9.24 -15.47
CA ASN A 3 -1.52 -10.55 -14.82
C ASN A 3 -2.13 -10.49 -13.43
N LEU A 4 -3.24 -11.21 -13.22
CA LEU A 4 -4.02 -11.26 -12.02
C LEU A 4 -3.21 -11.47 -10.70
N SER A 5 -2.37 -12.50 -10.63
CA SER A 5 -1.53 -12.73 -9.44
C SER A 5 -0.59 -11.57 -9.10
N THR A 6 0.13 -11.02 -10.08
CA THR A 6 0.99 -9.85 -9.85
C THR A 6 0.16 -8.61 -9.45
N CYS A 7 -1.07 -8.42 -9.99
CA CYS A 7 -1.94 -7.30 -9.61
C CYS A 7 -2.36 -7.43 -8.13
N VAL A 8 -2.74 -8.64 -7.68
CA VAL A 8 -3.11 -8.93 -6.29
C VAL A 8 -1.88 -8.62 -5.40
N LEU A 9 -0.69 -9.12 -5.77
CA LEU A 9 0.55 -8.86 -5.04
C LEU A 9 0.86 -7.35 -5.02
N GLY A 10 0.45 -6.60 -6.04
CA GLY A 10 0.65 -5.15 -6.17
C GLY A 10 -0.19 -4.44 -5.14
N LYS A 11 -1.49 -4.77 -5.04
CA LYS A 11 -2.42 -4.19 -4.03
C LYS A 11 -1.92 -4.62 -2.64
N LEU A 12 -1.52 -5.88 -2.46
CA LEU A 12 -1.00 -6.38 -1.16
C LEU A 12 0.29 -5.57 -0.80
N SER A 13 1.14 -5.23 -1.77
CA SER A 13 2.35 -4.41 -1.55
C SER A 13 1.95 -3.03 -1.00
N GLN A 14 0.86 -2.45 -1.50
CA GLN A 14 0.34 -1.15 -1.04
C GLN A 14 -0.16 -1.29 0.40
N GLU A 15 -0.91 -2.36 0.73
CA GLU A 15 -1.38 -2.59 2.12
C GLU A 15 -0.20 -2.87 3.05
N LEU A 16 0.81 -3.62 2.60
CA LEU A 16 2.03 -3.88 3.36
C LEU A 16 2.79 -2.57 3.56
N HIS A 17 2.86 -1.66 2.58
CA HIS A 17 3.49 -0.36 2.72
C HIS A 17 2.77 0.47 3.82
N LYS A 18 1.43 0.38 3.93
CA LYS A 18 0.68 1.06 4.99
C LYS A 18 1.19 0.51 6.33
N LEU A 19 1.20 -0.82 6.50
CA LEU A 19 1.68 -1.54 7.71
C LEU A 19 3.16 -1.22 8.06
N GLN A 20 4.05 -1.11 7.06
CA GLN A 20 5.48 -0.78 7.25
C GLN A 20 5.63 0.70 7.72
N THR A 21 4.77 1.62 7.27
CA THR A 21 4.80 3.06 7.63
C THR A 21 3.97 3.41 8.87
N TYR A 22 2.95 2.63 9.19
CA TYR A 22 2.08 2.76 10.39
C TYR A 22 2.77 2.97 11.75
N PRO A 23 3.85 2.25 12.12
CA PRO A 23 4.55 2.47 13.40
C PRO A 23 5.31 3.83 13.50
N ARG A 24 5.20 4.70 12.48
CA ARG A 24 5.77 6.06 12.45
C ARG A 24 4.77 7.11 11.96
N THR A 25 3.92 6.79 10.97
CA THR A 25 2.94 7.73 10.42
C THR A 25 1.62 7.08 10.03
N ASN A 26 0.53 7.81 10.25
CA ASN A 26 -0.86 7.46 9.93
C ASN A 26 -1.55 8.57 9.13
N THR A 27 -0.97 9.78 9.12
CA THR A 27 -1.43 11.01 8.48
C THR A 27 -0.22 11.80 7.99
N GLY A 28 -0.22 12.14 6.69
CA GLY A 28 0.86 12.85 6.00
C GLY A 28 0.72 12.70 4.49
N SER A 29 1.22 11.58 3.94
CA SER A 29 1.13 11.25 2.50
C SER A 29 -0.29 10.92 2.09
N GLY A 30 -1.04 11.93 1.64
CA GLY A 30 -2.45 11.83 1.26
C GLY A 30 -2.93 13.13 0.61
N THR A 31 -4.11 13.63 1.01
CA THR A 31 -4.69 14.89 0.52
C THR A 31 -5.37 15.67 1.66
N PRO A 32 -4.71 16.67 2.29
CA PRO A 32 -5.23 17.43 3.45
C PRO A 32 -6.65 18.02 3.32
N NH2 A 33 -7.22 18.17 2.12
HN1 NH2 A 33 -8.14 18.58 2.11
HN2 NH2 A 33 -6.74 17.89 1.27
N CYS A 1 -3.16 -4.65 -16.27
CA CYS A 1 -3.08 -5.96 -15.56
C CYS A 1 -3.07 -7.09 -16.58
N SER A 2 -2.40 -8.21 -16.26
CA SER A 2 -2.30 -9.38 -17.13
C SER A 2 -2.43 -10.66 -16.29
N ASN A 3 -1.41 -11.05 -15.52
CA ASN A 3 -1.45 -12.22 -14.62
C ASN A 3 -2.08 -11.72 -13.32
N LEU A 4 -3.30 -12.18 -13.02
CA LEU A 4 -4.03 -11.79 -11.81
C LEU A 4 -3.29 -11.78 -10.49
N SER A 5 -2.53 -12.85 -10.16
CA SER A 5 -1.80 -12.91 -8.89
C SER A 5 -0.80 -11.76 -8.75
N THR A 6 -0.08 -11.40 -9.83
CA THR A 6 0.88 -10.28 -9.85
C THR A 6 0.16 -8.96 -9.57
N CYS A 7 -1.04 -8.76 -10.15
CA CYS A 7 -1.86 -7.57 -9.93
C CYS A 7 -2.31 -7.48 -8.45
N VAL A 8 -2.79 -8.58 -7.86
CA VAL A 8 -3.19 -8.63 -6.42
C VAL A 8 -1.95 -8.32 -5.55
N LEU A 9 -0.80 -8.95 -5.86
CA LEU A 9 0.48 -8.76 -5.13
C LEU A 9 0.82 -7.24 -5.18
N GLY A 10 0.54 -6.57 -6.30
CA GLY A 10 0.89 -5.14 -6.51
C GLY A 10 0.01 -4.31 -5.58
N LYS A 11 -1.29 -4.63 -5.44
CA LYS A 11 -2.19 -3.91 -4.51
C LYS A 11 -1.79 -4.21 -3.07
N LEU A 12 -1.55 -5.49 -2.72
CA LEU A 12 -1.09 -5.88 -1.39
C LEU A 12 0.26 -5.20 -1.04
N SER A 13 1.12 -4.86 -2.02
CA SER A 13 2.40 -4.15 -1.79
C SER A 13 2.11 -2.73 -1.32
N GLN A 14 1.03 -2.10 -1.83
CA GLN A 14 0.62 -0.75 -1.42
C GLN A 14 0.06 -0.87 0.02
N GLU A 15 -0.67 -1.93 0.37
CA GLU A 15 -1.22 -2.15 1.72
C GLU A 15 -0.05 -2.40 2.68
N LEU A 16 1.01 -3.13 2.24
CA LEU A 16 2.21 -3.45 3.06
C LEU A 16 2.91 -2.13 3.32
N HIS A 17 2.99 -1.22 2.33
CA HIS A 17 3.62 0.12 2.47
C HIS A 17 2.85 0.90 3.55
N LYS A 18 1.49 0.79 3.59
CA LYS A 18 0.68 1.50 4.57
C LYS A 18 1.09 0.90 5.95
N LEU A 19 1.09 -0.43 6.09
CA LEU A 19 1.49 -1.16 7.30
C LEU A 19 2.91 -0.85 7.78
N GLN A 20 3.85 -0.53 6.89
CA GLN A 20 5.23 -0.17 7.23
C GLN A 20 5.34 1.26 7.76
N THR A 21 4.55 2.19 7.21
CA THR A 21 4.55 3.61 7.58
C THR A 21 3.68 3.88 8.82
N TYR A 22 2.48 3.29 8.89
CA TYR A 22 1.46 3.40 9.95
C TYR A 22 2.00 3.46 11.40
N PRO A 23 2.80 2.49 11.88
CA PRO A 23 3.37 2.53 13.22
C PRO A 23 4.30 3.72 13.52
N ARG A 24 4.87 4.35 12.48
CA ARG A 24 5.80 5.49 12.59
C ARG A 24 5.09 6.81 12.30
N THR A 25 4.07 6.82 11.44
CA THR A 25 3.25 7.99 11.09
C THR A 25 1.84 7.56 10.64
N ASN A 26 0.81 8.20 11.19
CA ASN A 26 -0.61 7.97 10.86
C ASN A 26 -1.31 9.20 10.26
N THR A 27 -0.70 10.38 10.40
CA THR A 27 -1.19 11.69 9.94
C THR A 27 0.02 12.49 9.43
N GLY A 28 -0.08 13.06 8.22
CA GLY A 28 0.94 13.81 7.52
C GLY A 28 0.84 13.54 6.03
N SER A 29 1.39 12.42 5.55
CA SER A 29 1.35 12.02 4.15
C SER A 29 0.01 11.34 3.84
N GLY A 30 -1.07 12.13 3.87
CA GLY A 30 -2.45 11.68 3.60
C GLY A 30 -3.17 12.59 2.58
N THR A 31 -4.47 12.36 2.38
CA THR A 31 -5.30 13.14 1.44
C THR A 31 -5.76 14.46 2.15
N PRO A 32 -5.30 15.65 1.71
CA PRO A 32 -5.65 16.93 2.35
C PRO A 32 -7.14 17.34 2.37
N NH2 A 33 -8.02 16.71 1.55
HN1 NH2 A 33 -7.71 15.94 0.97
HN2 NH2 A 33 -8.98 17.04 1.50
N CYS A 1 -5.93 -5.13 -16.08
CA CYS A 1 -5.00 -6.06 -15.40
C CYS A 1 -4.51 -7.08 -16.42
N SER A 2 -3.31 -7.65 -16.20
CA SER A 2 -2.71 -8.66 -17.11
C SER A 2 -2.45 -9.99 -16.38
N ASN A 3 -1.52 -10.01 -15.42
CA ASN A 3 -1.22 -11.20 -14.61
C ASN A 3 -1.93 -11.05 -13.25
N LEU A 4 -3.09 -11.70 -13.10
CA LEU A 4 -3.96 -11.66 -11.91
C LEU A 4 -3.26 -11.72 -10.54
N SER A 5 -2.37 -12.70 -10.31
CA SER A 5 -1.61 -12.78 -9.05
C SER A 5 -0.76 -11.54 -8.79
N THR A 6 -0.06 -11.03 -9.81
CA THR A 6 0.74 -9.79 -9.68
C THR A 6 -0.15 -8.56 -9.47
N CYS A 7 -1.36 -8.51 -10.05
CA CYS A 7 -2.30 -7.40 -9.84
C CYS A 7 -2.68 -7.34 -8.35
N VAL A 8 -3.04 -8.50 -7.76
CA VAL A 8 -3.37 -8.59 -6.32
C VAL A 8 -2.12 -8.30 -5.49
N LEU A 9 -0.93 -8.78 -5.92
CA LEU A 9 0.35 -8.53 -5.23
C LEU A 9 0.62 -7.02 -5.18
N GLY A 10 0.25 -6.25 -6.21
CA GLY A 10 0.45 -4.79 -6.26
C GLY A 10 -0.41 -4.12 -5.18
N LYS A 11 -1.66 -4.58 -4.97
CA LYS A 11 -2.55 -4.06 -3.93
C LYS A 11 -1.99 -4.48 -2.56
N LEU A 12 -1.63 -5.76 -2.40
CA LEU A 12 -1.03 -6.30 -1.16
C LEU A 12 0.29 -5.57 -0.81
N SER A 13 1.08 -5.14 -1.80
CA SER A 13 2.34 -4.40 -1.60
C SER A 13 1.99 -3.02 -1.01
N GLN A 14 0.91 -2.37 -1.47
CA GLN A 14 0.47 -1.09 -0.96
C GLN A 14 -0.03 -1.30 0.49
N GLU A 15 -0.71 -2.43 0.79
CA GLU A 15 -1.16 -2.75 2.16
C GLU A 15 0.05 -3.06 3.05
N LEU A 16 1.14 -3.66 2.53
CA LEU A 16 2.36 -3.95 3.28
C LEU A 16 3.07 -2.61 3.56
N HIS A 17 3.10 -1.69 2.60
CA HIS A 17 3.67 -0.35 2.77
C HIS A 17 2.91 0.40 3.88
N LYS A 18 1.58 0.15 3.98
CA LYS A 18 0.67 0.70 4.99
C LYS A 18 1.12 0.13 6.36
N LEU A 19 1.28 -1.19 6.49
CA LEU A 19 1.77 -1.86 7.70
C LEU A 19 3.16 -1.36 8.12
N GLN A 20 4.02 -0.99 7.18
CA GLN A 20 5.38 -0.47 7.37
C GLN A 20 5.42 1.02 7.78
N THR A 21 4.43 1.82 7.36
CA THR A 21 4.30 3.27 7.66
C THR A 21 3.46 3.56 8.90
N TYR A 22 2.30 2.91 9.05
CA TYR A 22 1.32 3.06 10.14
C TYR A 22 1.93 3.12 11.56
N PRO A 23 2.91 2.28 11.97
CA PRO A 23 3.56 2.33 13.28
C PRO A 23 4.37 3.62 13.57
N ARG A 24 4.61 4.46 12.55
CA ARG A 24 5.36 5.73 12.63
C ARG A 24 4.49 6.94 12.26
N THR A 25 3.65 6.82 11.22
CA THR A 25 2.75 7.89 10.77
C THR A 25 1.47 7.36 10.12
N ASN A 26 0.37 8.09 10.33
CA ASN A 26 -0.97 7.84 9.78
C ASN A 26 -1.53 9.11 9.06
N THR A 27 -0.87 10.26 9.23
CA THR A 27 -1.20 11.59 8.69
C THR A 27 0.11 12.37 8.46
N GLY A 28 0.17 13.14 7.38
CA GLY A 28 1.36 13.93 7.00
C GLY A 28 1.67 13.88 5.51
N SER A 29 1.80 12.67 4.94
CA SER A 29 2.05 12.41 3.52
C SER A 29 0.79 11.86 2.86
N GLY A 30 0.17 12.61 1.94
CA GLY A 30 -1.07 12.21 1.25
C GLY A 30 -1.88 13.41 0.75
N THR A 31 -3.18 13.21 0.49
CA THR A 31 -4.11 14.26 0.02
C THR A 31 -4.27 15.38 1.09
N PRO A 32 -4.12 16.68 0.75
CA PRO A 32 -4.22 17.81 1.70
C PRO A 32 -5.58 18.01 2.43
N NH2 A 33 -6.66 17.31 2.06
HN1 NH2 A 33 -7.54 17.47 2.54
HN2 NH2 A 33 -6.58 16.57 1.39
N CYS A 1 -5.98 -4.58 -15.71
CA CYS A 1 -5.12 -5.65 -15.17
C CYS A 1 -4.69 -6.57 -16.32
N SER A 2 -3.56 -7.26 -16.19
CA SER A 2 -3.00 -8.16 -17.22
C SER A 2 -2.79 -9.58 -16.65
N ASN A 3 -1.90 -9.72 -15.67
CA ASN A 3 -1.61 -11.00 -14.99
C ASN A 3 -2.13 -10.87 -13.56
N LEU A 4 -3.28 -11.48 -13.25
CA LEU A 4 -3.92 -11.41 -11.95
C LEU A 4 -3.05 -11.63 -10.71
N SER A 5 -2.15 -12.63 -10.70
CA SER A 5 -1.28 -12.85 -9.53
C SER A 5 -0.45 -11.60 -9.21
N THR A 6 0.17 -10.98 -10.23
CA THR A 6 0.95 -9.74 -10.09
C THR A 6 0.02 -8.56 -9.74
N CYS A 7 -1.19 -8.49 -10.31
CA CYS A 7 -2.17 -7.41 -9.99
C CYS A 7 -2.52 -7.46 -8.49
N VAL A 8 -2.84 -8.64 -7.96
CA VAL A 8 -3.17 -8.84 -6.54
C VAL A 8 -1.93 -8.50 -5.70
N LEU A 9 -0.71 -8.96 -6.09
CA LEU A 9 0.52 -8.65 -5.39
C LEU A 9 0.74 -7.12 -5.29
N GLY A 10 0.28 -6.35 -6.27
CA GLY A 10 0.43 -4.88 -6.30
C GLY A 10 -0.43 -4.28 -5.20
N LYS A 11 -1.69 -4.74 -5.06
CA LYS A 11 -2.61 -4.28 -4.00
C LYS A 11 -2.08 -4.73 -2.63
N LEU A 12 -1.61 -5.98 -2.50
CA LEU A 12 -1.04 -6.50 -1.24
C LEU A 12 0.19 -5.68 -0.86
N SER A 13 1.04 -5.26 -1.82
CA SER A 13 2.25 -4.44 -1.55
C SER A 13 1.84 -3.10 -0.94
N GLN A 14 0.73 -2.50 -1.41
CA GLN A 14 0.20 -1.24 -0.85
C GLN A 14 -0.27 -1.45 0.60
N GLU A 15 -1.01 -2.54 0.90
CA GLU A 15 -1.42 -2.87 2.28
C GLU A 15 -0.20 -3.15 3.19
N LEU A 16 0.85 -3.83 2.67
CA LEU A 16 2.08 -4.09 3.47
C LEU A 16 2.80 -2.75 3.74
N HIS A 17 2.86 -1.80 2.79
CA HIS A 17 3.41 -0.47 3.03
C HIS A 17 2.63 0.34 4.08
N LYS A 18 1.30 0.18 4.15
CA LYS A 18 0.47 0.85 5.21
C LYS A 18 0.89 0.33 6.56
N LEU A 19 1.03 -0.98 6.76
CA LEU A 19 1.49 -1.58 8.03
C LEU A 19 2.91 -1.13 8.39
N GLN A 20 3.84 -1.08 7.41
CA GLN A 20 5.22 -0.60 7.61
C GLN A 20 5.31 0.87 8.02
N THR A 21 4.42 1.73 7.52
CA THR A 21 4.35 3.19 7.80
C THR A 21 3.50 3.57 9.02
N TYR A 22 2.46 2.81 9.36
CA TYR A 22 1.54 3.05 10.49
C TYR A 22 2.18 3.48 11.84
N PRO A 23 3.19 2.78 12.43
CA PRO A 23 3.85 3.17 13.68
C PRO A 23 4.64 4.50 13.63
N ARG A 24 4.70 5.18 12.48
CA ARG A 24 5.43 6.45 12.31
C ARG A 24 4.58 7.54 11.63
N THR A 25 3.66 7.16 10.74
CA THR A 25 2.77 8.09 10.01
C THR A 25 1.46 7.46 9.51
N ASN A 26 0.40 7.51 10.34
CA ASN A 26 -0.92 6.98 9.95
C ASN A 26 -1.59 7.99 8.98
N THR A 27 -1.15 9.25 9.09
CA THR A 27 -1.45 10.48 8.37
C THR A 27 -0.19 11.36 8.43
N GLY A 28 -0.06 12.38 7.55
CA GLY A 28 1.06 13.33 7.49
C GLY A 28 1.58 13.62 6.08
N SER A 29 1.26 12.80 5.08
CA SER A 29 1.64 12.96 3.66
C SER A 29 0.61 12.27 2.77
N GLY A 30 0.63 12.52 1.46
CA GLY A 30 -0.27 11.92 0.46
C GLY A 30 -1.09 12.99 -0.26
N THR A 31 -2.32 13.25 0.21
CA THR A 31 -3.25 14.26 -0.36
C THR A 31 -3.89 15.08 0.78
N PRO A 32 -3.83 16.44 0.77
CA PRO A 32 -4.35 17.30 1.85
C PRO A 32 -5.85 17.06 2.18
N NH2 A 33 -6.75 17.20 1.19
HN1 NH2 A 33 -6.47 17.41 0.25
HN2 NH2 A 33 -7.73 17.07 1.45
#